data_8XAU
#
_entry.id   8XAU
#
_cell.length_a   1.00
_cell.length_b   1.00
_cell.length_c   1.00
_cell.angle_alpha   90.00
_cell.angle_beta   90.00
_cell.angle_gamma   90.00
#
_symmetry.space_group_name_H-M   'P 1'
#
_entity_poly.entity_id   1
_entity_poly.type   'polypeptide(L)'
_entity_poly.pdbx_seq_one_letter_code
;MSRNNDINAEVVSVSPNKLKISVDDLEEFKIAEEKLGVGSYLRVSDNQDVALLAIIDNFSIEVKESQKQKYMIEASPIGL
VKNGKFYRGGDSLALPPKKVEPAKLDEIISIYSDSIDINDRFTFSSLSLNTKVSVPVNGNRFFNKHIAIVGSTGSGKSHT
VAKILQKAVDEKQEGYKGLNNSHIIIFDIHSEYENAFPNSNVLNVDTLTLPYWLLNGDELEELFLDTEANDHNQRNVFRQ
AITLNKKIHFQGDPATKEIISFHSPYYFDINEVINYINNRNNERKNKDNEHIWSDEEGNFKFDNENAHRLFKENVTPDGS
SAGALNGKLLNFVDRLQSKIFDKRLDFILGEGSKSVTFKETLETLISYGKDKSNITILDVSGVPFEVLSICVSLISRLIF
EFGYHSKKIKRKSNENQDIPILIVYEEAHKYAPKSDLSKYRTSKEAIERIAKEGRKYGVTLLLASQRPSEISETIFSQCN
TFISMRLTNPDDQNYVKRLLPDTVGDITNLLPSLKEGEALIMGDSISIPSIVKIEKCTIPPSSIDIKYLDEWRKEWVDSE
FDKIIEQWSKS
;
_entity_poly.pdbx_strand_id   A,B,C,D,E,F
#
# COMPACT_ATOMS: atom_id res chain seq x y z
N ILE A 7 -2.20 -25.13 -43.15
CA ILE A 7 -1.49 -24.52 -44.27
C ILE A 7 -1.46 -23.00 -44.08
N ASN A 8 -2.64 -22.38 -44.09
CA ASN A 8 -2.73 -20.94 -43.87
C ASN A 8 -2.38 -20.60 -42.42
N ALA A 9 -2.98 -21.30 -41.47
CA ALA A 9 -2.79 -21.04 -40.06
C ALA A 9 -2.25 -22.28 -39.37
N GLU A 10 -1.17 -22.11 -38.61
CA GLU A 10 -0.57 -23.19 -37.87
C GLU A 10 -0.15 -22.67 -36.50
N VAL A 11 -0.10 -23.58 -35.54
CA VAL A 11 0.42 -23.26 -34.22
C VAL A 11 1.95 -23.21 -34.30
N VAL A 12 2.56 -22.30 -33.56
CA VAL A 12 4.01 -22.23 -33.49
C VAL A 12 4.55 -22.35 -32.08
N SER A 13 3.70 -22.28 -31.06
CA SER A 13 4.12 -22.51 -29.68
C SER A 13 2.91 -22.90 -28.85
N VAL A 14 3.10 -23.83 -27.93
CA VAL A 14 2.04 -24.30 -27.06
C VAL A 14 2.50 -24.04 -25.63
N SER A 15 2.14 -22.88 -25.09
CA SER A 15 2.40 -22.56 -23.71
C SER A 15 1.45 -23.35 -22.81
N PRO A 16 1.75 -23.47 -21.52
CA PRO A 16 0.77 -24.07 -20.59
C PRO A 16 -0.57 -23.35 -20.57
N ASN A 17 -0.57 -22.03 -20.70
CA ASN A 17 -1.80 -21.25 -20.64
C ASN A 17 -2.24 -20.72 -21.99
N LYS A 18 -1.34 -20.61 -22.96
CA LYS A 18 -1.58 -19.86 -24.18
C LYS A 18 -1.24 -20.68 -25.40
N LEU A 19 -1.67 -20.19 -26.55
CA LEU A 19 -1.36 -20.77 -27.85
C LEU A 19 -0.86 -19.67 -28.76
N LYS A 20 0.26 -19.94 -29.44
CA LYS A 20 0.82 -19.00 -30.41
C LYS A 20 0.52 -19.57 -31.79
N ILE A 21 -0.33 -18.87 -32.54
CA ILE A 21 -0.76 -19.30 -33.86
C ILE A 21 -0.30 -18.26 -34.87
N SER A 22 0.44 -18.69 -35.87
CA SER A 22 0.97 -17.81 -36.90
C SER A 22 0.26 -18.08 -38.22
N VAL A 23 -0.29 -17.03 -38.80
CA VAL A 23 -0.95 -17.11 -40.09
C VAL A 23 -0.14 -16.30 -41.09
N ASP A 24 -0.40 -16.55 -42.38
CA ASP A 24 0.23 -15.78 -43.43
C ASP A 24 -0.70 -14.77 -44.08
N ASP A 25 -2.02 -14.96 -43.98
CA ASP A 25 -2.97 -14.00 -44.54
C ASP A 25 -4.25 -14.08 -43.72
N LEU A 26 -4.53 -13.03 -42.94
CA LEU A 26 -5.76 -12.97 -42.16
C LEU A 26 -6.99 -12.86 -43.04
N GLU A 27 -6.87 -12.23 -44.20
CA GLU A 27 -8.02 -12.06 -45.08
C GLU A 27 -8.51 -13.39 -45.62
N GLU A 28 -7.59 -14.28 -46.00
CA GLU A 28 -7.98 -15.62 -46.39
C GLU A 28 -8.42 -16.41 -45.16
N PHE A 29 -7.84 -16.10 -44.00
CA PHE A 29 -8.13 -16.83 -42.77
C PHE A 29 -9.59 -16.69 -42.34
N LYS A 30 -10.20 -15.54 -42.65
CA LYS A 30 -11.62 -15.35 -42.36
C LYS A 30 -12.49 -16.33 -43.13
N ILE A 31 -12.22 -16.48 -44.43
CA ILE A 31 -12.76 -17.47 -45.38
C ILE A 31 -14.29 -17.46 -45.46
N ALA A 32 -14.99 -17.63 -44.34
CA ALA A 32 -16.44 -17.62 -44.30
C ALA A 32 -17.01 -16.23 -44.04
N GLU A 33 -16.15 -15.21 -43.93
CA GLU A 33 -16.50 -13.82 -43.63
C GLU A 33 -17.10 -13.71 -42.21
N GLU A 34 -16.77 -14.68 -41.35
CA GLU A 34 -17.09 -14.57 -39.94
C GLU A 34 -16.33 -13.40 -39.32
N LYS A 35 -16.96 -12.71 -38.37
CA LYS A 35 -16.28 -11.64 -37.67
C LYS A 35 -15.13 -12.20 -36.85
N LEU A 36 -13.93 -11.65 -37.09
CA LEU A 36 -12.71 -12.15 -36.49
C LEU A 36 -12.02 -11.03 -35.73
N GLY A 37 -11.74 -11.28 -34.46
CA GLY A 37 -11.18 -10.25 -33.61
C GLY A 37 -10.87 -10.82 -32.25
N VAL A 38 -10.47 -9.94 -31.34
CA VAL A 38 -10.21 -10.35 -29.96
C VAL A 38 -11.50 -10.88 -29.34
N GLY A 39 -11.48 -12.12 -28.90
CA GLY A 39 -12.65 -12.80 -28.42
C GLY A 39 -13.25 -13.80 -29.38
N SER A 40 -12.76 -13.86 -30.62
CA SER A 40 -13.26 -14.85 -31.57
C SER A 40 -12.72 -16.23 -31.25
N TYR A 41 -13.45 -17.25 -31.67
CA TYR A 41 -13.12 -18.63 -31.37
C TYR A 41 -12.39 -19.25 -32.55
N LEU A 42 -11.26 -19.90 -32.26
CA LEU A 42 -10.48 -20.62 -33.25
C LEU A 42 -10.62 -22.11 -33.03
N ARG A 43 -10.74 -22.85 -34.12
CA ARG A 43 -10.81 -24.30 -34.09
C ARG A 43 -9.46 -24.84 -34.56
N VAL A 44 -8.69 -25.41 -33.64
CA VAL A 44 -7.37 -25.93 -33.95
C VAL A 44 -7.43 -27.45 -33.91
N SER A 45 -7.45 -28.06 -35.10
CA SER A 45 -7.47 -29.51 -35.28
C SER A 45 -7.18 -29.82 -36.73
N ASP A 46 -6.60 -31.01 -36.95
CA ASP A 46 -6.36 -31.51 -38.29
C ASP A 46 -7.32 -32.63 -38.68
N ASN A 47 -8.12 -33.14 -37.74
CA ASN A 47 -9.04 -34.24 -37.97
C ASN A 47 -10.41 -33.83 -37.45
N GLN A 48 -11.45 -34.13 -38.23
CA GLN A 48 -12.79 -33.63 -37.94
C GLN A 48 -13.38 -34.35 -36.73
N ASP A 49 -14.43 -33.72 -36.17
CA ASP A 49 -15.28 -34.21 -35.06
C ASP A 49 -14.56 -34.20 -33.71
N VAL A 50 -13.27 -33.90 -33.70
CA VAL A 50 -12.51 -33.66 -32.47
C VAL A 50 -11.69 -32.40 -32.70
N ALA A 51 -11.91 -31.38 -31.87
CA ALA A 51 -11.26 -30.10 -32.09
C ALA A 51 -11.11 -29.37 -30.76
N LEU A 52 -10.04 -28.60 -30.66
CA LEU A 52 -9.81 -27.73 -29.52
C LEU A 52 -10.25 -26.32 -29.88
N LEU A 53 -11.11 -25.74 -29.07
CA LEU A 53 -11.59 -24.38 -29.29
C LEU A 53 -10.77 -23.42 -28.46
N ALA A 54 -10.27 -22.37 -29.11
CA ALA A 54 -9.42 -21.38 -28.45
C ALA A 54 -9.94 -19.99 -28.75
N ILE A 55 -9.96 -19.15 -27.74
CA ILE A 55 -10.36 -17.76 -27.89
C ILE A 55 -9.11 -16.94 -28.15
N ILE A 56 -9.26 -15.79 -28.80
CA ILE A 56 -8.12 -14.97 -29.19
C ILE A 56 -7.85 -13.93 -28.11
N ASP A 57 -6.61 -13.89 -27.64
CA ASP A 57 -6.19 -12.85 -26.70
C ASP A 57 -5.75 -11.58 -27.43
N ASN A 58 -4.72 -11.68 -28.27
CA ASN A 58 -4.18 -10.51 -28.93
C ASN A 58 -3.56 -10.90 -30.27
N PHE A 59 -3.63 -9.98 -31.22
CA PHE A 59 -2.98 -10.15 -32.52
C PHE A 59 -1.60 -9.52 -32.49
N SER A 60 -0.73 -10.01 -33.36
CA SER A 60 0.63 -9.51 -33.46
C SER A 60 1.14 -9.74 -34.88
N ILE A 61 2.34 -9.23 -35.13
CA ILE A 61 2.98 -9.37 -36.43
C ILE A 61 4.44 -9.75 -36.21
N GLU A 62 5.03 -10.37 -37.23
CA GLU A 62 6.45 -10.69 -37.22
C GLU A 62 6.98 -10.59 -38.64
N VAL A 63 8.24 -10.17 -38.75
CA VAL A 63 8.92 -10.02 -40.02
C VAL A 63 10.24 -10.80 -39.96
N LYS A 64 10.45 -11.68 -40.93
CA LYS A 64 11.66 -12.49 -41.00
C LYS A 64 12.81 -11.77 -41.70
N GLU A 65 12.58 -10.56 -42.21
CA GLU A 65 13.51 -9.66 -42.88
C GLU A 65 13.96 -10.18 -44.24
N SER A 66 13.55 -11.39 -44.65
CA SER A 66 13.85 -11.90 -45.97
C SER A 66 12.68 -12.64 -46.60
N GLN A 67 11.52 -12.67 -45.95
CA GLN A 67 10.34 -13.35 -46.46
C GLN A 67 9.12 -12.48 -46.19
N LYS A 68 7.95 -12.99 -46.56
CA LYS A 68 6.71 -12.26 -46.32
C LYS A 68 6.37 -12.26 -44.84
N GLN A 69 5.79 -11.15 -44.38
CA GLN A 69 5.42 -11.02 -42.98
C GLN A 69 4.28 -11.98 -42.63
N LYS A 70 4.24 -12.37 -41.36
CA LYS A 70 3.24 -13.31 -40.87
C LYS A 70 2.56 -12.73 -39.64
N TYR A 71 1.23 -12.77 -39.65
CA TYR A 71 0.46 -12.30 -38.50
C TYR A 71 0.35 -13.42 -37.47
N MET A 72 0.65 -13.09 -36.22
CA MET A 72 0.70 -14.07 -35.13
C MET A 72 -0.43 -13.80 -34.15
N ILE A 73 -1.14 -14.84 -33.76
CA ILE A 73 -2.33 -14.73 -32.91
C ILE A 73 -2.07 -15.43 -31.59
N GLU A 74 -2.25 -14.70 -30.49
CA GLU A 74 -2.19 -15.28 -29.15
C GLU A 74 -3.57 -15.85 -28.82
N ALA A 75 -3.63 -17.16 -28.63
CA ALA A 75 -4.90 -17.84 -28.36
C ALA A 75 -4.87 -18.49 -26.99
N SER A 76 -5.99 -18.41 -26.29
CA SER A 76 -6.17 -19.07 -25.02
C SER A 76 -7.06 -20.29 -25.21
N PRO A 77 -6.58 -21.51 -24.95
CA PRO A 77 -7.42 -22.69 -25.14
C PRO A 77 -8.54 -22.75 -24.12
N ILE A 78 -9.78 -22.59 -24.59
CA ILE A 78 -10.92 -22.59 -23.68
C ILE A 78 -11.50 -23.99 -23.48
N GLY A 79 -11.18 -24.94 -24.33
CA GLY A 79 -11.73 -26.27 -24.18
C GLY A 79 -11.82 -26.99 -25.51
N LEU A 80 -12.02 -28.30 -25.41
CA LEU A 80 -12.06 -29.18 -26.56
C LEU A 80 -13.47 -29.72 -26.74
N VAL A 81 -13.90 -29.80 -28.00
CA VAL A 81 -15.20 -30.36 -28.35
C VAL A 81 -15.00 -31.76 -28.89
N LYS A 82 -16.00 -32.62 -28.67
CA LYS A 82 -15.92 -34.02 -29.09
C LYS A 82 -17.32 -34.51 -29.38
N ASN A 83 -17.69 -34.49 -30.67
CA ASN A 83 -18.98 -35.00 -31.16
C ASN A 83 -20.16 -34.32 -30.46
N GLY A 84 -20.13 -32.99 -30.42
CA GLY A 84 -21.21 -32.23 -29.82
C GLY A 84 -21.14 -32.06 -28.33
N LYS A 85 -20.08 -32.51 -27.68
CA LYS A 85 -19.90 -32.33 -26.24
C LYS A 85 -18.70 -31.43 -26.02
N PHE A 86 -18.91 -30.37 -25.24
CA PHE A 86 -17.87 -29.38 -24.96
C PHE A 86 -17.37 -29.57 -23.53
N TYR A 87 -16.05 -29.72 -23.38
CA TYR A 87 -15.41 -29.84 -22.08
C TYR A 87 -14.43 -28.68 -21.91
N ARG A 88 -14.59 -27.92 -20.84
CA ARG A 88 -13.76 -26.75 -20.61
C ARG A 88 -12.32 -27.13 -20.27
N GLY A 89 -11.43 -26.18 -20.45
CA GLY A 89 -10.03 -26.40 -20.12
C GLY A 89 -9.20 -26.89 -21.30
N GLY A 90 -7.95 -26.45 -21.37
CA GLY A 90 -7.13 -26.79 -22.51
C GLY A 90 -6.79 -28.26 -22.57
N ASP A 91 -6.57 -28.75 -23.79
CA ASP A 91 -6.31 -30.15 -24.06
C ASP A 91 -4.91 -30.32 -24.63
N SER A 92 -4.52 -31.58 -24.82
CA SER A 92 -3.21 -31.95 -25.33
C SER A 92 -3.16 -31.96 -26.85
N LEU A 93 -4.28 -31.67 -27.52
CA LEU A 93 -4.32 -31.67 -28.98
C LEU A 93 -3.61 -30.46 -29.57
N ALA A 94 -3.40 -29.41 -28.77
CA ALA A 94 -2.69 -28.23 -29.22
C ALA A 94 -1.21 -28.54 -29.40
N LEU A 95 -0.77 -28.65 -30.65
CA LEU A 95 0.62 -28.89 -30.99
C LEU A 95 0.99 -28.03 -32.19
N PRO A 96 2.27 -27.69 -32.35
CA PRO A 96 2.69 -26.84 -33.48
C PRO A 96 2.36 -27.45 -34.85
N PRO A 97 2.44 -28.80 -35.05
CA PRO A 97 1.90 -29.24 -36.35
C PRO A 97 0.39 -29.45 -36.32
N LYS A 98 -0.36 -28.35 -36.24
CA LYS A 98 -1.82 -28.40 -36.24
C LYS A 98 -2.37 -27.33 -37.16
N LYS A 99 -3.58 -27.58 -37.67
CA LYS A 99 -4.26 -26.66 -38.56
C LYS A 99 -5.28 -25.86 -37.77
N VAL A 100 -5.17 -24.53 -37.83
CA VAL A 100 -6.06 -23.63 -37.11
C VAL A 100 -7.01 -23.00 -38.12
N GLU A 101 -8.25 -22.80 -37.70
CA GLU A 101 -9.26 -22.16 -38.52
C GLU A 101 -10.29 -21.54 -37.60
N PRO A 102 -11.07 -20.57 -38.07
CA PRO A 102 -12.20 -20.07 -37.27
C PRO A 102 -13.18 -21.20 -36.98
N ALA A 103 -13.74 -21.18 -35.77
CA ALA A 103 -14.60 -22.26 -35.33
C ALA A 103 -15.91 -22.25 -36.09
N LYS A 104 -16.37 -23.43 -36.48
CA LYS A 104 -17.59 -23.55 -37.26
C LYS A 104 -18.81 -23.21 -36.40
N LEU A 105 -19.94 -23.01 -37.06
CA LEU A 105 -21.16 -22.64 -36.35
C LEU A 105 -21.66 -23.79 -35.47
N ASP A 106 -21.50 -25.03 -35.93
CA ASP A 106 -21.96 -26.17 -35.14
C ASP A 106 -21.09 -26.41 -33.90
N GLU A 107 -19.86 -25.90 -33.90
CA GLU A 107 -18.97 -26.10 -32.76
C GLU A 107 -19.08 -25.00 -31.72
N ILE A 108 -19.34 -23.77 -32.15
CA ILE A 108 -19.56 -22.68 -31.21
C ILE A 108 -20.90 -22.85 -30.50
N ILE A 109 -21.92 -23.30 -31.24
CA ILE A 109 -23.23 -23.57 -30.65
C ILE A 109 -23.11 -24.65 -29.59
N SER A 110 -22.27 -25.65 -29.83
CA SER A 110 -22.06 -26.73 -28.88
C SER A 110 -21.32 -26.31 -27.62
N ILE A 111 -20.75 -25.11 -27.58
CA ILE A 111 -20.15 -24.62 -26.33
C ILE A 111 -21.22 -24.40 -25.29
N TYR A 112 -22.33 -23.78 -25.67
CA TYR A 112 -23.37 -23.35 -24.74
C TYR A 112 -24.56 -24.29 -24.70
N SER A 113 -24.97 -24.83 -25.85
CA SER A 113 -26.19 -25.61 -25.91
C SER A 113 -26.05 -27.01 -25.30
N ASP A 114 -24.83 -27.55 -25.28
CA ASP A 114 -24.67 -28.92 -24.79
C ASP A 114 -24.74 -29.02 -23.27
N SER A 115 -24.27 -28.00 -22.56
CA SER A 115 -24.16 -28.08 -21.10
C SER A 115 -25.49 -27.82 -20.40
N ILE A 116 -26.48 -27.28 -21.11
CA ILE A 116 -27.76 -26.90 -20.54
C ILE A 116 -28.85 -27.76 -21.18
N ASP A 117 -29.74 -28.29 -20.35
CA ASP A 117 -30.86 -29.07 -20.85
C ASP A 117 -31.81 -28.18 -21.65
N ILE A 118 -32.61 -28.82 -22.50
CA ILE A 118 -33.45 -28.08 -23.44
C ILE A 118 -34.53 -27.27 -22.73
N ASN A 119 -34.95 -27.73 -21.55
CA ASN A 119 -35.94 -26.97 -20.78
C ASN A 119 -35.30 -25.93 -19.87
N ASP A 120 -33.98 -26.03 -19.63
CA ASP A 120 -33.28 -25.14 -18.72
C ASP A 120 -32.66 -23.94 -19.42
N ARG A 121 -32.78 -23.84 -20.73
CA ARG A 121 -32.14 -22.76 -21.47
C ARG A 121 -32.92 -21.47 -21.29
N PHE A 122 -32.21 -20.41 -20.89
CA PHE A 122 -32.79 -19.09 -20.70
C PHE A 122 -32.02 -18.15 -21.63
N THR A 123 -32.50 -18.04 -22.86
CA THR A 123 -31.84 -17.26 -23.88
C THR A 123 -32.31 -15.81 -23.83
N PHE A 124 -31.40 -14.89 -23.54
CA PHE A 124 -31.69 -13.47 -23.57
C PHE A 124 -30.63 -12.68 -24.32
N SER A 125 -29.68 -13.36 -24.96
CA SER A 125 -28.59 -12.69 -25.64
C SER A 125 -28.06 -13.61 -26.73
N SER A 126 -27.03 -13.14 -27.42
CA SER A 126 -26.32 -13.92 -28.42
C SER A 126 -24.87 -13.47 -28.41
N LEU A 127 -24.00 -14.30 -28.95
CA LEU A 127 -22.58 -14.00 -28.96
C LEU A 127 -22.29 -12.76 -29.79
N SER A 128 -21.39 -11.91 -29.29
CA SER A 128 -21.13 -10.64 -29.96
C SER A 128 -20.38 -10.85 -31.26
N LEU A 129 -19.37 -11.72 -31.26
CA LEU A 129 -18.58 -11.94 -32.46
C LEU A 129 -19.32 -12.76 -33.48
N ASN A 130 -20.25 -13.60 -33.05
CA ASN A 130 -21.04 -14.45 -33.94
C ASN A 130 -22.50 -14.31 -33.52
N THR A 131 -23.28 -13.53 -34.27
CA THR A 131 -24.67 -13.31 -33.91
C THR A 131 -25.58 -14.48 -34.27
N LYS A 132 -25.08 -15.47 -35.02
CA LYS A 132 -25.92 -16.61 -35.37
C LYS A 132 -26.09 -17.55 -34.19
N VAL A 133 -25.08 -17.68 -33.35
CA VAL A 133 -25.15 -18.55 -32.18
C VAL A 133 -25.79 -17.80 -31.02
N SER A 134 -26.85 -18.37 -30.46
CA SER A 134 -27.44 -17.83 -29.24
C SER A 134 -26.71 -18.38 -28.03
N VAL A 135 -26.72 -17.61 -26.95
CA VAL A 135 -26.00 -17.98 -25.74
C VAL A 135 -27.01 -18.18 -24.62
N PRO A 136 -27.54 -19.39 -24.43
CA PRO A 136 -28.42 -19.64 -23.30
C PRO A 136 -27.63 -19.74 -22.00
N VAL A 137 -28.32 -19.47 -20.91
CA VAL A 137 -27.78 -19.70 -19.58
C VAL A 137 -28.69 -20.71 -18.88
N ASN A 138 -28.12 -21.41 -17.90
CA ASN A 138 -28.90 -22.34 -17.10
C ASN A 138 -29.83 -21.51 -16.24
N GLY A 139 -31.10 -21.41 -16.68
CA GLY A 139 -32.02 -20.48 -16.06
C GLY A 139 -32.35 -20.79 -14.62
N ASN A 140 -32.25 -22.06 -14.22
CA ASN A 140 -32.37 -22.40 -12.81
C ASN A 140 -31.20 -21.83 -12.02
N ARG A 141 -29.97 -22.09 -12.47
CA ARG A 141 -28.79 -21.60 -11.77
C ARG A 141 -28.57 -20.11 -11.97
N PHE A 142 -29.18 -19.52 -13.00
CA PHE A 142 -28.99 -18.10 -13.28
C PHE A 142 -29.65 -17.23 -12.22
N PHE A 143 -30.90 -17.56 -11.85
CA PHE A 143 -31.66 -16.74 -10.95
C PHE A 143 -31.49 -17.13 -9.49
N ASN A 144 -31.39 -18.44 -9.20
CA ASN A 144 -31.34 -18.90 -7.82
C ASN A 144 -30.06 -18.48 -7.12
N LYS A 145 -28.98 -18.31 -7.86
CA LYS A 145 -27.80 -17.62 -7.37
C LYS A 145 -27.85 -16.18 -7.86
N HIS A 146 -27.53 -15.24 -6.97
CA HIS A 146 -27.80 -13.83 -7.22
C HIS A 146 -27.00 -13.29 -8.42
N ILE A 147 -27.66 -12.44 -9.20
CA ILE A 147 -27.10 -11.84 -10.40
C ILE A 147 -26.51 -10.49 -10.03
N ALA A 148 -25.39 -10.12 -10.66
CA ALA A 148 -24.78 -8.82 -10.47
C ALA A 148 -24.57 -8.19 -11.84
N ILE A 149 -25.46 -7.27 -12.21
CA ILE A 149 -25.40 -6.58 -13.49
C ILE A 149 -24.69 -5.25 -13.29
N VAL A 150 -23.57 -5.06 -13.97
CA VAL A 150 -22.65 -3.97 -13.70
C VAL A 150 -22.33 -3.26 -15.00
N GLY A 151 -22.42 -1.94 -15.01
CA GLY A 151 -22.05 -1.19 -16.20
C GLY A 151 -22.01 0.30 -15.99
N SER A 152 -21.18 1.01 -16.76
CA SER A 152 -21.11 2.46 -16.66
C SER A 152 -22.29 3.10 -17.38
N THR A 153 -22.39 4.42 -17.23
CA THR A 153 -23.51 5.14 -17.82
C THR A 153 -23.38 5.20 -19.34
N GLY A 154 -24.52 5.13 -20.01
CA GLY A 154 -24.55 5.09 -21.46
C GLY A 154 -24.25 3.75 -22.08
N SER A 155 -24.03 2.72 -21.26
CA SER A 155 -23.74 1.38 -21.75
C SER A 155 -24.99 0.54 -21.94
N GLY A 156 -26.16 1.07 -21.59
CA GLY A 156 -27.39 0.30 -21.66
C GLY A 156 -27.46 -0.82 -20.65
N LYS A 157 -26.97 -0.57 -19.43
CA LYS A 157 -27.11 -1.55 -18.35
C LYS A 157 -28.57 -1.78 -17.99
N SER A 158 -29.35 -0.69 -17.94
CA SER A 158 -30.77 -0.81 -17.62
C SER A 158 -31.53 -1.54 -18.71
N HIS A 159 -31.05 -1.50 -19.95
CA HIS A 159 -31.64 -2.31 -21.00
C HIS A 159 -31.36 -3.80 -20.78
N THR A 160 -30.19 -4.13 -20.25
CA THR A 160 -29.88 -5.52 -19.93
C THR A 160 -30.75 -6.03 -18.79
N VAL A 161 -30.94 -5.20 -17.75
CA VAL A 161 -31.81 -5.58 -16.64
C VAL A 161 -33.25 -5.75 -17.13
N ALA A 162 -33.71 -4.84 -18.00
CA ALA A 162 -35.07 -4.91 -18.48
C ALA A 162 -35.30 -6.14 -19.36
N LYS A 163 -34.31 -6.50 -20.19
CA LYS A 163 -34.48 -7.64 -21.09
C LYS A 163 -34.51 -8.96 -20.34
N ILE A 164 -33.70 -9.09 -19.28
CA ILE A 164 -33.70 -10.32 -18.50
C ILE A 164 -35.04 -10.51 -17.78
N LEU A 165 -35.58 -9.43 -17.21
CA LEU A 165 -36.86 -9.53 -16.52
C LEU A 165 -38.01 -9.66 -17.50
N GLN A 166 -37.90 -9.05 -18.69
CA GLN A 166 -38.94 -9.24 -19.70
C GLN A 166 -38.96 -10.67 -20.20
N LYS A 167 -37.79 -11.30 -20.34
CA LYS A 167 -37.73 -12.68 -20.77
C LYS A 167 -38.21 -13.63 -19.67
N ALA A 168 -37.97 -13.29 -18.41
CA ALA A 168 -38.43 -14.13 -17.31
C ALA A 168 -39.95 -14.08 -17.17
N VAL A 169 -40.54 -12.90 -17.40
CA VAL A 169 -41.99 -12.79 -17.40
C VAL A 169 -42.60 -13.51 -18.59
N ASP A 170 -41.99 -13.33 -19.77
CA ASP A 170 -42.48 -14.02 -20.97
C ASP A 170 -42.20 -15.52 -20.94
N GLU A 171 -41.32 -15.99 -20.06
CA GLU A 171 -41.09 -17.42 -19.93
C GLU A 171 -42.32 -18.08 -19.34
N LYS A 172 -42.85 -19.07 -20.04
CA LYS A 172 -44.14 -19.64 -19.70
C LYS A 172 -44.20 -21.07 -20.22
N GLN A 173 -45.13 -21.84 -19.68
CA GLN A 173 -45.42 -23.17 -20.18
C GLN A 173 -46.63 -23.11 -21.10
N GLU A 174 -46.64 -23.98 -22.11
CA GLU A 174 -47.66 -23.94 -23.14
C GLU A 174 -49.01 -24.47 -22.68
N GLY A 175 -49.11 -25.03 -21.48
CA GLY A 175 -50.34 -25.60 -20.97
C GLY A 175 -51.35 -24.60 -20.45
N TYR A 176 -51.03 -23.31 -20.48
CA TYR A 176 -51.94 -22.28 -19.98
C TYR A 176 -51.62 -20.96 -20.67
N LYS A 177 -52.57 -20.03 -20.56
CA LYS A 177 -52.39 -18.68 -21.08
C LYS A 177 -52.78 -17.69 -19.97
N GLY A 178 -51.83 -16.87 -19.57
CA GLY A 178 -52.04 -15.93 -18.49
C GLY A 178 -50.73 -15.61 -17.81
N LEU A 179 -50.83 -15.12 -16.59
CA LEU A 179 -49.64 -14.78 -15.81
C LEU A 179 -48.93 -16.04 -15.36
N ASN A 180 -47.61 -16.04 -15.46
CA ASN A 180 -46.80 -17.12 -14.94
C ASN A 180 -46.39 -16.81 -13.51
N ASN A 181 -45.49 -17.61 -12.95
CA ASN A 181 -45.14 -17.51 -11.54
C ASN A 181 -43.94 -16.59 -11.29
N SER A 182 -43.55 -15.78 -12.27
CA SER A 182 -42.43 -14.87 -12.08
C SER A 182 -42.79 -13.78 -11.09
N HIS A 183 -41.87 -13.49 -10.18
CA HIS A 183 -42.07 -12.49 -9.13
C HIS A 183 -40.80 -11.67 -9.01
N ILE A 184 -40.83 -10.44 -9.51
CA ILE A 184 -39.67 -9.56 -9.54
C ILE A 184 -40.03 -8.27 -8.84
N ILE A 185 -39.18 -7.84 -7.90
CA ILE A 185 -39.37 -6.59 -7.19
C ILE A 185 -38.19 -5.68 -7.54
N ILE A 186 -38.49 -4.47 -8.00
CA ILE A 186 -37.48 -3.55 -8.52
C ILE A 186 -37.44 -2.31 -7.64
N PHE A 187 -36.25 -1.93 -7.22
CA PHE A 187 -36.01 -0.70 -6.45
C PHE A 187 -35.32 0.29 -7.39
N ASP A 188 -36.11 1.06 -8.13
CA ASP A 188 -35.56 2.05 -9.05
C ASP A 188 -35.71 3.44 -8.43
N ILE A 189 -34.59 4.15 -8.29
CA ILE A 189 -34.64 5.52 -7.80
C ILE A 189 -34.87 6.53 -8.91
N HIS A 190 -34.71 6.11 -10.17
CA HIS A 190 -34.82 7.01 -11.30
C HIS A 190 -36.15 6.87 -12.03
N SER A 191 -37.07 6.06 -11.51
CA SER A 191 -38.39 5.80 -12.10
C SER A 191 -38.25 5.33 -13.55
N GLU A 192 -37.32 4.41 -13.75
CA GLU A 192 -36.86 4.07 -15.09
C GLU A 192 -37.61 2.89 -15.70
N TYR A 193 -37.92 1.88 -14.89
CA TYR A 193 -38.48 0.64 -15.39
C TYR A 193 -39.99 0.67 -15.58
N GLU A 194 -40.65 1.79 -15.29
CA GLU A 194 -42.08 1.90 -15.58
C GLU A 194 -42.36 1.78 -17.07
N ASN A 195 -41.53 2.40 -17.90
CA ASN A 195 -41.72 2.29 -19.34
C ASN A 195 -41.37 0.91 -19.85
N ALA A 196 -40.52 0.15 -19.15
CA ALA A 196 -40.09 -1.15 -19.65
C ALA A 196 -41.20 -2.17 -19.58
N PHE A 197 -41.97 -2.18 -18.50
CA PHE A 197 -43.04 -3.15 -18.29
C PHE A 197 -44.36 -2.44 -18.18
N PRO A 198 -45.19 -2.43 -19.23
CA PRO A 198 -46.46 -1.71 -19.18
C PRO A 198 -47.50 -2.39 -18.30
N ASN A 199 -47.37 -3.68 -18.04
CA ASN A 199 -48.31 -4.42 -17.20
C ASN A 199 -47.86 -4.53 -15.75
N SER A 200 -46.76 -3.88 -15.38
CA SER A 200 -46.23 -3.95 -14.03
C SER A 200 -47.05 -3.09 -13.08
N ASN A 201 -46.81 -3.29 -11.79
CA ASN A 201 -47.45 -2.54 -10.72
C ASN A 201 -46.42 -1.59 -10.13
N VAL A 202 -46.51 -0.32 -10.50
CA VAL A 202 -45.58 0.69 -10.02
C VAL A 202 -46.17 1.33 -8.77
N LEU A 203 -45.40 1.31 -7.68
CA LEU A 203 -45.82 1.84 -6.40
C LEU A 203 -44.87 2.97 -6.00
N ASN A 204 -45.35 4.20 -6.07
CA ASN A 204 -44.63 5.35 -5.58
C ASN A 204 -45.29 5.84 -4.29
N VAL A 205 -44.81 6.98 -3.78
CA VAL A 205 -45.27 7.52 -2.51
C VAL A 205 -46.76 7.86 -2.55
N ASP A 206 -47.29 8.17 -3.73
CA ASP A 206 -48.71 8.47 -3.86
C ASP A 206 -49.59 7.25 -3.56
N THR A 207 -49.14 6.04 -3.91
CA THR A 207 -49.95 4.85 -3.73
C THR A 207 -49.37 3.83 -2.76
N LEU A 208 -48.07 3.85 -2.49
CA LEU A 208 -47.49 2.90 -1.55
C LEU A 208 -47.78 3.35 -0.12
N THR A 209 -48.29 2.42 0.69
CA THR A 209 -48.58 2.65 2.10
C THR A 209 -47.78 1.63 2.89
N LEU A 210 -46.62 2.05 3.40
CA LEU A 210 -45.79 1.18 4.21
C LEU A 210 -46.09 1.46 5.67
N PRO A 211 -46.68 0.52 6.41
CA PRO A 211 -46.89 0.75 7.84
C PRO A 211 -45.57 0.78 8.60
N TYR A 212 -45.48 1.72 9.54
CA TYR A 212 -44.25 1.98 10.26
C TYR A 212 -43.97 0.96 11.36
N TRP A 213 -44.96 0.18 11.77
CA TRP A 213 -44.80 -0.62 12.97
C TRP A 213 -44.05 -1.92 12.74
N LEU A 214 -43.69 -2.24 11.50
CA LEU A 214 -42.85 -3.41 11.26
C LEU A 214 -41.37 -3.07 11.18
N LEU A 215 -41.00 -1.80 11.34
CA LEU A 215 -39.60 -1.45 11.47
C LEU A 215 -39.07 -2.01 12.78
N ASN A 216 -37.85 -2.52 12.74
CA ASN A 216 -37.25 -3.09 13.94
C ASN A 216 -36.70 -1.96 14.81
N GLY A 217 -35.88 -2.31 15.79
CA GLY A 217 -35.28 -1.29 16.64
C GLY A 217 -34.35 -0.37 15.87
N ASP A 218 -33.59 -0.92 14.93
CA ASP A 218 -32.60 -0.12 14.22
C ASP A 218 -33.25 0.88 13.27
N GLU A 219 -34.30 0.46 12.56
CA GLU A 219 -34.96 1.38 11.63
C GLU A 219 -35.82 2.40 12.37
N LEU A 220 -36.37 2.04 13.53
CA LEU A 220 -37.18 2.97 14.30
C LEU A 220 -36.33 4.08 14.90
N GLU A 221 -35.06 3.80 15.21
CA GLU A 221 -34.16 4.82 15.74
C GLU A 221 -33.88 5.89 14.70
N GLU A 222 -33.46 5.48 13.50
CA GLU A 222 -33.03 6.44 12.49
C GLU A 222 -34.18 7.19 11.83
N LEU A 223 -35.39 6.61 11.84
CA LEU A 223 -36.52 7.34 11.29
C LEU A 223 -36.93 8.50 12.18
N PHE A 224 -36.90 8.29 13.50
CA PHE A 224 -37.48 9.23 14.44
C PHE A 224 -36.46 10.14 15.10
N LEU A 225 -35.36 9.60 15.62
CA LEU A 225 -34.37 10.40 16.31
C LEU A 225 -33.06 10.42 15.53
N ASP A 226 -32.17 11.33 15.92
CA ASP A 226 -30.88 11.49 15.28
C ASP A 226 -29.78 10.95 16.19
N THR A 227 -28.63 10.67 15.59
CA THR A 227 -27.51 10.06 16.29
C THR A 227 -26.52 11.08 16.85
N GLU A 228 -26.82 12.37 16.75
CA GLU A 228 -25.88 13.41 17.14
C GLU A 228 -26.35 14.31 18.27
N ALA A 229 -27.65 14.61 18.36
CA ALA A 229 -28.11 15.64 19.29
C ALA A 229 -29.16 15.14 20.28
N ASN A 230 -29.34 13.83 20.42
CA ASN A 230 -30.28 13.28 21.39
C ASN A 230 -29.51 12.59 22.52
N ASP A 231 -29.92 12.88 23.76
CA ASP A 231 -29.29 12.29 24.92
C ASP A 231 -29.74 10.83 25.08
N HIS A 232 -29.01 10.11 25.92
CA HIS A 232 -29.35 8.72 26.21
C HIS A 232 -30.66 8.60 26.97
N ASN A 233 -31.06 9.66 27.70
CA ASN A 233 -32.36 9.65 28.35
C ASN A 233 -33.49 9.75 27.33
N GLN A 234 -33.28 10.50 26.25
CA GLN A 234 -34.30 10.62 25.22
C GLN A 234 -34.46 9.33 24.42
N ARG A 235 -33.37 8.58 24.24
CA ARG A 235 -33.49 7.24 23.65
C ARG A 235 -34.22 6.29 24.59
N ASN A 236 -33.96 6.42 25.89
CA ASN A 236 -34.55 5.51 26.87
C ASN A 236 -36.07 5.67 26.95
N VAL A 237 -36.55 6.92 26.95
CA VAL A 237 -37.99 7.15 27.04
C VAL A 237 -38.70 6.76 25.75
N PHE A 238 -37.98 6.76 24.62
CA PHE A 238 -38.59 6.36 23.35
C PHE A 238 -38.95 4.88 23.35
N ARG A 239 -38.00 4.02 23.70
CA ARG A 239 -38.27 2.59 23.67
C ARG A 239 -39.12 2.14 24.85
N GLN A 240 -39.21 2.95 25.91
CA GLN A 240 -40.24 2.71 26.93
C GLN A 240 -41.63 2.87 26.34
N ALA A 241 -41.82 3.91 25.53
CA ALA A 241 -43.15 4.19 24.97
C ALA A 241 -43.50 3.22 23.85
N ILE A 242 -42.51 2.81 23.06
CA ILE A 242 -42.77 1.92 21.93
C ILE A 242 -43.15 0.53 22.44
N THR A 243 -42.38 0.00 23.38
CA THR A 243 -42.58 -1.36 23.86
C THR A 243 -43.86 -1.48 24.66
N LEU A 244 -44.18 -0.48 25.48
CA LEU A 244 -45.42 -0.52 26.25
C LEU A 244 -46.65 -0.37 25.36
N ASN A 245 -46.51 0.35 24.24
CA ASN A 245 -47.64 0.51 23.34
C ASN A 245 -47.92 -0.78 22.57
N LYS A 246 -46.90 -1.57 22.31
CA LYS A 246 -47.04 -2.80 21.53
C LYS A 246 -47.75 -3.92 22.30
N LYS A 247 -47.98 -3.74 23.60
CA LYS A 247 -48.60 -4.79 24.41
C LYS A 247 -50.11 -4.68 24.47
N ILE A 248 -50.64 -3.46 24.66
CA ILE A 248 -52.08 -3.30 24.80
C ILE A 248 -52.80 -3.54 23.47
N HIS A 249 -52.22 -3.06 22.37
CA HIS A 249 -52.80 -3.30 21.06
C HIS A 249 -52.64 -4.75 20.60
N PHE A 250 -51.83 -5.54 21.28
CA PHE A 250 -51.69 -6.96 20.96
C PHE A 250 -52.93 -7.66 21.50
N GLN A 251 -53.80 -8.10 20.59
CA GLN A 251 -55.06 -8.75 20.96
C GLN A 251 -54.92 -10.26 21.07
N GLY A 252 -53.72 -10.80 20.94
CA GLY A 252 -53.54 -12.24 20.91
C GLY A 252 -53.26 -12.86 22.27
N ASP A 253 -52.37 -13.85 22.27
CA ASP A 253 -52.09 -14.63 23.48
C ASP A 253 -51.30 -13.78 24.47
N PRO A 254 -51.75 -13.68 25.74
CA PRO A 254 -51.01 -12.89 26.73
C PRO A 254 -49.64 -13.45 27.08
N ALA A 255 -49.37 -14.73 26.83
CA ALA A 255 -48.02 -15.24 27.05
C ALA A 255 -47.07 -14.75 25.97
N THR A 256 -47.59 -14.44 24.78
CA THR A 256 -46.82 -13.84 23.71
C THR A 256 -46.67 -12.32 23.91
N LYS A 257 -47.41 -11.74 24.84
CA LYS A 257 -47.25 -10.32 25.15
C LYS A 257 -45.90 -10.05 25.80
N GLU A 258 -45.43 -10.97 26.65
CA GLU A 258 -44.11 -10.82 27.24
C GLU A 258 -42.99 -11.06 26.24
N ILE A 259 -43.30 -11.68 25.10
CA ILE A 259 -42.30 -11.94 24.07
C ILE A 259 -41.87 -10.62 23.44
N ILE A 260 -42.79 -9.66 23.36
CA ILE A 260 -42.63 -8.44 22.58
C ILE A 260 -41.55 -7.55 23.16
N SER A 261 -40.62 -7.10 22.31
CA SER A 261 -39.59 -6.16 22.70
C SER A 261 -39.64 -4.93 21.79
N PHE A 262 -38.62 -4.07 21.88
CA PHE A 262 -38.56 -2.89 21.04
C PHE A 262 -38.34 -3.24 19.58
N HIS A 263 -37.59 -4.30 19.31
CA HIS A 263 -37.28 -4.70 17.94
C HIS A 263 -38.38 -5.54 17.30
N SER A 264 -39.41 -5.91 18.06
CA SER A 264 -40.46 -6.75 17.51
C SER A 264 -41.33 -5.95 16.54
N PRO A 265 -41.79 -6.56 15.44
CA PRO A 265 -42.63 -5.88 14.46
C PRO A 265 -44.13 -6.07 14.68
N TYR A 266 -44.62 -5.50 15.78
CA TYR A 266 -46.03 -5.56 16.14
C TYR A 266 -46.63 -4.16 16.07
N TYR A 267 -47.96 -4.11 16.06
CA TYR A 267 -48.66 -2.85 15.87
C TYR A 267 -48.55 -1.96 17.10
N PHE A 268 -48.20 -0.70 16.87
CA PHE A 268 -48.29 0.33 17.88
C PHE A 268 -48.81 1.61 17.22
N ASP A 269 -49.40 2.47 18.03
CA ASP A 269 -49.95 3.73 17.56
C ASP A 269 -48.97 4.84 17.88
N ILE A 270 -48.44 5.50 16.83
CA ILE A 270 -47.41 6.51 17.03
C ILE A 270 -48.00 7.76 17.68
N ASN A 271 -49.29 8.04 17.48
CA ASN A 271 -49.91 9.18 18.15
C ASN A 271 -50.01 8.94 19.65
N GLU A 272 -50.26 7.69 20.06
CA GLU A 272 -50.25 7.37 21.48
C GLU A 272 -48.85 7.41 22.05
N VAL A 273 -47.84 7.08 21.24
CA VAL A 273 -46.45 7.24 21.67
C VAL A 273 -46.12 8.71 21.85
N ILE A 274 -46.68 9.58 21.00
CA ILE A 274 -46.48 11.02 21.09
C ILE A 274 -47.00 11.53 22.43
N ASN A 275 -48.14 11.00 22.89
CA ASN A 275 -48.72 11.44 24.15
C ASN A 275 -47.83 11.07 25.33
N TYR A 276 -47.22 9.87 25.31
CA TYR A 276 -46.38 9.42 26.41
C TYR A 276 -45.16 10.33 26.57
N ILE A 277 -44.49 10.65 25.47
CA ILE A 277 -43.32 11.52 25.55
C ILE A 277 -43.76 12.95 25.88
N ASN A 278 -44.97 13.34 25.48
CA ASN A 278 -45.50 14.63 25.89
C ASN A 278 -45.88 14.65 27.36
N ASN A 279 -46.52 13.58 27.84
CA ASN A 279 -46.93 13.52 29.24
C ASN A 279 -45.74 13.36 30.17
N ARG A 280 -44.68 12.69 29.73
CA ARG A 280 -43.46 12.60 30.51
C ARG A 280 -42.59 13.84 30.36
N ASN A 281 -42.93 14.75 29.44
CA ASN A 281 -42.17 15.99 29.32
C ASN A 281 -42.52 16.97 30.44
N ASN A 282 -43.79 17.04 30.80
CA ASN A 282 -44.25 17.97 31.85
C ASN A 282 -44.49 17.24 33.17
N GLU A 283 -43.64 16.29 33.50
CA GLU A 283 -43.78 15.52 34.72
C GLU A 283 -43.49 16.37 35.95
N ARG A 284 -44.18 16.06 37.04
CA ARG A 284 -43.98 16.71 38.33
C ARG A 284 -43.77 15.64 39.40
N LYS A 285 -42.83 15.88 40.30
CA LYS A 285 -42.51 14.95 41.37
C LYS A 285 -43.04 15.47 42.70
N ASN A 286 -43.27 14.53 43.62
CA ASN A 286 -43.70 14.85 44.98
C ASN A 286 -42.51 14.73 45.94
N LYS A 287 -42.80 14.82 47.23
CA LYS A 287 -41.77 14.66 48.24
C LYS A 287 -41.26 13.22 48.35
N ASP A 288 -42.06 12.24 47.93
CA ASP A 288 -41.67 10.84 47.96
C ASP A 288 -41.17 10.34 46.61
N ASN A 289 -40.94 11.25 45.65
CA ASN A 289 -40.43 10.94 44.31
C ASN A 289 -41.34 9.96 43.58
N GLU A 290 -42.65 10.14 43.73
CA GLU A 290 -43.65 9.33 43.06
C GLU A 290 -44.43 10.21 42.08
N HIS A 291 -44.49 9.78 40.83
CA HIS A 291 -45.11 10.57 39.76
C HIS A 291 -46.60 10.27 39.75
N ILE A 292 -47.35 11.02 40.56
CA ILE A 292 -48.80 10.92 40.58
C ILE A 292 -49.35 11.63 39.34
N TRP A 293 -50.35 11.02 38.71
CA TRP A 293 -50.94 11.56 37.50
C TRP A 293 -52.44 11.75 37.70
N SER A 294 -52.94 12.88 37.22
CA SER A 294 -54.37 13.21 37.30
C SER A 294 -55.00 13.03 35.93
N ASP A 295 -56.05 12.22 35.87
CA ASP A 295 -56.73 11.88 34.63
C ASP A 295 -58.23 12.04 34.82
N GLU A 296 -58.94 12.20 33.70
CA GLU A 296 -60.40 12.24 33.74
C GLU A 296 -60.98 10.92 34.24
N GLU A 297 -60.30 9.81 33.94
CA GLU A 297 -60.75 8.51 34.46
C GLU A 297 -60.54 8.40 35.96
N GLY A 298 -59.45 8.97 36.48
CA GLY A 298 -59.19 8.92 37.90
C GLY A 298 -57.80 9.42 38.23
N ASN A 299 -57.41 9.17 39.48
CA ASN A 299 -56.11 9.58 40.01
C ASN A 299 -55.25 8.34 40.21
N PHE A 300 -54.00 8.41 39.75
CA PHE A 300 -53.11 7.27 39.85
C PHE A 300 -51.66 7.75 39.85
N LYS A 301 -50.77 6.85 40.26
CA LYS A 301 -49.34 7.08 40.20
C LYS A 301 -48.76 6.44 38.94
N PHE A 302 -47.47 6.68 38.71
CA PHE A 302 -46.78 6.15 37.54
C PHE A 302 -46.19 4.79 37.90
N ASP A 303 -46.92 3.73 37.57
CA ASP A 303 -46.46 2.37 37.79
C ASP A 303 -46.53 1.61 36.48
N ASN A 304 -45.84 0.46 36.44
CA ASN A 304 -45.79 -0.35 35.23
C ASN A 304 -47.15 -0.96 34.89
N GLU A 305 -47.95 -1.28 35.91
CA GLU A 305 -49.25 -1.90 35.67
C GLU A 305 -50.31 -0.89 35.26
N ASN A 306 -50.07 0.41 35.43
CA ASN A 306 -51.00 1.44 34.99
C ASN A 306 -50.29 2.50 34.17
N ALA A 307 -49.29 2.11 33.39
CA ALA A 307 -48.64 3.01 32.45
C ALA A 307 -49.36 3.07 31.11
N HIS A 308 -50.28 2.15 30.84
CA HIS A 308 -51.00 2.15 29.58
C HIS A 308 -52.06 3.25 29.52
N ARG A 309 -52.63 3.64 30.66
CA ARG A 309 -53.62 4.70 30.68
C ARG A 309 -53.01 6.08 30.53
N LEU A 310 -51.68 6.20 30.59
CA LEU A 310 -51.00 7.46 30.36
C LEU A 310 -51.01 7.86 28.88
N PHE A 311 -51.32 6.93 27.98
CA PHE A 311 -51.33 7.20 26.55
C PHE A 311 -52.45 8.13 26.13
N LYS A 312 -53.46 8.33 26.98
CA LYS A 312 -54.54 9.26 26.66
C LYS A 312 -54.05 10.70 26.76
N GLU A 313 -54.63 11.57 25.94
CA GLU A 313 -54.22 12.96 25.91
C GLU A 313 -54.80 13.79 27.04
N ASN A 314 -55.80 13.26 27.76
CA ASN A 314 -56.44 13.98 28.86
C ASN A 314 -55.77 13.63 30.20
N VAL A 315 -54.46 13.85 30.26
CA VAL A 315 -53.67 13.61 31.46
C VAL A 315 -53.17 14.95 31.97
N THR A 316 -53.52 15.28 33.21
CA THR A 316 -53.04 16.48 33.87
C THR A 316 -51.94 16.10 34.85
N PRO A 317 -50.76 16.73 34.77
CA PRO A 317 -49.69 16.40 35.70
C PRO A 317 -50.02 16.80 37.13
N ASP A 318 -49.48 16.03 38.08
CA ASP A 318 -49.69 16.27 39.50
C ASP A 318 -48.34 16.27 40.20
N GLY A 319 -48.22 17.12 41.22
CA GLY A 319 -46.98 17.24 41.96
C GLY A 319 -46.68 18.67 42.37
N SER A 320 -46.24 18.85 43.62
CA SER A 320 -45.97 20.20 44.12
C SER A 320 -44.69 20.79 43.56
N SER A 321 -43.78 19.97 43.04
CA SER A 321 -42.53 20.43 42.49
C SER A 321 -42.34 19.86 41.09
N ALA A 322 -41.55 20.56 40.28
CA ALA A 322 -41.28 20.12 38.92
C ALA A 322 -40.44 18.84 38.93
N GLY A 323 -40.70 17.98 37.96
CA GLY A 323 -40.07 16.68 37.91
C GLY A 323 -38.59 16.75 37.56
N ALA A 324 -37.92 15.60 37.71
CA ALA A 324 -36.50 15.52 37.39
C ALA A 324 -36.26 15.67 35.90
N LEU A 325 -37.11 15.05 35.07
CA LEU A 325 -37.02 15.16 33.63
C LEU A 325 -38.06 16.12 33.06
N ASN A 326 -38.48 17.11 33.85
CA ASN A 326 -39.42 18.11 33.38
C ASN A 326 -38.73 19.05 32.40
N GLY A 327 -39.32 19.19 31.21
CA GLY A 327 -38.72 19.98 30.16
C GLY A 327 -37.59 19.30 29.42
N LYS A 328 -37.28 18.05 29.78
CA LYS A 328 -36.17 17.33 29.19
C LYS A 328 -36.50 16.78 27.80
N LEU A 329 -37.77 16.58 27.51
CA LEU A 329 -38.21 15.91 26.29
C LEU A 329 -38.68 16.87 25.21
N LEU A 330 -38.55 18.18 25.42
CA LEU A 330 -38.99 19.14 24.40
C LEU A 330 -38.12 19.10 23.15
N ASN A 331 -36.89 18.61 23.27
CA ASN A 331 -36.11 18.27 22.08
C ASN A 331 -36.75 17.10 21.33
N PHE A 332 -37.41 16.20 22.05
CA PHE A 332 -37.90 14.95 21.48
C PHE A 332 -39.33 15.06 20.94
N VAL A 333 -40.25 15.63 21.73
CA VAL A 333 -41.66 15.67 21.32
C VAL A 333 -41.82 16.53 20.07
N ASP A 334 -41.16 17.69 20.03
CA ASP A 334 -41.23 18.54 18.86
C ASP A 334 -40.53 17.94 17.65
N ARG A 335 -39.55 17.06 17.87
CA ARG A 335 -38.90 16.38 16.76
C ARG A 335 -39.84 15.37 16.11
N LEU A 336 -40.49 14.53 16.92
CA LEU A 336 -41.37 13.51 16.37
C LEU A 336 -42.73 14.06 15.96
N GLN A 337 -43.17 15.17 16.55
CA GLN A 337 -44.42 15.77 16.10
C GLN A 337 -44.29 16.37 14.71
N SER A 338 -43.08 16.79 14.34
CA SER A 338 -42.86 17.28 12.98
C SER A 338 -42.95 16.15 11.97
N LYS A 339 -42.47 14.96 12.34
CA LYS A 339 -42.38 13.86 11.39
C LYS A 339 -43.72 13.19 11.13
N ILE A 340 -44.60 13.12 12.14
CA ILE A 340 -45.90 12.49 11.94
C ILE A 340 -46.76 13.32 11.00
N PHE A 341 -46.71 14.64 11.12
CA PHE A 341 -47.46 15.54 10.26
C PHE A 341 -46.63 16.04 9.07
N ASP A 342 -45.44 15.47 8.85
CA ASP A 342 -44.70 15.77 7.64
C ASP A 342 -45.39 15.15 6.44
N LYS A 343 -45.63 15.95 5.40
CA LYS A 343 -46.35 15.46 4.23
C LYS A 343 -45.49 14.53 3.37
N ARG A 344 -44.17 14.57 3.54
CA ARG A 344 -43.28 13.69 2.78
C ARG A 344 -43.19 12.29 3.37
N LEU A 345 -43.64 12.10 4.60
CA LEU A 345 -43.65 10.80 5.25
C LEU A 345 -45.07 10.27 5.42
N ASP A 346 -45.98 10.71 4.56
CA ASP A 346 -47.36 10.24 4.61
C ASP A 346 -47.43 8.75 4.26
N PHE A 347 -46.55 8.29 3.37
CA PHE A 347 -46.52 6.89 2.98
C PHE A 347 -46.08 5.97 4.11
N ILE A 348 -45.37 6.49 5.11
CA ILE A 348 -44.82 5.63 6.15
C ILE A 348 -45.29 6.03 7.55
N LEU A 349 -45.58 7.31 7.77
CA LEU A 349 -46.13 7.73 9.06
C LEU A 349 -47.56 8.25 8.98
N GLY A 350 -48.22 8.11 7.85
CA GLY A 350 -49.55 8.67 7.68
C GLY A 350 -50.62 7.89 8.40
N GLU A 351 -51.85 8.36 8.26
CA GLU A 351 -52.99 7.69 8.88
C GLU A 351 -53.27 6.35 8.22
N GLY A 352 -52.94 6.21 6.94
CA GLY A 352 -53.11 4.95 6.26
C GLY A 352 -52.14 3.88 6.70
N SER A 353 -50.99 4.28 7.24
CA SER A 353 -50.03 3.31 7.76
C SER A 353 -50.57 2.61 9.01
N LYS A 354 -51.34 3.34 9.82
CA LYS A 354 -51.98 2.72 10.98
C LYS A 354 -53.14 1.84 10.56
N SER A 355 -53.95 2.29 9.60
CA SER A 355 -55.17 1.59 9.25
C SER A 355 -54.91 0.32 8.45
N VAL A 356 -53.82 0.28 7.69
CA VAL A 356 -53.53 -0.88 6.85
C VAL A 356 -53.06 -2.04 7.72
N THR A 357 -53.32 -3.26 7.25
CA THR A 357 -53.01 -4.47 7.98
C THR A 357 -51.70 -5.06 7.49
N PHE A 358 -51.33 -6.21 8.07
CA PHE A 358 -50.10 -6.88 7.67
C PHE A 358 -50.25 -7.59 6.33
N LYS A 359 -51.40 -8.24 6.10
CA LYS A 359 -51.59 -8.99 4.86
C LYS A 359 -51.62 -8.06 3.65
N GLU A 360 -52.26 -6.90 3.79
CA GLU A 360 -52.34 -5.94 2.69
C GLU A 360 -50.98 -5.33 2.35
N THR A 361 -50.03 -5.34 3.29
CA THR A 361 -48.68 -4.89 2.99
C THR A 361 -47.97 -5.86 2.05
N LEU A 362 -48.03 -7.15 2.36
CA LEU A 362 -47.41 -8.15 1.49
C LEU A 362 -48.22 -8.38 0.23
N GLU A 363 -49.51 -8.07 0.23
CA GLU A 363 -50.30 -8.07 -0.99
C GLU A 363 -49.88 -6.95 -1.92
N THR A 364 -49.22 -5.92 -1.41
CA THR A 364 -48.82 -4.76 -2.18
C THR A 364 -47.37 -4.88 -2.66
N LEU A 365 -46.47 -5.28 -1.77
CA LEU A 365 -45.05 -5.39 -2.13
C LEU A 365 -44.81 -6.51 -3.13
N ILE A 366 -45.52 -7.62 -2.98
CA ILE A 366 -45.31 -8.77 -3.84
C ILE A 366 -46.31 -8.73 -5.01
N SER A 367 -47.34 -7.88 -4.91
CA SER A 367 -48.47 -7.76 -5.84
C SER A 367 -49.25 -9.09 -5.93
N TYR A 368 -49.83 -9.44 -4.78
CA TYR A 368 -50.80 -10.53 -4.68
C TYR A 368 -52.19 -10.03 -4.32
N GLY A 369 -52.45 -8.73 -4.48
CA GLY A 369 -53.74 -8.18 -4.14
C GLY A 369 -54.76 -8.36 -5.25
N LYS A 370 -55.47 -7.29 -5.59
CA LYS A 370 -56.41 -7.35 -6.70
C LYS A 370 -55.64 -7.39 -8.02
N ASP A 371 -54.84 -6.36 -8.28
CA ASP A 371 -54.08 -6.27 -9.53
C ASP A 371 -52.79 -7.08 -9.36
N LYS A 372 -52.91 -8.38 -9.63
CA LYS A 372 -51.74 -9.25 -9.60
C LYS A 372 -50.88 -8.98 -10.82
N SER A 373 -49.57 -8.81 -10.59
CA SER A 373 -48.62 -8.58 -11.66
C SER A 373 -47.34 -9.34 -11.37
N ASN A 374 -46.68 -9.77 -12.45
CA ASN A 374 -45.41 -10.49 -12.31
C ASN A 374 -44.33 -9.61 -11.71
N ILE A 375 -44.26 -8.36 -12.14
CA ILE A 375 -43.19 -7.44 -11.75
C ILE A 375 -43.81 -6.32 -10.93
N THR A 376 -43.33 -6.17 -9.70
CA THR A 376 -43.71 -5.07 -8.85
C THR A 376 -42.57 -4.06 -8.80
N ILE A 377 -42.83 -2.84 -9.24
CA ILE A 377 -41.82 -1.81 -9.31
C ILE A 377 -42.02 -0.86 -8.15
N LEU A 378 -41.02 -0.77 -7.28
CA LEU A 378 -41.08 0.10 -6.12
C LEU A 378 -40.39 1.41 -6.50
N ASP A 379 -41.17 2.37 -6.97
CA ASP A 379 -40.65 3.67 -7.38
C ASP A 379 -40.28 4.46 -6.12
N VAL A 380 -39.00 4.48 -5.80
CA VAL A 380 -38.52 5.15 -4.60
C VAL A 380 -37.91 6.51 -4.94
N SER A 381 -38.31 7.10 -6.06
CA SER A 381 -37.81 8.44 -6.41
C SER A 381 -38.39 9.50 -5.49
N GLY A 382 -39.69 9.41 -5.17
CA GLY A 382 -40.31 10.37 -4.30
C GLY A 382 -40.02 10.20 -2.83
N VAL A 383 -39.46 9.06 -2.45
CA VAL A 383 -39.10 8.81 -1.05
C VAL A 383 -37.98 9.74 -0.64
N PRO A 384 -38.06 10.42 0.50
CA PRO A 384 -36.95 11.27 0.95
C PRO A 384 -35.69 10.45 1.20
N PHE A 385 -34.54 11.06 0.91
CA PHE A 385 -33.26 10.37 1.01
C PHE A 385 -32.89 10.04 2.45
N GLU A 386 -33.45 10.74 3.44
CA GLU A 386 -33.16 10.42 4.83
C GLU A 386 -33.87 9.16 5.29
N VAL A 387 -34.97 8.79 4.65
CA VAL A 387 -35.72 7.59 4.98
C VAL A 387 -35.66 6.55 3.87
N LEU A 388 -34.85 6.79 2.84
CA LEU A 388 -34.77 5.85 1.72
C LEU A 388 -34.14 4.53 2.15
N SER A 389 -33.04 4.59 2.89
CA SER A 389 -32.37 3.37 3.33
C SER A 389 -33.15 2.63 4.41
N ILE A 390 -34.18 3.24 4.97
CA ILE A 390 -35.03 2.60 5.96
C ILE A 390 -36.17 1.83 5.30
N CYS A 391 -36.82 2.44 4.32
CA CYS A 391 -37.90 1.76 3.60
C CYS A 391 -37.38 0.67 2.69
N VAL A 392 -36.19 0.85 2.13
CA VAL A 392 -35.54 -0.23 1.39
C VAL A 392 -35.22 -1.39 2.32
N SER A 393 -34.72 -1.08 3.52
CA SER A 393 -34.43 -2.11 4.50
C SER A 393 -35.69 -2.78 5.02
N LEU A 394 -36.79 -2.03 5.15
CA LEU A 394 -38.05 -2.62 5.62
C LEU A 394 -38.59 -3.62 4.60
N ILE A 395 -38.59 -3.25 3.33
CA ILE A 395 -39.14 -4.12 2.31
C ILE A 395 -38.23 -5.33 2.09
N SER A 396 -36.92 -5.11 2.05
CA SER A 396 -35.99 -6.23 1.86
C SER A 396 -36.03 -7.21 3.04
N ARG A 397 -36.34 -6.72 4.24
CA ARG A 397 -36.56 -7.63 5.35
C ARG A 397 -37.93 -8.29 5.25
N LEU A 398 -38.93 -7.55 4.78
CA LEU A 398 -40.28 -8.12 4.67
C LEU A 398 -40.36 -9.20 3.60
N ILE A 399 -39.54 -9.10 2.54
CA ILE A 399 -39.58 -10.12 1.52
C ILE A 399 -38.78 -11.34 1.94
N PHE A 400 -37.68 -11.15 2.67
CA PHE A 400 -36.89 -12.29 3.13
C PHE A 400 -37.66 -13.13 4.13
N GLU A 401 -38.22 -12.51 5.15
CA GLU A 401 -38.99 -13.25 6.13
C GLU A 401 -40.29 -13.80 5.55
N PHE A 402 -40.74 -13.26 4.42
CA PHE A 402 -41.78 -13.93 3.65
C PHE A 402 -41.25 -15.21 3.04
N GLY A 403 -40.05 -15.15 2.43
CA GLY A 403 -39.44 -16.36 1.89
C GLY A 403 -38.96 -17.32 2.96
N TYR A 404 -38.50 -16.79 4.10
CA TYR A 404 -38.10 -17.65 5.20
C TYR A 404 -39.29 -18.41 5.77
N HIS A 405 -40.44 -17.76 5.85
CA HIS A 405 -41.66 -18.42 6.30
C HIS A 405 -42.37 -19.15 5.18
N SER A 406 -41.95 -18.96 3.92
CA SER A 406 -42.53 -19.73 2.84
C SER A 406 -42.08 -21.19 2.90
N LYS A 407 -40.86 -21.43 3.37
CA LYS A 407 -40.28 -22.76 3.39
C LYS A 407 -40.75 -23.60 4.58
N LYS A 408 -41.50 -23.02 5.50
CA LYS A 408 -42.02 -23.76 6.66
C LYS A 408 -43.39 -24.36 6.43
N ILE A 409 -44.18 -23.80 5.51
CA ILE A 409 -45.52 -24.34 5.24
C ILE A 409 -45.43 -25.70 4.56
N LYS A 410 -44.78 -25.74 3.40
CA LYS A 410 -44.89 -26.89 2.51
C LYS A 410 -43.83 -27.95 2.80
N ARG A 411 -42.90 -27.66 3.71
CA ARG A 411 -42.08 -28.71 4.29
C ARG A 411 -42.94 -29.72 5.05
N LYS A 412 -43.94 -29.24 5.80
CA LYS A 412 -44.86 -30.14 6.47
C LYS A 412 -45.79 -30.84 5.48
N SER A 413 -46.31 -30.10 4.50
CA SER A 413 -47.33 -30.65 3.62
C SER A 413 -46.74 -31.64 2.60
N ASN A 414 -45.45 -31.51 2.30
CA ASN A 414 -44.61 -32.31 1.38
C ASN A 414 -44.82 -31.99 -0.10
N GLU A 415 -45.70 -31.06 -0.45
CA GLU A 415 -45.85 -30.59 -1.83
C GLU A 415 -45.64 -29.09 -1.85
N ASN A 416 -44.63 -28.62 -2.60
CA ASN A 416 -44.20 -27.23 -2.54
C ASN A 416 -44.62 -26.52 -3.81
N GLN A 417 -45.56 -25.58 -3.69
CA GLN A 417 -45.92 -24.75 -4.83
C GLN A 417 -44.83 -23.72 -5.12
N ASP A 418 -44.39 -23.02 -4.07
CA ASP A 418 -43.20 -22.15 -4.02
C ASP A 418 -43.45 -20.81 -4.72
N ILE A 419 -42.91 -19.74 -4.15
CA ILE A 419 -43.00 -18.41 -4.73
C ILE A 419 -41.59 -17.84 -4.77
N PRO A 420 -40.80 -18.16 -5.80
CA PRO A 420 -39.48 -17.55 -5.93
C PRO A 420 -39.58 -16.06 -6.20
N ILE A 421 -38.79 -15.28 -5.49
CA ILE A 421 -38.81 -13.83 -5.59
C ILE A 421 -37.40 -13.34 -5.92
N LEU A 422 -37.30 -12.46 -6.91
CA LEU A 422 -36.03 -11.84 -7.27
C LEU A 422 -36.15 -10.34 -7.02
N ILE A 423 -35.36 -9.83 -6.08
CA ILE A 423 -35.41 -8.42 -5.73
C ILE A 423 -34.33 -7.69 -6.53
N VAL A 424 -34.75 -6.91 -7.51
CA VAL A 424 -33.83 -6.15 -8.34
C VAL A 424 -33.49 -4.85 -7.63
N TYR A 425 -32.21 -4.61 -7.38
CA TYR A 425 -31.73 -3.40 -6.74
C TYR A 425 -31.06 -2.53 -7.79
N GLU A 426 -31.85 -1.71 -8.46
CA GLU A 426 -31.28 -0.68 -9.32
C GLU A 426 -30.58 0.36 -8.47
N GLU A 427 -29.42 0.82 -8.94
CA GLU A 427 -28.52 1.70 -8.19
C GLU A 427 -28.16 1.05 -6.85
N ALA A 428 -27.56 -0.13 -6.94
CA ALA A 428 -27.44 -1.03 -5.80
C ALA A 428 -26.45 -0.54 -4.75
N HIS A 429 -25.49 0.29 -5.11
CA HIS A 429 -24.54 0.78 -4.13
C HIS A 429 -25.11 1.89 -3.26
N LYS A 430 -26.28 2.44 -3.59
CA LYS A 430 -26.90 3.41 -2.70
C LYS A 430 -27.38 2.74 -1.42
N TYR A 431 -27.95 1.55 -1.53
CA TYR A 431 -28.50 0.84 -0.38
C TYR A 431 -27.45 -0.01 0.33
N ALA A 432 -26.53 -0.61 -0.42
CA ALA A 432 -25.59 -1.58 0.10
C ALA A 432 -24.18 -1.10 -0.22
N PRO A 433 -23.66 -0.14 0.53
CA PRO A 433 -22.40 0.51 0.17
C PRO A 433 -21.19 -0.16 0.79
N LYS A 434 -20.02 0.28 0.32
CA LYS A 434 -18.77 -0.18 0.92
C LYS A 434 -18.53 0.47 2.27
N SER A 435 -19.01 1.70 2.45
CA SER A 435 -18.86 2.40 3.72
C SER A 435 -19.74 1.76 4.79
N ASP A 436 -19.24 1.77 6.03
CA ASP A 436 -19.96 1.21 7.17
C ASP A 436 -20.59 2.30 8.03
N LEU A 437 -21.12 3.34 7.38
CA LEU A 437 -21.82 4.39 8.11
C LEU A 437 -23.14 3.88 8.65
N SER A 438 -23.57 4.46 9.78
CA SER A 438 -24.78 4.00 10.43
C SER A 438 -26.04 4.40 9.65
N LYS A 439 -25.95 5.44 8.83
CA LYS A 439 -27.14 5.90 8.11
C LYS A 439 -27.47 5.01 6.92
N TYR A 440 -26.48 4.32 6.37
CA TYR A 440 -26.67 3.23 5.40
C TYR A 440 -26.62 1.85 6.05
N ARG A 441 -26.63 1.77 7.37
CA ARG A 441 -26.44 0.48 8.03
C ARG A 441 -27.66 -0.42 7.94
N THR A 442 -28.86 0.14 7.91
CA THR A 442 -30.07 -0.69 7.93
C THR A 442 -30.27 -1.42 6.61
N SER A 443 -30.10 -0.71 5.49
CA SER A 443 -30.30 -1.35 4.19
C SER A 443 -29.14 -2.25 3.80
N LYS A 444 -27.97 -2.07 4.42
CA LYS A 444 -26.83 -2.92 4.10
C LYS A 444 -27.03 -4.33 4.63
N GLU A 445 -27.40 -4.47 5.90
CA GLU A 445 -27.60 -5.80 6.46
C GLU A 445 -28.92 -6.43 6.06
N ALA A 446 -29.87 -5.65 5.56
CA ALA A 446 -31.09 -6.24 4.99
C ALA A 446 -30.80 -6.85 3.63
N ILE A 447 -29.99 -6.19 2.82
CA ILE A 447 -29.55 -6.77 1.55
C ILE A 447 -28.57 -7.91 1.80
N GLU A 448 -27.68 -7.74 2.79
CA GLU A 448 -26.73 -8.80 3.13
C GLU A 448 -27.44 -10.05 3.64
N ARG A 449 -28.59 -9.90 4.27
CA ARG A 449 -29.38 -11.06 4.66
C ARG A 449 -29.97 -11.76 3.45
N ILE A 450 -30.36 -10.99 2.42
CA ILE A 450 -30.83 -11.60 1.17
C ILE A 450 -29.68 -12.34 0.49
N ALA A 451 -28.50 -11.71 0.46
CA ALA A 451 -27.36 -12.29 -0.25
C ALA A 451 -26.82 -13.51 0.46
N LYS A 452 -26.59 -13.40 1.77
CA LYS A 452 -25.93 -14.48 2.49
C LYS A 452 -26.85 -15.62 2.86
N GLU A 453 -28.17 -15.41 2.82
CA GLU A 453 -29.12 -16.42 3.29
C GLU A 453 -30.29 -16.67 2.37
N GLY A 454 -30.63 -15.75 1.47
CA GLY A 454 -31.85 -15.89 0.70
C GLY A 454 -31.79 -16.84 -0.46
N ARG A 455 -30.65 -17.48 -0.69
CA ARG A 455 -30.55 -18.49 -1.75
C ARG A 455 -31.48 -19.66 -1.48
N LYS A 456 -31.53 -20.13 -0.23
CA LYS A 456 -32.28 -21.33 0.10
C LYS A 456 -33.73 -21.05 0.48
N TYR A 457 -34.09 -19.80 0.75
CA TYR A 457 -35.44 -19.44 1.14
C TYR A 457 -36.25 -18.89 -0.03
N GLY A 458 -35.69 -18.89 -1.23
CA GLY A 458 -36.42 -18.46 -2.40
C GLY A 458 -36.48 -16.97 -2.63
N VAL A 459 -35.64 -16.18 -1.96
CA VAL A 459 -35.59 -14.74 -2.15
C VAL A 459 -34.16 -14.37 -2.55
N THR A 460 -33.93 -14.17 -3.84
CA THR A 460 -32.62 -13.78 -4.34
C THR A 460 -32.64 -12.33 -4.80
N LEU A 461 -31.46 -11.82 -5.13
CA LEU A 461 -31.29 -10.42 -5.47
C LEU A 461 -30.56 -10.26 -6.80
N LEU A 462 -30.79 -9.11 -7.42
CA LEU A 462 -30.09 -8.69 -8.64
C LEU A 462 -29.49 -7.32 -8.36
N LEU A 463 -28.17 -7.24 -8.35
CA LEU A 463 -27.47 -5.97 -8.11
C LEU A 463 -27.24 -5.30 -9.45
N ALA A 464 -28.01 -4.27 -9.74
CA ALA A 464 -27.83 -3.46 -10.92
C ALA A 464 -27.28 -2.12 -10.45
N SER A 465 -25.99 -1.88 -10.68
CA SER A 465 -25.34 -0.68 -10.18
C SER A 465 -24.44 -0.09 -11.25
N GLN A 466 -24.29 1.23 -11.19
CA GLN A 466 -23.40 1.94 -12.10
C GLN A 466 -21.99 2.07 -11.55
N ARG A 467 -21.82 2.03 -10.22
CA ARG A 467 -20.53 2.12 -9.57
C ARG A 467 -20.36 0.86 -8.72
N PRO A 468 -19.86 -0.22 -9.31
CA PRO A 468 -19.69 -1.46 -8.53
C PRO A 468 -18.66 -1.35 -7.42
N SER A 469 -17.69 -0.44 -7.55
CA SER A 469 -16.65 -0.33 -6.52
C SER A 469 -17.19 0.21 -5.21
N GLU A 470 -18.36 0.84 -5.23
CA GLU A 470 -18.98 1.30 -3.99
C GLU A 470 -19.79 0.22 -3.29
N ILE A 471 -20.12 -0.89 -3.96
CA ILE A 471 -20.83 -1.96 -3.30
C ILE A 471 -19.89 -2.71 -2.36
N SER A 472 -20.43 -3.17 -1.24
CA SER A 472 -19.63 -3.93 -0.30
C SER A 472 -19.27 -5.30 -0.88
N GLU A 473 -18.07 -5.76 -0.54
CA GLU A 473 -17.61 -7.03 -1.06
C GLU A 473 -18.32 -8.22 -0.42
N THR A 474 -18.81 -8.05 0.81
CA THR A 474 -19.55 -9.13 1.46
C THR A 474 -20.90 -9.38 0.81
N ILE A 475 -21.38 -8.44 0.00
CA ILE A 475 -22.62 -8.60 -0.74
C ILE A 475 -22.36 -8.89 -2.21
N PHE A 476 -21.38 -8.20 -2.81
CA PHE A 476 -21.10 -8.39 -4.23
C PHE A 476 -20.48 -9.75 -4.52
N SER A 477 -19.65 -10.27 -3.61
CA SER A 477 -19.08 -11.59 -3.82
C SER A 477 -20.09 -12.71 -3.64
N GLN A 478 -21.18 -12.44 -2.91
CA GLN A 478 -22.21 -13.47 -2.73
C GLN A 478 -23.00 -13.70 -4.00
N CYS A 479 -22.99 -12.76 -4.94
CA CYS A 479 -23.50 -13.02 -6.28
C CYS A 479 -22.59 -14.03 -6.98
N ASN A 480 -23.20 -14.85 -7.82
CA ASN A 480 -22.46 -15.87 -8.55
C ASN A 480 -22.37 -15.61 -10.03
N THR A 481 -23.45 -15.19 -10.67
CA THR A 481 -23.44 -14.84 -12.09
C THR A 481 -23.31 -13.33 -12.24
N PHE A 482 -22.36 -12.89 -13.06
CA PHE A 482 -22.01 -11.48 -13.19
C PHE A 482 -22.16 -11.08 -14.64
N ILE A 483 -23.04 -10.13 -14.91
CA ILE A 483 -23.23 -9.64 -16.28
C ILE A 483 -22.67 -8.24 -16.38
N SER A 484 -21.39 -8.13 -16.72
CA SER A 484 -20.71 -6.85 -16.73
C SER A 484 -20.88 -6.19 -18.10
N MET A 485 -21.44 -5.00 -18.10
CA MET A 485 -21.52 -4.20 -19.31
C MET A 485 -20.23 -3.39 -19.45
N ARG A 486 -20.25 -2.38 -20.32
CA ARG A 486 -19.07 -1.55 -20.52
C ARG A 486 -18.68 -0.81 -19.25
N LEU A 487 -17.59 -1.21 -18.64
CA LEU A 487 -17.07 -0.61 -17.41
C LEU A 487 -15.71 -0.01 -17.71
N THR A 488 -15.62 1.32 -17.65
CA THR A 488 -14.39 2.01 -18.06
C THR A 488 -13.63 2.65 -16.91
N ASN A 489 -14.29 2.93 -15.80
CA ASN A 489 -13.62 3.52 -14.65
C ASN A 489 -12.60 2.55 -14.08
N PRO A 490 -11.35 2.97 -13.87
CA PRO A 490 -10.32 2.04 -13.36
C PRO A 490 -10.61 1.51 -11.96
N ASP A 491 -11.28 2.28 -11.11
CA ASP A 491 -11.61 1.76 -9.79
C ASP A 491 -12.79 0.80 -9.83
N ASP A 492 -13.71 0.98 -10.78
CA ASP A 492 -14.78 -0.01 -10.96
C ASP A 492 -14.27 -1.26 -11.67
N GLN A 493 -13.31 -1.11 -12.60
CA GLN A 493 -12.73 -2.28 -13.24
C GLN A 493 -11.93 -3.11 -12.23
N ASN A 494 -11.09 -2.45 -11.43
CA ASN A 494 -10.25 -3.17 -10.48
C ASN A 494 -11.07 -3.83 -9.39
N TYR A 495 -12.22 -3.25 -9.03
CA TYR A 495 -13.13 -3.93 -8.12
C TYR A 495 -13.76 -5.14 -8.79
N VAL A 496 -14.21 -5.00 -10.03
CA VAL A 496 -14.89 -6.09 -10.71
C VAL A 496 -13.89 -7.19 -11.07
N LYS A 497 -12.74 -6.82 -11.64
CA LYS A 497 -11.74 -7.80 -12.05
C LYS A 497 -11.22 -8.62 -10.88
N ARG A 498 -11.18 -8.01 -9.69
CA ARG A 498 -10.81 -8.74 -8.49
C ARG A 498 -11.93 -9.68 -8.05
N LEU A 499 -13.18 -9.30 -8.31
CA LEU A 499 -14.34 -10.01 -7.75
C LEU A 499 -14.97 -11.01 -8.70
N LEU A 500 -14.57 -11.03 -9.97
CA LEU A 500 -15.16 -11.96 -10.92
C LEU A 500 -14.70 -13.38 -10.61
N PRO A 501 -15.61 -14.36 -10.58
CA PRO A 501 -15.23 -15.70 -10.12
C PRO A 501 -14.59 -16.57 -11.18
N ASP A 502 -14.80 -16.29 -12.47
CA ASP A 502 -14.33 -17.17 -13.52
C ASP A 502 -14.23 -16.42 -14.82
N THR A 503 -13.04 -16.37 -15.41
CA THR A 503 -12.87 -15.66 -16.68
C THR A 503 -11.88 -16.39 -17.58
N VAL A 504 -12.21 -16.48 -18.86
CA VAL A 504 -11.25 -16.95 -19.85
C VAL A 504 -10.27 -15.82 -20.15
N GLY A 505 -9.19 -16.17 -20.83
CA GLY A 505 -8.09 -15.24 -21.04
C GLY A 505 -8.41 -13.99 -21.83
N ASP A 506 -8.14 -12.83 -21.23
CA ASP A 506 -8.11 -11.50 -21.82
C ASP A 506 -9.47 -10.97 -22.25
N ILE A 507 -10.57 -11.69 -22.00
CA ILE A 507 -11.86 -11.07 -22.28
C ILE A 507 -12.19 -10.05 -21.21
N THR A 508 -11.59 -10.17 -20.02
CA THR A 508 -11.87 -9.23 -18.94
C THR A 508 -11.33 -7.85 -19.26
N ASN A 509 -10.24 -7.79 -20.04
CA ASN A 509 -9.69 -6.51 -20.47
C ASN A 509 -10.59 -5.78 -21.46
N LEU A 510 -11.56 -6.47 -22.04
CA LEU A 510 -12.48 -5.85 -23.00
C LEU A 510 -13.51 -4.93 -22.37
N LEU A 511 -13.57 -4.89 -21.03
CA LEU A 511 -14.60 -4.12 -20.32
C LEU A 511 -14.70 -2.64 -20.71
N PRO A 512 -13.62 -1.86 -20.82
CA PRO A 512 -13.83 -0.44 -21.21
C PRO A 512 -14.28 -0.27 -22.65
N SER A 513 -13.91 -1.19 -23.54
CA SER A 513 -14.16 -1.05 -24.96
C SER A 513 -15.41 -1.76 -25.43
N LEU A 514 -16.31 -2.15 -24.54
CA LEU A 514 -17.51 -2.85 -24.95
C LEU A 514 -18.47 -1.91 -25.68
N LYS A 515 -19.20 -2.47 -26.64
CA LYS A 515 -20.23 -1.72 -27.33
C LYS A 515 -21.48 -1.60 -26.46
N GLU A 516 -22.40 -0.73 -26.90
CA GLU A 516 -23.65 -0.56 -26.18
C GLU A 516 -24.53 -1.79 -26.36
N GLY A 517 -25.02 -2.33 -25.26
CA GLY A 517 -25.78 -3.56 -25.28
C GLY A 517 -24.95 -4.82 -25.34
N GLU A 518 -23.63 -4.70 -25.32
CA GLU A 518 -22.71 -5.82 -25.42
C GLU A 518 -22.20 -6.14 -24.02
N ALA A 519 -22.39 -7.38 -23.60
CA ALA A 519 -22.17 -7.75 -22.21
C ALA A 519 -20.99 -8.71 -22.07
N LEU A 520 -20.69 -9.05 -20.81
CA LEU A 520 -19.58 -9.89 -20.41
C LEU A 520 -20.06 -10.73 -19.23
N ILE A 521 -20.57 -11.93 -19.53
CA ILE A 521 -21.38 -12.70 -18.59
C ILE A 521 -20.63 -13.97 -18.18
N MET A 522 -20.67 -14.25 -16.88
CA MET A 522 -20.04 -15.44 -16.30
C MET A 522 -20.96 -16.01 -15.23
N GLY A 523 -20.43 -16.93 -14.45
CA GLY A 523 -21.14 -17.53 -13.34
C GLY A 523 -21.28 -19.03 -13.50
N ASP A 524 -22.02 -19.62 -12.55
CA ASP A 524 -22.32 -21.05 -12.64
C ASP A 524 -23.35 -21.34 -13.72
N SER A 525 -24.14 -20.35 -14.12
CA SER A 525 -25.21 -20.59 -15.07
C SER A 525 -24.67 -20.84 -16.47
N ILE A 526 -23.77 -19.99 -16.94
CA ILE A 526 -23.30 -20.08 -18.31
C ILE A 526 -22.18 -21.11 -18.39
N SER A 527 -22.04 -21.73 -19.56
CA SER A 527 -21.02 -22.76 -19.73
C SER A 527 -19.63 -22.16 -19.75
N ILE A 528 -19.46 -21.02 -20.41
CA ILE A 528 -18.16 -20.34 -20.46
C ILE A 528 -18.38 -18.84 -20.44
N PRO A 529 -17.45 -18.11 -19.83
CA PRO A 529 -17.51 -16.65 -19.92
C PRO A 529 -17.33 -16.19 -21.36
N SER A 530 -18.36 -15.54 -21.89
CA SER A 530 -18.37 -15.15 -23.29
C SER A 530 -18.77 -13.69 -23.40
N ILE A 531 -18.38 -13.09 -24.51
CA ILE A 531 -18.67 -11.68 -24.77
C ILE A 531 -19.96 -11.69 -25.58
N VAL A 532 -21.06 -11.33 -24.95
CA VAL A 532 -22.36 -11.51 -25.58
C VAL A 532 -22.98 -10.14 -25.86
N LYS A 533 -23.91 -10.14 -26.80
CA LYS A 533 -24.67 -8.94 -27.16
C LYS A 533 -26.10 -9.18 -26.69
N ILE A 534 -26.53 -8.38 -25.72
CA ILE A 534 -27.88 -8.52 -25.16
C ILE A 534 -28.89 -8.10 -26.21
N GLU A 535 -29.98 -8.86 -26.30
CA GLU A 535 -31.02 -8.60 -27.29
C GLU A 535 -31.68 -7.25 -27.04
N LYS A 536 -32.01 -6.57 -28.14
CA LYS A 536 -32.59 -5.23 -28.05
C LYS A 536 -33.99 -5.28 -27.48
N CYS A 537 -34.27 -4.38 -26.55
CA CYS A 537 -35.58 -4.32 -25.91
C CYS A 537 -36.58 -3.66 -26.85
N THR A 538 -37.68 -4.37 -27.12
CA THR A 538 -38.76 -3.78 -27.89
C THR A 538 -39.39 -2.60 -27.16
N ILE A 539 -39.60 -2.75 -25.85
CA ILE A 539 -40.10 -1.67 -25.00
C ILE A 539 -38.96 -1.24 -24.10
N PRO A 540 -38.25 -0.16 -24.40
CA PRO A 540 -37.03 0.16 -23.68
C PRO A 540 -37.33 0.85 -22.36
N PRO A 541 -36.50 0.63 -21.33
CA PRO A 541 -36.71 1.30 -20.03
C PRO A 541 -36.29 2.76 -20.05
N SER A 542 -37.07 3.59 -20.75
CA SER A 542 -36.78 5.01 -20.85
C SER A 542 -37.37 5.71 -19.63
N SER A 543 -36.51 6.30 -18.81
CA SER A 543 -36.95 7.04 -17.65
C SER A 543 -37.54 8.37 -18.09
N ILE A 544 -38.73 8.70 -17.60
CA ILE A 544 -39.34 10.00 -17.89
C ILE A 544 -38.71 11.03 -16.97
N ASP A 545 -38.02 12.01 -17.56
CA ASP A 545 -37.33 13.05 -16.83
C ASP A 545 -37.59 14.40 -17.47
N ILE A 546 -37.34 15.45 -16.71
CA ILE A 546 -37.63 16.80 -17.17
C ILE A 546 -36.70 17.15 -18.32
N LYS A 547 -37.27 17.68 -19.39
CA LYS A 547 -36.51 18.05 -20.59
C LYS A 547 -36.06 19.49 -20.41
N TYR A 548 -34.88 19.66 -19.84
CA TYR A 548 -34.44 20.98 -19.38
C TYR A 548 -34.24 21.96 -20.54
N LEU A 549 -33.64 21.50 -21.64
CA LEU A 549 -33.47 22.37 -22.81
C LEU A 549 -34.81 22.74 -23.42
N ASP A 550 -35.75 21.79 -23.47
CA ASP A 550 -37.09 22.11 -23.94
C ASP A 550 -37.77 23.12 -23.03
N GLU A 551 -37.61 22.95 -21.72
CA GLU A 551 -38.24 23.87 -20.79
C GLU A 551 -37.48 25.19 -20.67
N TRP A 552 -36.20 25.24 -21.05
CA TRP A 552 -35.53 26.53 -21.08
C TRP A 552 -36.14 27.47 -22.12
N ARG A 553 -36.44 26.96 -23.31
CA ARG A 553 -36.97 27.81 -24.37
C ARG A 553 -38.50 27.86 -24.33
N LYS A 554 -39.02 28.34 -23.20
CA LYS A 554 -40.47 28.40 -22.99
C LYS A 554 -40.99 29.81 -22.80
N GLU A 555 -40.18 30.83 -23.10
CA GLU A 555 -40.58 32.23 -23.27
C GLU A 555 -40.90 32.91 -21.94
N TRP A 556 -40.76 32.21 -20.80
CA TRP A 556 -41.03 32.75 -19.46
C TRP A 556 -42.49 33.21 -19.34
N VAL A 557 -43.41 32.25 -19.37
CA VAL A 557 -44.84 32.55 -19.24
C VAL A 557 -45.16 33.09 -17.85
N ASP A 558 -44.48 32.58 -16.81
CA ASP A 558 -44.61 32.85 -15.36
C ASP A 558 -46.04 32.88 -14.85
N SER A 559 -46.98 32.23 -15.53
CA SER A 559 -48.35 32.16 -15.01
C SER A 559 -48.45 31.19 -13.84
N GLU A 560 -47.64 30.13 -13.87
CA GLU A 560 -47.80 29.02 -12.92
C GLU A 560 -47.35 29.38 -11.51
N PHE A 561 -46.43 30.35 -11.36
CA PHE A 561 -45.88 30.67 -10.05
C PHE A 561 -46.96 31.14 -9.07
N ASP A 562 -47.88 32.00 -9.53
CA ASP A 562 -48.97 32.42 -8.66
C ASP A 562 -49.87 31.25 -8.28
N LYS A 563 -49.93 30.23 -9.13
CA LYS A 563 -50.65 29.00 -8.80
C LYS A 563 -49.86 28.12 -7.83
N ILE A 564 -48.53 28.19 -7.88
CA ILE A 564 -47.69 27.32 -7.05
C ILE A 564 -47.80 27.70 -5.57
N ILE A 565 -47.82 29.00 -5.27
CA ILE A 565 -47.85 29.46 -3.89
C ILE A 565 -49.17 29.07 -3.21
N GLU A 566 -50.27 29.03 -3.97
CA GLU A 566 -51.53 28.54 -3.43
C GLU A 566 -51.43 27.06 -3.05
N GLN A 567 -50.70 26.28 -3.84
CA GLN A 567 -50.45 24.88 -3.49
C GLN A 567 -49.59 24.77 -2.23
N TRP A 568 -48.57 25.63 -2.11
CA TRP A 568 -47.74 25.64 -0.92
C TRP A 568 -48.52 26.05 0.32
N SER A 569 -49.40 27.04 0.19
CA SER A 569 -50.19 27.50 1.33
C SER A 569 -51.30 26.51 1.67
N ILE B 7 17.79 -40.35 -32.68
CA ILE B 7 17.77 -39.88 -34.05
C ILE B 7 16.56 -38.99 -34.27
N ASN B 8 15.37 -39.50 -33.93
CA ASN B 8 14.16 -38.70 -34.07
C ASN B 8 14.14 -37.57 -33.05
N ALA B 9 14.54 -37.85 -31.81
CA ALA B 9 14.54 -36.87 -30.75
C ALA B 9 15.91 -36.84 -30.08
N GLU B 10 16.33 -35.64 -29.70
CA GLU B 10 17.63 -35.45 -29.08
C GLU B 10 17.60 -34.16 -28.27
N VAL B 11 18.55 -34.04 -27.35
CA VAL B 11 18.67 -32.87 -26.51
C VAL B 11 19.59 -31.86 -27.17
N VAL B 12 19.19 -30.59 -27.15
CA VAL B 12 20.02 -29.54 -27.73
C VAL B 12 20.54 -28.54 -26.71
N SER B 13 19.97 -28.47 -25.51
CA SER B 13 20.50 -27.59 -24.48
C SER B 13 20.20 -28.19 -23.12
N VAL B 14 21.17 -28.11 -22.22
CA VAL B 14 21.01 -28.55 -20.84
C VAL B 14 21.34 -27.35 -19.96
N SER B 15 20.33 -26.58 -19.60
CA SER B 15 20.47 -25.46 -18.68
C SER B 15 20.51 -25.99 -17.24
N PRO B 16 20.73 -25.13 -16.25
CA PRO B 16 20.59 -25.60 -14.86
C PRO B 16 19.24 -26.21 -14.52
N ASN B 17 18.15 -25.57 -14.93
CA ASN B 17 16.81 -26.07 -14.61
C ASN B 17 16.00 -26.37 -15.87
N LYS B 18 16.54 -26.13 -17.05
CA LYS B 18 15.80 -26.25 -18.29
C LYS B 18 16.49 -27.24 -19.21
N LEU B 19 15.70 -28.08 -19.86
CA LEU B 19 16.15 -28.96 -20.93
C LEU B 19 15.46 -28.52 -22.21
N LYS B 20 16.24 -28.37 -23.28
CA LYS B 20 15.67 -28.06 -24.58
C LYS B 20 15.96 -29.22 -25.51
N ILE B 21 14.91 -29.80 -26.09
CA ILE B 21 15.04 -30.98 -26.93
C ILE B 21 14.34 -30.70 -28.25
N SER B 22 14.83 -31.33 -29.31
CA SER B 22 14.31 -31.11 -30.66
C SER B 22 13.80 -32.43 -31.21
N VAL B 23 12.59 -32.40 -31.78
CA VAL B 23 11.97 -33.57 -32.37
C VAL B 23 11.76 -33.30 -33.85
N ASP B 24 11.90 -34.35 -34.66
CA ASP B 24 11.72 -34.21 -36.10
C ASP B 24 10.27 -33.91 -36.45
N ASP B 25 9.36 -34.82 -36.11
CA ASP B 25 7.94 -34.56 -36.23
C ASP B 25 7.25 -35.05 -34.96
N LEU B 26 6.23 -34.31 -34.53
CA LEU B 26 5.62 -34.56 -33.23
C LEU B 26 4.60 -35.69 -33.26
N GLU B 27 4.01 -35.97 -34.43
CA GLU B 27 3.00 -37.02 -34.51
C GLU B 27 3.61 -38.40 -34.31
N GLU B 28 4.85 -38.60 -34.78
CA GLU B 28 5.53 -39.86 -34.54
C GLU B 28 5.94 -39.98 -33.08
N PHE B 29 6.16 -38.83 -32.41
CA PHE B 29 6.72 -38.81 -31.06
C PHE B 29 5.80 -39.49 -30.06
N LYS B 30 4.49 -39.39 -30.24
CA LYS B 30 3.53 -40.10 -29.40
C LYS B 30 3.78 -41.60 -29.48
N ILE B 31 3.85 -42.26 -28.32
CA ILE B 31 4.27 -43.66 -28.31
C ILE B 31 3.23 -44.57 -28.97
N ALA B 32 1.95 -44.45 -28.57
CA ALA B 32 0.85 -45.00 -29.37
C ALA B 32 -0.46 -44.27 -29.09
N GLU B 33 -0.73 -43.19 -29.84
CA GLU B 33 -1.98 -42.44 -29.77
C GLU B 33 -2.37 -42.06 -28.34
N GLU B 34 -1.37 -41.62 -27.57
CA GLU B 34 -1.56 -41.22 -26.19
C GLU B 34 -1.32 -39.73 -26.11
N LYS B 35 -2.14 -39.03 -25.33
CA LYS B 35 -2.08 -37.57 -25.25
C LYS B 35 -0.72 -37.11 -24.75
N LEU B 36 -0.15 -36.13 -25.47
CA LEU B 36 1.14 -35.56 -25.14
C LEU B 36 1.00 -34.05 -25.15
N GLY B 37 1.42 -33.41 -24.08
CA GLY B 37 1.28 -31.98 -23.98
C GLY B 37 2.06 -31.44 -22.82
N VAL B 38 1.68 -30.23 -22.39
CA VAL B 38 2.32 -29.61 -21.25
C VAL B 38 1.97 -30.40 -19.99
N GLY B 39 2.99 -30.92 -19.33
CA GLY B 39 2.80 -31.79 -18.19
C GLY B 39 3.16 -33.24 -18.44
N SER B 40 3.38 -33.63 -19.69
CA SER B 40 3.75 -35.00 -19.98
C SER B 40 5.19 -35.26 -19.56
N TYR B 41 5.48 -36.52 -19.25
CA TYR B 41 6.81 -36.93 -18.78
C TYR B 41 7.55 -37.57 -19.94
N LEU B 42 8.80 -37.14 -20.14
CA LEU B 42 9.65 -37.65 -21.20
C LEU B 42 10.88 -38.30 -20.61
N ARG B 43 11.18 -39.51 -21.08
CA ARG B 43 12.33 -40.27 -20.62
C ARG B 43 13.51 -39.94 -21.51
N VAL B 44 14.53 -39.30 -20.94
CA VAL B 44 15.74 -38.96 -21.67
C VAL B 44 16.90 -39.81 -21.16
N SER B 45 17.32 -40.76 -22.00
CA SER B 45 18.44 -41.66 -21.74
C SER B 45 18.74 -42.42 -23.01
N ASP B 46 20.00 -42.81 -23.17
CA ASP B 46 20.41 -43.70 -24.24
C ASP B 46 20.65 -45.13 -23.77
N ASN B 47 20.82 -45.33 -22.47
CA ASN B 47 21.05 -46.64 -21.87
C ASN B 47 19.89 -46.99 -20.96
N GLN B 48 19.51 -48.27 -20.95
CA GLN B 48 18.29 -48.69 -20.28
C GLN B 48 18.49 -48.75 -18.76
N ASP B 49 17.37 -48.91 -18.06
CA ASP B 49 17.17 -49.08 -16.61
C ASP B 49 17.69 -47.92 -15.77
N VAL B 50 18.20 -46.87 -16.42
CA VAL B 50 18.60 -45.63 -15.77
C VAL B 50 18.20 -44.51 -16.72
N ALA B 51 17.40 -43.57 -16.23
CA ALA B 51 16.83 -42.57 -17.11
C ALA B 51 16.44 -41.33 -16.30
N LEU B 52 16.44 -40.19 -16.97
CA LEU B 52 16.03 -38.93 -16.36
C LEU B 52 14.61 -38.62 -16.83
N LEU B 53 13.74 -38.30 -15.88
CA LEU B 53 12.35 -37.97 -16.17
C LEU B 53 12.20 -36.47 -16.25
N ALA B 54 11.63 -35.98 -17.34
CA ALA B 54 11.50 -34.55 -17.57
C ALA B 54 10.07 -34.22 -17.95
N ILE B 55 9.50 -33.22 -17.30
CA ILE B 55 8.19 -32.72 -17.67
C ILE B 55 8.33 -31.76 -18.85
N ILE B 56 7.22 -31.48 -19.52
CA ILE B 56 7.21 -30.56 -20.65
C ILE B 56 6.80 -29.18 -20.15
N ASP B 57 7.61 -28.17 -20.47
CA ASP B 57 7.24 -26.79 -20.18
C ASP B 57 6.35 -26.22 -21.29
N ASN B 58 6.87 -26.18 -22.51
CA ASN B 58 6.09 -25.68 -23.63
C ASN B 58 6.69 -26.22 -24.92
N PHE B 59 5.85 -26.32 -25.94
CA PHE B 59 6.29 -26.66 -27.29
C PHE B 59 6.63 -25.40 -28.05
N SER B 60 7.44 -25.56 -29.10
CA SER B 60 7.86 -24.42 -29.89
C SER B 60 8.28 -24.91 -31.27
N ILE B 61 8.45 -23.95 -32.18
CA ILE B 61 8.90 -24.23 -33.53
C ILE B 61 10.03 -23.27 -33.85
N GLU B 62 10.86 -23.65 -34.82
CA GLU B 62 11.88 -22.76 -35.35
C GLU B 62 12.14 -23.14 -36.80
N VAL B 63 12.63 -22.16 -37.57
CA VAL B 63 12.89 -22.32 -38.99
C VAL B 63 14.39 -22.16 -39.20
N LYS B 64 15.02 -23.20 -39.75
CA LYS B 64 16.43 -23.13 -40.11
C LYS B 64 16.66 -22.32 -41.38
N GLU B 65 15.62 -22.20 -42.23
CA GLU B 65 15.62 -21.56 -43.54
C GLU B 65 16.56 -22.24 -44.53
N SER B 66 17.09 -23.42 -44.19
CA SER B 66 17.92 -24.20 -45.10
C SER B 66 17.55 -25.67 -45.11
N GLN B 67 16.91 -26.20 -44.07
CA GLN B 67 16.50 -27.61 -44.02
C GLN B 67 15.06 -27.70 -43.57
N LYS B 68 14.58 -28.91 -43.31
CA LYS B 68 13.23 -29.11 -42.82
C LYS B 68 13.13 -28.60 -41.37
N GLN B 69 12.00 -28.01 -41.03
CA GLN B 69 11.80 -27.46 -39.70
C GLN B 69 11.68 -28.58 -38.67
N LYS B 70 12.28 -28.35 -37.50
CA LYS B 70 12.24 -29.30 -36.39
C LYS B 70 11.48 -28.68 -35.23
N TYR B 71 10.54 -29.43 -34.68
CA TYR B 71 9.78 -28.96 -33.52
C TYR B 71 10.65 -29.03 -32.28
N MET B 72 10.54 -28.01 -31.44
CA MET B 72 11.40 -27.85 -30.28
C MET B 72 10.56 -27.91 -29.02
N ILE B 73 10.98 -28.73 -28.07
CA ILE B 73 10.25 -28.93 -26.81
C ILE B 73 11.12 -28.41 -25.67
N GLU B 74 10.55 -27.53 -24.86
CA GLU B 74 11.22 -27.04 -23.66
C GLU B 74 10.82 -27.93 -22.49
N ALA B 75 11.80 -28.58 -21.87
CA ALA B 75 11.54 -29.54 -20.81
C ALA B 75 12.19 -29.08 -19.52
N SER B 76 11.58 -29.49 -18.41
CA SER B 76 12.12 -29.24 -17.07
C SER B 76 12.42 -30.58 -16.41
N PRO B 77 13.66 -30.87 -16.05
CA PRO B 77 13.98 -32.17 -15.43
C PRO B 77 13.39 -32.26 -14.04
N ILE B 78 12.55 -33.28 -13.83
CA ILE B 78 11.92 -33.48 -12.54
C ILE B 78 12.66 -34.48 -11.67
N GLY B 79 13.52 -35.31 -12.24
CA GLY B 79 14.18 -36.32 -11.45
C GLY B 79 14.67 -37.47 -12.33
N LEU B 80 15.16 -38.49 -11.65
CA LEU B 80 15.81 -39.62 -12.29
C LEU B 80 15.31 -40.91 -11.67
N VAL B 81 15.18 -41.94 -12.49
CA VAL B 81 14.76 -43.26 -12.04
C VAL B 81 15.94 -44.21 -12.15
N LYS B 82 16.10 -45.08 -11.15
CA LYS B 82 17.17 -46.07 -11.11
C LYS B 82 16.60 -47.37 -10.56
N ASN B 83 16.18 -48.25 -11.48
CA ASN B 83 15.69 -49.60 -11.15
C ASN B 83 14.52 -49.53 -10.16
N GLY B 84 13.48 -48.79 -10.54
CA GLY B 84 12.28 -48.72 -9.75
C GLY B 84 12.27 -47.67 -8.66
N LYS B 85 13.37 -46.96 -8.46
CA LYS B 85 13.46 -45.92 -7.43
C LYS B 85 13.56 -44.56 -8.10
N PHE B 86 12.73 -43.62 -7.66
CA PHE B 86 12.69 -42.28 -8.22
C PHE B 86 13.31 -41.30 -7.25
N TYR B 87 14.22 -40.47 -7.76
CA TYR B 87 14.87 -39.43 -6.97
C TYR B 87 14.65 -38.09 -7.65
N ARG B 88 14.05 -37.15 -6.92
CA ARG B 88 13.69 -35.86 -7.49
C ARG B 88 14.93 -35.03 -7.78
N GLY B 89 14.75 -34.02 -8.62
CA GLY B 89 15.82 -33.10 -8.92
C GLY B 89 16.61 -33.51 -10.15
N GLY B 90 17.08 -32.50 -10.88
CA GLY B 90 17.76 -32.75 -12.14
C GLY B 90 19.12 -33.36 -11.94
N ASP B 91 19.32 -34.56 -12.49
CA ASP B 91 20.63 -35.22 -12.43
C ASP B 91 21.51 -34.73 -13.57
N SER B 92 22.76 -35.19 -13.55
CA SER B 92 23.75 -34.86 -14.57
C SER B 92 23.71 -35.83 -15.74
N LEU B 93 22.70 -36.69 -15.80
CA LEU B 93 22.60 -37.67 -16.89
C LEU B 93 22.33 -36.97 -18.22
N ALA B 94 21.47 -35.95 -18.20
CA ALA B 94 21.00 -35.33 -19.44
C ALA B 94 22.13 -34.54 -20.10
N LEU B 95 22.39 -34.84 -21.36
CA LEU B 95 23.43 -34.21 -22.14
C LEU B 95 22.95 -34.09 -23.57
N PRO B 96 23.55 -33.21 -24.37
CA PRO B 96 23.18 -33.10 -25.79
C PRO B 96 23.32 -34.39 -26.58
N PRO B 97 24.32 -35.28 -26.31
CA PRO B 97 24.20 -36.57 -27.05
C PRO B 97 23.31 -37.59 -26.35
N LYS B 98 22.02 -37.29 -26.28
CA LYS B 98 21.05 -38.18 -25.64
C LYS B 98 19.83 -38.35 -26.53
N LYS B 99 19.12 -39.45 -26.32
CA LYS B 99 17.89 -39.75 -27.04
C LYS B 99 16.71 -39.61 -26.08
N VAL B 100 15.69 -38.89 -26.52
CA VAL B 100 14.49 -38.62 -25.73
C VAL B 100 13.35 -39.44 -26.30
N GLU B 101 12.57 -40.06 -25.42
CA GLU B 101 11.33 -40.72 -25.77
C GLU B 101 10.34 -40.42 -24.67
N PRO B 102 9.03 -40.47 -24.96
CA PRO B 102 8.05 -40.31 -23.89
C PRO B 102 8.20 -41.41 -22.86
N ALA B 103 7.96 -41.05 -21.59
CA ALA B 103 8.24 -41.94 -20.49
C ALA B 103 7.33 -43.16 -20.53
N LYS B 104 7.91 -44.31 -20.19
CA LYS B 104 7.15 -45.55 -20.18
C LYS B 104 6.15 -45.53 -19.02
N LEU B 105 5.15 -46.40 -19.13
CA LEU B 105 4.14 -46.52 -18.08
C LEU B 105 4.76 -46.98 -16.77
N ASP B 106 5.72 -47.90 -16.85
CA ASP B 106 6.38 -48.43 -15.67
C ASP B 106 7.34 -47.42 -15.03
N GLU B 107 7.65 -46.32 -15.71
CA GLU B 107 8.50 -45.28 -15.15
C GLU B 107 7.70 -44.17 -14.49
N ILE B 108 6.58 -43.77 -15.08
CA ILE B 108 5.69 -42.80 -14.45
C ILE B 108 5.05 -43.40 -13.21
N ILE B 109 4.69 -44.69 -13.28
CA ILE B 109 4.19 -45.41 -12.12
C ILE B 109 5.26 -45.44 -11.03
N SER B 110 6.52 -45.63 -11.43
CA SER B 110 7.62 -45.68 -10.48
C SER B 110 7.85 -44.36 -9.76
N ILE B 111 7.37 -43.25 -10.31
CA ILE B 111 7.50 -41.96 -9.62
C ILE B 111 6.62 -41.95 -8.38
N TYR B 112 5.38 -42.37 -8.51
CA TYR B 112 4.40 -42.24 -7.43
C TYR B 112 4.33 -43.47 -6.55
N SER B 113 4.57 -44.66 -7.10
CA SER B 113 4.44 -45.88 -6.30
C SER B 113 5.63 -46.11 -5.37
N ASP B 114 6.83 -45.70 -5.77
CA ASP B 114 8.03 -46.08 -5.01
C ASP B 114 8.16 -45.29 -3.72
N SER B 115 7.67 -44.05 -3.70
CA SER B 115 7.88 -43.20 -2.52
C SER B 115 6.95 -43.56 -1.38
N ILE B 116 5.86 -44.25 -1.66
CA ILE B 116 4.80 -44.51 -0.68
C ILE B 116 4.70 -46.01 -0.47
N ASP B 117 4.63 -46.42 0.79
CA ASP B 117 4.43 -47.83 1.12
C ASP B 117 3.03 -48.27 0.67
N ILE B 118 2.90 -49.57 0.41
CA ILE B 118 1.68 -50.11 -0.19
C ILE B 118 0.49 -49.94 0.74
N ASN B 119 0.70 -50.08 2.04
CA ASN B 119 -0.36 -49.83 3.01
C ASN B 119 -0.58 -48.35 3.27
N ASP B 120 0.30 -47.48 2.79
CA ASP B 120 0.21 -46.06 3.06
C ASP B 120 -0.45 -45.28 1.92
N ARG B 121 -0.71 -45.92 0.79
CA ARG B 121 -1.21 -45.24 -0.39
C ARG B 121 -2.68 -44.92 -0.24
N PHE B 122 -3.06 -43.71 -0.67
CA PHE B 122 -4.44 -43.25 -0.65
C PHE B 122 -4.76 -42.74 -2.05
N THR B 123 -5.18 -43.65 -2.93
CA THR B 123 -5.42 -43.30 -4.32
C THR B 123 -6.85 -42.81 -4.49
N PHE B 124 -7.00 -41.55 -4.90
CA PHE B 124 -8.29 -41.00 -5.27
C PHE B 124 -8.25 -40.31 -6.62
N SER B 125 -7.16 -40.46 -7.37
CA SER B 125 -7.01 -39.78 -8.64
C SER B 125 -6.01 -40.54 -9.50
N SER B 126 -6.03 -40.23 -10.79
CA SER B 126 -5.05 -40.72 -11.74
C SER B 126 -4.50 -39.51 -12.50
N LEU B 127 -3.39 -39.72 -13.21
CA LEU B 127 -2.74 -38.62 -13.91
C LEU B 127 -3.62 -38.12 -15.05
N SER B 128 -3.61 -36.80 -15.24
CA SER B 128 -4.42 -36.22 -16.31
C SER B 128 -3.85 -36.55 -17.68
N LEU B 129 -2.53 -36.48 -17.81
CA LEU B 129 -1.89 -36.73 -19.10
C LEU B 129 -1.71 -38.21 -19.39
N ASN B 130 -2.02 -39.08 -18.43
CA ASN B 130 -1.88 -40.52 -18.61
C ASN B 130 -2.87 -41.19 -17.65
N THR B 131 -4.00 -41.65 -18.19
CA THR B 131 -5.07 -42.17 -17.37
C THR B 131 -4.69 -43.49 -16.70
N LYS B 132 -3.74 -44.23 -17.27
CA LYS B 132 -3.42 -45.55 -16.74
C LYS B 132 -2.68 -45.47 -15.40
N VAL B 133 -1.79 -44.50 -15.25
CA VAL B 133 -1.00 -44.41 -14.03
C VAL B 133 -1.82 -43.71 -12.94
N SER B 134 -2.05 -44.42 -11.84
CA SER B 134 -2.69 -43.84 -10.68
C SER B 134 -1.72 -42.93 -9.94
N VAL B 135 -2.27 -41.99 -9.19
CA VAL B 135 -1.44 -41.07 -8.42
C VAL B 135 -1.76 -41.26 -6.94
N PRO B 136 -1.10 -42.19 -6.25
CA PRO B 136 -1.30 -42.33 -4.82
C PRO B 136 -0.66 -41.18 -4.06
N VAL B 137 -1.22 -40.90 -2.89
CA VAL B 137 -0.62 -39.96 -1.96
C VAL B 137 -0.36 -40.73 -0.66
N ASN B 138 0.58 -40.22 0.11
CA ASN B 138 0.81 -40.77 1.45
C ASN B 138 -0.37 -40.35 2.31
N GLY B 139 -1.35 -41.24 2.46
CA GLY B 139 -2.59 -40.87 3.12
C GLY B 139 -2.40 -40.54 4.58
N ASN B 140 -1.37 -41.11 5.20
CA ASN B 140 -0.96 -40.70 6.54
C ASN B 140 -0.54 -39.24 6.53
N ARG B 141 0.39 -38.89 5.63
CA ARG B 141 0.89 -37.52 5.53
C ARG B 141 -0.10 -36.61 4.84
N PHE B 142 -1.06 -37.17 4.09
CA PHE B 142 -2.03 -36.36 3.38
C PHE B 142 -2.99 -35.67 4.34
N PHE B 143 -3.46 -36.40 5.36
CA PHE B 143 -4.50 -35.90 6.24
C PHE B 143 -3.96 -35.19 7.48
N ASN B 144 -2.92 -35.72 8.12
CA ASN B 144 -2.49 -35.16 9.41
C ASN B 144 -1.85 -33.79 9.24
N LYS B 145 -1.30 -33.52 8.07
CA LYS B 145 -0.97 -32.15 7.67
C LYS B 145 -2.14 -31.60 6.86
N HIS B 146 -2.60 -30.40 7.23
CA HIS B 146 -3.90 -29.91 6.76
C HIS B 146 -3.96 -29.78 5.24
N ILE B 147 -5.09 -30.18 4.68
CA ILE B 147 -5.32 -30.08 3.24
C ILE B 147 -5.85 -28.69 2.92
N ALA B 148 -5.75 -28.32 1.64
CA ALA B 148 -6.34 -27.07 1.17
C ALA B 148 -6.80 -27.31 -0.27
N ILE B 149 -8.07 -27.66 -0.42
CA ILE B 149 -8.67 -27.87 -1.73
C ILE B 149 -9.23 -26.55 -2.21
N VAL B 150 -8.79 -26.11 -3.39
CA VAL B 150 -9.10 -24.77 -3.87
C VAL B 150 -9.49 -24.87 -5.34
N GLY B 151 -10.61 -24.25 -5.70
CA GLY B 151 -11.06 -24.30 -7.09
C GLY B 151 -12.25 -23.42 -7.37
N SER B 152 -12.22 -22.71 -8.49
CA SER B 152 -13.23 -21.71 -8.79
C SER B 152 -14.55 -22.38 -9.16
N THR B 153 -15.54 -21.56 -9.47
CA THR B 153 -16.88 -22.05 -9.77
C THR B 153 -16.91 -22.82 -11.08
N GLY B 154 -17.63 -23.95 -11.08
CA GLY B 154 -17.71 -24.80 -12.24
C GLY B 154 -16.57 -25.76 -12.42
N SER B 155 -15.57 -25.72 -11.55
CA SER B 155 -14.41 -26.60 -11.65
C SER B 155 -14.62 -27.94 -10.96
N GLY B 156 -15.77 -28.15 -10.35
CA GLY B 156 -16.01 -29.37 -9.60
C GLY B 156 -15.16 -29.49 -8.36
N LYS B 157 -14.98 -28.38 -7.62
CA LYS B 157 -14.25 -28.43 -6.37
C LYS B 157 -15.01 -29.25 -5.33
N SER B 158 -16.33 -29.16 -5.33
CA SER B 158 -17.12 -29.92 -4.37
C SER B 158 -17.07 -31.41 -4.62
N HIS B 159 -16.73 -31.85 -5.84
CA HIS B 159 -16.67 -33.28 -6.12
C HIS B 159 -15.40 -33.91 -5.58
N THR B 160 -14.26 -33.20 -5.65
CA THR B 160 -13.03 -33.79 -5.11
C THR B 160 -13.04 -33.77 -3.59
N VAL B 161 -13.67 -32.77 -2.98
CA VAL B 161 -13.95 -32.85 -1.55
C VAL B 161 -14.86 -34.03 -1.26
N ALA B 162 -15.83 -34.28 -2.13
CA ALA B 162 -16.70 -35.44 -1.95
C ALA B 162 -15.95 -36.74 -2.18
N LYS B 163 -15.06 -36.78 -3.18
CA LYS B 163 -14.38 -38.02 -3.52
C LYS B 163 -13.31 -38.38 -2.50
N ILE B 164 -12.61 -37.38 -1.97
CA ILE B 164 -11.61 -37.66 -0.94
C ILE B 164 -12.27 -38.22 0.32
N LEU B 165 -13.38 -37.62 0.74
CA LEU B 165 -14.08 -38.11 1.93
C LEU B 165 -14.82 -39.42 1.66
N GLN B 166 -15.27 -39.64 0.42
CA GLN B 166 -15.85 -40.94 0.10
C GLN B 166 -14.78 -42.02 0.07
N LYS B 167 -13.57 -41.66 -0.39
CA LYS B 167 -12.47 -42.62 -0.34
C LYS B 167 -11.97 -42.81 1.09
N ALA B 168 -12.03 -41.78 1.92
CA ALA B 168 -11.54 -41.88 3.29
C ALA B 168 -12.50 -42.70 4.15
N VAL B 169 -13.81 -42.59 3.90
CA VAL B 169 -14.78 -43.37 4.65
C VAL B 169 -14.68 -44.85 4.29
N ASP B 170 -14.61 -45.16 3.00
CA ASP B 170 -14.54 -46.54 2.55
C ASP B 170 -13.16 -47.16 2.72
N GLU B 171 -12.16 -46.36 3.09
CA GLU B 171 -10.83 -46.90 3.37
C GLU B 171 -10.90 -47.74 4.64
N LYS B 172 -10.75 -49.05 4.50
CA LYS B 172 -11.04 -49.96 5.59
C LYS B 172 -10.09 -51.15 5.52
N GLN B 173 -10.05 -51.90 6.61
CA GLN B 173 -9.30 -53.14 6.66
C GLN B 173 -10.20 -54.33 6.34
N GLU B 174 -9.58 -55.44 5.96
CA GLU B 174 -10.31 -56.63 5.57
C GLU B 174 -10.72 -57.50 6.74
N GLY B 175 -10.28 -57.16 7.95
CA GLY B 175 -10.62 -57.97 9.12
C GLY B 175 -11.98 -57.72 9.71
N TYR B 176 -12.75 -56.78 9.17
CA TYR B 176 -14.06 -56.45 9.73
C TYR B 176 -14.90 -55.78 8.66
N LYS B 177 -16.22 -55.78 8.90
CA LYS B 177 -17.18 -55.12 8.04
C LYS B 177 -18.03 -54.20 8.90
N GLY B 178 -18.07 -52.93 8.56
CA GLY B 178 -18.79 -51.94 9.33
C GLY B 178 -18.15 -50.57 9.19
N LEU B 179 -18.37 -49.74 10.20
CA LEU B 179 -17.82 -48.40 10.20
C LEU B 179 -16.36 -48.41 10.61
N ASN B 180 -15.56 -47.60 9.93
CA ASN B 180 -14.15 -47.42 10.28
C ASN B 180 -14.02 -46.17 11.17
N ASN B 181 -12.79 -45.79 11.48
CA ASN B 181 -12.52 -44.72 12.43
C ASN B 181 -12.50 -43.34 11.80
N SER B 182 -13.03 -43.18 10.59
CA SER B 182 -13.04 -41.88 9.94
C SER B 182 -13.99 -40.94 10.67
N HIS B 183 -13.53 -39.73 10.96
CA HIS B 183 -14.33 -38.73 11.66
C HIS B 183 -14.15 -37.41 10.92
N ILE B 184 -15.09 -37.09 10.04
CA ILE B 184 -15.03 -35.92 9.19
C ILE B 184 -16.21 -35.02 9.53
N ILE B 185 -15.94 -33.74 9.75
CA ILE B 185 -16.96 -32.75 10.05
C ILE B 185 -16.96 -31.72 8.93
N ILE B 186 -18.11 -31.53 8.29
CA ILE B 186 -18.21 -30.68 7.12
C ILE B 186 -19.05 -29.45 7.46
N PHE B 187 -18.53 -28.28 7.11
CA PHE B 187 -19.22 -26.99 7.29
C PHE B 187 -19.64 -26.50 5.90
N ASP B 188 -20.84 -26.89 5.48
CA ASP B 188 -21.34 -26.47 4.17
C ASP B 188 -22.48 -25.49 4.36
N ILE B 189 -22.26 -24.23 3.99
CA ILE B 189 -23.35 -23.28 3.95
C ILE B 189 -24.23 -23.52 2.72
N HIS B 190 -23.67 -24.05 1.64
CA HIS B 190 -24.44 -24.21 0.42
C HIS B 190 -25.27 -25.49 0.40
N SER B 191 -25.18 -26.31 1.45
CA SER B 191 -25.98 -27.53 1.60
C SER B 191 -25.78 -28.49 0.43
N GLU B 192 -24.51 -28.80 0.15
CA GLU B 192 -24.14 -29.57 -1.01
C GLU B 192 -23.96 -31.05 -0.73
N TYR B 193 -23.45 -31.41 0.44
CA TYR B 193 -22.94 -32.75 0.69
C TYR B 193 -23.97 -33.69 1.30
N GLU B 194 -25.22 -33.24 1.47
CA GLU B 194 -26.26 -34.12 1.98
C GLU B 194 -26.52 -35.27 1.04
N ASN B 195 -26.53 -35.01 -0.26
CA ASN B 195 -26.72 -36.05 -1.25
C ASN B 195 -25.44 -36.80 -1.57
N ALA B 196 -24.28 -36.28 -1.17
CA ALA B 196 -23.02 -36.97 -1.46
C ALA B 196 -22.84 -38.17 -0.54
N PHE B 197 -23.23 -38.05 0.72
CA PHE B 197 -23.07 -39.11 1.71
C PHE B 197 -24.45 -39.44 2.30
N PRO B 198 -25.16 -40.42 1.73
CA PRO B 198 -26.49 -40.75 2.27
C PRO B 198 -26.46 -41.40 3.64
N ASN B 199 -25.33 -41.93 4.08
CA ASN B 199 -25.23 -42.54 5.41
C ASN B 199 -24.73 -41.57 6.47
N SER B 200 -24.48 -40.32 6.11
CA SER B 200 -23.92 -39.35 7.04
C SER B 200 -25.00 -38.79 7.95
N ASN B 201 -24.56 -38.03 8.95
CA ASN B 201 -25.44 -37.30 9.85
C ASN B 201 -25.46 -35.84 9.43
N VAL B 202 -26.66 -35.32 9.16
CA VAL B 202 -26.84 -33.93 8.74
C VAL B 202 -27.53 -33.19 9.86
N LEU B 203 -26.95 -32.07 10.28
CA LEU B 203 -27.49 -31.25 11.36
C LEU B 203 -27.72 -29.83 10.84
N ASN B 204 -28.98 -29.48 10.63
CA ASN B 204 -29.35 -28.12 10.29
C ASN B 204 -29.66 -27.36 11.59
N VAL B 205 -30.27 -26.18 11.46
CA VAL B 205 -30.68 -25.43 12.64
C VAL B 205 -31.78 -26.16 13.40
N ASP B 206 -32.73 -26.75 12.67
CA ASP B 206 -33.88 -27.40 13.30
C ASP B 206 -33.51 -28.65 14.08
N THR B 207 -32.34 -29.23 13.85
CA THR B 207 -31.92 -30.45 14.54
C THR B 207 -30.74 -30.25 15.48
N LEU B 208 -29.77 -29.42 15.10
CA LEU B 208 -28.62 -29.18 15.97
C LEU B 208 -29.01 -28.31 17.15
N THR B 209 -28.57 -28.70 18.34
CA THR B 209 -28.86 -27.99 19.57
C THR B 209 -27.53 -27.59 20.20
N LEU B 210 -27.06 -26.39 19.89
CA LEU B 210 -25.80 -25.89 20.43
C LEU B 210 -26.07 -25.09 21.70
N PRO B 211 -25.48 -25.45 22.83
CA PRO B 211 -25.70 -24.66 24.04
C PRO B 211 -24.97 -23.33 23.98
N TYR B 212 -25.61 -22.30 24.50
CA TYR B 212 -25.02 -20.96 24.53
C TYR B 212 -23.92 -20.84 25.57
N TRP B 213 -23.99 -21.63 26.65
CA TRP B 213 -23.04 -21.48 27.75
C TRP B 213 -21.67 -22.05 27.42
N LEU B 214 -21.53 -22.79 26.32
CA LEU B 214 -20.23 -23.29 25.92
C LEU B 214 -19.42 -22.25 25.17
N LEU B 215 -20.02 -21.12 24.81
CA LEU B 215 -19.27 -20.04 24.20
C LEU B 215 -18.35 -19.39 25.22
N ASN B 216 -17.19 -18.94 24.77
CA ASN B 216 -16.24 -18.30 25.66
C ASN B 216 -16.63 -16.82 25.80
N GLY B 217 -15.73 -16.02 26.36
CA GLY B 217 -16.02 -14.60 26.53
C GLY B 217 -16.14 -13.84 25.23
N ASP B 218 -15.34 -14.20 24.23
CA ASP B 218 -15.36 -13.45 22.98
C ASP B 218 -16.64 -13.72 22.18
N GLU B 219 -17.06 -14.98 22.11
CA GLU B 219 -18.26 -15.32 21.34
C GLU B 219 -19.54 -14.89 22.06
N LEU B 220 -19.50 -14.77 23.39
CA LEU B 220 -20.70 -14.41 24.14
C LEU B 220 -21.04 -12.93 24.03
N GLU B 221 -20.11 -12.10 23.57
CA GLU B 221 -20.43 -10.69 23.37
C GLU B 221 -21.07 -10.46 22.00
N GLU B 222 -20.45 -10.96 20.93
CA GLU B 222 -20.97 -10.70 19.59
C GLU B 222 -22.29 -11.41 19.33
N LEU B 223 -22.61 -12.45 20.10
CA LEU B 223 -23.94 -13.04 20.00
C LEU B 223 -24.98 -12.10 20.59
N PHE B 224 -24.62 -11.36 21.63
CA PHE B 224 -25.57 -10.56 22.39
C PHE B 224 -25.43 -9.05 22.21
N LEU B 225 -24.21 -8.55 22.00
CA LEU B 225 -23.95 -7.12 22.07
C LEU B 225 -23.41 -6.61 20.75
N ASP B 226 -23.41 -5.28 20.62
CA ASP B 226 -22.75 -4.58 19.53
C ASP B 226 -21.81 -3.55 20.12
N THR B 227 -20.57 -3.51 19.62
CA THR B 227 -19.57 -2.60 20.18
C THR B 227 -19.81 -1.15 19.78
N GLU B 228 -20.61 -0.91 18.73
CA GLU B 228 -20.79 0.44 18.24
C GLU B 228 -21.73 1.27 19.11
N ALA B 229 -22.74 0.65 19.73
CA ALA B 229 -23.76 1.39 20.45
C ALA B 229 -23.75 1.15 21.95
N ASN B 230 -23.03 0.15 22.44
CA ASN B 230 -23.06 -0.21 23.86
C ASN B 230 -21.91 0.47 24.58
N ASP B 231 -22.23 1.22 25.64
CA ASP B 231 -21.23 1.87 26.46
C ASP B 231 -20.55 0.83 27.34
N HIS B 232 -19.30 1.13 27.75
CA HIS B 232 -18.48 0.17 28.48
C HIS B 232 -19.09 -0.22 29.83
N ASN B 233 -19.80 0.70 30.48
CA ASN B 233 -20.45 0.35 31.74
C ASN B 233 -21.64 -0.58 31.50
N GLN B 234 -22.30 -0.45 30.34
CA GLN B 234 -23.39 -1.35 29.99
C GLN B 234 -22.88 -2.78 29.82
N ARG B 235 -21.75 -2.94 29.12
CA ARG B 235 -21.16 -4.26 28.93
C ARG B 235 -20.63 -4.85 30.23
N ASN B 236 -20.22 -3.98 31.17
CA ASN B 236 -19.71 -4.45 32.45
C ASN B 236 -20.78 -5.17 33.26
N VAL B 237 -22.04 -4.78 33.09
CA VAL B 237 -23.13 -5.47 33.76
C VAL B 237 -23.33 -6.87 33.18
N PHE B 238 -23.03 -7.02 31.88
CA PHE B 238 -23.26 -8.30 31.20
C PHE B 238 -22.35 -9.39 31.74
N ARG B 239 -21.04 -9.13 31.79
CA ARG B 239 -20.12 -10.17 32.24
C ARG B 239 -20.00 -10.24 33.75
N GLN B 240 -20.54 -9.27 34.49
CA GLN B 240 -20.69 -9.45 35.92
C GLN B 240 -21.85 -10.39 36.24
N ALA B 241 -22.90 -10.35 35.42
CA ALA B 241 -24.04 -11.22 35.63
C ALA B 241 -23.72 -12.66 35.25
N ILE B 242 -23.03 -12.85 34.12
CA ILE B 242 -22.77 -14.19 33.62
C ILE B 242 -21.74 -14.90 34.49
N THR B 243 -20.70 -14.18 34.91
CA THR B 243 -19.69 -14.77 35.78
C THR B 243 -20.29 -15.17 37.12
N LEU B 244 -21.15 -14.32 37.68
CA LEU B 244 -21.86 -14.68 38.91
C LEU B 244 -22.79 -15.86 38.68
N ASN B 245 -23.49 -15.87 37.55
CA ASN B 245 -24.41 -16.97 37.24
C ASN B 245 -23.67 -18.28 37.02
N LYS B 246 -22.43 -18.23 36.57
CA LYS B 246 -21.66 -19.43 36.27
C LYS B 246 -21.18 -20.16 37.51
N LYS B 247 -21.29 -19.54 38.69
CA LYS B 247 -20.83 -20.16 39.93
C LYS B 247 -21.92 -20.92 40.67
N ILE B 248 -23.15 -20.39 40.68
CA ILE B 248 -24.25 -21.06 41.38
C ILE B 248 -24.59 -22.38 40.70
N HIS B 249 -24.68 -22.37 39.37
CA HIS B 249 -25.02 -23.57 38.63
C HIS B 249 -23.87 -24.56 38.55
N PHE B 250 -22.66 -24.15 38.92
CA PHE B 250 -21.53 -25.07 38.95
C PHE B 250 -21.62 -25.96 40.18
N GLN B 251 -21.48 -27.27 39.97
CA GLN B 251 -21.80 -28.28 40.97
C GLN B 251 -20.56 -29.01 41.50
N GLY B 252 -19.39 -28.40 41.42
CA GLY B 252 -18.18 -28.96 41.97
C GLY B 252 -17.86 -28.37 43.33
N ASP B 253 -16.60 -28.54 43.74
CA ASP B 253 -16.14 -27.98 45.00
C ASP B 253 -16.04 -26.46 44.93
N PRO B 254 -16.21 -25.77 46.06
CA PRO B 254 -16.12 -24.29 46.04
C PRO B 254 -14.74 -23.76 45.69
N ALA B 255 -13.69 -24.57 45.77
CA ALA B 255 -12.36 -24.12 45.38
C ALA B 255 -12.28 -23.84 43.88
N THR B 256 -12.97 -24.66 43.07
CA THR B 256 -12.98 -24.46 41.63
C THR B 256 -13.85 -23.28 41.21
N LYS B 257 -14.79 -22.86 42.07
CA LYS B 257 -15.65 -21.73 41.76
C LYS B 257 -14.88 -20.43 41.67
N GLU B 258 -13.73 -20.34 42.34
CA GLU B 258 -12.90 -19.15 42.23
C GLU B 258 -12.19 -19.08 40.89
N ILE B 259 -11.94 -20.25 40.28
CA ILE B 259 -11.33 -20.30 38.94
C ILE B 259 -12.26 -19.73 37.89
N ILE B 260 -13.57 -19.92 38.06
CA ILE B 260 -14.56 -19.62 37.03
C ILE B 260 -14.60 -18.12 36.74
N SER B 261 -14.48 -17.78 35.46
CA SER B 261 -14.58 -16.40 35.01
C SER B 261 -15.63 -16.27 33.92
N PHE B 262 -15.68 -15.11 33.26
CA PHE B 262 -16.61 -14.91 32.16
C PHE B 262 -16.28 -15.81 30.99
N HIS B 263 -15.00 -15.95 30.66
CA HIS B 263 -14.58 -16.74 29.51
C HIS B 263 -14.66 -18.24 29.76
N SER B 264 -14.88 -18.67 30.99
CA SER B 264 -14.92 -20.09 31.30
C SER B 264 -16.20 -20.71 30.75
N PRO B 265 -16.14 -21.92 30.19
CA PRO B 265 -17.33 -22.56 29.60
C PRO B 265 -18.11 -23.48 30.55
N TYR B 266 -18.86 -22.87 31.45
CA TYR B 266 -19.74 -23.61 32.34
C TYR B 266 -21.17 -23.12 32.20
N TYR B 267 -22.09 -23.93 32.73
CA TYR B 267 -23.52 -23.69 32.57
C TYR B 267 -23.94 -22.45 33.35
N PHE B 268 -24.65 -21.56 32.65
CA PHE B 268 -25.36 -20.45 33.28
C PHE B 268 -26.72 -20.31 32.60
N ASP B 269 -27.69 -19.79 33.33
CA ASP B 269 -29.04 -19.60 32.81
C ASP B 269 -29.18 -18.19 32.28
N ILE B 270 -29.47 -18.06 30.98
CA ILE B 270 -29.55 -16.74 30.38
C ILE B 270 -30.82 -16.01 30.78
N ASN B 271 -31.87 -16.73 31.21
CA ASN B 271 -33.06 -16.06 31.72
C ASN B 271 -32.77 -15.36 33.04
N GLU B 272 -31.97 -15.98 33.90
CA GLU B 272 -31.59 -15.33 35.15
C GLU B 272 -30.64 -14.16 34.92
N VAL B 273 -29.78 -14.26 33.91
CA VAL B 273 -28.96 -13.12 33.51
C VAL B 273 -29.84 -12.02 32.94
N ILE B 274 -30.91 -12.40 32.24
CA ILE B 274 -31.87 -11.43 31.73
C ILE B 274 -32.55 -10.69 32.88
N ASN B 275 -32.94 -11.42 33.93
CA ASN B 275 -33.55 -10.79 35.09
C ASN B 275 -32.56 -9.87 35.81
N TYR B 276 -31.32 -10.31 35.96
CA TYR B 276 -30.30 -9.51 36.64
C TYR B 276 -30.04 -8.20 35.91
N ILE B 277 -29.97 -8.25 34.59
CA ILE B 277 -29.74 -7.04 33.81
C ILE B 277 -30.96 -6.13 33.88
N ASN B 278 -32.16 -6.71 33.84
CA ASN B 278 -33.39 -5.92 33.95
C ASN B 278 -33.55 -5.34 35.35
N ASN B 279 -33.18 -6.10 36.38
CA ASN B 279 -33.27 -5.59 37.75
C ASN B 279 -32.28 -4.46 38.00
N ARG B 280 -31.09 -4.57 37.41
CA ARG B 280 -30.11 -3.50 37.51
C ARG B 280 -30.51 -2.25 36.73
N ASN B 281 -31.55 -2.33 35.90
CA ASN B 281 -32.16 -1.14 35.33
C ASN B 281 -33.13 -0.47 36.30
N ASN B 282 -33.40 -1.09 37.46
CA ASN B 282 -34.29 -0.55 38.48
C ASN B 282 -33.53 -0.24 39.77
N GLU B 283 -32.26 0.12 39.68
CA GLU B 283 -31.44 0.30 40.87
C GLU B 283 -31.70 1.68 41.48
N ARG B 284 -32.11 1.70 42.75
CA ARG B 284 -32.36 2.93 43.48
C ARG B 284 -31.60 2.90 44.80
N LYS B 285 -31.34 4.09 45.33
CA LYS B 285 -30.62 4.26 46.58
C LYS B 285 -31.51 4.91 47.62
N ASN B 286 -31.33 4.50 48.88
CA ASN B 286 -32.02 5.10 50.01
C ASN B 286 -31.17 6.23 50.58
N LYS B 287 -31.54 6.71 51.77
CA LYS B 287 -30.79 7.77 52.44
C LYS B 287 -29.40 7.32 52.87
N ASP B 288 -29.17 6.01 53.00
CA ASP B 288 -27.87 5.46 53.33
C ASP B 288 -27.03 5.15 52.11
N ASN B 289 -27.55 5.46 50.90
CA ASN B 289 -26.86 5.28 49.63
C ASN B 289 -26.46 3.82 49.39
N GLU B 290 -27.41 2.92 49.66
CA GLU B 290 -27.24 1.50 49.41
C GLU B 290 -28.32 1.01 48.46
N HIS B 291 -27.94 0.15 47.52
CA HIS B 291 -28.88 -0.41 46.55
C HIS B 291 -29.69 -1.50 47.24
N ILE B 292 -30.71 -1.06 47.97
CA ILE B 292 -31.55 -1.98 48.74
C ILE B 292 -32.51 -2.70 47.81
N TRP B 293 -32.60 -4.02 47.94
CA TRP B 293 -33.47 -4.84 47.13
C TRP B 293 -34.47 -5.56 48.03
N SER B 294 -35.75 -5.40 47.73
CA SER B 294 -36.81 -6.07 48.47
C SER B 294 -37.16 -7.38 47.78
N ASP B 295 -36.96 -8.50 48.48
CA ASP B 295 -37.18 -9.82 47.93
C ASP B 295 -38.15 -10.56 48.84
N GLU B 296 -38.79 -11.60 48.28
CA GLU B 296 -39.73 -12.41 49.06
C GLU B 296 -39.03 -13.12 50.21
N GLU B 297 -37.81 -13.61 49.98
CA GLU B 297 -37.06 -14.26 51.04
C GLU B 297 -36.64 -13.28 52.14
N GLY B 298 -36.25 -12.08 51.75
CA GLY B 298 -35.83 -11.10 52.73
C GLY B 298 -35.56 -9.76 52.09
N ASN B 299 -35.26 -8.77 52.93
CA ASN B 299 -34.95 -7.41 52.49
C ASN B 299 -33.48 -7.14 52.77
N PHE B 300 -32.75 -6.73 51.74
CA PHE B 300 -31.31 -6.59 51.85
C PHE B 300 -30.82 -5.59 50.80
N LYS B 301 -29.59 -5.12 51.00
CA LYS B 301 -28.92 -4.29 50.01
C LYS B 301 -28.20 -5.17 49.00
N PHE B 302 -27.68 -4.52 47.95
CA PHE B 302 -26.98 -5.24 46.89
C PHE B 302 -25.57 -5.57 47.35
N ASP B 303 -25.33 -6.84 47.67
CA ASP B 303 -24.05 -7.32 48.14
C ASP B 303 -23.60 -8.47 47.27
N ASN B 304 -22.28 -8.70 47.25
CA ASN B 304 -21.73 -9.79 46.45
C ASN B 304 -22.11 -11.16 47.00
N GLU B 305 -22.38 -11.24 48.31
CA GLU B 305 -22.78 -12.52 48.89
C GLU B 305 -24.20 -12.90 48.49
N ASN B 306 -25.13 -11.93 48.52
CA ASN B 306 -26.53 -12.20 48.24
C ASN B 306 -26.97 -11.62 46.89
N ALA B 307 -26.07 -11.59 45.91
CA ALA B 307 -26.44 -11.17 44.56
C ALA B 307 -27.10 -12.27 43.77
N HIS B 308 -27.07 -13.52 44.25
CA HIS B 308 -27.75 -14.60 43.57
C HIS B 308 -29.26 -14.52 43.70
N ARG B 309 -29.76 -13.86 44.74
CA ARG B 309 -31.20 -13.63 44.86
C ARG B 309 -31.69 -12.53 43.93
N LEU B 310 -30.78 -11.78 43.32
CA LEU B 310 -31.18 -10.80 42.31
C LEU B 310 -31.55 -11.47 40.99
N PHE B 311 -31.19 -12.75 40.82
CA PHE B 311 -31.58 -13.49 39.61
C PHE B 311 -33.07 -13.78 39.57
N LYS B 312 -33.75 -13.82 40.72
CA LYS B 312 -35.18 -14.02 40.73
C LYS B 312 -35.90 -12.78 40.23
N GLU B 313 -36.98 -12.98 39.49
CA GLU B 313 -37.76 -11.85 38.99
C GLU B 313 -38.61 -11.20 40.08
N ASN B 314 -38.82 -11.89 41.19
CA ASN B 314 -39.61 -11.35 42.31
C ASN B 314 -38.72 -10.53 43.24
N VAL B 315 -38.16 -9.45 42.69
CA VAL B 315 -37.31 -8.53 43.43
C VAL B 315 -37.88 -7.14 43.27
N THR B 316 -38.19 -6.48 44.38
CA THR B 316 -38.76 -5.14 44.36
C THR B 316 -37.68 -4.11 44.64
N PRO B 317 -37.53 -3.08 43.81
CA PRO B 317 -36.55 -2.04 44.10
C PRO B 317 -36.93 -1.22 45.33
N ASP B 318 -35.90 -0.73 46.02
CA ASP B 318 -36.08 0.08 47.21
C ASP B 318 -35.18 1.31 47.12
N GLY B 319 -35.60 2.36 47.81
CA GLY B 319 -34.89 3.62 47.77
C GLY B 319 -35.67 4.70 47.05
N SER B 320 -35.82 5.86 47.69
CA SER B 320 -36.60 6.94 47.10
C SER B 320 -35.87 7.64 45.97
N SER B 321 -34.55 7.50 45.90
CA SER B 321 -33.74 8.14 44.87
C SER B 321 -33.15 7.06 43.97
N ALA B 322 -33.38 7.18 42.67
CA ALA B 322 -32.87 6.20 41.71
C ALA B 322 -31.35 6.33 41.57
N GLY B 323 -30.75 5.26 41.09
CA GLY B 323 -29.31 5.24 40.91
C GLY B 323 -28.85 6.13 39.77
N ALA B 324 -27.54 6.45 39.80
CA ALA B 324 -26.97 7.27 38.74
C ALA B 324 -26.93 6.52 37.41
N LEU B 325 -26.67 5.22 37.45
CA LEU B 325 -26.65 4.38 36.27
C LEU B 325 -28.00 3.74 35.97
N ASN B 326 -29.06 4.17 36.68
CA ASN B 326 -30.39 3.65 36.41
C ASN B 326 -30.89 4.08 35.05
N GLY B 327 -31.58 3.19 34.37
CA GLY B 327 -32.13 3.49 33.06
C GLY B 327 -31.14 3.49 31.93
N LYS B 328 -29.90 3.08 32.18
CA LYS B 328 -28.88 3.03 31.14
C LYS B 328 -28.87 1.70 30.40
N LEU B 329 -29.64 0.72 30.86
CA LEU B 329 -29.57 -0.64 30.34
C LEU B 329 -30.78 -1.05 29.51
N LEU B 330 -31.64 -0.10 29.13
CA LEU B 330 -32.78 -0.49 28.30
C LEU B 330 -32.38 -0.77 26.87
N ASN B 331 -31.39 -0.04 26.34
CA ASN B 331 -30.80 -0.39 25.06
C ASN B 331 -30.06 -1.73 25.13
N PHE B 332 -29.70 -2.16 26.34
CA PHE B 332 -29.00 -3.41 26.60
C PHE B 332 -29.94 -4.60 26.72
N VAL B 333 -30.95 -4.48 27.58
CA VAL B 333 -31.84 -5.62 27.82
C VAL B 333 -32.76 -5.86 26.62
N ASP B 334 -33.19 -4.79 25.94
CA ASP B 334 -34.07 -4.97 24.79
C ASP B 334 -33.36 -5.62 23.62
N ARG B 335 -32.06 -5.32 23.45
CA ARG B 335 -31.25 -6.09 22.52
C ARG B 335 -31.13 -7.53 22.97
N LEU B 336 -30.98 -7.74 24.28
CA LEU B 336 -30.93 -9.10 24.82
C LEU B 336 -32.29 -9.77 24.85
N GLN B 337 -33.38 -9.00 24.93
CA GLN B 337 -34.71 -9.60 24.93
C GLN B 337 -35.03 -10.27 23.61
N SER B 338 -34.61 -9.65 22.50
CA SER B 338 -34.96 -10.16 21.18
C SER B 338 -34.25 -11.47 20.87
N LYS B 339 -33.02 -11.64 21.33
CA LYS B 339 -32.23 -12.79 20.94
C LYS B 339 -32.65 -14.07 21.66
N ILE B 340 -33.15 -13.97 22.89
CA ILE B 340 -33.51 -15.16 23.65
C ILE B 340 -34.71 -15.85 23.02
N PHE B 341 -35.71 -15.09 22.61
CA PHE B 341 -36.90 -15.65 21.99
C PHE B 341 -36.93 -15.45 20.48
N ASP B 342 -35.79 -15.23 19.85
CA ASP B 342 -35.73 -15.22 18.40
C ASP B 342 -35.91 -16.64 17.89
N LYS B 343 -36.83 -16.82 16.95
CA LYS B 343 -37.09 -18.15 16.42
C LYS B 343 -35.95 -18.65 15.55
N ARG B 344 -35.14 -17.74 14.99
CA ARG B 344 -33.97 -18.15 14.22
C ARG B 344 -32.84 -18.62 15.12
N LEU B 345 -32.76 -18.08 16.34
CA LEU B 345 -31.74 -18.45 17.31
C LEU B 345 -32.25 -19.47 18.32
N ASP B 346 -33.25 -20.26 17.93
CA ASP B 346 -33.78 -21.30 18.81
C ASP B 346 -32.76 -22.41 19.04
N PHE B 347 -31.84 -22.61 18.10
CA PHE B 347 -30.85 -23.67 18.23
C PHE B 347 -29.72 -23.30 19.17
N ILE B 348 -29.53 -22.01 19.46
CA ILE B 348 -28.40 -21.59 20.29
C ILE B 348 -28.92 -20.98 21.59
N LEU B 349 -30.15 -20.45 21.58
CA LEU B 349 -30.67 -19.74 22.74
C LEU B 349 -32.05 -20.24 23.15
N GLY B 350 -32.45 -21.43 22.72
CA GLY B 350 -33.74 -21.97 23.05
C GLY B 350 -33.75 -22.67 24.40
N GLU B 351 -34.88 -23.33 24.68
CA GLU B 351 -34.98 -24.12 25.90
C GLU B 351 -34.18 -25.41 25.80
N GLY B 352 -33.98 -25.92 24.58
CA GLY B 352 -33.19 -27.12 24.41
C GLY B 352 -31.71 -26.92 24.64
N SER B 353 -31.21 -25.70 24.48
CA SER B 353 -29.80 -25.43 24.75
C SER B 353 -29.53 -25.40 26.25
N LYS B 354 -30.54 -25.08 27.06
CA LYS B 354 -30.37 -25.19 28.51
C LYS B 354 -30.35 -26.64 28.96
N SER B 355 -31.26 -27.45 28.43
CA SER B 355 -31.39 -28.83 28.87
C SER B 355 -30.32 -29.75 28.32
N VAL B 356 -29.61 -29.35 27.26
CA VAL B 356 -28.59 -30.22 26.70
C VAL B 356 -27.37 -30.23 27.61
N THR B 357 -26.69 -31.37 27.63
CA THR B 357 -25.50 -31.55 28.45
C THR B 357 -24.25 -31.33 27.62
N PHE B 358 -23.11 -31.26 28.31
CA PHE B 358 -21.85 -31.05 27.61
C PHE B 358 -21.46 -32.28 26.79
N LYS B 359 -21.71 -33.48 27.32
CA LYS B 359 -21.42 -34.70 26.59
C LYS B 359 -22.30 -34.84 25.35
N GLU B 360 -23.58 -34.49 25.48
CA GLU B 360 -24.52 -34.63 24.38
C GLU B 360 -24.23 -33.67 23.23
N THR B 361 -23.57 -32.54 23.51
CA THR B 361 -23.12 -31.67 22.42
C THR B 361 -21.96 -32.30 21.66
N LEU B 362 -21.00 -32.88 22.37
CA LEU B 362 -19.87 -33.52 21.70
C LEU B 362 -20.28 -34.84 21.05
N GLU B 363 -21.34 -35.47 21.54
CA GLU B 363 -21.87 -36.64 20.84
C GLU B 363 -22.47 -36.25 19.50
N THR B 364 -23.08 -35.07 19.42
CA THR B 364 -23.76 -34.64 18.21
C THR B 364 -22.77 -34.17 17.15
N LEU B 365 -21.70 -33.50 17.57
CA LEU B 365 -20.80 -32.85 16.61
C LEU B 365 -19.93 -33.85 15.86
N ILE B 366 -19.52 -34.95 16.48
CA ILE B 366 -18.73 -35.96 15.80
C ILE B 366 -19.51 -37.25 15.58
N SER B 367 -20.83 -37.22 15.81
CA SER B 367 -21.74 -38.34 15.60
C SER B 367 -21.33 -39.57 16.41
N TYR B 368 -21.32 -39.39 17.73
CA TYR B 368 -21.12 -40.49 18.66
C TYR B 368 -22.37 -40.80 19.48
N GLY B 369 -23.54 -40.35 19.02
CA GLY B 369 -24.77 -40.61 19.73
C GLY B 369 -25.38 -41.96 19.39
N LYS B 370 -26.70 -42.01 19.30
CA LYS B 370 -27.37 -43.27 18.98
C LYS B 370 -27.17 -43.65 17.52
N ASP B 371 -26.94 -42.68 16.65
CA ASP B 371 -26.73 -42.91 15.22
C ASP B 371 -25.30 -42.48 14.88
N LYS B 372 -24.38 -43.43 14.93
CA LYS B 372 -22.98 -43.16 14.66
C LYS B 372 -22.73 -43.16 13.16
N SER B 373 -22.04 -42.12 12.69
CA SER B 373 -21.69 -42.01 11.27
C SER B 373 -20.27 -41.46 11.16
N ASN B 374 -19.58 -41.87 10.09
CA ASN B 374 -18.22 -41.42 9.86
C ASN B 374 -18.17 -39.92 9.60
N ILE B 375 -19.11 -39.40 8.83
CA ILE B 375 -19.13 -38.01 8.41
C ILE B 375 -20.29 -37.32 9.09
N THR B 376 -20.00 -36.23 9.80
CA THR B 376 -21.01 -35.35 10.35
C THR B 376 -21.08 -34.11 9.49
N ILE B 377 -22.26 -33.78 9.00
CA ILE B 377 -22.44 -32.66 8.09
C ILE B 377 -23.21 -31.59 8.83
N LEU B 378 -22.59 -30.42 9.00
CA LEU B 378 -23.21 -29.31 9.70
C LEU B 378 -23.82 -28.39 8.64
N ASP B 379 -25.10 -28.58 8.36
CA ASP B 379 -25.80 -27.72 7.43
C ASP B 379 -26.01 -26.36 8.06
N VAL B 380 -25.08 -25.44 7.82
CA VAL B 380 -25.12 -24.12 8.44
C VAL B 380 -25.81 -23.11 7.52
N SER B 381 -26.62 -23.59 6.57
CA SER B 381 -27.37 -22.69 5.69
C SER B 381 -28.40 -21.89 6.46
N GLY B 382 -29.13 -22.55 7.37
CA GLY B 382 -30.14 -21.87 8.15
C GLY B 382 -29.62 -21.03 9.30
N VAL B 383 -28.34 -21.14 9.61
CA VAL B 383 -27.76 -20.31 10.66
C VAL B 383 -27.74 -18.86 10.17
N PRO B 384 -28.22 -17.91 10.99
CA PRO B 384 -28.17 -16.50 10.58
C PRO B 384 -26.73 -16.03 10.35
N PHE B 385 -26.56 -15.15 9.37
CA PHE B 385 -25.23 -14.76 8.94
C PHE B 385 -24.49 -13.92 9.99
N GLU B 386 -25.21 -13.35 10.96
CA GLU B 386 -24.53 -12.63 12.04
C GLU B 386 -23.99 -13.56 13.12
N VAL B 387 -24.54 -14.76 13.24
CA VAL B 387 -24.10 -15.71 14.25
C VAL B 387 -23.42 -16.92 13.63
N LEU B 388 -23.15 -16.88 12.33
CA LEU B 388 -22.46 -18.00 11.69
C LEU B 388 -21.02 -18.10 12.15
N SER B 389 -20.33 -16.97 12.30
CA SER B 389 -18.95 -16.98 12.77
C SER B 389 -18.85 -17.35 14.24
N ILE B 390 -19.96 -17.41 14.96
CA ILE B 390 -19.97 -17.80 16.36
C ILE B 390 -20.21 -19.29 16.53
N CYS B 391 -21.12 -19.85 15.73
CA CYS B 391 -21.36 -21.29 15.80
C CYS B 391 -20.24 -22.08 15.13
N VAL B 392 -19.63 -21.53 14.09
CA VAL B 392 -18.44 -22.14 13.51
C VAL B 392 -17.29 -22.12 14.51
N SER B 393 -17.13 -20.98 15.21
CA SER B 393 -16.08 -20.88 16.21
C SER B 393 -16.33 -21.79 17.40
N LEU B 394 -17.60 -21.92 17.80
CA LEU B 394 -17.93 -22.76 18.94
C LEU B 394 -17.64 -24.23 18.64
N ILE B 395 -18.05 -24.71 17.46
CA ILE B 395 -17.84 -26.10 17.10
C ILE B 395 -16.35 -26.37 16.86
N SER B 396 -15.65 -25.45 16.21
CA SER B 396 -14.23 -25.63 15.94
C SER B 396 -13.42 -25.66 17.24
N ARG B 397 -13.81 -24.83 18.21
CA ARG B 397 -13.12 -24.85 19.50
C ARG B 397 -13.51 -26.10 20.30
N LEU B 398 -14.76 -26.54 20.19
CA LEU B 398 -15.20 -27.75 20.89
C LEU B 398 -14.48 -28.98 20.35
N ILE B 399 -14.30 -29.06 19.03
CA ILE B 399 -13.64 -30.23 18.45
C ILE B 399 -12.14 -30.19 18.70
N PHE B 400 -11.53 -29.00 18.61
CA PHE B 400 -10.10 -28.90 18.88
C PHE B 400 -9.78 -29.24 20.33
N GLU B 401 -10.57 -28.71 21.27
CA GLU B 401 -10.37 -29.05 22.66
C GLU B 401 -10.77 -30.48 22.97
N PHE B 402 -11.62 -31.08 22.13
CA PHE B 402 -11.86 -32.51 22.24
C PHE B 402 -10.62 -33.30 21.90
N GLY B 403 -9.95 -32.94 20.80
CA GLY B 403 -8.72 -33.61 20.44
C GLY B 403 -7.57 -33.26 21.37
N TYR B 404 -7.58 -32.05 21.93
CA TYR B 404 -6.53 -31.66 22.87
C TYR B 404 -6.64 -32.48 24.16
N HIS B 405 -7.87 -32.64 24.67
CA HIS B 405 -8.09 -33.44 25.86
C HIS B 405 -8.14 -34.93 25.56
N SER B 406 -8.16 -35.31 24.29
CA SER B 406 -8.03 -36.72 23.94
C SER B 406 -6.63 -37.23 24.16
N LYS B 407 -5.63 -36.35 24.02
CA LYS B 407 -4.24 -36.76 24.15
C LYS B 407 -3.81 -36.91 25.61
N LYS B 408 -4.60 -36.39 26.55
CA LYS B 408 -4.25 -36.52 27.96
C LYS B 408 -4.43 -37.94 28.46
N ILE B 409 -5.59 -38.55 28.20
CA ILE B 409 -5.85 -39.91 28.67
C ILE B 409 -4.96 -40.92 27.98
N LYS B 410 -4.73 -40.73 26.67
CA LYS B 410 -4.19 -41.82 25.85
C LYS B 410 -2.71 -41.99 26.15
N ARG B 411 -2.05 -40.88 26.50
CA ARG B 411 -0.71 -40.93 27.06
C ARG B 411 -0.67 -41.76 28.33
N LYS B 412 -1.67 -41.59 29.21
CA LYS B 412 -1.72 -42.37 30.44
C LYS B 412 -2.09 -43.83 30.18
N SER B 413 -2.94 -44.07 29.18
CA SER B 413 -3.38 -45.43 28.89
C SER B 413 -2.25 -46.28 28.31
N ASN B 414 -1.27 -45.63 27.68
CA ASN B 414 -0.03 -46.15 27.09
C ASN B 414 -0.26 -46.89 25.78
N GLU B 415 -1.51 -47.04 25.34
CA GLU B 415 -1.83 -47.51 23.99
C GLU B 415 -2.96 -46.64 23.47
N ASN B 416 -2.75 -46.00 22.33
CA ASN B 416 -3.68 -45.01 21.83
C ASN B 416 -4.68 -45.62 20.84
N GLN B 417 -5.96 -45.42 21.13
CA GLN B 417 -7.02 -45.86 20.22
C GLN B 417 -7.28 -44.80 19.16
N ASP B 418 -7.25 -43.53 19.58
CA ASP B 418 -7.24 -42.31 18.75
C ASP B 418 -8.60 -41.99 18.14
N ILE B 419 -8.88 -40.70 18.00
CA ILE B 419 -9.99 -40.20 17.19
C ILE B 419 -9.39 -39.11 16.32
N PRO B 420 -8.76 -39.44 15.20
CA PRO B 420 -8.31 -38.38 14.30
C PRO B 420 -9.50 -37.74 13.61
N ILE B 421 -9.57 -36.41 13.67
CA ILE B 421 -10.71 -35.65 13.16
C ILE B 421 -10.22 -34.72 12.08
N LEU B 422 -10.93 -34.70 10.95
CA LEU B 422 -10.65 -33.79 9.85
C LEU B 422 -11.87 -32.91 9.66
N ILE B 423 -11.74 -31.62 9.94
CA ILE B 423 -12.84 -30.69 9.82
C ILE B 423 -12.79 -30.04 8.45
N VAL B 424 -13.81 -30.26 7.64
CA VAL B 424 -13.87 -29.72 6.29
C VAL B 424 -14.56 -28.37 6.35
N TYR B 425 -13.84 -27.32 5.99
CA TYR B 425 -14.38 -25.97 5.97
C TYR B 425 -14.67 -25.58 4.52
N GLU B 426 -15.82 -26.00 4.03
CA GLU B 426 -16.28 -25.50 2.75
C GLU B 426 -16.63 -24.03 2.88
N GLU B 427 -16.32 -23.26 1.83
CA GLU B 427 -16.39 -21.80 1.84
C GLU B 427 -15.55 -21.26 2.99
N ALA B 428 -14.26 -21.64 2.99
CA ALA B 428 -13.37 -21.35 4.10
C ALA B 428 -13.03 -19.86 4.21
N HIS B 429 -13.28 -19.09 3.16
CA HIS B 429 -13.04 -17.65 3.23
C HIS B 429 -14.10 -16.90 4.01
N LYS B 430 -15.26 -17.51 4.25
CA LYS B 430 -16.27 -16.87 5.08
C LYS B 430 -15.94 -16.97 6.56
N TYR B 431 -15.37 -18.09 6.99
CA TYR B 431 -15.08 -18.27 8.41
C TYR B 431 -13.72 -17.72 8.79
N ALA B 432 -12.73 -17.83 7.91
CA ALA B 432 -11.36 -17.38 8.20
C ALA B 432 -10.94 -16.41 7.10
N PRO B 433 -11.46 -15.19 7.11
CA PRO B 433 -11.18 -14.26 6.01
C PRO B 433 -9.88 -13.52 6.21
N LYS B 434 -9.40 -12.91 5.12
CA LYS B 434 -8.17 -12.14 5.17
C LYS B 434 -8.39 -10.81 5.90
N SER B 435 -9.61 -10.28 5.85
CA SER B 435 -9.89 -8.99 6.47
C SER B 435 -9.91 -9.11 7.99
N ASP B 436 -9.22 -8.19 8.65
CA ASP B 436 -9.16 -8.17 10.12
C ASP B 436 -10.37 -7.41 10.66
N LEU B 437 -11.53 -8.08 10.61
CA LEU B 437 -12.77 -7.54 11.13
C LEU B 437 -13.19 -8.33 12.36
N SER B 438 -13.79 -7.63 13.31
CA SER B 438 -14.16 -8.26 14.59
C SER B 438 -15.37 -9.17 14.47
N LYS B 439 -16.12 -9.10 13.37
CA LYS B 439 -17.26 -10.00 13.21
C LYS B 439 -16.81 -11.43 12.96
N TYR B 440 -15.75 -11.61 12.18
CA TYR B 440 -15.18 -12.92 11.92
C TYR B 440 -13.97 -13.22 12.76
N ARG B 441 -13.71 -12.44 13.80
CA ARG B 441 -12.53 -12.64 14.63
C ARG B 441 -12.60 -13.94 15.40
N THR B 442 -13.80 -14.34 15.81
CA THR B 442 -13.94 -15.55 16.63
C THR B 442 -13.78 -16.81 15.80
N SER B 443 -14.35 -16.84 14.60
CA SER B 443 -14.24 -18.02 13.76
C SER B 443 -12.86 -18.15 13.15
N LYS B 444 -12.21 -17.04 12.83
CA LYS B 444 -10.87 -17.08 12.27
C LYS B 444 -9.86 -17.59 13.29
N GLU B 445 -9.96 -17.17 14.54
CA GLU B 445 -9.03 -17.61 15.57
C GLU B 445 -9.26 -19.07 15.93
N ALA B 446 -10.51 -19.53 15.89
CA ALA B 446 -10.80 -20.93 16.15
C ALA B 446 -10.24 -21.82 15.05
N ILE B 447 -10.33 -21.37 13.80
CA ILE B 447 -9.70 -22.08 12.69
C ILE B 447 -8.18 -21.96 12.78
N GLU B 448 -7.68 -20.78 13.17
CA GLU B 448 -6.24 -20.60 13.32
C GLU B 448 -5.66 -21.45 14.42
N ARG B 449 -6.41 -21.69 15.49
CA ARG B 449 -5.92 -22.59 16.54
C ARG B 449 -5.83 -24.02 16.04
N ILE B 450 -6.77 -24.43 15.19
CA ILE B 450 -6.75 -25.78 14.62
C ILE B 450 -5.61 -25.91 13.62
N ALA B 451 -5.36 -24.87 12.83
CA ALA B 451 -4.30 -24.92 11.83
C ALA B 451 -2.92 -24.92 12.48
N LYS B 452 -2.71 -24.06 13.47
CA LYS B 452 -1.39 -23.89 14.05
C LYS B 452 -1.09 -24.87 15.19
N GLU B 453 -2.09 -25.59 15.68
CA GLU B 453 -1.87 -26.51 16.80
C GLU B 453 -2.51 -27.87 16.64
N GLY B 454 -3.52 -28.03 15.80
CA GLY B 454 -4.26 -29.26 15.76
C GLY B 454 -3.62 -30.39 15.01
N ARG B 455 -2.43 -30.19 14.45
CA ARG B 455 -1.70 -31.27 13.81
C ARG B 455 -1.34 -32.36 14.81
N LYS B 456 -0.89 -31.98 15.99
CA LYS B 456 -0.43 -32.93 16.98
C LYS B 456 -1.54 -33.42 17.90
N TYR B 457 -2.71 -32.83 17.85
CA TYR B 457 -3.84 -33.26 18.66
C TYR B 457 -4.88 -34.04 17.87
N GLY B 458 -4.60 -34.32 16.59
CA GLY B 458 -5.52 -35.12 15.81
C GLY B 458 -6.73 -34.38 15.30
N VAL B 459 -6.71 -33.06 15.28
CA VAL B 459 -7.80 -32.26 14.74
C VAL B 459 -7.21 -31.42 13.62
N THR B 460 -7.31 -31.92 12.39
CA THR B 460 -6.80 -31.22 11.22
C THR B 460 -7.97 -30.63 10.44
N LEU B 461 -7.65 -29.77 9.49
CA LEU B 461 -8.66 -29.05 8.74
C LEU B 461 -8.44 -29.21 7.24
N LEU B 462 -9.54 -29.08 6.50
CA LEU B 462 -9.56 -29.08 5.04
C LEU B 462 -10.20 -27.78 4.61
N LEU B 463 -9.40 -26.84 4.12
CA LEU B 463 -9.94 -25.58 3.63
C LEU B 463 -10.44 -25.75 2.21
N ALA B 464 -11.71 -25.41 1.98
CA ALA B 464 -12.30 -25.47 0.65
C ALA B 464 -12.88 -24.11 0.31
N SER B 465 -12.51 -23.57 -0.84
CA SER B 465 -12.96 -22.24 -1.21
C SER B 465 -12.82 -22.03 -2.71
N GLN B 466 -13.77 -21.31 -3.29
CA GLN B 466 -13.64 -20.84 -4.67
C GLN B 466 -12.86 -19.54 -4.76
N ARG B 467 -12.64 -18.86 -3.65
CA ARG B 467 -11.89 -17.62 -3.61
C ARG B 467 -10.81 -17.79 -2.54
N PRO B 468 -9.72 -18.46 -2.87
CA PRO B 468 -8.65 -18.65 -1.87
C PRO B 468 -7.99 -17.37 -1.43
N SER B 469 -7.99 -16.33 -2.28
CA SER B 469 -7.33 -15.08 -1.96
C SER B 469 -7.97 -14.35 -0.79
N GLU B 470 -9.19 -14.72 -0.41
CA GLU B 470 -9.81 -14.14 0.76
C GLU B 470 -9.50 -14.90 2.05
N ILE B 471 -8.95 -16.12 1.97
CA ILE B 471 -8.50 -16.80 3.17
C ILE B 471 -7.24 -16.11 3.69
N SER B 472 -7.08 -16.06 4.99
CA SER B 472 -5.89 -15.47 5.58
C SER B 472 -4.66 -16.33 5.27
N GLU B 473 -3.55 -15.66 4.98
CA GLU B 473 -2.32 -16.37 4.65
C GLU B 473 -1.71 -17.08 5.85
N THR B 474 -2.07 -16.66 7.07
CA THR B 474 -1.57 -17.35 8.25
C THR B 474 -2.22 -18.71 8.44
N ILE B 475 -3.39 -18.92 7.85
CA ILE B 475 -4.09 -20.19 7.94
C ILE B 475 -3.92 -21.01 6.67
N PHE B 476 -3.87 -20.35 5.51
CA PHE B 476 -3.67 -21.06 4.25
C PHE B 476 -2.27 -21.65 4.15
N SER B 477 -1.26 -20.97 4.69
CA SER B 477 0.10 -21.50 4.64
C SER B 477 0.30 -22.66 5.61
N GLN B 478 -0.54 -22.76 6.65
CA GLN B 478 -0.41 -23.87 7.60
C GLN B 478 -0.89 -25.18 6.99
N CYS B 479 -1.67 -25.13 5.93
CA CYS B 479 -1.93 -26.31 5.14
C CYS B 479 -0.66 -26.73 4.41
N ASN B 480 -0.46 -28.03 4.28
CA ASN B 480 0.74 -28.55 3.64
C ASN B 480 0.48 -29.13 2.26
N THR B 481 -0.60 -29.89 2.09
CA THR B 481 -0.96 -30.43 0.79
C THR B 481 -2.08 -29.57 0.19
N PHE B 482 -1.85 -29.05 -1.00
CA PHE B 482 -2.81 -28.19 -1.68
C PHE B 482 -3.29 -28.89 -2.95
N ILE B 483 -4.60 -29.08 -3.04
CA ILE B 483 -5.23 -29.63 -4.23
C ILE B 483 -5.93 -28.48 -4.93
N SER B 484 -5.41 -28.05 -6.06
CA SER B 484 -5.92 -26.85 -6.70
C SER B 484 -6.58 -27.20 -8.02
N MET B 485 -7.85 -26.83 -8.14
CA MET B 485 -8.63 -27.02 -9.37
C MET B 485 -8.48 -25.78 -10.23
N ARG B 486 -9.37 -25.61 -11.21
CA ARG B 486 -9.30 -24.46 -12.10
C ARG B 486 -9.43 -23.16 -11.33
N LEU B 487 -8.47 -22.25 -11.56
CA LEU B 487 -8.42 -20.94 -10.93
C LEU B 487 -8.33 -19.91 -12.05
N THR B 488 -9.48 -19.45 -12.49
CA THR B 488 -9.53 -18.48 -13.57
C THR B 488 -9.39 -17.05 -13.05
N ASN B 489 -9.82 -16.79 -11.82
CA ASN B 489 -9.75 -15.45 -11.27
C ASN B 489 -8.27 -15.10 -11.03
N PRO B 490 -7.76 -14.02 -11.63
CA PRO B 490 -6.32 -13.73 -11.53
C PRO B 490 -5.80 -13.47 -10.13
N ASP B 491 -6.60 -12.90 -9.23
CA ASP B 491 -6.10 -12.70 -7.88
C ASP B 491 -6.06 -13.99 -7.08
N ASP B 492 -6.86 -14.98 -7.46
CA ASP B 492 -6.78 -16.29 -6.82
C ASP B 492 -5.57 -17.06 -7.32
N GLN B 493 -5.18 -16.83 -8.57
CA GLN B 493 -3.96 -17.46 -9.09
C GLN B 493 -2.72 -16.89 -8.42
N ASN B 494 -2.63 -15.57 -8.31
CA ASN B 494 -1.45 -14.94 -7.74
C ASN B 494 -1.32 -15.26 -6.25
N TYR B 495 -2.44 -15.42 -5.56
CA TYR B 495 -2.39 -15.79 -4.15
C TYR B 495 -1.93 -17.24 -3.99
N VAL B 496 -2.47 -18.15 -4.79
CA VAL B 496 -2.14 -19.56 -4.64
C VAL B 496 -0.70 -19.83 -5.09
N LYS B 497 -0.29 -19.26 -6.22
CA LYS B 497 1.07 -19.44 -6.71
C LYS B 497 2.11 -18.89 -5.76
N ARG B 498 1.73 -17.90 -4.94
CA ARG B 498 2.62 -17.39 -3.91
C ARG B 498 2.70 -18.33 -2.71
N LEU B 499 1.59 -18.97 -2.35
CA LEU B 499 1.50 -19.77 -1.14
C LEU B 499 1.80 -21.25 -1.38
N LEU B 500 2.02 -21.67 -2.62
CA LEU B 500 2.27 -23.09 -2.89
C LEU B 500 3.67 -23.46 -2.42
N PRO B 501 3.83 -24.52 -1.62
CA PRO B 501 5.14 -24.85 -1.05
C PRO B 501 6.04 -25.63 -1.99
N ASP B 502 5.57 -25.94 -3.19
CA ASP B 502 6.25 -26.85 -4.09
C ASP B 502 5.77 -26.47 -5.49
N THR B 503 6.54 -26.87 -6.50
CA THR B 503 6.08 -26.81 -7.89
C THR B 503 7.02 -27.64 -8.75
N VAL B 504 6.56 -27.92 -9.96
CA VAL B 504 7.39 -28.42 -11.05
C VAL B 504 7.22 -27.39 -12.16
N GLY B 505 8.23 -27.27 -13.02
CA GLY B 505 8.31 -26.20 -14.00
C GLY B 505 7.11 -26.03 -14.91
N ASP B 506 6.48 -24.85 -14.81
CA ASP B 506 5.37 -24.43 -15.66
C ASP B 506 4.19 -25.40 -15.63
N ILE B 507 3.90 -25.95 -14.45
CA ILE B 507 2.63 -26.63 -14.22
C ILE B 507 1.69 -25.81 -13.37
N THR B 508 2.19 -24.80 -12.67
CA THR B 508 1.35 -23.91 -11.89
C THR B 508 0.79 -22.77 -12.73
N ASN B 509 1.20 -22.67 -14.00
CA ASN B 509 0.59 -21.79 -14.98
C ASN B 509 -0.54 -22.46 -15.72
N LEU B 510 -0.79 -23.74 -15.44
CA LEU B 510 -1.87 -24.50 -16.04
C LEU B 510 -3.19 -24.32 -15.31
N LEU B 511 -3.22 -23.44 -14.30
CA LEU B 511 -4.38 -23.36 -13.43
C LEU B 511 -5.68 -22.92 -14.12
N PRO B 512 -5.73 -21.86 -14.94
CA PRO B 512 -7.02 -21.53 -15.56
C PRO B 512 -7.41 -22.48 -16.68
N SER B 513 -6.50 -23.32 -17.15
CA SER B 513 -6.79 -24.23 -18.25
C SER B 513 -7.07 -25.66 -17.78
N LEU B 514 -7.30 -25.86 -16.49
CA LEU B 514 -7.67 -27.18 -16.00
C LEU B 514 -9.11 -27.49 -16.33
N LYS B 515 -9.38 -28.77 -16.62
CA LYS B 515 -10.73 -29.19 -16.93
C LYS B 515 -11.54 -29.38 -15.65
N GLU B 516 -12.79 -29.80 -15.80
CA GLU B 516 -13.61 -30.12 -14.66
C GLU B 516 -13.18 -31.47 -14.09
N GLY B 517 -12.93 -31.50 -12.78
CA GLY B 517 -12.48 -32.71 -12.13
C GLY B 517 -10.99 -32.99 -12.26
N GLU B 518 -10.25 -32.11 -12.91
CA GLU B 518 -8.82 -32.26 -13.08
C GLU B 518 -8.11 -31.28 -12.15
N ALA B 519 -7.19 -31.79 -11.34
CA ALA B 519 -6.65 -31.04 -10.21
C ALA B 519 -5.15 -30.93 -10.31
N LEU B 520 -4.63 -30.02 -9.50
CA LEU B 520 -3.20 -29.80 -9.30
C LEU B 520 -2.91 -30.05 -7.83
N ILE B 521 -2.26 -31.15 -7.51
CA ILE B 521 -2.07 -31.57 -6.13
C ILE B 521 -0.58 -31.62 -5.81
N MET B 522 -0.19 -30.91 -4.76
CA MET B 522 1.18 -30.86 -4.26
C MET B 522 1.25 -31.11 -2.77
N GLY B 523 2.39 -30.86 -2.17
CA GLY B 523 2.56 -31.03 -0.74
C GLY B 523 3.51 -32.19 -0.43
N ASP B 524 3.54 -32.54 0.86
CA ASP B 524 4.34 -33.67 1.30
C ASP B 524 3.69 -35.01 1.01
N SER B 525 2.38 -35.04 0.83
CA SER B 525 1.69 -36.31 0.59
C SER B 525 2.11 -36.94 -0.72
N ILE B 526 2.24 -36.13 -1.75
CA ILE B 526 2.48 -36.65 -3.09
C ILE B 526 3.97 -36.74 -3.34
N SER B 527 4.36 -37.63 -4.24
CA SER B 527 5.77 -37.80 -4.58
C SER B 527 6.30 -36.57 -5.30
N ILE B 528 5.49 -35.95 -6.15
CA ILE B 528 5.90 -34.82 -6.96
C ILE B 528 4.64 -34.06 -7.35
N PRO B 529 4.67 -32.72 -7.42
CA PRO B 529 3.50 -31.98 -7.91
C PRO B 529 3.12 -32.39 -9.32
N SER B 530 1.83 -32.53 -9.55
CA SER B 530 1.36 -33.07 -10.82
C SER B 530 -0.05 -32.59 -11.10
N ILE B 531 -0.43 -32.69 -12.37
CA ILE B 531 -1.79 -32.41 -12.82
C ILE B 531 -2.51 -33.74 -12.86
N VAL B 532 -3.43 -33.95 -11.92
CA VAL B 532 -4.12 -35.23 -11.83
C VAL B 532 -5.57 -35.05 -12.22
N LYS B 533 -6.22 -36.18 -12.48
CA LYS B 533 -7.65 -36.23 -12.77
C LYS B 533 -8.33 -36.95 -11.62
N ILE B 534 -9.10 -36.20 -10.83
CA ILE B 534 -9.83 -36.78 -9.71
C ILE B 534 -10.85 -37.78 -10.24
N GLU B 535 -11.04 -38.88 -9.51
CA GLU B 535 -11.97 -39.92 -9.92
C GLU B 535 -13.39 -39.37 -9.96
N LYS B 536 -14.17 -39.85 -10.92
CA LYS B 536 -15.53 -39.38 -11.10
C LYS B 536 -16.40 -39.78 -9.92
N CYS B 537 -17.08 -38.80 -9.34
CA CYS B 537 -17.88 -39.03 -8.14
C CYS B 537 -19.15 -39.76 -8.54
N THR B 538 -19.30 -41.00 -8.07
CA THR B 538 -20.50 -41.78 -8.39
C THR B 538 -21.74 -41.17 -7.74
N ILE B 539 -21.60 -40.68 -6.52
CA ILE B 539 -22.69 -39.97 -5.84
C ILE B 539 -22.27 -38.51 -5.71
N PRO B 540 -22.68 -37.64 -6.64
CA PRO B 540 -22.17 -36.27 -6.64
C PRO B 540 -22.84 -35.44 -5.58
N PRO B 541 -22.12 -34.46 -5.01
CA PRO B 541 -22.73 -33.59 -4.01
C PRO B 541 -23.71 -32.60 -4.62
N SER B 542 -24.93 -33.05 -4.88
CA SER B 542 -25.97 -32.17 -5.39
C SER B 542 -26.59 -31.38 -4.26
N SER B 543 -26.84 -30.10 -4.51
CA SER B 543 -27.48 -29.21 -3.55
C SER B 543 -28.92 -28.97 -3.98
N ILE B 544 -29.85 -29.16 -3.06
CA ILE B 544 -31.26 -28.99 -3.37
C ILE B 544 -31.61 -27.51 -3.33
N ASP B 545 -31.48 -26.84 -4.46
CA ASP B 545 -31.78 -25.42 -4.57
C ASP B 545 -33.05 -25.22 -5.40
N ILE B 546 -33.68 -24.07 -5.22
CA ILE B 546 -34.95 -23.79 -5.88
C ILE B 546 -34.68 -23.53 -7.35
N LYS B 547 -35.21 -24.38 -8.21
CA LYS B 547 -35.10 -24.16 -9.65
C LYS B 547 -36.03 -23.01 -10.00
N TYR B 548 -35.47 -21.81 -10.14
CA TYR B 548 -36.31 -20.62 -10.34
C TYR B 548 -37.08 -20.65 -11.64
N LEU B 549 -36.44 -21.04 -12.74
CA LEU B 549 -37.17 -21.09 -14.00
C LEU B 549 -38.26 -22.15 -13.96
N ASP B 550 -37.94 -23.34 -13.43
CA ASP B 550 -38.92 -24.42 -13.40
C ASP B 550 -40.14 -24.07 -12.56
N GLU B 551 -39.98 -23.23 -11.54
CA GLU B 551 -41.14 -22.68 -10.85
C GLU B 551 -41.77 -21.54 -11.64
N TRP B 552 -40.95 -20.73 -12.32
CA TRP B 552 -41.49 -19.54 -12.99
C TRP B 552 -42.25 -19.88 -14.27
N ARG B 553 -41.92 -21.00 -14.93
CA ARG B 553 -42.73 -21.41 -16.07
C ARG B 553 -44.12 -21.89 -15.64
N LYS B 554 -44.28 -22.29 -14.39
CA LYS B 554 -45.60 -22.68 -13.90
C LYS B 554 -46.51 -21.46 -13.81
N GLU B 555 -47.82 -21.72 -13.73
CA GLU B 555 -48.78 -20.64 -13.68
C GLU B 555 -48.71 -19.93 -12.33
N TRP B 556 -49.39 -18.78 -12.26
CA TRP B 556 -49.44 -17.97 -11.07
C TRP B 556 -50.12 -18.71 -9.92
N VAL B 557 -49.34 -19.17 -8.96
CA VAL B 557 -49.90 -19.84 -7.80
C VAL B 557 -50.41 -18.79 -6.83
N ASP B 558 -51.68 -18.91 -6.44
CA ASP B 558 -52.30 -17.94 -5.55
C ASP B 558 -52.79 -18.54 -4.24
N SER B 559 -52.93 -19.87 -4.14
CA SER B 559 -53.32 -20.48 -2.88
C SER B 559 -52.18 -20.50 -1.87
N GLU B 560 -50.93 -20.39 -2.33
CA GLU B 560 -49.80 -20.43 -1.42
C GLU B 560 -49.67 -19.18 -0.56
N PHE B 561 -49.97 -18.00 -1.12
CA PHE B 561 -49.67 -16.75 -0.41
C PHE B 561 -50.53 -16.59 0.84
N ASP B 562 -51.74 -17.15 0.85
CA ASP B 562 -52.60 -17.05 2.01
C ASP B 562 -52.04 -17.85 3.19
N LYS B 563 -51.39 -18.97 2.91
CA LYS B 563 -50.89 -19.85 3.97
C LYS B 563 -49.66 -19.27 4.66
N ILE B 564 -48.85 -18.51 3.92
CA ILE B 564 -47.61 -17.97 4.48
C ILE B 564 -47.89 -16.89 5.51
N ILE B 565 -48.99 -16.15 5.35
CA ILE B 565 -49.33 -15.09 6.29
C ILE B 565 -49.69 -15.67 7.66
N GLU B 566 -50.37 -16.81 7.67
CA GLU B 566 -50.73 -17.44 8.95
C GLU B 566 -49.51 -18.00 9.68
N GLN B 567 -48.46 -18.37 8.95
CA GLN B 567 -47.22 -18.79 9.59
C GLN B 567 -46.58 -17.64 10.36
N TRP B 568 -46.59 -16.46 9.75
CA TRP B 568 -45.90 -15.30 10.32
C TRP B 568 -46.57 -14.85 11.61
N SER B 569 -47.90 -14.94 11.67
CA SER B 569 -48.66 -14.65 12.87
C SER B 569 -48.88 -15.92 13.68
N ILE C 7 42.79 -30.69 -28.54
CA ILE C 7 42.25 -31.19 -29.79
C ILE C 7 40.76 -31.49 -29.65
N ASN C 8 40.43 -32.36 -28.68
CA ASN C 8 39.03 -32.71 -28.45
C ASN C 8 38.24 -31.52 -27.93
N ALA C 9 38.74 -30.86 -26.90
CA ALA C 9 38.07 -29.72 -26.29
C ALA C 9 39.01 -28.53 -26.29
N GLU C 10 38.51 -27.38 -26.72
CA GLU C 10 39.32 -26.17 -26.79
C GLU C 10 38.43 -24.95 -26.65
N VAL C 11 38.98 -23.91 -26.04
CA VAL C 11 38.24 -22.66 -25.86
C VAL C 11 38.11 -21.95 -27.18
N VAL C 12 36.90 -21.51 -27.51
CA VAL C 12 36.68 -20.72 -28.72
C VAL C 12 36.30 -19.28 -28.43
N SER C 13 36.04 -18.93 -27.16
CA SER C 13 35.69 -17.56 -26.81
C SER C 13 36.01 -17.33 -25.35
N VAL C 14 36.63 -16.19 -25.06
CA VAL C 14 36.96 -15.79 -23.70
C VAL C 14 36.29 -14.45 -23.44
N SER C 15 35.23 -14.48 -22.65
CA SER C 15 34.48 -13.28 -22.28
C SER C 15 35.03 -12.74 -20.97
N PRO C 16 34.60 -11.54 -20.55
CA PRO C 16 34.91 -11.11 -19.18
C PRO C 16 34.42 -12.05 -18.11
N ASN C 17 33.28 -12.71 -18.32
CA ASN C 17 32.67 -13.56 -17.31
C ASN C 17 32.46 -15.00 -17.77
N LYS C 18 32.76 -15.32 -19.03
CA LYS C 18 32.29 -16.56 -19.62
C LYS C 18 33.43 -17.24 -20.37
N LEU C 19 33.28 -18.54 -20.56
CA LEU C 19 34.21 -19.35 -21.34
C LEU C 19 33.41 -20.26 -22.24
N LYS C 20 33.52 -20.06 -23.55
CA LYS C 20 32.82 -20.88 -24.53
C LYS C 20 33.83 -21.85 -25.13
N ILE C 21 33.63 -23.14 -24.91
CA ILE C 21 34.54 -24.15 -25.41
C ILE C 21 33.79 -25.04 -26.39
N SER C 22 34.54 -25.69 -27.27
CA SER C 22 33.97 -26.60 -28.26
C SER C 22 34.54 -27.99 -28.03
N VAL C 23 33.65 -28.97 -27.89
CA VAL C 23 34.07 -30.36 -27.78
C VAL C 23 33.53 -31.10 -28.99
N ASP C 24 34.21 -32.21 -29.33
CA ASP C 24 33.73 -33.06 -30.42
C ASP C 24 32.72 -34.09 -29.93
N ASP C 25 32.99 -34.71 -28.79
CA ASP C 25 32.09 -35.69 -28.20
C ASP C 25 32.12 -35.56 -26.70
N LEU C 26 30.95 -35.38 -26.09
CA LEU C 26 30.85 -35.33 -24.63
C LEU C 26 31.07 -36.69 -23.99
N GLU C 27 30.94 -37.78 -24.75
CA GLU C 27 31.27 -39.09 -24.23
C GLU C 27 32.76 -39.21 -23.93
N GLU C 28 33.59 -38.79 -24.88
CA GLU C 28 35.04 -38.81 -24.67
C GLU C 28 35.47 -37.73 -23.69
N PHE C 29 34.75 -36.61 -23.67
CA PHE C 29 35.11 -35.49 -22.80
C PHE C 29 34.97 -35.87 -21.33
N LYS C 30 34.01 -36.73 -21.01
CA LYS C 30 33.84 -37.18 -19.63
C LYS C 30 35.07 -37.94 -19.13
N ILE C 31 35.58 -38.87 -19.96
CA ILE C 31 36.85 -39.60 -19.84
C ILE C 31 36.96 -40.40 -18.55
N ALA C 32 36.75 -39.77 -17.39
CA ALA C 32 36.87 -40.43 -16.10
C ALA C 32 35.64 -41.25 -15.74
N GLU C 33 34.57 -41.18 -16.55
CA GLU C 33 33.29 -41.83 -16.28
C GLU C 33 32.73 -41.42 -14.92
N GLU C 34 32.82 -40.13 -14.61
CA GLU C 34 32.22 -39.53 -13.44
C GLU C 34 31.11 -38.58 -13.89
N LYS C 35 30.29 -38.17 -12.94
CA LYS C 35 29.15 -37.30 -13.25
C LYS C 35 29.62 -35.96 -13.80
N LEU C 36 29.11 -35.62 -14.98
CA LEU C 36 29.40 -34.35 -15.63
C LEU C 36 28.08 -33.66 -15.93
N GLY C 37 27.98 -32.39 -15.55
CA GLY C 37 26.74 -31.66 -15.74
C GLY C 37 26.93 -30.21 -15.37
N VAL C 38 25.81 -29.50 -15.24
CA VAL C 38 25.85 -28.11 -14.81
C VAL C 38 26.36 -28.04 -13.38
N GLY C 39 27.42 -27.25 -13.18
CA GLY C 39 28.09 -27.17 -11.90
C GLY C 39 29.39 -27.95 -11.83
N SER C 40 29.72 -28.73 -12.85
CA SER C 40 30.98 -29.46 -12.86
C SER C 40 32.14 -28.51 -13.07
N TYR C 41 33.28 -28.87 -12.48
CA TYR C 41 34.48 -28.06 -12.60
C TYR C 41 35.32 -28.53 -13.78
N LEU C 42 35.85 -27.58 -14.54
CA LEU C 42 36.66 -27.86 -15.70
C LEU C 42 38.04 -27.25 -15.54
N ARG C 43 39.06 -28.03 -15.89
CA ARG C 43 40.45 -27.59 -15.83
C ARG C 43 40.85 -27.18 -17.23
N VAL C 44 41.06 -25.88 -17.44
CA VAL C 44 41.43 -25.35 -18.74
C VAL C 44 42.81 -24.71 -18.66
N SER C 45 43.80 -25.36 -19.26
CA SER C 45 45.18 -24.91 -19.38
C SER C 45 45.92 -25.85 -20.31
N ASP C 46 46.82 -25.29 -21.12
CA ASP C 46 47.73 -26.09 -21.92
C ASP C 46 49.10 -26.24 -21.27
N ASN C 47 49.26 -25.72 -20.06
CA ASN C 47 50.50 -25.83 -19.29
C ASN C 47 50.27 -26.68 -18.05
N GLN C 48 51.32 -27.38 -17.62
CA GLN C 48 51.24 -28.20 -16.43
C GLN C 48 51.58 -27.36 -15.19
N ASP C 49 51.19 -27.90 -14.03
CA ASP C 49 51.38 -27.32 -12.70
C ASP C 49 50.68 -25.97 -12.51
N VAL C 50 49.81 -25.59 -13.44
CA VAL C 50 48.99 -24.39 -13.32
C VAL C 50 47.76 -24.59 -14.18
N ALA C 51 46.60 -24.21 -13.66
CA ALA C 51 45.35 -24.51 -14.34
C ALA C 51 44.29 -23.53 -13.92
N LEU C 52 43.41 -23.19 -14.86
CA LEU C 52 42.26 -22.35 -14.59
C LEU C 52 41.05 -23.24 -14.35
N LEU C 53 40.35 -23.02 -13.25
CA LEU C 53 39.16 -23.77 -12.93
C LEU C 53 37.94 -23.01 -13.43
N ALA C 54 37.00 -23.74 -14.01
CA ALA C 54 35.82 -23.13 -14.60
C ALA C 54 34.61 -24.03 -14.37
N ILE C 55 33.61 -23.49 -13.66
CA ILE C 55 32.35 -24.19 -13.50
C ILE C 55 31.58 -24.14 -14.82
N ILE C 56 30.63 -25.05 -14.98
CA ILE C 56 29.86 -25.16 -16.22
C ILE C 56 28.52 -24.47 -16.02
N ASP C 57 28.22 -23.52 -16.91
CA ASP C 57 26.93 -22.85 -16.88
C ASP C 57 25.85 -23.70 -17.52
N ASN C 58 26.00 -23.99 -18.81
CA ASN C 58 25.05 -24.83 -19.53
C ASN C 58 25.71 -25.35 -20.79
N PHE C 59 25.29 -26.54 -21.20
CA PHE C 59 25.72 -27.12 -22.46
C PHE C 59 24.87 -26.57 -23.60
N SER C 60 25.32 -26.77 -24.82
CA SER C 60 24.61 -26.24 -25.98
C SER C 60 24.91 -27.10 -27.20
N ILE C 61 24.33 -26.69 -28.33
CA ILE C 61 24.44 -27.42 -29.59
C ILE C 61 24.62 -26.41 -30.71
N GLU C 62 25.59 -26.67 -31.60
CA GLU C 62 25.72 -25.91 -32.82
C GLU C 62 26.07 -26.87 -33.96
N VAL C 63 25.45 -26.67 -35.11
CA VAL C 63 25.66 -27.49 -36.29
C VAL C 63 26.41 -26.63 -37.31
N LYS C 64 27.54 -27.16 -37.80
CA LYS C 64 28.39 -26.41 -38.72
C LYS C 64 27.77 -26.28 -40.11
N GLU C 65 26.86 -27.19 -40.46
CA GLU C 65 26.15 -27.32 -41.75
C GLU C 65 27.07 -27.77 -42.89
N SER C 66 28.37 -27.92 -42.65
CA SER C 66 29.29 -28.49 -43.63
C SER C 66 30.20 -29.55 -43.04
N GLN C 67 30.23 -29.72 -41.73
CA GLN C 67 31.05 -30.73 -41.08
C GLN C 67 30.24 -31.34 -39.95
N LYS C 68 30.92 -32.06 -39.05
CA LYS C 68 30.25 -32.80 -38.00
C LYS C 68 29.68 -31.86 -36.94
N GLN C 69 28.57 -32.29 -36.36
CA GLN C 69 27.95 -31.60 -35.23
C GLN C 69 28.87 -31.52 -34.03
N LYS C 70 28.89 -30.35 -33.38
CA LYS C 70 29.77 -30.07 -32.25
C LYS C 70 28.98 -29.54 -31.08
N TYR C 71 29.47 -29.80 -29.87
CA TYR C 71 28.84 -29.37 -28.63
C TYR C 71 29.61 -28.21 -28.03
N MET C 72 28.90 -27.11 -27.77
CA MET C 72 29.46 -25.96 -27.09
C MET C 72 29.07 -25.98 -25.62
N ILE C 73 30.06 -25.77 -24.74
CA ILE C 73 29.86 -25.67 -23.31
C ILE C 73 30.19 -24.23 -22.91
N GLU C 74 29.20 -23.51 -22.40
CA GLU C 74 29.45 -22.19 -21.84
C GLU C 74 29.84 -22.37 -20.38
N ALA C 75 30.99 -21.81 -20.01
CA ALA C 75 31.57 -22.05 -18.70
C ALA C 75 31.92 -20.73 -18.04
N SER C 76 31.88 -20.71 -16.71
CA SER C 76 32.20 -19.52 -15.94
C SER C 76 33.49 -19.75 -15.18
N PRO C 77 34.53 -18.95 -15.40
CA PRO C 77 35.80 -19.13 -14.67
C PRO C 77 35.63 -18.78 -13.20
N ILE C 78 35.99 -19.71 -12.33
CA ILE C 78 35.76 -19.54 -10.90
C ILE C 78 37.06 -19.16 -10.20
N GLY C 79 38.19 -19.64 -10.71
CA GLY C 79 39.45 -19.41 -10.05
C GLY C 79 40.56 -20.14 -10.77
N LEU C 80 41.76 -20.00 -10.22
CA LEU C 80 42.94 -20.61 -10.79
C LEU C 80 43.79 -21.19 -9.66
N VAL C 81 44.39 -22.36 -9.92
CA VAL C 81 45.14 -23.10 -8.93
C VAL C 81 46.61 -23.10 -9.32
N LYS C 82 47.48 -22.76 -8.35
CA LYS C 82 48.92 -22.81 -8.54
C LYS C 82 49.51 -23.68 -7.43
N ASN C 83 50.15 -24.77 -7.83
CA ASN C 83 50.80 -25.78 -6.99
C ASN C 83 50.00 -26.15 -5.74
N GLY C 84 48.69 -26.28 -5.87
CA GLY C 84 47.82 -26.64 -4.78
C GLY C 84 47.15 -25.48 -4.08
N LYS C 85 47.50 -24.25 -4.42
CA LYS C 85 46.91 -23.07 -3.81
C LYS C 85 45.85 -22.49 -4.76
N PHE C 86 44.64 -22.33 -4.27
CA PHE C 86 43.52 -21.88 -5.07
C PHE C 86 43.24 -20.40 -4.80
N TYR C 87 43.21 -19.61 -5.87
CA TYR C 87 42.89 -18.19 -5.79
C TYR C 87 41.67 -17.93 -6.65
N ARG C 88 40.66 -17.28 -6.06
CA ARG C 88 39.39 -17.10 -6.74
C ARG C 88 39.52 -16.08 -7.86
N GLY C 89 38.44 -15.94 -8.61
CA GLY C 89 38.38 -14.92 -9.65
C GLY C 89 38.96 -15.41 -10.96
N GLY C 90 38.45 -14.82 -12.05
CA GLY C 90 38.92 -15.17 -13.37
C GLY C 90 40.29 -14.58 -13.63
N ASP C 91 41.24 -15.41 -14.04
CA ASP C 91 42.58 -14.96 -14.34
C ASP C 91 42.71 -15.01 -15.85
N SER C 92 43.71 -14.29 -16.38
CA SER C 92 43.93 -14.15 -17.81
C SER C 92 44.55 -15.38 -18.46
N LEU C 93 44.61 -16.51 -17.77
CA LEU C 93 45.04 -17.75 -18.41
C LEU C 93 44.03 -18.25 -19.44
N ALA C 94 42.79 -17.82 -19.35
CA ALA C 94 41.75 -18.21 -20.30
C ALA C 94 42.07 -17.60 -21.67
N LEU C 95 42.47 -18.44 -22.61
CA LEU C 95 42.79 -18.02 -23.97
C LEU C 95 42.21 -19.03 -24.94
N PRO C 96 41.91 -18.62 -26.17
CA PRO C 96 41.49 -19.58 -27.21
C PRO C 96 42.54 -20.66 -27.49
N PRO C 97 43.88 -20.37 -27.44
CA PRO C 97 44.74 -21.57 -27.53
C PRO C 97 44.92 -22.29 -26.20
N LYS C 98 43.87 -23.00 -25.79
CA LYS C 98 43.89 -23.75 -24.54
C LYS C 98 43.27 -25.12 -24.75
N LYS C 99 43.66 -26.05 -23.89
CA LYS C 99 43.11 -27.40 -23.87
C LYS C 99 42.27 -27.58 -22.61
N VAL C 100 41.03 -28.04 -22.78
CA VAL C 100 40.07 -28.13 -21.69
C VAL C 100 39.85 -29.61 -21.37
N GLU C 101 39.84 -29.93 -20.09
CA GLU C 101 39.53 -31.25 -19.58
C GLU C 101 38.76 -31.08 -18.29
N PRO C 102 38.03 -32.11 -17.85
CA PRO C 102 37.42 -32.04 -16.52
C PRO C 102 38.49 -31.92 -15.43
N ALA C 103 38.13 -31.20 -14.36
CA ALA C 103 39.08 -30.91 -13.31
C ALA C 103 39.50 -32.17 -12.58
N LYS C 104 40.79 -32.27 -12.27
CA LYS C 104 41.32 -33.45 -11.63
C LYS C 104 40.85 -33.51 -10.17
N LEU C 105 40.98 -34.71 -9.59
CA LEU C 105 40.51 -34.93 -8.22
C LEU C 105 41.30 -34.09 -7.23
N ASP C 106 42.61 -33.97 -7.43
CA ASP C 106 43.44 -33.21 -6.50
C ASP C 106 43.35 -31.71 -6.73
N GLU C 107 42.73 -31.26 -7.83
CA GLU C 107 42.53 -29.84 -8.06
C GLU C 107 41.21 -29.34 -7.51
N ILE C 108 40.15 -30.16 -7.55
CA ILE C 108 38.90 -29.80 -6.90
C ILE C 108 39.07 -29.81 -5.39
N ILE C 109 39.85 -30.75 -4.87
CA ILE C 109 40.17 -30.77 -3.44
C ILE C 109 40.94 -29.52 -3.06
N SER C 110 41.85 -29.06 -3.94
CA SER C 110 42.63 -27.87 -3.70
C SER C 110 41.78 -26.60 -3.65
N ILE C 111 40.55 -26.64 -4.16
CA ILE C 111 39.66 -25.49 -4.01
C ILE C 111 39.21 -25.35 -2.56
N TYR C 112 38.86 -26.46 -1.93
CA TYR C 112 38.28 -26.43 -0.58
C TYR C 112 39.29 -26.74 0.53
N SER C 113 40.29 -27.58 0.28
CA SER C 113 41.18 -27.98 1.36
C SER C 113 42.18 -26.90 1.72
N ASP C 114 42.63 -26.10 0.75
CA ASP C 114 43.73 -25.18 1.01
C ASP C 114 43.31 -23.95 1.82
N SER C 115 42.08 -23.47 1.63
CA SER C 115 41.68 -22.20 2.21
C SER C 115 41.38 -22.29 3.70
N ILE C 116 41.13 -23.49 4.21
CA ILE C 116 40.84 -23.70 5.63
C ILE C 116 41.91 -24.62 6.21
N ASP C 117 42.42 -24.26 7.39
CA ASP C 117 43.43 -25.05 8.06
C ASP C 117 42.86 -26.38 8.53
N ILE C 118 43.77 -27.34 8.76
CA ILE C 118 43.37 -28.72 9.03
C ILE C 118 42.58 -28.83 10.32
N ASN C 119 43.04 -28.14 11.37
CA ASN C 119 42.30 -28.15 12.63
C ASN C 119 41.05 -27.30 12.59
N ASP C 120 40.82 -26.56 11.51
CA ASP C 120 39.69 -25.66 11.38
C ASP C 120 38.57 -26.26 10.54
N ARG C 121 38.87 -27.25 9.69
CA ARG C 121 37.90 -27.81 8.76
C ARG C 121 36.75 -28.48 9.48
N PHE C 122 35.53 -28.18 9.03
CA PHE C 122 34.30 -28.75 9.58
C PHE C 122 33.54 -29.36 8.41
N THR C 123 33.71 -30.65 8.19
CA THR C 123 33.13 -31.33 7.05
C THR C 123 31.82 -31.98 7.46
N PHE C 124 30.73 -31.59 6.80
CA PHE C 124 29.44 -32.24 6.98
C PHE C 124 28.81 -32.63 5.66
N SER C 125 29.52 -32.46 4.54
CA SER C 125 28.95 -32.71 3.23
C SER C 125 30.06 -33.12 2.28
N SER C 126 29.70 -33.27 1.00
CA SER C 126 30.62 -33.57 -0.07
C SER C 126 30.04 -32.99 -1.34
N LEU C 127 30.90 -32.82 -2.35
CA LEU C 127 30.47 -32.22 -3.60
C LEU C 127 29.45 -33.11 -4.31
N SER C 128 28.41 -32.49 -4.85
CA SER C 128 27.34 -33.27 -5.48
C SER C 128 27.81 -33.89 -6.79
N LEU C 129 28.57 -33.14 -7.59
CA LEU C 129 29.02 -33.66 -8.87
C LEU C 129 30.15 -34.67 -8.69
N ASN C 130 31.02 -34.45 -7.71
CA ASN C 130 32.15 -35.33 -7.44
C ASN C 130 32.07 -35.75 -5.98
N THR C 131 31.47 -36.92 -5.72
CA THR C 131 31.28 -37.38 -4.35
C THR C 131 32.57 -37.80 -3.67
N LYS C 132 33.66 -37.99 -4.42
CA LYS C 132 34.96 -38.26 -3.82
C LYS C 132 35.59 -37.01 -3.21
N VAL C 133 35.07 -35.84 -3.53
CA VAL C 133 35.59 -34.58 -3.01
C VAL C 133 34.78 -34.19 -1.79
N SER C 134 35.45 -34.03 -0.65
CA SER C 134 34.81 -33.50 0.53
C SER C 134 34.79 -31.98 0.47
N VAL C 135 33.78 -31.39 1.08
CA VAL C 135 33.66 -29.94 1.09
C VAL C 135 33.72 -29.46 2.54
N PRO C 136 34.91 -29.14 3.06
CA PRO C 136 35.00 -28.58 4.40
C PRO C 136 34.65 -27.10 4.39
N VAL C 137 34.11 -26.65 5.52
CA VAL C 137 33.87 -25.22 5.74
C VAL C 137 34.74 -24.78 6.89
N ASN C 138 34.96 -23.47 6.98
CA ASN C 138 35.69 -22.88 8.09
C ASN C 138 34.81 -22.95 9.32
N GLY C 139 35.06 -23.94 10.18
CA GLY C 139 34.13 -24.25 11.25
C GLY C 139 33.95 -23.14 12.26
N ASN C 140 34.98 -22.34 12.47
CA ASN C 140 34.84 -21.16 13.31
C ASN C 140 33.96 -20.13 12.63
N ARG C 141 34.24 -19.84 11.37
CA ARG C 141 33.49 -18.85 10.61
C ARG C 141 32.12 -19.37 10.19
N PHE C 142 31.93 -20.69 10.19
CA PHE C 142 30.64 -21.26 9.85
C PHE C 142 29.60 -20.94 10.92
N PHE C 143 29.96 -21.15 12.19
CA PHE C 143 29.02 -21.01 13.29
C PHE C 143 28.98 -19.59 13.85
N ASN C 144 30.13 -18.95 14.04
CA ASN C 144 30.17 -17.66 14.73
C ASN C 144 29.52 -16.53 13.92
N LYS C 145 29.39 -16.70 12.61
CA LYS C 145 28.50 -15.88 11.80
C LYS C 145 27.29 -16.74 11.46
N HIS C 146 26.10 -16.17 11.65
CA HIS C 146 24.87 -16.97 11.69
C HIS C 146 24.58 -17.70 10.39
N ILE C 147 24.07 -18.92 10.54
CA ILE C 147 23.71 -19.77 9.41
C ILE C 147 22.25 -19.50 9.05
N ALA C 148 21.91 -19.73 7.79
CA ALA C 148 20.52 -19.60 7.32
C ALA C 148 20.22 -20.78 6.40
N ILE C 149 19.73 -21.87 6.97
CA ILE C 149 19.39 -23.06 6.21
C ILE C 149 18.00 -22.88 5.64
N VAL C 150 17.87 -23.03 4.33
CA VAL C 150 16.64 -22.72 3.62
C VAL C 150 16.33 -23.85 2.67
N GLY C 151 15.10 -24.34 2.71
CA GLY C 151 14.72 -25.38 1.76
C GLY C 151 13.24 -25.66 1.79
N SER C 152 12.65 -25.89 0.63
CA SER C 152 11.22 -26.15 0.55
C SER C 152 10.90 -27.52 1.16
N THR C 153 9.61 -27.79 1.29
CA THR C 153 9.19 -29.00 1.96
C THR C 153 9.47 -30.23 1.10
N GLY C 154 9.83 -31.33 1.77
CA GLY C 154 10.23 -32.54 1.10
C GLY C 154 11.65 -32.56 0.59
N SER C 155 12.44 -31.52 0.85
CA SER C 155 13.81 -31.44 0.36
C SER C 155 14.84 -31.95 1.37
N GLY C 156 14.40 -32.46 2.51
CA GLY C 156 15.33 -32.89 3.54
C GLY C 156 16.08 -31.75 4.19
N LYS C 157 15.39 -30.63 4.46
CA LYS C 157 16.04 -29.52 5.16
C LYS C 157 16.33 -29.89 6.60
N SER C 158 15.43 -30.61 7.26
CA SER C 158 15.66 -31.01 8.63
C SER C 158 16.77 -32.04 8.74
N HIS C 159 16.99 -32.83 7.69
CA HIS C 159 18.12 -33.74 7.68
C HIS C 159 19.45 -33.00 7.54
N THR C 160 19.44 -31.83 6.91
CA THR C 160 20.64 -31.01 6.85
C THR C 160 20.95 -30.41 8.22
N VAL C 161 19.93 -29.87 8.89
CA VAL C 161 20.12 -29.29 10.22
C VAL C 161 20.57 -30.35 11.20
N ALA C 162 19.95 -31.53 11.16
CA ALA C 162 20.32 -32.58 12.10
C ALA C 162 21.71 -33.13 11.81
N LYS C 163 22.18 -33.07 10.57
CA LYS C 163 23.53 -33.52 10.28
C LYS C 163 24.57 -32.51 10.74
N ILE C 164 24.27 -31.22 10.58
CA ILE C 164 25.21 -30.18 11.04
C ILE C 164 25.34 -30.21 12.55
N LEU C 165 24.23 -30.36 13.26
CA LEU C 165 24.29 -30.36 14.72
C LEU C 165 24.85 -31.67 15.26
N GLN C 166 24.68 -32.77 14.55
CA GLN C 166 25.30 -34.02 14.98
C GLN C 166 26.81 -34.00 14.74
N LYS C 167 27.27 -33.27 13.74
CA LYS C 167 28.70 -33.12 13.54
C LYS C 167 29.32 -32.21 14.59
N ALA C 168 28.57 -31.17 15.01
CA ALA C 168 29.09 -30.23 15.99
C ALA C 168 29.21 -30.89 17.37
N VAL C 169 28.26 -31.76 17.71
CA VAL C 169 28.34 -32.49 18.97
C VAL C 169 29.44 -33.54 18.91
N ASP C 170 29.57 -34.23 17.78
CA ASP C 170 30.63 -35.22 17.63
C ASP C 170 32.00 -34.60 17.46
N GLU C 171 32.09 -33.29 17.24
CA GLU C 171 33.36 -32.61 17.09
C GLU C 171 34.05 -32.54 18.45
N LYS C 172 35.02 -33.42 18.68
CA LYS C 172 35.71 -33.50 19.95
C LYS C 172 37.22 -33.62 19.71
N GLN C 173 37.99 -33.18 20.69
CA GLN C 173 39.42 -33.45 20.70
C GLN C 173 39.68 -34.89 21.14
N GLU C 174 40.92 -35.33 20.94
CA GLU C 174 41.30 -36.67 21.35
C GLU C 174 41.62 -36.76 22.84
N GLY C 175 41.66 -35.65 23.55
CA GLY C 175 42.07 -35.62 24.94
C GLY C 175 41.04 -36.04 25.95
N TYR C 176 39.82 -36.35 25.54
CA TYR C 176 38.78 -36.74 26.48
C TYR C 176 37.72 -37.57 25.80
N LYS C 177 36.93 -38.26 26.61
CA LYS C 177 35.71 -38.94 26.16
C LYS C 177 34.56 -38.45 27.02
N GLY C 178 33.53 -37.90 26.38
CA GLY C 178 32.41 -37.34 27.09
C GLY C 178 31.81 -36.20 26.31
N LEU C 179 31.12 -35.33 27.02
CA LEU C 179 30.44 -34.20 26.39
C LEU C 179 31.45 -33.16 25.95
N ASN C 180 31.33 -32.70 24.70
CA ASN C 180 32.07 -31.54 24.25
C ASN C 180 31.28 -30.28 24.58
N ASN C 181 31.84 -29.14 24.24
CA ASN C 181 31.29 -27.86 24.65
C ASN C 181 30.23 -27.33 23.70
N SER C 182 29.61 -28.19 22.89
CA SER C 182 28.53 -27.75 22.01
C SER C 182 27.33 -27.32 22.82
N HIS C 183 26.74 -26.19 22.45
CA HIS C 183 25.55 -25.68 23.11
C HIS C 183 24.58 -25.25 22.02
N ILE C 184 23.73 -26.18 21.60
CA ILE C 184 22.75 -25.95 20.56
C ILE C 184 21.37 -25.91 21.21
N ILE C 185 20.60 -24.87 20.93
CA ILE C 185 19.25 -24.72 21.45
C ILE C 185 18.29 -24.70 20.27
N ILE C 186 17.39 -25.69 20.22
CA ILE C 186 16.55 -25.92 19.06
C ILE C 186 15.13 -25.49 19.39
N PHE C 187 14.59 -24.56 18.62
CA PHE C 187 13.21 -24.13 18.76
C PHE C 187 12.31 -24.82 17.76
N ASP C 188 12.30 -26.15 17.79
CA ASP C 188 11.48 -26.88 16.83
C ASP C 188 10.00 -26.82 17.21
N ILE C 189 9.16 -26.68 16.19
CA ILE C 189 7.73 -26.56 16.39
C ILE C 189 6.98 -27.79 15.92
N HIS C 190 7.58 -28.63 15.08
CA HIS C 190 6.95 -29.83 14.57
C HIS C 190 7.42 -31.09 15.28
N SER C 191 8.13 -30.94 16.40
CA SER C 191 8.66 -32.06 17.19
C SER C 191 9.54 -32.98 16.34
N GLU C 192 10.38 -32.38 15.52
CA GLU C 192 11.14 -33.11 14.51
C GLU C 192 12.44 -33.69 15.05
N TYR C 193 13.16 -32.94 15.87
CA TYR C 193 14.54 -33.26 16.17
C TYR C 193 14.71 -34.12 17.42
N GLU C 194 13.62 -34.53 18.07
CA GLU C 194 13.72 -35.48 19.17
C GLU C 194 14.28 -36.82 18.72
N ASN C 195 13.83 -37.31 17.58
CA ASN C 195 14.37 -38.57 17.07
C ASN C 195 15.75 -38.40 16.47
N ALA C 196 16.15 -37.16 16.13
CA ALA C 196 17.47 -36.94 15.57
C ALA C 196 18.56 -37.07 16.62
N PHE C 197 18.34 -36.48 17.79
CA PHE C 197 19.32 -36.50 18.88
C PHE C 197 18.71 -37.20 20.08
N PRO C 198 19.04 -38.48 20.31
CA PRO C 198 18.45 -39.19 21.46
C PRO C 198 19.00 -38.74 22.80
N ASN C 199 20.26 -38.28 22.84
CA ASN C 199 20.88 -37.85 24.09
C ASN C 199 20.47 -36.43 24.47
N SER C 200 19.79 -35.71 23.58
CA SER C 200 19.45 -34.32 23.83
C SER C 200 18.37 -34.18 24.90
N ASN C 201 18.31 -32.99 25.48
CA ASN C 201 17.31 -32.64 26.48
C ASN C 201 16.13 -31.95 25.80
N VAL C 202 14.94 -32.50 25.98
CA VAL C 202 13.73 -32.00 25.34
C VAL C 202 12.83 -31.40 26.41
N LEU C 203 12.39 -30.17 26.18
CA LEU C 203 11.58 -29.43 27.15
C LEU C 203 10.30 -28.96 26.47
N ASN C 204 9.26 -29.77 26.55
CA ASN C 204 7.94 -29.37 26.11
C ASN C 204 7.22 -28.69 27.27
N VAL C 205 5.91 -28.44 27.11
CA VAL C 205 5.15 -27.70 28.11
C VAL C 205 5.04 -28.46 29.42
N ASP C 206 4.95 -29.80 29.36
CA ASP C 206 4.85 -30.61 30.57
C ASP C 206 6.09 -30.52 31.44
N THR C 207 7.25 -30.20 30.88
CA THR C 207 8.49 -30.12 31.66
C THR C 207 9.07 -28.72 31.77
N LEU C 208 8.85 -27.86 30.77
CA LEU C 208 9.39 -26.51 30.83
C LEU C 208 8.63 -25.67 31.83
N THR C 209 9.37 -24.92 32.64
CA THR C 209 8.80 -24.00 33.63
C THR C 209 9.42 -22.64 33.37
N LEU C 210 8.81 -21.87 32.47
CA LEU C 210 9.29 -20.53 32.18
C LEU C 210 8.70 -19.56 33.19
N PRO C 211 9.51 -18.85 33.98
CA PRO C 211 8.95 -17.88 34.92
C PRO C 211 8.46 -16.64 34.19
N TYR C 212 7.21 -16.26 34.47
CA TYR C 212 6.61 -15.08 33.85
C TYR C 212 7.23 -13.79 34.33
N TRP C 213 7.88 -13.78 35.50
CA TRP C 213 8.46 -12.54 36.00
C TRP C 213 9.73 -12.15 35.24
N LEU C 214 10.30 -13.06 34.45
CA LEU C 214 11.43 -12.74 33.62
C LEU C 214 11.04 -12.07 32.31
N LEU C 215 9.75 -12.00 32.00
CA LEU C 215 9.30 -11.26 30.83
C LEU C 215 9.49 -9.77 31.06
N ASN C 216 9.85 -9.06 30.00
CA ASN C 216 9.99 -7.61 30.08
C ASN C 216 8.62 -6.97 29.87
N GLY C 217 8.61 -5.65 29.67
CA GLY C 217 7.34 -4.95 29.55
C GLY C 217 6.55 -5.32 28.30
N ASP C 218 7.24 -5.46 27.17
CA ASP C 218 6.54 -5.74 25.91
C ASP C 218 5.94 -7.15 25.91
N GLU C 219 6.64 -8.12 26.47
CA GLU C 219 6.12 -9.49 26.53
C GLU C 219 5.06 -9.65 27.61
N LEU C 220 5.14 -8.87 28.68
CA LEU C 220 4.12 -8.94 29.73
C LEU C 220 2.82 -8.33 29.28
N GLU C 221 2.87 -7.32 28.41
CA GLU C 221 1.64 -6.71 27.91
C GLU C 221 0.92 -7.64 26.94
N GLU C 222 1.67 -8.25 26.01
CA GLU C 222 1.07 -9.08 24.98
C GLU C 222 0.48 -10.36 25.56
N LEU C 223 1.04 -10.85 26.67
CA LEU C 223 0.52 -12.07 27.29
C LEU C 223 -0.77 -11.80 28.05
N PHE C 224 -0.86 -10.66 28.73
CA PHE C 224 -1.95 -10.45 29.69
C PHE C 224 -3.07 -9.56 29.17
N LEU C 225 -2.85 -8.79 28.11
CA LEU C 225 -3.90 -7.90 27.63
C LEU C 225 -3.79 -7.73 26.12
N ASP C 226 -4.89 -7.28 25.53
CA ASP C 226 -4.97 -7.01 24.10
C ASP C 226 -5.23 -5.53 23.89
N THR C 227 -4.51 -4.93 22.93
CA THR C 227 -4.66 -3.51 22.63
C THR C 227 -5.90 -3.21 21.81
N GLU C 228 -6.59 -4.24 21.29
CA GLU C 228 -7.74 -4.01 20.43
C GLU C 228 -8.92 -3.45 21.22
N ALA C 229 -9.15 -3.96 22.43
CA ALA C 229 -10.30 -3.55 23.23
C ALA C 229 -9.95 -2.79 24.49
N ASN C 230 -8.78 -3.04 25.08
CA ASN C 230 -8.39 -2.35 26.30
C ASN C 230 -7.98 -0.91 25.99
N ASP C 231 -8.47 0.02 26.80
CA ASP C 231 -8.25 1.44 26.57
C ASP C 231 -6.88 1.86 27.12
N HIS C 232 -6.62 3.17 27.10
CA HIS C 232 -5.37 3.70 27.62
C HIS C 232 -5.26 3.49 29.13
N ASN C 233 -6.35 3.73 29.85
CA ASN C 233 -6.32 3.72 31.31
C ASN C 233 -6.32 2.31 31.90
N GLN C 234 -6.74 1.30 31.13
CA GLN C 234 -6.70 -0.07 31.64
C GLN C 234 -5.28 -0.59 31.70
N ARG C 235 -4.45 -0.22 30.73
CA ARG C 235 -3.06 -0.64 30.73
C ARG C 235 -2.27 0.03 31.85
N ASN C 236 -2.58 1.30 32.15
CA ASN C 236 -1.81 2.07 33.12
C ASN C 236 -2.00 1.55 34.54
N VAL C 237 -3.15 0.95 34.85
CA VAL C 237 -3.32 0.33 36.16
C VAL C 237 -2.49 -0.94 36.25
N PHE C 238 -2.32 -1.66 35.14
CA PHE C 238 -1.62 -2.93 35.15
C PHE C 238 -0.13 -2.75 35.43
N ARG C 239 0.56 -1.98 34.59
CA ARG C 239 1.99 -1.80 34.74
C ARG C 239 2.35 -1.01 35.99
N GLN C 240 1.42 -0.22 36.52
CA GLN C 240 1.60 0.36 37.84
C GLN C 240 1.58 -0.73 38.91
N ALA C 241 0.68 -1.71 38.76
CA ALA C 241 0.53 -2.76 39.77
C ALA C 241 1.74 -3.70 39.81
N ILE C 242 2.37 -3.96 38.66
CA ILE C 242 3.56 -4.79 38.63
C ILE C 242 4.73 -4.09 39.32
N THR C 243 4.77 -2.77 39.25
CA THR C 243 5.95 -2.02 39.65
C THR C 243 6.16 -2.07 41.17
N LEU C 244 5.12 -1.82 41.96
CA LEU C 244 5.30 -1.95 43.41
C LEU C 244 5.36 -3.40 43.85
N ASN C 245 4.86 -4.34 43.05
CA ASN C 245 4.97 -5.74 43.40
C ASN C 245 6.39 -6.25 43.24
N LYS C 246 7.14 -5.66 42.31
CA LYS C 246 8.52 -6.08 42.10
C LYS C 246 9.45 -5.59 43.20
N LYS C 247 9.14 -4.42 43.78
CA LYS C 247 10.04 -3.84 44.78
C LYS C 247 9.98 -4.58 46.10
N ILE C 248 8.78 -4.89 46.59
CA ILE C 248 8.68 -5.51 47.91
C ILE C 248 9.08 -6.97 47.90
N HIS C 249 9.16 -7.59 46.72
CA HIS C 249 9.67 -8.95 46.60
C HIS C 249 11.16 -8.99 46.31
N PHE C 250 11.83 -7.84 46.28
CA PHE C 250 13.25 -7.76 45.96
C PHE C 250 13.93 -7.60 47.32
N GLN C 251 14.84 -8.51 47.65
CA GLN C 251 15.36 -8.64 49.01
C GLN C 251 16.71 -7.97 49.23
N GLY C 252 17.21 -7.22 48.27
CA GLY C 252 18.53 -6.62 48.36
C GLY C 252 18.53 -5.21 48.92
N ASP C 253 19.50 -4.42 48.48
CA ASP C 253 19.67 -3.06 48.97
C ASP C 253 18.54 -2.16 48.47
N PRO C 254 18.10 -1.20 49.30
CA PRO C 254 17.01 -0.31 48.88
C PRO C 254 17.37 0.68 47.78
N ALA C 255 18.65 0.83 47.44
CA ALA C 255 19.04 1.76 46.39
C ALA C 255 18.65 1.24 45.01
N THR C 256 18.59 -0.07 44.84
CA THR C 256 18.24 -0.67 43.54
C THR C 256 16.73 -0.69 43.32
N LYS C 257 15.93 -0.53 44.38
CA LYS C 257 14.48 -0.45 44.22
C LYS C 257 14.05 0.77 43.41
N GLU C 258 14.88 1.81 43.40
CA GLU C 258 14.59 2.95 42.52
C GLU C 258 14.84 2.61 41.06
N ILE C 259 15.79 1.72 40.79
CA ILE C 259 16.06 1.26 39.43
C ILE C 259 14.87 0.45 38.90
N ILE C 260 14.22 -0.32 39.77
CA ILE C 260 13.20 -1.29 39.38
C ILE C 260 12.00 -0.58 38.77
N SER C 261 11.59 -1.04 37.60
CA SER C 261 10.43 -0.50 36.89
C SER C 261 9.64 -1.68 36.33
N PHE C 262 8.74 -1.37 35.40
CA PHE C 262 7.89 -2.40 34.80
C PHE C 262 8.70 -3.38 33.96
N HIS C 263 9.66 -2.87 33.18
CA HIS C 263 10.41 -3.69 32.24
C HIS C 263 11.54 -4.47 32.88
N SER C 264 11.83 -4.25 34.15
CA SER C 264 12.91 -4.97 34.80
C SER C 264 12.49 -6.42 35.07
N PRO C 265 13.39 -7.38 34.92
CA PRO C 265 13.06 -8.80 35.16
C PRO C 265 13.30 -9.27 36.59
N TYR C 266 12.41 -8.85 37.49
CA TYR C 266 12.51 -9.20 38.90
C TYR C 266 11.24 -9.91 39.35
N TYR C 267 11.34 -10.53 40.52
CA TYR C 267 10.30 -11.42 41.01
C TYR C 267 9.07 -10.61 41.40
N PHE C 268 7.91 -11.02 40.91
CA PHE C 268 6.64 -10.50 41.40
C PHE C 268 5.61 -11.61 41.33
N ASP C 269 4.54 -11.46 42.09
CA ASP C 269 3.47 -12.45 42.17
C ASP C 269 2.27 -11.94 41.39
N ILE C 270 1.82 -12.71 40.41
CA ILE C 270 0.65 -12.34 39.63
C ILE C 270 -0.63 -12.53 40.43
N ASN C 271 -0.60 -13.39 41.45
CA ASN C 271 -1.76 -13.51 42.33
C ASN C 271 -2.01 -12.23 43.11
N GLU C 272 -0.94 -11.57 43.57
CA GLU C 272 -1.09 -10.32 44.30
C GLU C 272 -1.42 -9.15 43.38
N VAL C 273 -1.00 -9.22 42.12
CA VAL C 273 -1.34 -8.16 41.17
C VAL C 273 -2.83 -8.19 40.86
N ILE C 274 -3.40 -9.38 40.75
CA ILE C 274 -4.83 -9.53 40.46
C ILE C 274 -5.67 -8.94 41.59
N ASN C 275 -5.19 -9.08 42.83
CA ASN C 275 -5.86 -8.45 43.96
C ASN C 275 -5.88 -6.93 43.84
N TYR C 276 -4.77 -6.35 43.36
CA TYR C 276 -4.69 -4.90 43.20
C TYR C 276 -5.65 -4.41 42.13
N ILE C 277 -5.71 -5.10 41.00
CA ILE C 277 -6.61 -4.67 39.92
C ILE C 277 -8.07 -4.91 40.32
N ASN C 278 -8.33 -5.94 41.11
CA ASN C 278 -9.69 -6.20 41.56
C ASN C 278 -10.16 -5.14 42.55
N ASN C 279 -9.28 -4.74 43.48
CA ASN C 279 -9.67 -3.73 44.46
C ASN C 279 -9.81 -2.36 43.82
N ARG C 280 -8.89 -2.01 42.91
CA ARG C 280 -8.97 -0.74 42.18
C ARG C 280 -10.13 -0.71 41.19
N ASN C 281 -10.74 -1.86 40.90
CA ASN C 281 -11.95 -1.88 40.10
C ASN C 281 -13.15 -1.35 40.88
N ASN C 282 -13.21 -1.62 42.19
CA ASN C 282 -14.32 -1.25 43.04
C ASN C 282 -13.98 -0.09 43.96
N GLU C 283 -13.14 0.83 43.51
CA GLU C 283 -12.75 1.96 44.34
C GLU C 283 -13.82 3.04 44.35
N ARG C 284 -13.95 3.72 45.49
CA ARG C 284 -14.94 4.77 45.67
C ARG C 284 -14.24 6.05 46.14
N LYS C 285 -14.89 7.17 45.89
CA LYS C 285 -14.40 8.49 46.30
C LYS C 285 -15.28 9.05 47.41
N ASN C 286 -14.71 9.98 48.17
CA ASN C 286 -15.45 10.72 49.17
C ASN C 286 -15.76 12.12 48.65
N LYS C 287 -16.31 12.98 49.51
CA LYS C 287 -16.59 14.35 49.12
C LYS C 287 -15.34 15.20 48.97
N ASP C 288 -14.18 14.72 49.45
CA ASP C 288 -12.92 15.41 49.31
C ASP C 288 -12.05 14.83 48.19
N ASN C 289 -12.64 13.98 47.34
CA ASN C 289 -11.95 13.33 46.21
C ASN C 289 -10.76 12.50 46.67
N GLU C 290 -10.99 11.65 47.66
CA GLU C 290 -9.98 10.72 48.17
C GLU C 290 -10.52 9.30 48.07
N HIS C 291 -9.69 8.39 47.57
CA HIS C 291 -10.07 6.97 47.46
C HIS C 291 -9.78 6.31 48.79
N ILE C 292 -10.78 6.33 49.68
CA ILE C 292 -10.59 5.81 51.04
C ILE C 292 -10.55 4.29 51.01
N TRP C 293 -9.60 3.71 51.74
CA TRP C 293 -9.42 2.27 51.81
C TRP C 293 -9.45 1.81 53.26
N SER C 294 -10.24 0.78 53.54
CA SER C 294 -10.34 0.20 54.87
C SER C 294 -9.80 -1.22 54.84
N ASP C 295 -8.83 -1.50 55.71
CA ASP C 295 -8.24 -2.83 55.81
C ASP C 295 -8.07 -3.16 57.28
N GLU C 296 -7.39 -4.28 57.56
CA GLU C 296 -7.22 -4.75 58.92
C GLU C 296 -6.32 -3.81 59.72
N GLU C 297 -5.24 -3.33 59.10
CA GLU C 297 -4.24 -2.55 59.82
C GLU C 297 -4.65 -1.11 60.07
N GLY C 298 -5.73 -0.63 59.44
CA GLY C 298 -6.16 0.73 59.70
C GLY C 298 -7.15 1.23 58.66
N ASN C 299 -7.11 2.53 58.42
CA ASN C 299 -8.00 3.18 57.45
C ASN C 299 -7.26 4.38 56.89
N PHE C 300 -7.00 4.36 55.58
CA PHE C 300 -6.28 5.44 54.93
C PHE C 300 -6.71 5.51 53.48
N LYS C 301 -6.45 6.66 52.85
CA LYS C 301 -6.79 6.85 51.45
C LYS C 301 -5.73 6.20 50.57
N PHE C 302 -5.92 6.32 49.26
CA PHE C 302 -5.03 5.70 48.28
C PHE C 302 -3.73 6.49 48.22
N ASP C 303 -2.69 5.97 48.85
CA ASP C 303 -1.38 6.60 48.88
C ASP C 303 -0.33 5.60 48.41
N ASN C 304 0.75 6.11 47.83
CA ASN C 304 1.81 5.25 47.34
C ASN C 304 2.61 4.60 48.47
N GLU C 305 2.67 5.25 49.63
CA GLU C 305 3.42 4.70 50.77
C GLU C 305 2.69 3.56 51.46
N ASN C 306 1.39 3.38 51.21
CA ASN C 306 0.62 2.30 51.82
C ASN C 306 -0.17 1.52 50.78
N ALA C 307 0.27 1.52 49.52
CA ALA C 307 -0.38 0.71 48.50
C ALA C 307 0.06 -0.75 48.53
N HIS C 308 1.10 -1.08 49.30
CA HIS C 308 1.53 -2.47 49.42
C HIS C 308 0.64 -3.27 50.36
N ARG C 309 -0.16 -2.61 51.19
CA ARG C 309 -1.18 -3.30 51.98
C ARG C 309 -2.43 -3.58 51.18
N LEU C 310 -2.57 -2.97 50.00
CA LEU C 310 -3.70 -3.24 49.12
C LEU C 310 -3.56 -4.59 48.44
N PHE C 311 -2.37 -5.19 48.46
CA PHE C 311 -2.12 -6.46 47.77
C PHE C 311 -2.84 -7.62 48.44
N LYS C 312 -3.11 -7.52 49.74
CA LYS C 312 -3.76 -8.62 50.44
C LYS C 312 -5.24 -8.66 50.11
N GLU C 313 -5.86 -9.80 50.44
CA GLU C 313 -7.28 -10.00 50.17
C GLU C 313 -8.17 -9.37 51.24
N ASN C 314 -7.59 -8.89 52.34
CA ASN C 314 -8.36 -8.27 53.42
C ASN C 314 -8.41 -6.75 53.26
N VAL C 315 -8.93 -6.32 52.10
CA VAL C 315 -9.11 -4.91 51.79
C VAL C 315 -10.52 -4.72 51.24
N THR C 316 -11.27 -3.79 51.83
CA THR C 316 -12.61 -3.50 51.36
C THR C 316 -12.73 -2.05 50.92
N PRO C 317 -13.59 -1.76 49.94
CA PRO C 317 -13.82 -0.37 49.53
C PRO C 317 -14.38 0.48 50.65
N ASP C 318 -14.03 1.76 50.63
CA ASP C 318 -14.59 2.75 51.54
C ASP C 318 -14.98 3.98 50.77
N GLY C 319 -16.06 4.63 51.22
CA GLY C 319 -16.56 5.81 50.56
C GLY C 319 -18.07 5.80 50.43
N SER C 320 -18.71 6.92 50.78
CA SER C 320 -20.15 7.05 50.75
C SER C 320 -20.68 7.42 49.36
N SER C 321 -19.80 7.64 48.39
CA SER C 321 -20.19 7.99 47.04
C SER C 321 -19.39 7.17 46.04
N ALA C 322 -20.01 6.86 44.92
CA ALA C 322 -19.34 6.10 43.87
C ALA C 322 -18.36 6.99 43.13
N GLY C 323 -17.14 6.48 42.91
CA GLY C 323 -16.13 7.25 42.22
C GLY C 323 -16.31 7.27 40.72
N ALA C 324 -15.53 8.15 40.07
CA ALA C 324 -15.56 8.23 38.62
C ALA C 324 -14.82 7.07 37.96
N LEU C 325 -13.81 6.53 38.64
CA LEU C 325 -13.03 5.41 38.12
C LEU C 325 -13.51 4.07 38.65
N ASN C 326 -14.79 3.96 38.96
CA ASN C 326 -15.35 2.77 39.57
C ASN C 326 -15.85 1.81 38.49
N GLY C 327 -15.34 0.58 38.50
CA GLY C 327 -15.80 -0.42 37.56
C GLY C 327 -15.33 -0.25 36.14
N LYS C 328 -14.25 0.49 35.93
CA LYS C 328 -13.72 0.68 34.58
C LYS C 328 -12.87 -0.48 34.10
N LEU C 329 -12.58 -1.46 34.97
CA LEU C 329 -11.66 -2.54 34.64
C LEU C 329 -12.31 -3.92 34.78
N LEU C 330 -13.64 -4.01 34.75
CA LEU C 330 -14.28 -5.33 34.82
C LEU C 330 -14.00 -6.13 33.56
N ASN C 331 -13.87 -5.46 32.42
CA ASN C 331 -13.35 -6.11 31.22
C ASN C 331 -11.91 -6.56 31.42
N PHE C 332 -11.15 -5.84 32.24
CA PHE C 332 -9.73 -6.12 32.39
C PHE C 332 -9.47 -7.33 33.30
N VAL C 333 -9.90 -7.26 34.56
CA VAL C 333 -9.47 -8.22 35.58
C VAL C 333 -9.97 -9.63 35.25
N ASP C 334 -11.17 -9.74 34.68
CA ASP C 334 -11.67 -11.03 34.23
C ASP C 334 -10.85 -11.61 33.08
N ARG C 335 -10.16 -10.78 32.30
CA ARG C 335 -9.33 -11.30 31.23
C ARG C 335 -8.05 -11.93 31.78
N LEU C 336 -7.41 -11.29 32.76
CA LEU C 336 -6.27 -11.93 33.40
C LEU C 336 -6.68 -12.99 34.40
N GLN C 337 -7.94 -13.02 34.80
CA GLN C 337 -8.40 -14.07 35.70
C GLN C 337 -8.47 -15.41 34.97
N SER C 338 -8.76 -15.38 33.67
CA SER C 338 -8.78 -16.61 32.89
C SER C 338 -7.38 -17.11 32.57
N LYS C 339 -6.42 -16.18 32.38
CA LYS C 339 -5.07 -16.57 32.02
C LYS C 339 -4.31 -17.17 33.19
N ILE C 340 -4.58 -16.70 34.41
CA ILE C 340 -3.80 -17.13 35.56
C ILE C 340 -4.13 -18.58 35.96
N PHE C 341 -5.35 -19.05 35.73
CA PHE C 341 -5.67 -20.47 35.87
C PHE C 341 -6.00 -21.12 34.53
N ASP C 342 -5.38 -20.65 33.45
CA ASP C 342 -5.43 -21.38 32.20
C ASP C 342 -4.52 -22.59 32.31
N LYS C 343 -5.07 -23.78 32.07
CA LYS C 343 -4.27 -25.00 32.20
C LYS C 343 -3.22 -25.09 31.10
N ARG C 344 -3.47 -24.47 29.96
CA ARG C 344 -2.49 -24.48 28.88
C ARG C 344 -1.33 -23.55 29.15
N LEU C 345 -1.52 -22.53 30.00
CA LEU C 345 -0.48 -21.57 30.36
C LEU C 345 0.14 -21.87 31.72
N ASP C 346 -0.02 -23.10 32.21
CA ASP C 346 0.56 -23.45 33.51
C ASP C 346 2.07 -23.59 33.47
N PHE C 347 2.67 -23.61 32.28
CA PHE C 347 4.12 -23.61 32.16
C PHE C 347 4.70 -22.21 32.30
N ILE C 348 3.89 -21.17 32.22
CA ILE C 348 4.40 -19.81 32.32
C ILE C 348 3.72 -19.07 33.47
N LEU C 349 2.51 -19.50 33.83
CA LEU C 349 1.74 -18.82 34.88
C LEU C 349 1.33 -19.75 36.01
N GLY C 350 1.91 -20.94 36.08
CA GLY C 350 1.54 -21.88 37.11
C GLY C 350 2.17 -21.54 38.45
N GLU C 351 1.88 -22.40 39.44
CA GLU C 351 2.47 -22.21 40.76
C GLU C 351 3.95 -22.56 40.76
N GLY C 352 4.38 -23.42 39.84
CA GLY C 352 5.79 -23.76 39.74
C GLY C 352 6.65 -22.70 39.10
N SER C 353 6.04 -21.78 38.34
CA SER C 353 6.80 -20.69 37.73
C SER C 353 7.15 -19.62 38.76
N LYS C 354 6.35 -19.48 39.81
CA LYS C 354 6.72 -18.57 40.89
C LYS C 354 7.82 -19.16 41.75
N SER C 355 7.77 -20.46 42.02
CA SER C 355 8.73 -21.10 42.89
C SER C 355 10.09 -21.32 42.24
N VAL C 356 10.16 -21.29 40.92
CA VAL C 356 11.45 -21.47 40.25
C VAL C 356 12.25 -20.18 40.41
N THR C 357 13.58 -20.32 40.34
CA THR C 357 14.48 -19.19 40.53
C THR C 357 15.09 -18.79 39.18
N PHE C 358 15.95 -17.78 39.24
CA PHE C 358 16.56 -17.27 38.02
C PHE C 358 17.65 -18.19 37.51
N LYS C 359 18.41 -18.79 38.43
CA LYS C 359 19.47 -19.71 38.03
C LYS C 359 18.90 -20.97 37.38
N GLU C 360 17.81 -21.50 37.94
CA GLU C 360 17.22 -22.75 37.44
C GLU C 360 16.62 -22.60 36.04
N THR C 361 16.22 -21.40 35.65
CA THR C 361 15.75 -21.18 34.29
C THR C 361 16.89 -21.29 33.29
N LEU C 362 18.03 -20.67 33.59
CA LEU C 362 19.16 -20.75 32.67
C LEU C 362 19.83 -22.11 32.72
N GLU C 363 19.70 -22.84 33.83
CA GLU C 363 20.14 -24.23 33.86
C GLU C 363 19.29 -25.12 32.98
N THR C 364 18.06 -24.69 32.68
CA THR C 364 17.10 -25.46 31.89
C THR C 364 17.27 -25.19 30.39
N LEU C 365 17.40 -23.92 30.01
CA LEU C 365 17.47 -23.56 28.59
C LEU C 365 18.82 -23.91 27.98
N ILE C 366 19.91 -23.77 28.74
CA ILE C 366 21.23 -24.16 28.25
C ILE C 366 21.49 -25.65 28.50
N SER C 367 20.66 -26.28 29.34
CA SER C 367 20.85 -27.64 29.86
C SER C 367 22.19 -27.75 30.59
N TYR C 368 22.29 -26.97 31.66
CA TYR C 368 23.40 -27.06 32.61
C TYR C 368 22.97 -27.63 33.96
N GLY C 369 21.78 -28.21 34.04
CA GLY C 369 21.30 -28.75 35.29
C GLY C 369 21.85 -30.12 35.63
N LYS C 370 21.01 -30.97 36.22
CA LYS C 370 21.44 -32.31 36.59
C LYS C 370 21.66 -33.22 35.40
N ASP C 371 21.12 -32.87 34.24
CA ASP C 371 21.30 -33.63 33.00
C ASP C 371 21.92 -32.69 31.98
N LYS C 372 23.24 -32.60 31.99
CA LYS C 372 23.95 -31.74 31.04
C LYS C 372 23.87 -32.33 29.64
N SER C 373 23.53 -31.49 28.67
CA SER C 373 23.34 -31.95 27.31
C SER C 373 23.87 -30.91 26.34
N ASN C 374 24.44 -31.40 25.24
CA ASN C 374 24.93 -30.49 24.20
C ASN C 374 23.79 -29.80 23.49
N ILE C 375 22.66 -30.48 23.31
CA ILE C 375 21.53 -29.95 22.58
C ILE C 375 20.36 -29.83 23.53
N THR C 376 19.75 -28.64 23.55
CA THR C 376 18.49 -28.41 24.25
C THR C 376 17.41 -28.23 23.19
N ILE C 377 16.40 -29.08 23.24
CA ILE C 377 15.32 -29.05 22.26
C ILE C 377 14.10 -28.46 22.95
N LEU C 378 13.79 -27.21 22.62
CA LEU C 378 12.64 -26.53 23.21
C LEU C 378 11.43 -26.84 22.34
N ASP C 379 10.76 -27.95 22.66
CA ASP C 379 9.61 -28.42 21.91
C ASP C 379 8.43 -27.49 22.20
N VAL C 380 8.18 -26.56 21.28
CA VAL C 380 7.12 -25.58 21.46
C VAL C 380 5.86 -25.97 20.69
N SER C 381 5.67 -27.27 20.43
CA SER C 381 4.45 -27.74 19.79
C SER C 381 3.24 -27.55 20.70
N GLY C 382 3.38 -27.88 21.98
CA GLY C 382 2.28 -27.74 22.90
C GLY C 382 2.01 -26.34 23.39
N VAL C 383 2.92 -25.42 23.12
CA VAL C 383 2.74 -24.02 23.52
C VAL C 383 1.59 -23.42 22.72
N PRO C 384 0.65 -22.71 23.36
CA PRO C 384 -0.42 -22.04 22.61
C PRO C 384 0.16 -21.02 21.64
N PHE C 385 -0.47 -20.91 20.47
CA PHE C 385 0.12 -20.13 19.39
C PHE C 385 0.07 -18.62 19.65
N GLU C 386 -0.77 -18.16 20.59
CA GLU C 386 -0.76 -16.75 20.92
C GLU C 386 0.43 -16.37 21.80
N VAL C 387 0.90 -17.30 22.62
CA VAL C 387 2.03 -17.03 23.52
C VAL C 387 3.32 -17.67 23.02
N LEU C 388 3.30 -18.29 21.84
CA LEU C 388 4.52 -18.84 21.27
C LEU C 388 5.53 -17.76 20.96
N SER C 389 5.08 -16.62 20.43
CA SER C 389 5.96 -15.51 20.12
C SER C 389 6.47 -14.81 21.37
N ILE C 390 5.93 -15.12 22.55
CA ILE C 390 6.39 -14.57 23.81
C ILE C 390 7.39 -15.49 24.49
N CYS C 391 7.14 -16.80 24.43
CA CYS C 391 8.10 -17.76 24.99
C CYS C 391 9.36 -17.84 24.16
N VAL C 392 9.26 -17.67 22.84
CA VAL C 392 10.45 -17.58 22.01
C VAL C 392 11.22 -16.31 22.35
N SER C 393 10.51 -15.19 22.52
CA SER C 393 11.16 -13.93 22.84
C SER C 393 11.79 -13.95 24.23
N LEU C 394 11.15 -14.61 25.19
CA LEU C 394 11.71 -14.67 26.54
C LEU C 394 12.99 -15.50 26.58
N ILE C 395 12.98 -16.65 25.91
CA ILE C 395 14.16 -17.51 25.93
C ILE C 395 15.30 -16.88 25.12
N SER C 396 14.99 -16.34 23.94
CA SER C 396 16.02 -15.75 23.09
C SER C 396 16.67 -14.55 23.74
N ARG C 397 15.89 -13.76 24.49
CA ARG C 397 16.48 -12.69 25.30
C ARG C 397 17.33 -13.26 26.42
N LEU C 398 16.86 -14.34 27.06
CA LEU C 398 17.60 -14.94 28.15
C LEU C 398 18.90 -15.57 27.68
N ILE C 399 18.90 -16.20 26.50
CA ILE C 399 20.13 -16.80 26.00
C ILE C 399 21.10 -15.72 25.56
N PHE C 400 20.60 -14.65 24.95
CA PHE C 400 21.48 -13.57 24.51
C PHE C 400 22.13 -12.88 25.70
N GLU C 401 21.34 -12.50 26.70
CA GLU C 401 21.88 -11.87 27.89
C GLU C 401 22.71 -12.83 28.73
N PHE C 402 22.56 -14.14 28.52
CA PHE C 402 23.51 -15.07 29.09
C PHE C 402 24.89 -14.90 28.46
N GLY C 403 24.93 -14.89 27.13
CA GLY C 403 26.20 -14.70 26.44
C GLY C 403 26.69 -13.27 26.50
N TYR C 404 25.77 -12.32 26.67
CA TYR C 404 26.18 -10.92 26.79
C TYR C 404 26.93 -10.72 28.09
N HIS C 405 26.43 -11.31 29.18
CA HIS C 405 27.08 -11.23 30.48
C HIS C 405 28.19 -12.25 30.66
N SER C 406 28.32 -13.22 29.76
CA SER C 406 29.44 -14.14 29.80
C SER C 406 30.75 -13.45 29.42
N LYS C 407 30.66 -12.37 28.62
CA LYS C 407 31.86 -11.70 28.15
C LYS C 407 32.46 -10.78 29.20
N LYS C 408 31.65 -10.24 30.12
CA LYS C 408 32.14 -9.26 31.09
C LYS C 408 33.21 -9.84 32.01
N ILE C 409 32.87 -10.90 32.75
CA ILE C 409 33.79 -11.43 33.75
C ILE C 409 35.08 -11.93 33.11
N LYS C 410 34.97 -12.51 31.92
CA LYS C 410 36.14 -13.10 31.27
C LYS C 410 37.04 -12.02 30.68
N ARG C 411 36.45 -10.91 30.23
CA ARG C 411 37.25 -9.74 29.89
C ARG C 411 37.87 -9.13 31.13
N LYS C 412 37.11 -9.06 32.23
CA LYS C 412 37.65 -8.58 33.50
C LYS C 412 38.74 -9.51 34.02
N SER C 413 38.55 -10.82 33.89
CA SER C 413 39.57 -11.76 34.32
C SER C 413 40.79 -11.75 33.39
N ASN C 414 40.63 -11.23 32.17
CA ASN C 414 41.60 -11.08 31.07
C ASN C 414 41.83 -12.40 30.34
N GLU C 415 41.22 -13.50 30.78
CA GLU C 415 41.28 -14.79 30.11
C GLU C 415 39.84 -15.25 29.92
N ASN C 416 39.50 -15.71 28.72
CA ASN C 416 38.13 -16.10 28.40
C ASN C 416 38.05 -17.62 28.22
N GLN C 417 37.41 -18.30 29.18
CA GLN C 417 37.14 -19.72 29.01
C GLN C 417 36.00 -19.94 28.03
N ASP C 418 34.93 -19.13 28.15
CA ASP C 418 33.88 -18.91 27.15
C ASP C 418 32.84 -20.02 27.07
N ILE C 419 31.64 -19.67 26.61
CA ILE C 419 30.55 -20.60 26.38
C ILE C 419 29.83 -20.09 25.12
N PRO C 420 30.00 -20.75 23.98
CA PRO C 420 29.27 -20.33 22.77
C PRO C 420 27.97 -21.09 22.62
N ILE C 421 26.92 -20.37 22.26
CA ILE C 421 25.58 -20.94 22.11
C ILE C 421 25.12 -20.70 20.68
N LEU C 422 24.58 -21.74 20.05
CA LEU C 422 23.97 -21.63 18.72
C LEU C 422 22.49 -21.94 18.88
N ILE C 423 21.64 -20.95 18.66
CA ILE C 423 20.20 -21.14 18.79
C ILE C 423 19.64 -21.50 17.43
N VAL C 424 19.10 -22.70 17.31
CA VAL C 424 18.49 -23.15 16.06
C VAL C 424 17.03 -22.75 16.09
N TYR C 425 16.63 -21.88 15.16
CA TYR C 425 15.24 -21.46 15.02
C TYR C 425 14.65 -22.24 13.86
N GLU C 426 14.22 -23.47 14.14
CA GLU C 426 13.45 -24.21 13.17
C GLU C 426 12.11 -23.51 12.95
N GLU C 427 11.70 -23.42 11.68
CA GLU C 427 10.49 -22.72 11.25
C GLU C 427 10.57 -21.24 11.65
N ALA C 428 11.61 -20.58 11.13
CA ALA C 428 12.06 -19.29 11.64
C ALA C 428 11.14 -18.14 11.30
N HIS C 429 10.33 -18.25 10.24
CA HIS C 429 9.42 -17.17 9.89
C HIS C 429 8.17 -17.12 10.75
N LYS C 430 7.94 -18.11 11.60
CA LYS C 430 6.87 -17.98 12.60
C LYS C 430 7.27 -17.02 13.70
N TYR C 431 8.54 -17.03 14.10
CA TYR C 431 9.00 -16.18 15.18
C TYR C 431 9.46 -14.82 14.68
N ALA C 432 10.11 -14.77 13.52
CA ALA C 432 10.68 -13.53 12.98
C ALA C 432 10.14 -13.32 11.58
N PRO C 433 8.89 -12.88 11.45
CA PRO C 433 8.27 -12.79 10.14
C PRO C 433 8.62 -11.47 9.44
N LYS C 434 8.18 -11.37 8.19
CA LYS C 434 8.40 -10.15 7.43
C LYS C 434 7.50 -9.02 7.91
N SER C 435 6.29 -9.35 8.37
CA SER C 435 5.34 -8.34 8.79
C SER C 435 5.74 -7.73 10.14
N ASP C 436 5.24 -6.52 10.37
CA ASP C 436 5.51 -5.78 11.60
C ASP C 436 4.36 -5.84 12.61
N LEU C 437 3.61 -6.94 12.60
CA LEU C 437 2.45 -7.08 13.48
C LEU C 437 2.88 -7.18 14.94
N SER C 438 2.00 -6.72 15.83
CA SER C 438 2.30 -6.73 17.26
C SER C 438 2.27 -8.13 17.86
N LYS C 439 1.63 -9.08 17.20
CA LYS C 439 1.59 -10.45 17.72
C LYS C 439 2.95 -11.12 17.62
N TYR C 440 3.73 -10.82 16.59
CA TYR C 440 5.08 -11.34 16.45
C TYR C 440 6.14 -10.25 16.61
N ARG C 441 5.80 -9.15 17.28
CA ARG C 441 6.76 -8.06 17.45
C ARG C 441 7.83 -8.42 18.46
N THR C 442 7.47 -9.16 19.51
CA THR C 442 8.41 -9.42 20.60
C THR C 442 9.48 -10.43 20.19
N SER C 443 9.11 -11.47 19.46
CA SER C 443 10.09 -12.46 19.04
C SER C 443 10.94 -11.97 17.88
N LYS C 444 10.37 -11.14 17.00
CA LYS C 444 11.14 -10.60 15.88
C LYS C 444 12.27 -9.71 16.35
N GLU C 445 12.02 -8.86 17.35
CA GLU C 445 13.06 -8.00 17.89
C GLU C 445 14.01 -8.73 18.83
N ALA C 446 13.60 -9.87 19.39
CA ALA C 446 14.51 -10.67 20.20
C ALA C 446 15.46 -11.47 19.34
N ILE C 447 14.97 -11.98 18.21
CA ILE C 447 15.82 -12.64 17.23
C ILE C 447 16.73 -11.62 16.55
N GLU C 448 16.22 -10.41 16.29
CA GLU C 448 17.02 -9.37 15.66
C GLU C 448 18.17 -8.93 16.57
N ARG C 449 17.98 -9.00 17.89
CA ARG C 449 19.08 -8.71 18.80
C ARG C 449 20.13 -9.82 18.75
N ILE C 450 19.72 -11.06 18.49
CA ILE C 450 20.69 -12.13 18.33
C ILE C 450 21.47 -11.94 17.04
N ALA C 451 20.76 -11.55 15.97
CA ALA C 451 21.42 -11.39 14.67
C ALA C 451 22.31 -10.16 14.65
N LYS C 452 21.81 -9.02 15.13
CA LYS C 452 22.59 -7.79 14.99
C LYS C 452 23.64 -7.62 16.08
N GLU C 453 23.56 -8.39 17.16
CA GLU C 453 24.47 -8.21 18.29
C GLU C 453 25.07 -9.49 18.84
N GLY C 454 24.50 -10.65 18.57
CA GLY C 454 25.00 -11.86 19.19
C GLY C 454 26.22 -12.46 18.56
N ARG C 455 26.77 -11.83 17.52
CA ARG C 455 28.01 -12.33 16.92
C ARG C 455 29.16 -12.28 17.90
N LYS C 456 29.30 -11.16 18.62
CA LYS C 456 30.44 -10.94 19.48
C LYS C 456 30.23 -11.40 20.91
N TYR C 457 29.00 -11.77 21.28
CA TYR C 457 28.71 -12.25 22.61
C TYR C 457 28.58 -13.76 22.67
N GLY C 458 28.87 -14.45 21.58
CA GLY C 458 28.86 -15.90 21.60
C GLY C 458 27.51 -16.54 21.50
N VAL C 459 26.49 -15.79 21.11
CA VAL C 459 25.14 -16.34 20.93
C VAL C 459 24.75 -16.11 19.49
N THR C 460 25.01 -17.10 18.64
CA THR C 460 24.64 -17.04 17.24
C THR C 460 23.37 -17.84 16.99
N LEU C 461 22.81 -17.68 15.80
CA LEU C 461 21.55 -18.32 15.46
C LEU C 461 21.68 -19.09 14.14
N LEU C 462 20.74 -20.02 13.96
CA LEU C 462 20.57 -20.77 12.72
C LEU C 462 19.12 -20.60 12.28
N LEU C 463 18.89 -19.88 11.19
CA LEU C 463 17.54 -19.65 10.69
C LEU C 463 17.18 -20.76 9.72
N ALA C 464 16.41 -21.73 10.19
CA ALA C 464 15.93 -22.83 9.36
C ALA C 464 14.46 -22.61 9.07
N SER C 465 14.10 -22.57 7.79
CA SER C 465 12.71 -22.33 7.43
C SER C 465 12.42 -22.91 6.05
N GLN C 466 11.15 -23.26 5.83
CA GLN C 466 10.69 -23.73 4.54
C GLN C 466 10.06 -22.64 3.70
N ARG C 467 9.69 -21.51 4.30
CA ARG C 467 9.20 -20.34 3.59
C ARG C 467 10.17 -19.21 3.89
N PRO C 468 11.31 -19.16 3.20
CA PRO C 468 12.30 -18.12 3.50
C PRO C 468 11.81 -16.71 3.19
N SER C 469 10.89 -16.55 2.23
CA SER C 469 10.44 -15.23 1.84
C SER C 469 9.64 -14.54 2.94
N GLU C 470 9.12 -15.28 3.91
CA GLU C 470 8.42 -14.66 5.02
C GLU C 470 9.34 -14.21 6.14
N ILE C 471 10.61 -14.63 6.13
CA ILE C 471 11.55 -14.12 7.12
C ILE C 471 11.90 -12.68 6.79
N SER C 472 12.08 -11.86 7.82
CA SER C 472 12.41 -10.46 7.62
C SER C 472 13.80 -10.33 7.02
N GLU C 473 13.97 -9.32 6.17
CA GLU C 473 15.23 -9.12 5.48
C GLU C 473 16.32 -8.64 6.43
N THR C 474 15.95 -7.90 7.49
CA THR C 474 16.95 -7.37 8.41
C THR C 474 17.57 -8.46 9.27
N ILE C 475 16.94 -9.62 9.38
CA ILE C 475 17.50 -10.76 10.09
C ILE C 475 18.09 -11.79 9.14
N PHE C 476 17.47 -11.97 7.97
CA PHE C 476 17.98 -12.93 7.01
C PHE C 476 19.29 -12.49 6.39
N SER C 477 19.43 -11.20 6.10
CA SER C 477 20.69 -10.70 5.56
C SER C 477 21.78 -10.58 6.61
N GLN C 478 21.43 -10.67 7.89
CA GLN C 478 22.44 -10.67 8.94
C GLN C 478 23.15 -12.01 9.06
N CYS C 479 22.57 -13.08 8.53
CA CYS C 479 23.28 -14.34 8.42
C CYS C 479 24.36 -14.23 7.36
N ASN C 480 25.50 -14.88 7.60
CA ASN C 480 26.58 -14.84 6.63
C ASN C 480 26.73 -16.14 5.85
N THR C 481 26.39 -17.28 6.45
CA THR C 481 26.44 -18.56 5.77
C THR C 481 25.04 -19.01 5.41
N PHE C 482 24.85 -19.39 4.16
CA PHE C 482 23.55 -19.79 3.63
C PHE C 482 23.66 -21.17 3.03
N ILE C 483 22.85 -22.09 3.53
CA ILE C 483 22.81 -23.47 3.05
C ILE C 483 21.43 -23.68 2.45
N SER C 484 21.29 -23.47 1.16
CA SER C 484 20.00 -23.54 0.49
C SER C 484 19.77 -24.95 -0.03
N MET C 485 18.70 -25.58 0.42
CA MET C 485 18.27 -26.86 -0.13
C MET C 485 17.42 -26.60 -1.37
N ARG C 486 16.70 -27.62 -1.83
CA ARG C 486 15.84 -27.46 -3.00
C ARG C 486 14.72 -26.49 -2.67
N LEU C 487 14.84 -25.26 -3.18
CA LEU C 487 13.86 -24.22 -2.95
C LEU C 487 13.16 -23.95 -4.27
N THR C 488 11.85 -24.15 -4.30
CA THR C 488 11.13 -24.21 -5.56
C THR C 488 9.92 -23.30 -5.66
N ASN C 489 9.49 -22.68 -4.57
CA ASN C 489 8.47 -21.64 -4.65
C ASN C 489 9.06 -20.44 -5.37
N PRO C 490 8.44 -19.95 -6.45
CA PRO C 490 9.03 -18.83 -7.20
C PRO C 490 9.22 -17.56 -6.39
N ASP C 491 8.37 -17.31 -5.39
CA ASP C 491 8.59 -16.17 -4.53
C ASP C 491 9.74 -16.41 -3.55
N ASP C 492 9.98 -17.68 -3.19
CA ASP C 492 11.06 -18.01 -2.27
C ASP C 492 12.42 -17.96 -2.96
N GLN C 493 12.50 -18.43 -4.22
CA GLN C 493 13.77 -18.36 -4.94
C GLN C 493 14.18 -16.91 -5.20
N ASN C 494 13.24 -16.07 -5.62
CA ASN C 494 13.56 -14.67 -5.90
C ASN C 494 13.95 -13.92 -4.65
N TYR C 495 13.46 -14.35 -3.49
CA TYR C 495 13.91 -13.77 -2.23
C TYR C 495 15.32 -14.23 -1.89
N VAL C 496 15.59 -15.53 -2.02
CA VAL C 496 16.90 -16.05 -1.66
C VAL C 496 17.95 -15.61 -2.67
N LYS C 497 17.64 -15.68 -3.96
CA LYS C 497 18.58 -15.23 -5.00
C LYS C 497 18.93 -13.76 -4.86
N ARG C 498 18.02 -12.96 -4.30
CA ARG C 498 18.32 -11.57 -4.01
C ARG C 498 19.20 -11.44 -2.77
N LEU C 499 18.95 -12.27 -1.76
CA LEU C 499 19.59 -12.12 -0.46
C LEU C 499 20.89 -12.88 -0.31
N LEU C 500 21.24 -13.71 -1.29
CA LEU C 500 22.45 -14.52 -1.16
C LEU C 500 23.69 -13.63 -1.21
N PRO C 501 24.71 -13.91 -0.39
CA PRO C 501 25.87 -12.99 -0.33
C PRO C 501 26.70 -13.02 -1.59
N ASP C 502 27.04 -14.22 -2.07
CA ASP C 502 27.96 -14.35 -3.19
C ASP C 502 27.69 -15.64 -3.95
N THR C 503 27.28 -15.51 -5.21
CA THR C 503 27.03 -16.67 -6.06
C THR C 503 28.11 -16.76 -7.13
N VAL C 504 28.55 -17.98 -7.41
CA VAL C 504 29.50 -18.23 -8.48
C VAL C 504 28.80 -19.06 -9.55
N GLY C 505 29.11 -18.78 -10.81
CA GLY C 505 28.51 -19.55 -11.89
C GLY C 505 27.03 -19.25 -12.05
N ASP C 506 26.33 -20.23 -12.61
CA ASP C 506 24.88 -20.19 -12.77
C ASP C 506 24.18 -21.12 -11.79
N ILE C 507 24.86 -21.50 -10.69
CA ILE C 507 24.35 -22.52 -9.80
C ILE C 507 23.14 -22.05 -8.99
N THR C 508 22.93 -20.73 -8.89
CA THR C 508 21.80 -20.25 -8.11
C THR C 508 20.47 -20.55 -8.80
N ASN C 509 20.50 -20.78 -10.12
CA ASN C 509 19.32 -21.23 -10.85
C ASN C 509 19.02 -22.71 -10.64
N LEU C 510 19.93 -23.46 -10.03
CA LEU C 510 19.72 -24.87 -9.74
C LEU C 510 18.87 -25.10 -8.50
N LEU C 511 18.36 -24.04 -7.87
CA LEU C 511 17.58 -24.17 -6.64
C LEU C 511 16.32 -25.03 -6.78
N PRO C 512 15.46 -24.90 -7.80
CA PRO C 512 14.30 -25.80 -7.86
C PRO C 512 14.65 -27.22 -8.27
N SER C 513 15.83 -27.46 -8.81
CA SER C 513 16.20 -28.78 -9.33
C SER C 513 17.19 -29.51 -8.44
N LEU C 514 17.39 -29.07 -7.20
CA LEU C 514 18.23 -29.80 -6.28
C LEU C 514 17.54 -31.06 -5.81
N LYS C 515 18.34 -32.09 -5.56
CA LYS C 515 17.81 -33.37 -5.09
C LYS C 515 17.58 -33.31 -3.59
N GLU C 516 17.02 -34.38 -3.04
CA GLU C 516 16.82 -34.47 -1.61
C GLU C 516 18.16 -34.74 -0.93
N GLY C 517 18.45 -33.98 0.13
CA GLY C 517 19.71 -34.08 0.81
C GLY C 517 20.86 -33.37 0.15
N GLU C 518 20.61 -32.67 -0.95
CA GLU C 518 21.65 -31.95 -1.69
C GLU C 518 21.39 -30.46 -1.55
N ALA C 519 22.42 -29.73 -1.15
CA ALA C 519 22.26 -28.34 -0.77
C ALA C 519 23.13 -27.44 -1.64
N LEU C 520 22.98 -26.15 -1.41
CA LEU C 520 23.66 -25.10 -2.17
C LEU C 520 24.18 -24.10 -1.16
N ILE C 521 25.48 -24.14 -0.90
CA ILE C 521 26.07 -23.49 0.26
C ILE C 521 27.08 -22.44 -0.20
N MET C 522 26.96 -21.24 0.36
CA MET C 522 27.96 -20.19 0.20
C MET C 522 28.20 -19.56 1.57
N GLY C 523 28.90 -18.44 1.56
CA GLY C 523 29.14 -17.67 2.75
C GLY C 523 30.59 -17.36 2.91
N ASP C 524 30.91 -16.73 4.04
CA ASP C 524 32.30 -16.41 4.34
C ASP C 524 33.09 -17.64 4.73
N SER C 525 32.41 -18.67 5.25
CA SER C 525 33.11 -19.86 5.73
C SER C 525 33.66 -20.70 4.59
N ILE C 526 32.82 -20.96 3.58
CA ILE C 526 33.21 -21.86 2.51
C ILE C 526 34.14 -21.14 1.53
N SER C 527 34.99 -21.92 0.86
CA SER C 527 35.95 -21.33 -0.08
C SER C 527 35.25 -20.81 -1.32
N ILE C 528 34.34 -21.59 -1.88
CA ILE C 528 33.58 -21.20 -3.06
C ILE C 528 32.17 -21.73 -2.95
N PRO C 529 31.20 -20.97 -3.49
CA PRO C 529 29.83 -21.50 -3.54
C PRO C 529 29.75 -22.77 -4.37
N SER C 530 29.17 -23.81 -3.77
CA SER C 530 29.19 -25.12 -4.40
C SER C 530 27.84 -25.80 -4.18
N ILE C 531 27.51 -26.70 -5.11
CA ILE C 531 26.34 -27.57 -4.98
C ILE C 531 26.85 -28.81 -4.26
N VAL C 532 26.55 -28.92 -2.97
CA VAL C 532 27.08 -30.03 -2.18
C VAL C 532 25.94 -30.99 -1.83
N LYS C 533 26.33 -32.21 -1.52
CA LYS C 533 25.42 -33.25 -1.07
C LYS C 533 25.69 -33.48 0.41
N ILE C 534 24.73 -33.11 1.25
CA ILE C 534 24.88 -33.27 2.69
C ILE C 534 24.92 -34.76 3.01
N GLU C 535 25.74 -35.12 4.00
CA GLU C 535 25.92 -36.51 4.39
C GLU C 535 24.60 -37.10 4.88
N LYS C 536 24.41 -38.39 4.61
CA LYS C 536 23.17 -39.05 4.98
C LYS C 536 23.06 -39.15 6.51
N CYS C 537 21.91 -38.76 7.04
CA CYS C 537 21.70 -38.73 8.47
C CYS C 537 21.44 -40.15 8.96
N THR C 538 22.33 -40.68 9.80
CA THR C 538 22.15 -42.01 10.36
C THR C 538 20.92 -42.07 11.26
N ILE C 539 20.75 -41.06 12.11
CA ILE C 539 19.57 -40.96 12.95
C ILE C 539 18.74 -39.79 12.43
N PRO C 540 17.72 -40.02 11.62
CA PRO C 540 17.04 -38.92 10.94
C PRO C 540 16.00 -38.26 11.82
N PRO C 541 15.80 -36.96 11.65
CA PRO C 541 14.78 -36.23 12.44
C PRO C 541 13.36 -36.53 12.00
N SER C 542 12.84 -37.66 12.44
CA SER C 542 11.45 -38.02 12.19
C SER C 542 10.58 -37.46 13.30
N SER C 543 9.43 -36.89 12.91
CA SER C 543 8.47 -36.33 13.84
C SER C 543 7.38 -37.35 14.12
N ILE C 544 7.16 -37.65 15.39
CA ILE C 544 6.13 -38.61 15.78
C ILE C 544 4.78 -37.93 15.61
N ASP C 545 4.11 -38.21 14.49
CA ASP C 545 2.86 -37.57 14.14
C ASP C 545 1.76 -38.62 14.06
N ILE C 546 0.52 -38.16 14.15
CA ILE C 546 -0.63 -39.06 14.20
C ILE C 546 -0.86 -39.63 12.80
N LYS C 547 -0.75 -40.94 12.68
CA LYS C 547 -0.95 -41.64 11.41
C LYS C 547 -2.45 -41.72 11.17
N TYR C 548 -2.98 -40.82 10.34
CA TYR C 548 -4.42 -40.76 10.13
C TYR C 548 -4.95 -42.00 9.44
N LEU C 549 -4.35 -42.38 8.32
CA LEU C 549 -4.87 -43.50 7.55
C LEU C 549 -4.72 -44.83 8.28
N ASP C 550 -3.64 -45.00 9.04
CA ASP C 550 -3.55 -46.19 9.87
C ASP C 550 -4.55 -46.16 11.01
N GLU C 551 -4.79 -44.99 11.61
CA GLU C 551 -5.77 -44.91 12.69
C GLU C 551 -7.20 -44.92 12.16
N TRP C 552 -7.46 -44.28 11.01
CA TRP C 552 -8.80 -44.29 10.45
C TRP C 552 -9.22 -45.66 9.95
N ARG C 553 -8.25 -46.50 9.59
CA ARG C 553 -8.55 -47.86 9.16
C ARG C 553 -8.47 -48.86 10.31
N LYS C 554 -9.11 -48.59 11.45
CA LYS C 554 -9.07 -49.55 12.55
C LYS C 554 -10.44 -50.14 12.85
N GLU C 555 -11.39 -49.32 13.31
CA GLU C 555 -12.80 -49.63 13.54
C GLU C 555 -13.39 -48.36 14.15
N TRP C 556 -14.71 -48.35 14.31
CA TRP C 556 -15.32 -47.34 15.16
C TRP C 556 -14.92 -47.61 16.60
N VAL C 557 -13.99 -46.81 17.13
CA VAL C 557 -13.62 -46.94 18.53
C VAL C 557 -14.70 -46.27 19.39
N ASP C 558 -15.04 -46.92 20.50
CA ASP C 558 -16.12 -46.46 21.36
C ASP C 558 -15.71 -46.26 22.81
N SER C 559 -14.70 -47.00 23.29
CA SER C 559 -14.18 -46.77 24.63
C SER C 559 -13.35 -45.50 24.72
N GLU C 560 -13.00 -44.92 23.58
CA GLU C 560 -12.26 -43.67 23.55
C GLU C 560 -13.09 -42.50 24.05
N PHE C 561 -14.33 -42.39 23.57
CA PHE C 561 -15.07 -41.14 23.70
C PHE C 561 -15.57 -40.91 25.12
N ASP C 562 -15.91 -41.99 25.84
CA ASP C 562 -16.37 -41.83 27.21
C ASP C 562 -15.24 -41.37 28.13
N LYS C 563 -14.02 -41.82 27.88
CA LYS C 563 -12.90 -41.44 28.72
C LYS C 563 -12.43 -40.01 28.47
N ILE C 564 -12.68 -39.45 27.28
CA ILE C 564 -12.23 -38.10 26.97
C ILE C 564 -13.01 -37.07 27.77
N ILE C 565 -14.34 -37.24 27.86
CA ILE C 565 -15.19 -36.25 28.50
C ILE C 565 -14.91 -36.19 30.00
N GLU C 566 -14.64 -37.33 30.61
CA GLU C 566 -14.33 -37.34 32.04
C GLU C 566 -12.98 -36.71 32.34
N GLN C 567 -12.06 -36.71 31.37
CA GLN C 567 -10.82 -35.96 31.55
C GLN C 567 -11.03 -34.47 31.31
N TRP C 568 -11.91 -34.14 30.36
CA TRP C 568 -12.25 -32.74 30.11
C TRP C 568 -12.94 -32.12 31.31
N SER C 569 -13.85 -32.85 31.93
CA SER C 569 -14.55 -32.37 33.11
C SER C 569 -13.85 -32.84 34.39
N ILE D 7 51.00 -8.14 -40.12
CA ILE D 7 50.78 -9.43 -40.76
C ILE D 7 50.19 -10.40 -39.76
N ASN D 8 50.85 -10.55 -38.61
CA ASN D 8 50.35 -11.43 -37.56
C ASN D 8 49.05 -10.90 -36.97
N ALA D 9 49.03 -9.62 -36.59
CA ALA D 9 47.84 -8.99 -36.05
C ALA D 9 47.53 -7.74 -36.86
N GLU D 10 46.31 -7.67 -37.39
CA GLU D 10 45.88 -6.51 -38.15
C GLU D 10 44.40 -6.28 -37.89
N VAL D 11 44.01 -5.01 -37.87
CA VAL D 11 42.61 -4.67 -37.66
C VAL D 11 41.81 -5.01 -38.91
N VAL D 12 40.72 -5.76 -38.72
CA VAL D 12 39.84 -6.10 -39.83
C VAL D 12 38.55 -5.29 -39.85
N SER D 13 38.26 -4.56 -38.78
CA SER D 13 37.08 -3.71 -38.73
C SER D 13 37.28 -2.66 -37.65
N VAL D 14 36.93 -1.42 -37.97
CA VAL D 14 37.02 -0.31 -37.03
C VAL D 14 35.60 0.22 -36.83
N SER D 15 34.95 -0.24 -35.78
CA SER D 15 33.68 0.31 -35.37
C SER D 15 33.90 1.66 -34.70
N PRO D 16 32.85 2.48 -34.55
CA PRO D 16 33.01 3.70 -33.75
C PRO D 16 33.46 3.46 -32.32
N ASN D 17 33.11 2.32 -31.73
CA ASN D 17 33.49 2.01 -30.36
C ASN D 17 34.20 0.67 -30.21
N LYS D 18 34.48 -0.03 -31.31
CA LYS D 18 35.11 -1.33 -31.22
C LYS D 18 36.22 -1.44 -32.25
N LEU D 19 37.26 -2.19 -31.90
CA LEU D 19 38.38 -2.46 -32.80
C LEU D 19 38.43 -3.96 -32.99
N LYS D 20 37.93 -4.43 -34.12
CA LYS D 20 37.82 -5.86 -34.42
C LYS D 20 39.11 -6.27 -35.12
N ILE D 21 39.99 -6.96 -34.39
CA ILE D 21 41.28 -7.37 -34.93
C ILE D 21 41.31 -8.88 -35.06
N SER D 22 42.22 -9.36 -35.91
CA SER D 22 42.41 -10.79 -36.12
C SER D 22 43.88 -11.12 -35.96
N VAL D 23 44.17 -12.18 -35.19
CA VAL D 23 45.53 -12.58 -34.88
C VAL D 23 45.76 -13.98 -35.43
N ASP D 24 46.92 -14.19 -36.05
CA ASP D 24 47.28 -15.53 -36.52
C ASP D 24 47.55 -16.47 -35.35
N ASP D 25 48.38 -16.04 -34.40
CA ASP D 25 48.66 -16.82 -33.19
C ASP D 25 48.72 -15.89 -31.99
N LEU D 26 47.86 -16.15 -30.99
CA LEU D 26 47.81 -15.30 -29.81
C LEU D 26 49.05 -15.42 -28.94
N GLU D 27 49.70 -16.59 -28.96
CA GLU D 27 50.89 -16.79 -28.11
C GLU D 27 52.05 -15.91 -28.58
N GLU D 28 52.23 -15.77 -29.89
CA GLU D 28 53.20 -14.81 -30.42
C GLU D 28 52.78 -13.38 -30.07
N PHE D 29 51.47 -13.12 -30.08
CA PHE D 29 50.94 -11.80 -29.76
C PHE D 29 51.29 -11.38 -28.34
N LYS D 30 51.41 -12.34 -27.42
CA LYS D 30 51.86 -12.03 -26.06
C LYS D 30 53.29 -11.51 -26.06
N ILE D 31 54.20 -12.25 -26.70
CA ILE D 31 55.60 -11.90 -26.99
C ILE D 31 56.43 -11.76 -25.72
N ALA D 32 55.97 -11.00 -24.71
CA ALA D 32 56.75 -10.74 -23.51
C ALA D 32 56.36 -11.64 -22.34
N GLU D 33 55.46 -12.61 -22.56
CA GLU D 33 54.99 -13.55 -21.53
C GLU D 33 54.39 -12.83 -20.32
N GLU D 34 53.66 -11.76 -20.59
CA GLU D 34 52.85 -11.08 -19.58
C GLU D 34 51.40 -11.52 -19.73
N LYS D 35 50.59 -11.22 -18.72
CA LYS D 35 49.20 -11.64 -18.70
C LYS D 35 48.42 -10.97 -19.83
N LEU D 36 47.72 -11.79 -20.62
CA LEU D 36 46.88 -11.31 -21.71
C LEU D 36 45.47 -11.82 -21.46
N GLY D 37 44.52 -10.90 -21.33
CA GLY D 37 43.16 -11.26 -21.01
C GLY D 37 42.27 -10.05 -21.24
N VAL D 38 41.01 -10.20 -20.83
CA VAL D 38 40.09 -9.07 -20.86
C VAL D 38 40.60 -7.98 -19.94
N GLY D 39 40.63 -6.75 -20.45
CA GLY D 39 41.19 -5.64 -19.73
C GLY D 39 42.63 -5.32 -20.08
N SER D 40 43.29 -6.13 -20.90
CA SER D 40 44.64 -5.83 -21.32
C SER D 40 44.65 -4.69 -22.33
N TYR D 41 45.77 -3.99 -22.40
CA TYR D 41 45.91 -2.80 -23.23
C TYR D 41 46.59 -3.17 -24.54
N LEU D 42 46.04 -2.70 -25.65
CA LEU D 42 46.57 -2.98 -26.97
C LEU D 42 46.95 -1.68 -27.65
N ARG D 43 48.00 -1.73 -28.46
CA ARG D 43 48.48 -0.58 -29.22
C ARG D 43 48.30 -0.86 -30.70
N VAL D 44 47.45 -0.07 -31.35
CA VAL D 44 47.31 -0.14 -32.80
C VAL D 44 48.00 1.09 -33.40
N SER D 45 49.09 0.83 -34.12
CA SER D 45 49.90 1.82 -34.82
C SER D 45 50.92 1.09 -35.66
N ASP D 46 51.10 1.54 -36.90
CA ASP D 46 52.20 1.06 -37.73
C ASP D 46 53.41 1.99 -37.68
N ASN D 47 53.30 3.13 -37.00
CA ASN D 47 54.37 4.10 -36.90
C ASN D 47 54.75 4.33 -35.43
N GLN D 48 56.01 4.66 -35.21
CA GLN D 48 56.47 5.01 -33.88
C GLN D 48 56.07 6.45 -33.55
N ASP D 49 56.16 6.79 -32.26
CA ASP D 49 55.89 8.10 -31.65
C ASP D 49 54.44 8.54 -31.76
N VAL D 50 53.55 7.72 -32.33
CA VAL D 50 52.11 7.96 -32.28
C VAL D 50 51.43 6.59 -32.22
N ALA D 51 50.30 6.55 -31.52
CA ALA D 51 49.65 5.28 -31.22
C ALA D 51 48.22 5.54 -30.79
N LEU D 52 47.46 4.44 -30.68
CA LEU D 52 46.14 4.46 -30.08
C LEU D 52 46.06 3.28 -29.14
N LEU D 53 45.61 3.52 -27.91
CA LEU D 53 45.51 2.50 -26.89
C LEU D 53 44.10 1.92 -26.88
N ALA D 54 44.00 0.61 -26.96
CA ALA D 54 42.73 -0.09 -26.97
C ALA D 54 42.73 -1.17 -25.92
N ILE D 55 41.69 -1.22 -25.12
CA ILE D 55 41.53 -2.26 -24.12
C ILE D 55 40.78 -3.42 -24.77
N ILE D 56 40.98 -4.63 -24.27
CA ILE D 56 40.47 -5.84 -24.91
C ILE D 56 39.10 -6.19 -24.34
N ASP D 57 38.12 -6.36 -25.23
CA ASP D 57 36.77 -6.72 -24.80
C ASP D 57 36.63 -8.23 -24.62
N ASN D 58 36.91 -9.00 -25.68
CA ASN D 58 36.82 -10.45 -25.62
C ASN D 58 37.67 -11.05 -26.72
N PHE D 59 37.98 -12.34 -26.56
CA PHE D 59 38.67 -13.13 -27.56
C PHE D 59 37.66 -14.05 -28.25
N SER D 60 38.02 -14.51 -29.45
CA SER D 60 37.13 -15.38 -30.21
C SER D 60 37.95 -16.16 -31.22
N ILE D 61 37.32 -17.16 -31.82
CA ILE D 61 37.92 -17.99 -32.85
C ILE D 61 37.02 -17.97 -34.07
N GLU D 62 37.58 -17.61 -35.22
CA GLU D 62 36.90 -17.72 -36.51
C GLU D 62 37.65 -18.71 -37.38
N VAL D 63 36.91 -19.64 -37.99
CA VAL D 63 37.48 -20.76 -38.72
C VAL D 63 37.22 -20.57 -40.21
N LYS D 64 38.28 -20.65 -41.01
CA LYS D 64 38.17 -20.60 -42.46
C LYS D 64 37.72 -21.93 -43.06
N GLU D 65 37.93 -23.04 -42.33
CA GLU D 65 37.60 -24.43 -42.68
C GLU D 65 38.52 -24.99 -43.77
N SER D 66 39.42 -24.17 -44.30
CA SER D 66 40.42 -24.63 -45.24
C SER D 66 41.84 -24.34 -44.80
N GLN D 67 42.03 -23.55 -43.74
CA GLN D 67 43.35 -23.22 -43.22
C GLN D 67 43.29 -23.32 -41.69
N LYS D 68 44.34 -22.83 -41.04
CA LYS D 68 44.35 -22.77 -39.59
C LYS D 68 43.32 -21.78 -39.08
N GLN D 69 42.75 -22.06 -37.91
CA GLN D 69 41.81 -21.15 -37.29
C GLN D 69 42.48 -19.85 -36.90
N LYS D 70 41.75 -18.74 -37.06
CA LYS D 70 42.27 -17.42 -36.75
C LYS D 70 41.62 -16.90 -35.47
N TYR D 71 42.45 -16.47 -34.53
CA TYR D 71 41.96 -15.92 -33.28
C TYR D 71 41.63 -14.45 -33.46
N MET D 72 40.42 -14.06 -33.07
CA MET D 72 39.88 -12.73 -33.35
C MET D 72 39.54 -12.05 -32.04
N ILE D 73 39.88 -10.77 -31.92
CA ILE D 73 39.73 -10.02 -30.69
C ILE D 73 38.84 -8.81 -30.95
N GLU D 74 37.82 -8.64 -30.12
CA GLU D 74 37.15 -7.35 -30.01
C GLU D 74 37.94 -6.49 -29.03
N ALA D 75 38.28 -5.28 -29.45
CA ALA D 75 39.01 -4.35 -28.60
C ALA D 75 38.28 -3.01 -28.58
N SER D 76 38.31 -2.34 -27.44
CA SER D 76 37.63 -1.07 -27.30
C SER D 76 38.66 0.05 -27.34
N PRO D 77 38.62 0.94 -28.33
CA PRO D 77 39.52 2.10 -28.34
C PRO D 77 39.15 3.06 -27.22
N ILE D 78 40.10 3.31 -26.31
CA ILE D 78 39.86 4.16 -25.16
C ILE D 78 40.58 5.49 -25.25
N GLY D 79 41.60 5.61 -26.10
CA GLY D 79 42.34 6.84 -26.18
C GLY D 79 43.64 6.64 -26.94
N LEU D 80 44.40 7.73 -27.02
CA LEU D 80 45.65 7.75 -27.77
C LEU D 80 46.73 8.40 -26.93
N VAL D 81 47.98 8.12 -27.27
CA VAL D 81 49.13 8.72 -26.61
C VAL D 81 49.90 9.55 -27.62
N LYS D 82 50.47 10.66 -27.16
CA LYS D 82 51.29 11.54 -27.96
C LYS D 82 52.39 12.10 -27.09
N ASN D 83 53.65 11.86 -27.48
CA ASN D 83 54.89 12.24 -26.80
C ASN D 83 54.83 12.05 -25.28
N GLY D 84 54.27 10.93 -24.83
CA GLY D 84 54.16 10.64 -23.43
C GLY D 84 52.95 11.21 -22.73
N LYS D 85 52.01 11.80 -23.47
CA LYS D 85 50.78 12.34 -22.90
C LYS D 85 49.60 11.53 -23.41
N PHE D 86 48.76 11.06 -22.48
CA PHE D 86 47.61 10.24 -22.82
C PHE D 86 46.34 11.07 -22.80
N TYR D 87 45.57 10.98 -23.87
CA TYR D 87 44.29 11.67 -23.98
C TYR D 87 43.19 10.65 -24.12
N ARG D 88 42.13 10.79 -23.32
CA ARG D 88 40.97 9.90 -23.43
C ARG D 88 40.18 10.21 -24.70
N GLY D 89 39.39 9.23 -25.11
CA GLY D 89 38.54 9.38 -26.27
C GLY D 89 39.12 8.74 -27.52
N GLY D 90 38.28 8.05 -28.27
CA GLY D 90 38.75 7.36 -29.46
C GLY D 90 39.05 8.33 -30.59
N ASP D 91 40.18 8.12 -31.24
CA ASP D 91 40.61 8.96 -32.35
C ASP D 91 40.28 8.27 -33.68
N SER D 92 40.61 8.94 -34.77
CA SER D 92 40.46 8.38 -36.10
C SER D 92 41.72 7.66 -36.57
N LEU D 93 42.74 7.57 -35.71
CA LEU D 93 44.00 6.94 -36.08
C LEU D 93 43.87 5.44 -36.31
N ALA D 94 42.83 4.82 -35.76
CA ALA D 94 42.58 3.40 -36.01
C ALA D 94 42.16 3.19 -37.45
N LEU D 95 42.93 2.39 -38.18
CA LEU D 95 42.67 2.10 -39.58
C LEU D 95 42.95 0.62 -39.83
N PRO D 96 42.28 0.03 -40.82
CA PRO D 96 42.62 -1.35 -41.22
C PRO D 96 44.06 -1.48 -41.71
N PRO D 97 44.67 -0.44 -42.37
CA PRO D 97 46.13 -0.59 -42.50
C PRO D 97 46.91 -0.11 -41.26
N LYS D 98 46.89 -0.94 -40.22
CA LYS D 98 47.64 -0.68 -39.01
C LYS D 98 48.22 -1.99 -38.48
N LYS D 99 49.26 -1.86 -37.67
CA LYS D 99 49.91 -2.99 -37.02
C LYS D 99 49.53 -2.99 -35.54
N VAL D 100 49.18 -4.15 -35.02
CA VAL D 100 48.66 -4.29 -33.66
C VAL D 100 49.64 -5.11 -32.84
N GLU D 101 50.07 -4.55 -31.72
CA GLU D 101 50.84 -5.24 -30.70
C GLU D 101 50.40 -4.73 -29.34
N PRO D 102 50.60 -5.51 -28.28
CA PRO D 102 50.34 -4.97 -26.94
C PRO D 102 51.24 -3.79 -26.64
N ALA D 103 50.69 -2.82 -25.90
CA ALA D 103 51.42 -1.61 -25.58
C ALA D 103 52.60 -1.91 -24.67
N LYS D 104 53.68 -1.16 -24.88
CA LYS D 104 54.88 -1.36 -24.07
C LYS D 104 54.68 -0.81 -22.66
N LEU D 105 55.66 -1.09 -21.80
CA LEU D 105 55.61 -0.62 -20.43
C LEU D 105 55.63 0.90 -20.35
N ASP D 106 56.28 1.55 -21.32
CA ASP D 106 56.38 3.01 -21.32
C ASP D 106 55.08 3.70 -21.71
N GLU D 107 54.15 2.97 -22.32
CA GLU D 107 52.88 3.54 -22.76
C GLU D 107 51.76 3.32 -21.75
N ILE D 108 51.70 2.14 -21.13
CA ILE D 108 50.70 1.90 -20.10
C ILE D 108 50.98 2.71 -18.85
N ILE D 109 52.26 2.91 -18.53
CA ILE D 109 52.63 3.78 -17.42
C ILE D 109 52.20 5.20 -17.70
N SER D 110 52.35 5.65 -18.94
CA SER D 110 51.96 6.99 -19.34
C SER D 110 50.45 7.20 -19.34
N ILE D 111 49.65 6.14 -19.20
CA ILE D 111 48.21 6.32 -19.04
C ILE D 111 47.90 6.96 -17.70
N TYR D 112 48.53 6.48 -16.63
CA TYR D 112 48.18 6.88 -15.27
C TYR D 112 49.12 7.93 -14.69
N SER D 113 50.43 7.78 -14.90
CA SER D 113 51.39 8.68 -14.26
C SER D 113 51.44 10.07 -14.89
N ASP D 114 51.02 10.22 -16.14
CA ASP D 114 51.16 11.52 -16.80
C ASP D 114 50.10 12.53 -16.33
N SER D 115 48.90 12.06 -16.01
CA SER D 115 47.80 12.98 -15.70
C SER D 115 47.84 13.48 -14.27
N ILE D 116 48.65 12.87 -13.41
CA ILE D 116 48.76 13.25 -12.01
C ILE D 116 50.14 13.83 -11.78
N ASP D 117 50.20 15.03 -11.18
CA ASP D 117 51.47 15.65 -10.87
C ASP D 117 52.20 14.86 -9.80
N ILE D 118 53.53 14.97 -9.80
CA ILE D 118 54.38 14.10 -8.98
C ILE D 118 54.13 14.33 -7.49
N ASN D 119 53.86 15.56 -7.09
CA ASN D 119 53.55 15.87 -5.70
C ASN D 119 52.08 15.61 -5.37
N ASP D 120 51.33 15.00 -6.29
CA ASP D 120 49.90 14.76 -6.12
C ASP D 120 49.60 13.27 -6.08
N ARG D 121 50.41 12.45 -6.73
CA ARG D 121 50.15 11.01 -6.89
C ARG D 121 50.05 10.31 -5.54
N PHE D 122 49.01 9.49 -5.41
CA PHE D 122 48.72 8.75 -4.19
C PHE D 122 48.53 7.29 -4.61
N THR D 123 49.62 6.55 -4.67
CA THR D 123 49.58 5.17 -5.11
C THR D 123 49.24 4.25 -3.95
N PHE D 124 48.27 3.37 -4.18
CA PHE D 124 47.97 2.32 -3.22
C PHE D 124 47.66 1.00 -3.93
N SER D 125 47.89 0.91 -5.25
CA SER D 125 47.54 -0.27 -6.01
C SER D 125 48.48 -0.37 -7.20
N SER D 126 48.26 -1.41 -8.00
CA SER D 126 49.00 -1.60 -9.24
C SER D 126 48.06 -2.26 -10.24
N LEU D 127 48.42 -2.17 -11.51
CA LEU D 127 47.59 -2.75 -12.55
C LEU D 127 47.62 -4.27 -12.46
N SER D 128 46.44 -4.88 -12.65
CA SER D 128 46.33 -6.32 -12.49
C SER D 128 47.00 -7.06 -13.64
N LEU D 129 46.79 -6.59 -14.87
CA LEU D 129 47.38 -7.25 -16.02
C LEU D 129 48.88 -7.04 -16.08
N ASN D 130 49.35 -5.87 -15.67
CA ASN D 130 50.77 -5.54 -15.67
C ASN D 130 51.13 -5.07 -14.26
N THR D 131 51.71 -5.97 -13.47
CA THR D 131 52.08 -5.64 -12.10
C THR D 131 53.19 -4.60 -12.02
N LYS D 132 53.99 -4.45 -13.08
CA LYS D 132 55.02 -3.42 -13.10
C LYS D 132 54.43 -2.03 -13.16
N VAL D 133 53.22 -1.89 -13.73
CA VAL D 133 52.58 -0.58 -13.86
C VAL D 133 51.90 -0.25 -12.53
N SER D 134 52.30 0.87 -11.93
CA SER D 134 51.61 1.38 -10.77
C SER D 134 50.44 2.24 -11.21
N VAL D 135 49.40 2.26 -10.39
CA VAL D 135 48.19 3.02 -10.70
C VAL D 135 48.01 4.10 -9.65
N PRO D 136 48.56 5.29 -9.85
CA PRO D 136 48.36 6.37 -8.89
C PRO D 136 47.05 7.10 -9.15
N VAL D 137 46.43 7.54 -8.07
CA VAL D 137 45.24 8.36 -8.14
C VAL D 137 45.62 9.78 -7.76
N ASN D 138 44.82 10.73 -8.19
CA ASN D 138 44.98 12.13 -7.78
C ASN D 138 44.53 12.23 -6.34
N GLY D 139 45.50 12.26 -5.42
CA GLY D 139 45.19 12.11 -4.00
C GLY D 139 44.33 13.22 -3.43
N ASN D 140 44.39 14.41 -4.04
CA ASN D 140 43.43 15.44 -3.72
C ASN D 140 42.03 15.01 -4.12
N ARG D 141 41.78 14.89 -5.44
CA ARG D 141 40.45 14.56 -5.93
C ARG D 141 39.98 13.17 -5.51
N PHE D 142 40.89 12.32 -5.04
CA PHE D 142 40.48 11.04 -4.45
C PHE D 142 39.71 11.27 -3.15
N PHE D 143 40.11 12.27 -2.35
CA PHE D 143 39.54 12.48 -1.03
C PHE D 143 38.61 13.68 -0.94
N ASN D 144 38.76 14.69 -1.81
CA ASN D 144 37.83 15.83 -1.79
C ASN D 144 36.41 15.37 -2.08
N LYS D 145 36.25 14.51 -3.07
CA LYS D 145 34.98 13.90 -3.38
C LYS D 145 34.89 12.55 -2.71
N HIS D 146 33.68 12.19 -2.31
CA HIS D 146 33.49 11.06 -1.42
C HIS D 146 33.81 9.74 -2.11
N ILE D 147 34.35 8.80 -1.34
CA ILE D 147 34.76 7.50 -1.84
C ILE D 147 33.70 6.48 -1.48
N ALA D 148 33.55 5.45 -2.32
CA ALA D 148 32.61 4.37 -2.10
C ALA D 148 33.30 3.05 -2.43
N ILE D 149 33.89 2.43 -1.42
CA ILE D 149 34.55 1.15 -1.58
C ILE D 149 33.54 0.04 -1.34
N VAL D 150 33.44 -0.90 -2.27
CA VAL D 150 32.38 -1.89 -2.22
C VAL D 150 32.90 -3.23 -2.73
N GLY D 151 32.38 -4.30 -2.14
CA GLY D 151 32.75 -5.64 -2.56
C GLY D 151 32.04 -6.65 -1.70
N SER D 152 31.91 -7.86 -2.24
CA SER D 152 31.15 -8.90 -1.58
C SER D 152 31.93 -9.46 -0.40
N THR D 153 31.32 -10.43 0.28
CA THR D 153 31.97 -11.07 1.42
C THR D 153 33.14 -11.93 0.95
N GLY D 154 34.29 -11.75 1.59
CA GLY D 154 35.49 -12.46 1.20
C GLY D 154 36.22 -11.86 0.03
N SER D 155 35.77 -10.73 -0.51
CA SER D 155 36.43 -10.10 -1.64
C SER D 155 37.64 -9.28 -1.24
N GLY D 156 37.90 -9.14 0.05
CA GLY D 156 39.01 -8.31 0.50
C GLY D 156 38.69 -6.84 0.54
N LYS D 157 37.42 -6.47 0.73
CA LYS D 157 37.04 -5.06 0.79
C LYS D 157 37.62 -4.38 2.02
N SER D 158 37.63 -5.08 3.16
CA SER D 158 38.17 -4.51 4.38
C SER D 158 39.68 -4.31 4.29
N HIS D 159 40.36 -5.12 3.50
CA HIS D 159 41.79 -4.90 3.25
C HIS D 159 42.01 -3.67 2.38
N THR D 160 41.10 -3.42 1.43
CA THR D 160 41.23 -2.25 0.57
C THR D 160 41.02 -0.96 1.35
N VAL D 161 40.01 -0.94 2.23
CA VAL D 161 39.77 0.23 3.07
C VAL D 161 40.95 0.46 4.01
N ALA D 162 41.47 -0.61 4.61
CA ALA D 162 42.57 -0.46 5.56
C ALA D 162 43.85 -0.03 4.86
N LYS D 163 44.09 -0.49 3.64
CA LYS D 163 45.32 -0.12 2.94
C LYS D 163 45.29 1.35 2.52
N ILE D 164 44.12 1.86 2.13
CA ILE D 164 44.01 3.26 1.76
C ILE D 164 44.27 4.16 2.96
N LEU D 165 43.71 3.81 4.12
CA LEU D 165 43.94 4.59 5.32
C LEU D 165 45.33 4.40 5.88
N GLN D 166 45.92 3.21 5.70
CA GLN D 166 47.32 3.02 6.08
C GLN D 166 48.23 3.87 5.21
N LYS D 167 47.93 4.00 3.92
CA LYS D 167 48.72 4.83 3.04
C LYS D 167 48.46 6.31 3.28
N ALA D 168 47.26 6.66 3.73
CA ALA D 168 46.94 8.07 3.98
C ALA D 168 47.70 8.61 5.18
N VAL D 169 47.86 7.81 6.23
CA VAL D 169 48.58 8.26 7.41
C VAL D 169 50.08 8.10 7.26
N ASP D 170 50.54 7.27 6.32
CA ASP D 170 51.96 7.19 6.01
C ASP D 170 52.40 8.24 5.00
N GLU D 171 51.46 8.95 4.39
CA GLU D 171 51.77 9.98 3.40
C GLU D 171 52.21 11.23 4.17
N LYS D 172 53.50 11.30 4.46
CA LYS D 172 54.06 12.39 5.23
C LYS D 172 55.16 13.09 4.43
N GLN D 173 55.27 14.40 4.64
CA GLN D 173 56.40 15.14 4.11
C GLN D 173 57.67 14.75 4.86
N GLU D 174 58.79 14.73 4.13
CA GLU D 174 60.05 14.27 4.69
C GLU D 174 60.67 15.26 5.66
N GLY D 175 60.13 16.48 5.76
CA GLY D 175 60.73 17.49 6.61
C GLY D 175 60.63 17.18 8.10
N TYR D 176 59.49 16.62 8.51
CA TYR D 176 59.22 16.41 9.93
C TYR D 176 59.09 14.92 10.24
N LYS D 177 59.23 14.60 11.52
CA LYS D 177 59.01 13.26 12.04
C LYS D 177 57.88 13.33 13.06
N GLY D 178 56.94 12.41 12.96
CA GLY D 178 55.81 12.37 13.86
C GLY D 178 54.53 12.18 13.09
N LEU D 179 53.42 12.52 13.73
CA LEU D 179 52.11 12.35 13.11
C LEU D 179 51.86 13.40 12.05
N ASN D 180 51.19 13.01 10.98
CA ASN D 180 50.75 13.96 9.97
C ASN D 180 49.34 14.44 10.32
N ASN D 181 48.70 15.12 9.37
CA ASN D 181 47.42 15.77 9.62
C ASN D 181 46.23 14.92 9.22
N SER D 182 46.44 13.64 8.90
CA SER D 182 45.34 12.78 8.47
C SER D 182 44.40 12.51 9.63
N HIS D 183 43.11 12.76 9.41
CA HIS D 183 42.09 12.57 10.44
C HIS D 183 41.01 11.64 9.87
N ILE D 184 41.08 10.37 10.23
CA ILE D 184 40.16 9.35 9.75
C ILE D 184 39.36 8.83 10.93
N ILE D 185 38.04 8.83 10.79
CA ILE D 185 37.13 8.34 11.82
C ILE D 185 36.40 7.14 11.24
N ILE D 186 36.50 6.00 11.92
CA ILE D 186 36.03 4.73 11.38
C ILE D 186 34.82 4.27 12.16
N PHE D 187 33.72 4.00 11.45
CA PHE D 187 32.51 3.44 12.05
C PHE D 187 32.46 1.95 11.72
N ASP D 188 33.30 1.17 12.40
CA ASP D 188 33.31 -0.27 12.16
C ASP D 188 32.39 -0.95 13.16
N ILE D 189 31.55 -1.84 12.65
CA ILE D 189 30.51 -2.49 13.44
C ILE D 189 30.93 -3.93 13.71
N HIS D 190 31.81 -4.46 12.87
CA HIS D 190 32.27 -5.84 13.01
C HIS D 190 33.59 -5.95 13.76
N SER D 191 34.07 -4.85 14.35
CA SER D 191 35.30 -4.81 15.14
C SER D 191 36.49 -5.31 14.34
N GLU D 192 36.62 -4.81 13.10
CA GLU D 192 37.57 -5.34 12.14
C GLU D 192 38.88 -4.56 12.09
N TYR D 193 38.84 -3.24 12.19
CA TYR D 193 39.97 -2.41 11.86
C TYR D 193 40.89 -2.12 13.04
N GLU D 194 40.63 -2.69 14.21
CA GLU D 194 41.49 -2.43 15.37
C GLU D 194 42.89 -3.01 15.16
N ASN D 195 42.97 -4.18 14.53
CA ASN D 195 44.28 -4.76 14.23
C ASN D 195 44.91 -4.16 12.97
N ALA D 196 44.14 -3.45 12.15
CA ALA D 196 44.72 -2.81 10.97
C ALA D 196 45.61 -1.65 11.35
N PHE D 197 45.20 -0.86 12.33
CA PHE D 197 45.96 0.30 12.80
C PHE D 197 46.16 0.15 14.29
N PRO D 198 47.26 -0.48 14.71
CA PRO D 198 47.51 -0.63 16.16
C PRO D 198 47.79 0.67 16.88
N ASN D 199 48.22 1.71 16.17
CA ASN D 199 48.48 3.02 16.78
C ASN D 199 47.24 3.89 16.84
N SER D 200 46.11 3.43 16.31
CA SER D 200 44.89 4.21 16.27
C SER D 200 44.24 4.27 17.65
N ASN D 201 43.25 5.14 17.77
CA ASN D 201 42.46 5.28 18.99
C ASN D 201 41.16 4.51 18.84
N VAL D 202 40.94 3.54 19.74
CA VAL D 202 39.77 2.67 19.69
C VAL D 202 38.81 3.10 20.78
N LEU D 203 37.55 3.33 20.41
CA LEU D 203 36.54 3.79 21.34
C LEU D 203 35.31 2.89 21.24
N ASN D 204 35.19 1.96 22.16
CA ASN D 204 34.01 1.12 22.28
C ASN D 204 33.06 1.72 23.30
N VAL D 205 32.03 0.96 23.70
CA VAL D 205 31.06 1.43 24.67
C VAL D 205 31.73 1.68 26.03
N ASP D 206 32.63 0.78 26.43
CA ASP D 206 33.32 0.91 27.71
C ASP D 206 34.30 2.08 27.74
N THR D 207 34.64 2.67 26.59
CA THR D 207 35.57 3.79 26.53
C THR D 207 34.89 5.09 26.11
N LEU D 208 34.03 5.04 25.10
CA LEU D 208 33.38 6.26 24.61
C LEU D 208 32.29 6.71 25.57
N THR D 209 32.28 8.01 25.84
CA THR D 209 31.27 8.63 26.71
C THR D 209 30.59 9.73 25.91
N LEU D 210 29.50 9.38 25.27
CA LEU D 210 28.73 10.30 24.45
C LEU D 210 27.74 11.06 25.32
N PRO D 211 27.72 12.39 25.29
CA PRO D 211 26.70 13.13 26.04
C PRO D 211 25.36 13.07 25.32
N TYR D 212 24.30 12.80 26.09
CA TYR D 212 22.96 12.71 25.52
C TYR D 212 22.43 14.07 25.10
N TRP D 213 22.88 15.15 25.75
CA TRP D 213 22.31 16.46 25.47
C TRP D 213 22.72 17.02 24.12
N LEU D 214 23.73 16.44 23.47
CA LEU D 214 24.11 16.87 22.15
C LEU D 214 23.21 16.31 21.07
N LEU D 215 22.36 15.34 21.38
CA LEU D 215 21.34 14.89 20.44
C LEU D 215 20.30 15.98 20.24
N ASN D 216 19.84 16.13 19.00
CA ASN D 216 18.82 17.12 18.70
C ASN D 216 17.45 16.54 19.03
N GLY D 217 16.39 17.22 18.57
CA GLY D 217 15.04 16.79 18.91
C GLY D 217 14.64 15.46 18.30
N ASP D 218 15.12 15.17 17.09
CA ASP D 218 14.75 13.92 16.43
C ASP D 218 15.39 12.72 17.13
N GLU D 219 16.68 12.84 17.47
CA GLU D 219 17.38 11.71 18.09
C GLU D 219 16.98 11.51 19.54
N LEU D 220 16.59 12.58 20.23
CA LEU D 220 16.24 12.48 21.64
C LEU D 220 14.90 11.81 21.86
N GLU D 221 13.98 11.93 20.89
CA GLU D 221 12.72 11.21 20.99
C GLU D 221 12.88 9.74 20.62
N GLU D 222 13.74 9.43 19.66
CA GLU D 222 13.95 8.04 19.27
C GLU D 222 14.68 7.25 20.33
N LEU D 223 15.58 7.90 21.07
CA LEU D 223 16.29 7.22 22.15
C LEU D 223 15.35 6.92 23.30
N PHE D 224 14.41 7.82 23.58
CA PHE D 224 13.61 7.75 24.81
C PHE D 224 12.18 7.26 24.60
N LEU D 225 11.58 7.51 23.46
CA LEU D 225 10.16 7.26 23.27
C LEU D 225 9.93 6.29 22.11
N ASP D 226 8.68 5.86 21.97
CA ASP D 226 8.20 5.11 20.82
C ASP D 226 6.94 5.78 20.30
N THR D 227 6.92 6.12 19.02
CA THR D 227 5.75 6.75 18.43
C THR D 227 4.66 5.76 18.05
N GLU D 228 4.95 4.46 18.07
CA GLU D 228 3.95 3.46 17.72
C GLU D 228 2.91 3.26 18.82
N ALA D 229 3.28 3.50 20.08
CA ALA D 229 2.39 3.26 21.20
C ALA D 229 2.03 4.52 21.98
N ASN D 230 2.96 5.45 22.16
CA ASN D 230 2.71 6.63 22.98
C ASN D 230 1.82 7.62 22.24
N ASP D 231 0.92 8.26 22.99
CA ASP D 231 0.00 9.23 22.44
C ASP D 231 0.68 10.60 22.35
N HIS D 232 -0.07 11.60 21.90
CA HIS D 232 0.49 12.94 21.72
C HIS D 232 0.68 13.64 23.07
N ASN D 233 -0.27 13.51 23.98
CA ASN D 233 -0.21 14.22 25.25
C ASN D 233 0.81 13.62 26.20
N GLN D 234 1.24 12.37 25.98
CA GLN D 234 2.21 11.75 26.87
C GLN D 234 3.61 12.32 26.65
N ARG D 235 3.97 12.57 25.40
CA ARG D 235 5.30 13.01 25.02
C ARG D 235 5.42 14.53 24.92
N ASN D 236 4.34 15.27 25.15
CA ASN D 236 4.44 16.72 25.18
C ASN D 236 5.16 17.22 26.43
N VAL D 237 4.97 16.53 27.55
CA VAL D 237 5.66 16.89 28.78
C VAL D 237 7.14 16.52 28.70
N PHE D 238 7.50 15.63 27.78
CA PHE D 238 8.91 15.28 27.60
C PHE D 238 9.70 16.46 27.04
N ARG D 239 9.21 17.06 25.95
CA ARG D 239 9.91 18.20 25.36
C ARG D 239 9.66 19.50 26.11
N GLN D 240 8.56 19.59 26.86
CA GLN D 240 8.35 20.75 27.71
C GLN D 240 9.36 20.78 28.85
N ALA D 241 9.71 19.61 29.38
CA ALA D 241 10.70 19.55 30.44
C ALA D 241 12.10 19.80 29.91
N ILE D 242 12.42 19.23 28.75
CA ILE D 242 13.78 19.31 28.23
C ILE D 242 14.10 20.73 27.78
N THR D 243 13.15 21.38 27.10
CA THR D 243 13.33 22.77 26.70
C THR D 243 13.46 23.67 27.91
N LEU D 244 12.67 23.42 28.95
CA LEU D 244 12.81 24.17 30.19
C LEU D 244 14.14 23.91 30.85
N ASN D 245 14.58 22.64 30.89
CA ASN D 245 15.82 22.29 31.57
C ASN D 245 17.05 22.79 30.82
N LYS D 246 16.94 23.05 29.52
CA LYS D 246 18.05 23.52 28.73
C LYS D 246 18.40 24.98 28.99
N LYS D 247 17.61 25.69 29.80
CA LYS D 247 17.81 27.11 30.05
C LYS D 247 18.62 27.39 31.30
N ILE D 248 18.33 26.71 32.41
CA ILE D 248 19.08 26.95 33.65
C ILE D 248 20.52 26.46 33.50
N HIS D 249 20.71 25.34 32.82
CA HIS D 249 22.04 24.77 32.63
C HIS D 249 22.82 25.44 31.52
N PHE D 250 22.34 26.56 30.99
CA PHE D 250 22.99 27.27 29.90
C PHE D 250 23.46 28.62 30.46
N GLN D 251 24.76 28.86 30.39
CA GLN D 251 25.41 29.96 31.09
C GLN D 251 25.82 31.10 30.15
N GLY D 252 24.96 31.43 29.18
CA GLY D 252 25.20 32.53 28.28
C GLY D 252 24.32 33.73 28.57
N ASP D 253 24.24 34.63 27.60
CA ASP D 253 23.44 35.83 27.75
C ASP D 253 21.95 35.50 27.71
N PRO D 254 21.11 36.29 28.41
CA PRO D 254 19.68 35.94 28.48
C PRO D 254 18.93 36.08 27.17
N ALA D 255 19.48 36.76 26.16
CA ALA D 255 18.78 36.88 24.89
C ALA D 255 18.77 35.55 24.13
N THR D 256 19.77 34.70 24.36
CA THR D 256 19.85 33.40 23.71
C THR D 256 18.96 32.36 24.40
N LYS D 257 18.36 32.71 25.54
CA LYS D 257 17.46 31.79 26.24
C LYS D 257 16.22 31.48 25.40
N GLU D 258 15.67 32.48 24.71
CA GLU D 258 14.54 32.24 23.82
C GLU D 258 14.97 31.50 22.56
N ILE D 259 16.23 31.64 22.16
CA ILE D 259 16.76 30.90 21.02
C ILE D 259 16.77 29.40 21.31
N ILE D 260 17.05 29.03 22.56
CA ILE D 260 17.17 27.63 22.96
C ILE D 260 15.82 26.95 22.86
N SER D 261 15.79 25.78 22.21
CA SER D 261 14.56 25.02 22.04
C SER D 261 14.81 23.55 22.34
N PHE D 262 13.84 22.69 22.02
CA PHE D 262 14.01 21.26 22.23
C PHE D 262 15.09 20.69 21.32
N HIS D 263 15.13 21.13 20.06
CA HIS D 263 16.08 20.59 19.10
C HIS D 263 17.48 21.17 19.27
N SER D 264 17.64 22.25 20.01
CA SER D 264 18.96 22.84 20.18
C SER D 264 19.79 21.98 21.11
N PRO D 265 21.00 21.57 20.71
CA PRO D 265 21.83 20.70 21.56
C PRO D 265 22.60 21.47 22.63
N TYR D 266 21.90 21.82 23.69
CA TYR D 266 22.50 22.46 24.85
C TYR D 266 22.39 21.53 26.05
N TYR D 267 23.16 21.84 27.09
CA TYR D 267 23.24 20.97 28.26
C TYR D 267 21.92 20.98 29.03
N PHE D 268 21.45 19.79 29.37
CA PHE D 268 20.33 19.63 30.28
C PHE D 268 20.53 18.34 31.06
N ASP D 269 19.93 18.27 32.24
CA ASP D 269 20.04 17.10 33.10
C ASP D 269 18.76 16.29 32.99
N ILE D 270 18.87 15.11 32.37
CA ILE D 270 17.73 14.21 32.22
C ILE D 270 17.28 13.64 33.55
N ASN D 271 18.16 13.61 34.56
CA ASN D 271 17.73 13.23 35.90
C ASN D 271 16.74 14.24 36.47
N GLU D 272 16.99 15.53 36.26
CA GLU D 272 16.05 16.54 36.70
C GLU D 272 14.80 16.55 35.84
N VAL D 273 14.91 16.14 34.58
CA VAL D 273 13.73 16.00 33.74
C VAL D 273 12.82 14.90 34.27
N ILE D 274 13.43 13.81 34.76
CA ILE D 274 12.67 12.77 35.44
C ILE D 274 12.04 13.33 36.71
N ASN D 275 12.80 14.10 37.49
CA ASN D 275 12.28 14.72 38.69
C ASN D 275 11.19 15.74 38.39
N TYR D 276 11.24 16.36 37.21
CA TYR D 276 10.14 17.24 36.79
C TYR D 276 8.89 16.44 36.51
N ILE D 277 9.01 15.37 35.73
CA ILE D 277 7.85 14.59 35.31
C ILE D 277 7.28 13.82 36.49
N ASN D 278 8.15 13.31 37.37
CA ASN D 278 7.69 12.65 38.59
C ASN D 278 6.95 13.62 39.50
N ASN D 279 7.44 14.86 39.61
CA ASN D 279 6.71 15.88 40.34
C ASN D 279 5.45 16.30 39.58
N ARG D 280 5.45 16.18 38.26
CA ARG D 280 4.24 16.44 37.49
C ARG D 280 3.20 15.36 37.73
N ASN D 281 3.62 14.16 38.11
CA ASN D 281 2.69 13.07 38.38
C ASN D 281 1.91 13.25 39.67
N ASN D 282 2.31 14.19 40.54
CA ASN D 282 1.57 14.47 41.76
C ASN D 282 1.24 15.96 41.85
N GLU D 283 0.81 16.54 40.73
CA GLU D 283 0.36 17.93 40.73
C GLU D 283 -0.99 18.06 41.42
N ARG D 284 -1.13 19.09 42.25
CA ARG D 284 -2.34 19.32 43.01
C ARG D 284 -2.86 20.73 42.78
N LYS D 285 -4.17 20.88 42.88
CA LYS D 285 -4.86 22.15 42.70
C LYS D 285 -5.48 22.61 44.03
N ASN D 286 -5.68 23.92 44.13
CA ASN D 286 -6.38 24.50 45.27
C ASN D 286 -7.87 24.61 44.95
N LYS D 287 -8.60 25.37 45.76
CA LYS D 287 -10.01 25.64 45.49
C LYS D 287 -10.21 26.49 44.24
N ASP D 288 -9.20 27.27 43.85
CA ASP D 288 -9.26 28.10 42.66
C ASP D 288 -8.55 27.48 41.47
N ASN D 289 -8.22 26.18 41.56
CA ASN D 289 -7.55 25.42 40.50
C ASN D 289 -6.20 26.03 40.14
N GLU D 290 -5.36 26.21 41.15
CA GLU D 290 -4.01 26.72 40.99
C GLU D 290 -3.02 25.67 41.48
N HIS D 291 -1.97 25.44 40.69
CA HIS D 291 -0.98 24.41 41.01
C HIS D 291 0.05 25.01 41.97
N ILE D 292 -0.21 24.84 43.27
CA ILE D 292 0.64 25.37 44.31
C ILE D 292 1.72 24.34 44.65
N TRP D 293 2.96 24.80 44.72
CA TRP D 293 4.10 23.94 45.07
C TRP D 293 4.72 24.46 46.36
N SER D 294 5.02 23.56 47.28
CA SER D 294 5.62 23.90 48.56
C SER D 294 7.04 23.39 48.60
N ASP D 295 7.98 24.30 48.85
CA ASP D 295 9.39 23.95 48.95
C ASP D 295 9.92 24.48 50.28
N GLU D 296 11.09 23.99 50.67
CA GLU D 296 11.73 24.47 51.89
C GLU D 296 12.09 25.94 51.79
N GLU D 297 12.42 26.42 50.59
CA GLU D 297 12.68 27.84 50.41
C GLU D 297 11.39 28.65 50.46
N GLY D 298 10.29 28.11 49.93
CA GLY D 298 9.04 28.82 49.98
C GLY D 298 7.98 28.15 49.13
N ASN D 299 6.86 28.85 48.98
CA ASN D 299 5.73 28.41 48.18
C ASN D 299 5.59 29.31 46.97
N PHE D 300 5.26 28.73 45.82
CA PHE D 300 5.22 29.52 44.59
C PHE D 300 4.16 28.99 43.63
N LYS D 301 3.67 29.91 42.80
CA LYS D 301 2.78 29.57 41.70
C LYS D 301 3.53 28.83 40.60
N PHE D 302 2.92 27.77 40.09
CA PHE D 302 3.44 27.06 38.92
C PHE D 302 3.23 27.91 37.68
N ASP D 303 4.32 28.32 37.05
CA ASP D 303 4.27 29.15 35.85
C ASP D 303 5.58 28.94 35.08
N ASN D 304 5.83 29.80 34.10
CA ASN D 304 7.07 29.72 33.34
C ASN D 304 8.27 30.22 34.13
N GLU D 305 8.05 31.11 35.11
CA GLU D 305 9.14 31.73 35.84
C GLU D 305 9.51 30.99 37.13
N ASN D 306 8.70 30.04 37.57
CA ASN D 306 8.99 29.30 38.78
C ASN D 306 9.11 27.80 38.53
N ALA D 307 9.01 27.35 37.28
CA ALA D 307 9.16 25.94 36.97
C ALA D 307 10.60 25.46 37.07
N HIS D 308 11.57 26.38 37.13
CA HIS D 308 12.95 25.97 37.35
C HIS D 308 13.18 25.47 38.77
N ARG D 309 12.36 25.88 39.72
CA ARG D 309 12.43 25.34 41.07
C ARG D 309 11.71 24.00 41.20
N LEU D 310 10.94 23.59 40.19
CA LEU D 310 10.25 22.31 40.20
C LEU D 310 11.21 21.14 39.97
N PHE D 311 12.44 21.41 39.54
CA PHE D 311 13.39 20.34 39.24
C PHE D 311 13.92 19.66 40.48
N LYS D 312 13.77 20.28 41.65
CA LYS D 312 14.31 19.70 42.87
C LYS D 312 13.55 18.46 43.28
N GLU D 313 14.28 17.47 43.81
CA GLU D 313 13.65 16.25 44.27
C GLU D 313 12.83 16.45 45.53
N ASN D 314 13.26 17.37 46.40
CA ASN D 314 12.57 17.63 47.66
C ASN D 314 11.55 18.74 47.50
N VAL D 315 10.59 18.51 46.60
CA VAL D 315 9.49 19.44 46.35
C VAL D 315 8.21 18.78 46.80
N THR D 316 7.50 19.42 47.73
CA THR D 316 6.27 18.89 48.28
C THR D 316 5.08 19.53 47.59
N PRO D 317 4.18 18.76 46.99
CA PRO D 317 3.00 19.36 46.36
C PRO D 317 2.05 19.97 47.37
N ASP D 318 1.31 20.97 46.93
CA ASP D 318 0.35 21.67 47.76
C ASP D 318 -0.99 21.77 47.04
N GLY D 319 -2.07 21.70 47.81
CA GLY D 319 -3.40 21.78 47.25
C GLY D 319 -4.35 20.75 47.80
N SER D 320 -5.61 21.14 47.98
CA SER D 320 -6.61 20.24 48.54
C SER D 320 -7.19 19.27 47.52
N SER D 321 -6.99 19.53 46.22
CA SER D 321 -7.51 18.67 45.18
C SER D 321 -6.39 18.31 44.22
N ALA D 322 -6.44 17.08 43.69
CA ALA D 322 -5.44 16.64 42.75
C ALA D 322 -5.63 17.32 41.39
N GLY D 323 -4.59 17.25 40.57
CA GLY D 323 -4.67 17.83 39.24
C GLY D 323 -5.57 17.05 38.31
N ALA D 324 -5.97 17.71 37.23
CA ALA D 324 -6.85 17.06 36.25
C ALA D 324 -6.10 15.99 35.47
N LEU D 325 -4.89 16.30 35.01
CA LEU D 325 -4.05 15.35 34.29
C LEU D 325 -3.12 14.59 35.22
N ASN D 326 -3.48 14.44 36.48
CA ASN D 326 -2.63 13.76 37.44
C ASN D 326 -2.61 12.26 37.19
N GLY D 327 -1.43 11.67 37.34
CA GLY D 327 -1.29 10.23 37.22
C GLY D 327 -1.33 9.69 35.81
N LYS D 328 -1.31 10.56 34.80
CA LYS D 328 -1.28 10.11 33.41
C LYS D 328 0.13 9.84 32.91
N LEU D 329 1.15 10.01 33.75
CA LEU D 329 2.53 9.85 33.33
C LEU D 329 3.24 8.74 34.08
N LEU D 330 2.53 7.87 34.79
CA LEU D 330 3.17 6.73 35.43
C LEU D 330 3.64 5.70 34.42
N ASN D 331 3.03 5.66 33.24
CA ASN D 331 3.61 4.93 32.11
C ASN D 331 4.89 5.60 31.62
N PHE D 332 4.95 6.93 31.71
CA PHE D 332 6.07 7.67 31.14
C PHE D 332 7.34 7.48 31.95
N VAL D 333 7.26 7.63 33.28
CA VAL D 333 8.45 7.48 34.11
C VAL D 333 8.92 6.04 34.11
N ASP D 334 7.98 5.09 34.06
CA ASP D 334 8.33 3.68 34.07
C ASP D 334 9.10 3.25 32.82
N ARG D 335 8.99 4.02 31.73
CA ARG D 335 9.79 3.73 30.54
C ARG D 335 11.16 4.40 30.65
N LEU D 336 11.18 5.69 31.02
CA LEU D 336 12.44 6.43 31.04
C LEU D 336 13.35 6.05 32.20
N GLN D 337 12.80 5.51 33.28
CA GLN D 337 13.66 5.10 34.38
C GLN D 337 14.45 3.85 34.04
N SER D 338 13.95 3.04 33.12
CA SER D 338 14.69 1.86 32.69
C SER D 338 15.89 2.24 31.84
N LYS D 339 15.73 3.27 30.98
CA LYS D 339 16.79 3.63 30.04
C LYS D 339 17.93 4.39 30.72
N ILE D 340 17.63 5.21 31.72
CA ILE D 340 18.70 5.92 32.42
C ILE D 340 19.58 4.98 33.24
N PHE D 341 19.00 3.98 33.91
CA PHE D 341 19.85 2.95 34.50
C PHE D 341 19.84 1.66 33.69
N ASP D 342 19.82 1.77 32.37
CA ASP D 342 20.15 0.63 31.52
C ASP D 342 21.66 0.52 31.41
N LYS D 343 22.21 -0.64 31.79
CA LYS D 343 23.66 -0.81 31.76
C LYS D 343 24.22 -0.82 30.35
N ARG D 344 23.39 -1.08 29.34
CA ARG D 344 23.84 -1.03 27.97
C ARG D 344 23.88 0.39 27.42
N LEU D 345 23.26 1.33 28.12
CA LEU D 345 23.17 2.72 27.69
C LEU D 345 23.94 3.66 28.62
N ASP D 346 24.87 3.13 29.41
CA ASP D 346 25.62 3.97 30.33
C ASP D 346 26.63 4.85 29.62
N PHE D 347 26.93 4.56 28.36
CA PHE D 347 27.83 5.41 27.59
C PHE D 347 27.13 6.65 27.03
N ILE D 348 25.81 6.69 27.03
CA ILE D 348 25.10 7.83 26.49
C ILE D 348 24.26 8.49 27.59
N LEU D 349 23.80 7.69 28.56
CA LEU D 349 22.90 8.17 29.60
C LEU D 349 23.47 7.99 31.00
N GLY D 350 24.76 7.67 31.13
CA GLY D 350 25.34 7.45 32.43
C GLY D 350 25.63 8.74 33.16
N GLU D 351 26.20 8.58 34.36
CA GLU D 351 26.60 9.75 35.14
C GLU D 351 27.80 10.44 34.51
N GLY D 352 28.65 9.70 33.81
CA GLY D 352 29.80 10.29 33.15
C GLY D 352 29.46 11.10 31.92
N SER D 353 28.31 10.83 31.30
CA SER D 353 27.89 11.62 30.15
C SER D 353 27.40 13.00 30.58
N LYS D 354 26.93 13.13 31.82
CA LYS D 354 26.63 14.44 32.36
C LYS D 354 27.91 15.21 32.67
N SER D 355 28.89 14.53 33.28
CA SER D 355 30.12 15.20 33.72
C SER D 355 31.03 15.55 32.57
N VAL D 356 30.86 14.93 31.40
CA VAL D 356 31.67 15.29 30.25
C VAL D 356 31.23 16.65 29.72
N THR D 357 32.13 17.33 29.04
CA THR D 357 31.85 18.65 28.48
C THR D 357 31.80 18.55 26.96
N PHE D 358 31.48 19.68 26.33
CA PHE D 358 31.34 19.70 24.88
C PHE D 358 32.67 19.55 24.17
N LYS D 359 33.72 20.19 24.69
CA LYS D 359 35.02 20.11 24.03
C LYS D 359 35.61 18.71 24.13
N GLU D 360 35.52 18.08 25.31
CA GLU D 360 36.10 16.76 25.51
C GLU D 360 35.41 15.70 24.66
N THR D 361 34.14 15.91 24.33
CA THR D 361 33.49 15.05 23.36
C THR D 361 34.13 15.18 21.99
N LEU D 362 34.38 16.41 21.55
CA LEU D 362 35.02 16.62 20.25
C LEU D 362 36.50 16.30 20.30
N GLU D 363 37.13 16.39 21.48
CA GLU D 363 38.52 15.94 21.59
C GLU D 363 38.62 14.43 21.40
N THR D 364 37.55 13.69 21.71
CA THR D 364 37.60 12.24 21.63
C THR D 364 37.28 11.73 20.23
N LEU D 365 36.43 12.42 19.48
CA LEU D 365 35.97 11.90 18.20
C LEU D 365 37.02 12.06 17.10
N ILE D 366 37.77 13.16 17.08
CA ILE D 366 38.86 13.32 16.14
C ILE D 366 40.21 13.01 16.78
N SER D 367 40.20 12.54 18.03
CA SER D 367 41.40 12.18 18.81
C SER D 367 42.36 13.36 18.92
N TYR D 368 41.88 14.42 19.56
CA TYR D 368 42.69 15.60 19.83
C TYR D 368 43.01 15.75 21.31
N GLY D 369 42.68 14.76 22.14
CA GLY D 369 42.90 14.87 23.56
C GLY D 369 44.33 14.55 23.97
N LYS D 370 44.48 13.81 25.06
CA LYS D 370 45.81 13.47 25.55
C LYS D 370 46.52 12.47 24.67
N ASP D 371 45.79 11.65 23.92
CA ASP D 371 46.36 10.66 23.02
C ASP D 371 45.94 11.01 21.61
N LYS D 372 46.72 11.88 20.96
CA LYS D 372 46.42 12.31 19.60
C LYS D 372 46.81 11.22 18.62
N SER D 373 45.86 10.79 17.80
CA SER D 373 46.11 9.77 16.79
C SER D 373 45.46 10.18 15.49
N ASN D 374 46.02 9.67 14.39
CA ASN D 374 45.50 9.99 13.07
C ASN D 374 44.14 9.34 12.84
N ILE D 375 43.98 8.09 13.27
CA ILE D 375 42.78 7.32 13.03
C ILE D 375 42.05 7.12 14.33
N THR D 376 40.77 7.49 14.36
CA THR D 376 39.89 7.26 15.50
C THR D 376 38.91 6.17 15.12
N ILE D 377 38.95 5.05 15.82
CA ILE D 377 38.11 3.90 15.51
C ILE D 377 36.96 3.86 16.49
N LEU D 378 35.74 4.00 15.98
CA LEU D 378 34.54 3.97 16.80
C LEU D 378 33.97 2.56 16.72
N ASP D 379 34.31 1.74 17.71
CA ASP D 379 33.85 0.36 17.78
C ASP D 379 32.40 0.36 18.25
N VAL D 380 31.48 0.38 17.29
CA VAL D 380 30.05 0.45 17.60
C VAL D 380 29.48 -0.96 17.60
N SER D 381 30.34 -1.96 17.76
CA SER D 381 29.88 -3.34 17.87
C SER D 381 29.06 -3.55 19.13
N GLY D 382 29.51 -2.98 20.25
CA GLY D 382 28.78 -3.13 21.50
C GLY D 382 27.60 -2.20 21.69
N VAL D 383 27.46 -1.21 20.82
CA VAL D 383 26.31 -0.29 20.90
C VAL D 383 25.05 -1.07 20.55
N PRO D 384 23.97 -0.94 21.33
CA PRO D 384 22.72 -1.64 20.99
C PRO D 384 22.19 -1.18 19.64
N PHE D 385 21.60 -2.13 18.91
CA PHE D 385 21.19 -1.87 17.55
C PHE D 385 20.01 -0.90 17.47
N GLU D 386 19.25 -0.75 18.55
CA GLU D 386 18.17 0.23 18.56
C GLU D 386 18.71 1.65 18.65
N VAL D 387 19.87 1.84 19.29
CA VAL D 387 20.49 3.15 19.42
C VAL D 387 21.78 3.24 18.61
N LEU D 388 22.05 2.25 17.76
CA LEU D 388 23.21 2.35 16.87
C LEU D 388 23.04 3.50 15.88
N SER D 389 21.86 3.62 15.28
CA SER D 389 21.62 4.70 14.34
C SER D 389 21.58 6.05 15.03
N ILE D 390 21.21 6.08 16.31
CA ILE D 390 21.20 7.34 17.06
C ILE D 390 22.62 7.83 17.29
N CYS D 391 23.51 6.92 17.71
CA CYS D 391 24.89 7.31 17.99
C CYS D 391 25.66 7.65 16.72
N VAL D 392 25.39 6.95 15.62
CA VAL D 392 26.00 7.32 14.35
C VAL D 392 25.51 8.69 13.91
N SER D 393 24.22 8.97 14.11
CA SER D 393 23.68 10.28 13.76
C SER D 393 24.25 11.38 14.65
N LEU D 394 24.58 11.06 15.90
CA LEU D 394 25.15 12.08 16.78
C LEU D 394 26.59 12.40 16.37
N ILE D 395 27.40 11.38 16.11
CA ILE D 395 28.80 11.61 15.79
C ILE D 395 28.94 12.23 14.41
N SER D 396 28.13 11.78 13.45
CA SER D 396 28.18 12.35 12.10
C SER D 396 27.76 13.82 12.10
N ARG D 397 26.79 14.18 12.94
CA ARG D 397 26.40 15.57 13.05
C ARG D 397 27.46 16.38 13.79
N LEU D 398 28.12 15.77 14.77
CA LEU D 398 29.17 16.48 15.50
C LEU D 398 30.38 16.74 14.62
N ILE D 399 30.76 15.76 13.79
CA ILE D 399 31.94 15.93 12.96
C ILE D 399 31.68 16.92 11.84
N PHE D 400 30.49 16.86 11.23
CA PHE D 400 30.16 17.79 10.15
C PHE D 400 30.11 19.22 10.63
N GLU D 401 29.44 19.47 11.77
CA GLU D 401 29.39 20.81 12.32
C GLU D 401 30.74 21.26 12.87
N PHE D 402 31.62 20.31 13.22
CA PHE D 402 33.00 20.67 13.50
C PHE D 402 33.69 21.16 12.24
N GLY D 403 33.45 20.49 11.11
CA GLY D 403 34.00 20.96 9.85
C GLY D 403 33.28 22.16 9.29
N TYR D 404 31.98 22.31 9.58
CA TYR D 404 31.25 23.48 9.12
C TYR D 404 31.70 24.73 9.84
N HIS D 405 31.87 24.65 11.17
CA HIS D 405 32.37 25.78 11.94
C HIS D 405 33.87 25.96 11.78
N SER D 406 34.56 24.99 11.18
CA SER D 406 35.97 25.16 10.86
C SER D 406 36.17 26.23 9.80
N LYS D 407 35.35 26.21 8.75
CA LYS D 407 35.53 27.15 7.64
C LYS D 407 35.18 28.58 8.00
N LYS D 408 34.45 28.78 9.10
CA LYS D 408 34.10 30.14 9.51
C LYS D 408 35.29 30.87 10.12
N ILE D 409 36.19 30.14 10.81
CA ILE D 409 37.33 30.80 11.44
C ILE D 409 38.49 31.00 10.47
N LYS D 410 38.50 30.30 9.33
CA LYS D 410 39.53 30.56 8.32
C LYS D 410 39.30 31.90 7.65
N ARG D 411 38.04 32.21 7.32
CA ARG D 411 37.73 33.44 6.60
C ARG D 411 37.92 34.65 7.50
N LYS D 412 37.65 34.51 8.80
CA LYS D 412 37.94 35.59 9.74
C LYS D 412 39.44 35.83 9.86
N SER D 413 40.22 34.75 9.89
CA SER D 413 41.68 34.87 10.00
C SER D 413 42.35 35.08 8.66
N ASN D 414 41.61 34.98 7.55
CA ASN D 414 42.02 35.18 6.16
C ASN D 414 43.05 34.15 5.68
N GLU D 415 43.46 33.21 6.53
CA GLU D 415 44.34 32.11 6.14
C GLU D 415 43.77 30.82 6.71
N ASN D 416 43.78 29.76 5.91
CA ASN D 416 43.11 28.51 6.23
C ASN D 416 44.13 27.42 6.57
N GLN D 417 44.28 27.15 7.87
CA GLN D 417 44.95 25.94 8.33
C GLN D 417 43.86 24.90 8.56
N ASP D 418 43.70 24.01 7.59
CA ASP D 418 42.53 23.16 7.52
C ASP D 418 42.70 21.91 8.37
N ILE D 419 41.59 21.47 8.96
CA ILE D 419 41.54 20.17 9.62
C ILE D 419 40.65 19.32 8.72
N PRO D 420 41.22 18.42 7.92
CA PRO D 420 40.41 17.61 7.01
C PRO D 420 40.09 16.26 7.61
N ILE D 421 38.82 15.85 7.48
CA ILE D 421 38.30 14.65 8.12
C ILE D 421 37.71 13.74 7.06
N LEU D 422 38.05 12.46 7.11
CA LEU D 422 37.43 11.44 6.26
C LEU D 422 36.78 10.39 7.17
N ILE D 423 35.45 10.35 7.17
CA ILE D 423 34.72 9.40 7.99
C ILE D 423 34.52 8.10 7.22
N VAL D 424 34.92 6.99 7.81
CA VAL D 424 34.77 5.68 7.16
C VAL D 424 33.55 5.01 7.74
N TYR D 425 32.55 4.76 6.88
CA TYR D 425 31.32 4.09 7.30
C TYR D 425 31.39 2.64 6.84
N GLU D 426 32.01 1.81 7.67
CA GLU D 426 32.01 0.38 7.41
C GLU D 426 30.60 -0.17 7.60
N GLU D 427 30.16 -0.98 6.64
CA GLU D 427 28.76 -1.42 6.50
C GLU D 427 27.83 -0.21 6.48
N ALA D 428 28.00 0.61 5.45
CA ALA D 428 27.29 1.88 5.33
C ALA D 428 25.80 1.71 5.09
N HIS D 429 25.37 0.51 4.67
CA HIS D 429 23.95 0.27 4.50
C HIS D 429 23.22 0.07 5.82
N LYS D 430 23.95 -0.20 6.90
CA LYS D 430 23.30 -0.30 8.21
C LYS D 430 22.88 1.06 8.73
N TYR D 431 23.62 2.12 8.40
CA TYR D 431 23.33 3.45 8.89
C TYR D 431 22.52 4.29 7.92
N ALA D 432 22.77 4.17 6.63
CA ALA D 432 22.06 4.95 5.60
C ALA D 432 21.45 4.00 4.59
N PRO D 433 20.36 3.32 4.95
CA PRO D 433 19.79 2.31 4.07
C PRO D 433 18.81 2.90 3.06
N LYS D 434 18.44 2.07 2.09
CA LYS D 434 17.45 2.47 1.09
C LYS D 434 16.06 2.60 1.72
N SER D 435 15.74 1.73 2.67
CA SER D 435 14.41 1.70 3.25
C SER D 435 14.16 2.94 4.10
N ASP D 436 13.03 3.59 3.87
CA ASP D 436 12.68 4.82 4.57
C ASP D 436 11.91 4.43 5.82
N LEU D 437 12.65 3.88 6.79
CA LEU D 437 12.10 3.55 8.09
C LEU D 437 12.45 4.63 9.09
N SER D 438 11.59 4.79 10.10
CA SER D 438 11.82 5.83 11.09
C SER D 438 12.99 5.50 12.00
N LYS D 439 13.31 4.22 12.17
CA LYS D 439 14.43 3.83 13.02
C LYS D 439 15.76 4.24 12.42
N TYR D 440 15.88 4.20 11.10
CA TYR D 440 17.13 4.53 10.41
C TYR D 440 17.13 5.94 9.85
N ARG D 441 16.10 6.74 10.15
CA ARG D 441 15.95 8.05 9.53
C ARG D 441 16.98 9.05 10.07
N THR D 442 17.32 8.96 11.35
CA THR D 442 18.23 9.92 11.95
C THR D 442 19.65 9.76 11.44
N SER D 443 20.12 8.52 11.31
CA SER D 443 21.48 8.31 10.81
C SER D 443 21.57 8.55 9.31
N LYS D 444 20.49 8.29 8.57
CA LYS D 444 20.51 8.48 7.13
C LYS D 444 20.63 9.95 6.75
N GLU D 445 19.93 10.83 7.47
CA GLU D 445 19.99 12.25 7.16
C GLU D 445 21.28 12.90 7.61
N ALA D 446 22.00 12.30 8.57
CA ALA D 446 23.32 12.80 8.93
C ALA D 446 24.35 12.43 7.89
N ILE D 447 24.27 11.20 7.37
CA ILE D 447 25.14 10.78 6.28
C ILE D 447 24.79 11.53 4.99
N GLU D 448 23.50 11.82 4.79
CA GLU D 448 23.08 12.64 3.66
C GLU D 448 23.67 14.04 3.75
N ARG D 449 23.72 14.60 4.95
CA ARG D 449 24.32 15.92 5.15
C ARG D 449 25.82 15.88 4.88
N ILE D 450 26.49 14.79 5.25
CA ILE D 450 27.92 14.66 5.00
C ILE D 450 28.19 14.54 3.51
N ALA D 451 27.41 13.72 2.82
CA ALA D 451 27.66 13.46 1.40
C ALA D 451 27.32 14.67 0.55
N LYS D 452 26.17 15.31 0.80
CA LYS D 452 25.73 16.40 -0.05
C LYS D 452 26.46 17.70 0.23
N GLU D 453 26.85 17.96 1.48
CA GLU D 453 27.42 19.24 1.86
C GLU D 453 28.85 19.19 2.33
N GLY D 454 29.37 18.04 2.74
CA GLY D 454 30.66 18.01 3.39
C GLY D 454 31.85 18.17 2.48
N ARG D 455 31.64 18.29 1.17
CA ARG D 455 32.75 18.50 0.24
C ARG D 455 33.46 19.81 0.50
N LYS D 456 32.69 20.88 0.75
CA LYS D 456 33.26 22.21 0.88
C LYS D 456 33.67 22.55 2.31
N TYR D 457 33.27 21.75 3.28
CA TYR D 457 33.60 22.04 4.68
C TYR D 457 34.74 21.19 5.20
N GLY D 458 35.33 20.34 4.37
CA GLY D 458 36.48 19.56 4.79
C GLY D 458 36.16 18.31 5.56
N VAL D 459 34.95 17.78 5.45
CA VAL D 459 34.60 16.51 6.08
C VAL D 459 33.87 15.63 5.06
N THR D 460 34.55 14.62 4.56
CA THR D 460 34.02 13.71 3.56
C THR D 460 33.85 12.32 4.16
N LEU D 461 33.31 11.41 3.36
CA LEU D 461 33.01 10.08 3.88
C LEU D 461 33.46 9.00 2.89
N LEU D 462 33.65 7.81 3.44
CA LEU D 462 34.07 6.62 2.69
C LEU D 462 33.04 5.53 2.97
N LEU D 463 32.15 5.29 2.01
CA LEU D 463 31.13 4.27 2.17
C LEU D 463 31.72 2.89 1.87
N ALA D 464 31.88 2.08 2.90
CA ALA D 464 32.31 0.69 2.75
C ALA D 464 31.13 -0.21 3.08
N SER D 465 30.87 -1.18 2.20
CA SER D 465 29.67 -2.00 2.36
C SER D 465 29.82 -3.29 1.58
N GLN D 466 29.31 -4.38 2.16
CA GLN D 466 29.18 -5.63 1.43
C GLN D 466 27.93 -5.66 0.56
N ARG D 467 26.93 -4.86 0.89
CA ARG D 467 25.65 -4.82 0.16
C ARG D 467 25.43 -3.39 -0.31
N PRO D 468 25.91 -3.02 -1.50
CA PRO D 468 25.63 -1.67 -2.01
C PRO D 468 24.17 -1.42 -2.28
N SER D 469 23.41 -2.45 -2.68
CA SER D 469 22.02 -2.26 -3.09
C SER D 469 21.14 -1.82 -1.94
N GLU D 470 21.56 -2.03 -0.70
CA GLU D 470 20.79 -1.53 0.44
C GLU D 470 21.10 -0.07 0.75
N ILE D 471 22.22 0.47 0.28
CA ILE D 471 22.52 1.88 0.50
C ILE D 471 21.56 2.75 -0.29
N SER D 472 21.21 3.90 0.27
CA SER D 472 20.33 4.84 -0.42
C SER D 472 21.00 5.37 -1.68
N GLU D 473 20.19 5.59 -2.71
CA GLU D 473 20.74 5.99 -4.00
C GLU D 473 21.27 7.42 -3.99
N THR D 474 20.61 8.30 -3.24
CA THR D 474 21.00 9.70 -3.21
C THR D 474 22.22 9.96 -2.34
N ILE D 475 22.70 8.96 -1.62
CA ILE D 475 23.95 9.05 -0.87
C ILE D 475 25.09 8.36 -1.60
N PHE D 476 24.82 7.20 -2.18
CA PHE D 476 25.82 6.47 -2.95
C PHE D 476 26.21 7.22 -4.21
N SER D 477 25.27 7.90 -4.85
CA SER D 477 25.59 8.66 -6.05
C SER D 477 26.36 9.94 -5.76
N GLN D 478 26.31 10.43 -4.52
CA GLN D 478 27.09 11.61 -4.16
C GLN D 478 28.58 11.32 -4.10
N CYS D 479 28.96 10.06 -3.91
CA CYS D 479 30.35 9.66 -4.07
C CYS D 479 30.76 9.83 -5.52
N ASN D 480 31.99 10.31 -5.73
CA ASN D 480 32.51 10.47 -7.08
C ASN D 480 33.64 9.51 -7.40
N THR D 481 34.26 8.89 -6.41
CA THR D 481 35.31 7.90 -6.61
C THR D 481 34.82 6.56 -6.10
N PHE D 482 34.79 5.56 -6.98
CA PHE D 482 34.29 4.23 -6.64
C PHE D 482 35.39 3.21 -6.84
N ILE D 483 35.76 2.52 -5.77
CA ILE D 483 36.63 1.36 -5.83
C ILE D 483 35.76 0.14 -5.55
N SER D 484 35.56 -0.70 -6.56
CA SER D 484 34.65 -1.82 -6.40
C SER D 484 35.46 -3.11 -6.45
N MET D 485 35.32 -3.92 -5.40
CA MET D 485 36.01 -5.19 -5.33
C MET D 485 35.19 -6.24 -6.08
N ARG D 486 35.41 -7.52 -5.78
CA ARG D 486 34.60 -8.54 -6.41
C ARG D 486 33.17 -8.43 -5.91
N LEU D 487 32.25 -8.17 -6.83
CA LEU D 487 30.84 -8.02 -6.53
C LEU D 487 30.07 -9.04 -7.35
N THR D 488 29.46 -10.01 -6.68
CA THR D 488 28.84 -11.13 -7.37
C THR D 488 27.40 -11.42 -6.96
N ASN D 489 26.82 -10.65 -6.06
CA ASN D 489 25.37 -10.70 -5.89
C ASN D 489 24.72 -10.01 -7.09
N PRO D 490 23.81 -10.69 -7.79
CA PRO D 490 23.22 -10.09 -9.01
C PRO D 490 22.45 -8.81 -8.76
N ASP D 491 21.86 -8.65 -7.57
CA ASP D 491 21.22 -7.39 -7.24
C ASP D 491 22.25 -6.31 -6.91
N ASP D 492 23.38 -6.68 -6.32
CA ASP D 492 24.42 -5.70 -6.01
C ASP D 492 25.22 -5.28 -7.24
N GLN D 493 25.35 -6.17 -8.23
CA GLN D 493 25.99 -5.77 -9.48
C GLN D 493 25.14 -4.75 -10.22
N ASN D 494 23.83 -5.03 -10.37
CA ASN D 494 22.96 -4.16 -11.15
C ASN D 494 22.79 -2.80 -10.51
N TYR D 495 22.86 -2.72 -9.19
CA TYR D 495 22.84 -1.43 -8.51
C TYR D 495 24.10 -0.64 -8.79
N VAL D 496 25.25 -1.30 -8.69
CA VAL D 496 26.52 -0.62 -8.92
C VAL D 496 26.70 -0.28 -10.39
N LYS D 497 26.35 -1.21 -11.29
CA LYS D 497 26.43 -0.95 -12.73
C LYS D 497 25.57 0.25 -13.15
N ARG D 498 24.49 0.49 -12.42
CA ARG D 498 23.62 1.62 -12.72
C ARG D 498 24.21 2.94 -12.24
N LEU D 499 24.88 2.94 -11.09
CA LEU D 499 25.37 4.16 -10.47
C LEU D 499 26.84 4.47 -10.75
N LEU D 500 27.59 3.53 -11.34
CA LEU D 500 28.99 3.78 -11.65
C LEU D 500 29.10 4.91 -12.68
N PRO D 501 29.90 5.95 -12.41
CA PRO D 501 29.89 7.11 -13.31
C PRO D 501 30.59 6.87 -14.64
N ASP D 502 31.73 6.19 -14.66
CA ASP D 502 32.59 6.14 -15.83
C ASP D 502 33.01 4.71 -16.11
N THR D 503 32.80 4.25 -17.34
CA THR D 503 33.19 2.91 -17.74
C THR D 503 33.97 2.98 -19.04
N VAL D 504 34.95 2.09 -19.17
CA VAL D 504 35.68 1.91 -20.42
C VAL D 504 35.74 0.42 -20.74
N GLY D 505 35.47 0.08 -22.00
CA GLY D 505 35.79 -1.22 -22.55
C GLY D 505 35.13 -2.40 -21.89
N ASP D 506 33.95 -2.20 -21.29
CA ASP D 506 33.14 -3.25 -20.69
C ASP D 506 33.92 -4.04 -19.63
N ILE D 507 34.63 -3.31 -18.77
CA ILE D 507 35.32 -3.95 -17.65
C ILE D 507 34.40 -4.18 -16.48
N THR D 508 33.23 -3.56 -16.47
CA THR D 508 32.33 -3.64 -15.34
C THR D 508 31.64 -5.00 -15.27
N ASN D 509 31.60 -5.75 -16.37
CA ASN D 509 31.13 -7.14 -16.29
C ASN D 509 32.19 -8.10 -15.74
N LEU D 510 33.35 -7.60 -15.35
CA LEU D 510 34.35 -8.41 -14.68
C LEU D 510 34.16 -8.43 -13.16
N LEU D 511 33.10 -7.80 -12.66
CA LEU D 511 32.91 -7.68 -11.22
C LEU D 511 32.78 -9.00 -10.48
N PRO D 512 31.98 -10.00 -10.92
CA PRO D 512 31.99 -11.27 -10.18
C PRO D 512 33.30 -12.04 -10.30
N SER D 513 34.06 -11.82 -11.37
CA SER D 513 35.25 -12.59 -11.66
C SER D 513 36.51 -11.98 -11.09
N LEU D 514 36.41 -10.98 -10.21
CA LEU D 514 37.59 -10.39 -9.60
C LEU D 514 38.18 -11.32 -8.54
N LYS D 515 39.50 -11.21 -8.37
CA LYS D 515 40.20 -12.00 -7.37
C LYS D 515 40.12 -11.31 -6.01
N GLU D 516 40.82 -11.85 -5.03
CA GLU D 516 40.91 -11.23 -3.72
C GLU D 516 41.98 -10.14 -3.75
N GLY D 517 41.61 -8.94 -3.32
CA GLY D 517 42.52 -7.81 -3.38
C GLY D 517 42.61 -7.13 -4.72
N GLU D 518 41.85 -7.57 -5.70
CA GLU D 518 41.84 -6.99 -7.03
C GLU D 518 40.57 -6.18 -7.20
N ALA D 519 40.70 -4.93 -7.64
CA ALA D 519 39.62 -3.96 -7.54
C ALA D 519 39.36 -3.28 -8.87
N LEU D 520 38.17 -2.70 -8.97
CA LEU D 520 37.73 -1.91 -10.10
C LEU D 520 37.53 -0.47 -9.62
N ILE D 521 38.42 0.42 -10.05
CA ILE D 521 38.47 1.79 -9.54
C ILE D 521 38.22 2.77 -10.67
N MET D 522 37.39 3.77 -10.40
CA MET D 522 37.15 4.88 -11.32
C MET D 522 37.08 6.17 -10.52
N GLY D 523 36.65 7.23 -11.18
CA GLY D 523 36.38 8.49 -10.54
C GLY D 523 37.11 9.61 -11.22
N ASP D 524 37.03 10.80 -10.63
CA ASP D 524 37.79 11.94 -11.14
C ASP D 524 39.26 11.85 -10.75
N SER D 525 39.59 11.03 -9.76
CA SER D 525 40.97 10.92 -9.31
C SER D 525 41.83 10.17 -10.32
N ILE D 526 41.30 9.10 -10.88
CA ILE D 526 42.07 8.23 -11.75
C ILE D 526 41.93 8.70 -13.19
N SER D 527 42.94 8.40 -14.00
CA SER D 527 42.95 8.86 -15.39
C SER D 527 41.91 8.13 -16.23
N ILE D 528 41.71 6.84 -15.96
CA ILE D 528 40.79 6.01 -16.72
C ILE D 528 40.33 4.88 -15.81
N PRO D 529 39.09 4.40 -15.93
CA PRO D 529 38.69 3.19 -15.21
C PRO D 529 39.61 2.03 -15.55
N SER D 530 40.01 1.29 -14.52
CA SER D 530 40.97 0.21 -14.71
C SER D 530 40.72 -0.84 -13.65
N ILE D 531 41.22 -2.04 -13.93
CA ILE D 531 41.06 -3.18 -13.03
C ILE D 531 42.41 -3.32 -12.35
N VAL D 532 42.47 -2.99 -11.06
CA VAL D 532 43.74 -2.86 -10.37
C VAL D 532 43.83 -3.89 -9.26
N LYS D 533 45.06 -4.17 -8.84
CA LYS D 533 45.36 -5.06 -7.73
C LYS D 533 45.81 -4.18 -6.57
N ILE D 534 44.97 -4.10 -5.54
CA ILE D 534 45.30 -3.30 -4.36
C ILE D 534 46.52 -3.91 -3.68
N GLU D 535 47.36 -3.04 -3.11
CA GLU D 535 48.59 -3.49 -2.46
C GLU D 535 48.27 -4.41 -1.29
N LYS D 536 49.13 -5.40 -1.09
CA LYS D 536 48.89 -6.39 -0.04
C LYS D 536 49.04 -5.75 1.33
N CYS D 537 48.02 -5.91 2.17
CA CYS D 537 48.00 -5.30 3.49
C CYS D 537 48.94 -6.07 4.41
N THR D 538 50.08 -5.46 4.74
CA THR D 538 51.05 -6.13 5.60
C THR D 538 50.61 -6.17 7.06
N ILE D 539 49.73 -5.28 7.49
CA ILE D 539 49.08 -5.38 8.78
C ILE D 539 47.58 -5.49 8.51
N PRO D 540 47.05 -6.69 8.32
CA PRO D 540 45.69 -6.83 7.80
C PRO D 540 44.65 -6.59 8.87
N PRO D 541 43.47 -6.08 8.48
CA PRO D 541 42.36 -5.87 9.43
C PRO D 541 41.65 -7.16 9.82
N SER D 542 42.21 -7.84 10.82
CA SER D 542 41.61 -9.07 11.33
C SER D 542 40.73 -8.73 12.54
N SER D 543 39.52 -9.26 12.54
CA SER D 543 38.59 -9.04 13.64
C SER D 543 38.76 -10.13 14.68
N ILE D 544 38.95 -9.74 15.93
CA ILE D 544 39.05 -10.70 17.03
C ILE D 544 37.65 -11.21 17.29
N ASP D 545 37.42 -12.50 17.04
CA ASP D 545 36.09 -13.09 17.13
C ASP D 545 36.17 -14.42 17.85
N ILE D 546 35.01 -14.92 18.25
CA ILE D 546 34.90 -16.17 18.99
C ILE D 546 35.02 -17.33 18.00
N LYS D 547 36.00 -18.19 18.21
CA LYS D 547 36.19 -19.36 17.37
C LYS D 547 35.34 -20.48 17.95
N TYR D 548 34.20 -20.76 17.30
CA TYR D 548 33.24 -21.71 17.84
C TYR D 548 33.78 -23.14 17.83
N LEU D 549 34.44 -23.55 16.75
CA LEU D 549 34.86 -24.94 16.64
C LEU D 549 36.03 -25.25 17.57
N ASP D 550 36.97 -24.32 17.72
CA ASP D 550 38.00 -24.53 18.74
C ASP D 550 37.43 -24.42 20.14
N GLU D 551 36.31 -23.72 20.31
CA GLU D 551 35.65 -23.68 21.60
C GLU D 551 34.62 -24.78 21.78
N TRP D 552 34.20 -25.47 20.70
CA TRP D 552 33.42 -26.67 20.91
C TRP D 552 34.27 -27.78 21.53
N ARG D 553 35.50 -27.92 21.05
CA ARG D 553 36.40 -28.96 21.53
C ARG D 553 37.16 -28.49 22.78
N LYS D 554 36.41 -28.23 23.84
CA LYS D 554 36.98 -27.75 25.08
C LYS D 554 36.40 -28.48 26.28
N GLU D 555 36.13 -29.77 26.10
CA GLU D 555 35.46 -30.65 27.09
C GLU D 555 34.11 -30.00 27.41
N TRP D 556 33.65 -30.03 28.65
CA TRP D 556 32.44 -29.35 29.07
C TRP D 556 32.81 -28.39 30.19
N VAL D 557 32.79 -27.09 29.91
CA VAL D 557 33.15 -26.11 30.91
C VAL D 557 31.96 -25.86 31.85
N ASP D 558 32.03 -26.46 33.03
CA ASP D 558 30.98 -26.32 34.03
C ASP D 558 31.30 -25.25 35.06
N SER D 559 32.58 -24.93 35.26
CA SER D 559 32.94 -23.84 36.15
C SER D 559 32.60 -22.50 35.53
N GLU D 560 32.42 -22.45 34.21
CA GLU D 560 32.09 -21.20 33.55
C GLU D 560 30.66 -20.76 33.84
N PHE D 561 29.72 -21.70 33.85
CA PHE D 561 28.30 -21.35 33.92
C PHE D 561 27.95 -20.68 35.24
N ASP D 562 28.56 -21.15 36.33
CA ASP D 562 28.24 -20.61 37.65
C ASP D 562 28.67 -19.16 37.78
N LYS D 563 29.84 -18.80 37.24
CA LYS D 563 30.31 -17.44 37.40
C LYS D 563 29.54 -16.46 36.53
N ILE D 564 28.95 -16.94 35.42
CA ILE D 564 28.17 -16.07 34.55
C ILE D 564 26.91 -15.60 35.26
N ILE D 565 26.21 -16.52 35.93
CA ILE D 565 24.90 -16.20 36.48
C ILE D 565 24.97 -15.36 37.76
N GLU D 566 26.04 -15.47 38.56
CA GLU D 566 26.19 -14.56 39.69
C GLU D 566 26.53 -13.15 39.23
N GLN D 567 27.31 -13.01 38.16
CA GLN D 567 27.58 -11.68 37.60
C GLN D 567 26.31 -11.05 37.04
N TRP D 568 25.48 -11.86 36.39
CA TRP D 568 24.17 -11.42 35.92
C TRP D 568 23.28 -11.03 37.10
N SER D 569 23.31 -11.82 38.17
CA SER D 569 22.52 -11.54 39.36
C SER D 569 23.21 -10.51 40.24
N ILE E 7 34.15 1.57 -60.51
CA ILE E 7 34.93 0.41 -60.92
C ILE E 7 36.17 0.29 -60.04
N ASN E 8 37.00 1.33 -60.04
CA ASN E 8 38.15 1.37 -59.14
C ASN E 8 37.70 1.44 -57.68
N ALA E 9 36.66 2.22 -57.41
CA ALA E 9 36.07 2.32 -56.08
C ALA E 9 34.62 2.69 -56.26
N GLU E 10 33.71 1.76 -55.99
CA GLU E 10 32.33 1.85 -56.44
C GLU E 10 31.38 1.47 -55.31
N VAL E 11 30.28 2.21 -55.18
CA VAL E 11 29.24 1.86 -54.24
C VAL E 11 28.56 0.58 -54.69
N VAL E 12 28.47 -0.39 -53.77
CA VAL E 12 27.89 -1.70 -54.09
C VAL E 12 26.60 -1.97 -53.34
N SER E 13 26.17 -1.05 -52.48
CA SER E 13 24.90 -1.21 -51.78
C SER E 13 24.38 0.17 -51.42
N VAL E 14 23.25 0.56 -51.99
CA VAL E 14 22.67 1.88 -51.78
C VAL E 14 21.33 1.67 -51.10
N SER E 15 21.34 1.71 -49.78
CA SER E 15 20.12 1.71 -48.99
C SER E 15 19.76 3.16 -48.62
N PRO E 16 18.47 3.44 -48.38
CA PRO E 16 18.11 4.81 -47.97
C PRO E 16 18.69 5.25 -46.63
N ASN E 17 19.13 4.32 -45.80
CA ASN E 17 19.73 4.67 -44.50
C ASN E 17 21.22 4.34 -44.41
N LYS E 18 21.70 3.35 -45.16
CA LYS E 18 23.08 2.91 -45.06
C LYS E 18 23.72 2.88 -46.44
N LEU E 19 24.94 3.38 -46.54
CA LEU E 19 25.70 3.35 -47.78
C LEU E 19 26.91 2.46 -47.59
N LYS E 20 27.00 1.39 -48.37
CA LYS E 20 28.08 0.41 -48.28
C LYS E 20 28.86 0.44 -49.59
N ILE E 21 30.11 0.89 -49.53
CA ILE E 21 30.91 1.11 -50.73
C ILE E 21 32.08 0.13 -50.75
N SER E 22 32.70 0.02 -51.91
CA SER E 22 33.85 -0.85 -52.12
C SER E 22 35.10 0.01 -52.33
N VAL E 23 36.14 -0.28 -51.56
CA VAL E 23 37.43 0.38 -51.68
C VAL E 23 38.49 -0.69 -51.95
N ASP E 24 39.20 -0.56 -53.07
CA ASP E 24 40.27 -1.50 -53.37
C ASP E 24 41.49 -1.25 -52.50
N ASP E 25 41.95 0.00 -52.45
CA ASP E 25 43.03 0.39 -51.56
C ASP E 25 42.72 1.77 -51.00
N LEU E 26 42.93 1.94 -49.69
CA LEU E 26 42.59 3.20 -49.04
C LEU E 26 43.58 4.30 -49.41
N GLU E 27 44.85 3.96 -49.61
CA GLU E 27 45.87 4.97 -49.87
C GLU E 27 45.63 5.68 -51.21
N GLU E 28 45.24 4.92 -52.24
CA GLU E 28 44.83 5.53 -53.49
C GLU E 28 43.45 6.16 -53.41
N PHE E 29 42.62 5.71 -52.46
CA PHE E 29 41.28 6.27 -52.32
C PHE E 29 41.32 7.69 -51.78
N LYS E 30 42.25 7.97 -50.86
CA LYS E 30 42.34 9.30 -50.25
C LYS E 30 42.87 10.33 -51.25
N LEU E 36 41.59 10.33 -42.95
CA LEU E 36 40.41 9.49 -43.18
C LEU E 36 40.18 8.55 -42.00
N GLY E 37 39.03 8.68 -41.35
CA GLY E 37 38.71 7.84 -40.23
C GLY E 37 37.21 7.72 -40.06
N VAL E 38 36.82 7.09 -38.94
CA VAL E 38 35.41 6.93 -38.64
C VAL E 38 34.80 8.28 -38.31
N GLY E 39 33.71 8.61 -38.98
CA GLY E 39 33.10 9.93 -38.84
C GLY E 39 33.52 10.93 -39.89
N SER E 40 34.38 10.53 -40.83
CA SER E 40 34.76 11.42 -41.92
C SER E 40 33.58 11.59 -42.89
N TYR E 41 33.61 12.69 -43.64
CA TYR E 41 32.58 12.97 -44.60
C TYR E 41 32.94 12.39 -45.96
N LEU E 42 31.95 11.84 -46.65
CA LEU E 42 32.15 11.21 -47.93
C LEU E 42 31.20 11.80 -48.96
N ARG E 43 31.69 11.96 -50.18
CA ARG E 43 30.93 12.49 -51.30
C ARG E 43 30.72 11.39 -52.33
N VAL E 44 29.47 11.12 -52.69
CA VAL E 44 29.18 10.10 -53.69
C VAL E 44 28.56 10.75 -54.93
N SER E 45 29.41 11.15 -55.86
CA SER E 45 28.94 11.81 -57.08
C SER E 45 30.03 11.72 -58.14
N ASP E 46 29.77 10.95 -59.19
CA ASP E 46 30.58 11.01 -60.40
C ASP E 46 30.03 12.02 -61.40
N ASN E 47 28.85 12.57 -61.14
CA ASN E 47 28.24 13.60 -61.95
C ASN E 47 28.27 14.92 -61.17
N GLN E 48 28.63 16.00 -61.87
CA GLN E 48 28.76 17.29 -61.21
C GLN E 48 27.39 17.90 -60.94
N ASP E 49 27.39 19.08 -60.31
CA ASP E 49 26.25 19.92 -59.96
C ASP E 49 25.33 19.30 -58.92
N VAL E 50 25.62 18.10 -58.43
CA VAL E 50 24.82 17.46 -57.38
C VAL E 50 25.72 16.43 -56.70
N ALA E 51 25.53 16.28 -55.39
CA ALA E 51 26.29 15.33 -54.60
C ALA E 51 25.52 14.99 -53.34
N LEU E 52 25.82 13.82 -52.78
CA LEU E 52 25.24 13.35 -51.54
C LEU E 52 26.35 13.21 -50.51
N LEU E 53 26.19 13.87 -49.36
CA LEU E 53 27.19 13.84 -48.31
C LEU E 53 26.83 12.75 -47.30
N ALA E 54 27.74 11.82 -47.09
CA ALA E 54 27.54 10.70 -46.18
C ALA E 54 28.67 10.68 -45.16
N ILE E 55 28.32 10.56 -43.89
CA ILE E 55 29.30 10.38 -42.83
C ILE E 55 29.62 8.89 -42.74
N ILE E 56 30.81 8.56 -42.26
CA ILE E 56 31.29 7.19 -42.26
C ILE E 56 30.92 6.52 -40.94
N ASP E 57 30.27 5.37 -41.02
CA ASP E 57 29.97 4.61 -39.81
C ASP E 57 31.17 3.79 -39.35
N ASN E 58 31.60 2.83 -40.18
CA ASN E 58 32.62 1.90 -39.73
C ASN E 58 33.33 1.30 -40.94
N PHE E 59 34.51 0.75 -40.70
CA PHE E 59 35.29 0.02 -41.68
C PHE E 59 35.15 -1.48 -41.46
N SER E 60 35.42 -2.23 -42.52
CA SER E 60 35.47 -3.69 -42.46
C SER E 60 36.42 -4.18 -43.54
N ILE E 61 36.85 -5.43 -43.42
CA ILE E 61 37.74 -6.05 -44.39
C ILE E 61 37.13 -7.38 -44.81
N GLU E 62 36.87 -7.53 -46.11
CA GLU E 62 36.46 -8.80 -46.70
C GLU E 62 37.57 -9.29 -47.63
N VAL E 63 38.02 -10.52 -47.41
CA VAL E 63 39.12 -11.11 -48.18
C VAL E 63 38.53 -12.07 -49.19
N LYS E 64 38.84 -11.84 -50.48
CA LYS E 64 38.35 -12.69 -51.56
C LYS E 64 39.18 -13.96 -51.71
N GLU E 65 40.35 -14.04 -51.06
CA GLU E 65 41.31 -15.15 -51.03
C GLU E 65 41.98 -15.39 -52.37
N SER E 66 41.67 -14.61 -53.40
CA SER E 66 42.36 -14.70 -54.69
C SER E 66 43.06 -13.42 -55.10
N GLN E 67 42.72 -12.28 -54.50
CA GLN E 67 43.35 -11.00 -54.80
C GLN E 67 43.61 -10.28 -53.48
N LYS E 68 43.97 -9.01 -53.57
CA LYS E 68 44.16 -8.19 -52.40
C LYS E 68 42.82 -7.97 -51.69
N GLN E 69 42.87 -7.82 -50.37
CA GLN E 69 41.67 -7.62 -49.59
C GLN E 69 41.03 -6.27 -49.91
N LYS E 70 39.70 -6.24 -49.89
CA LYS E 70 38.94 -5.04 -50.19
C LYS E 70 38.39 -4.49 -48.89
N TYR E 71 38.69 -3.22 -48.62
CA TYR E 71 38.25 -2.58 -47.38
C TYR E 71 36.81 -2.07 -47.55
N MET E 72 35.93 -2.53 -46.68
CA MET E 72 34.53 -2.13 -46.73
C MET E 72 34.37 -0.86 -45.92
N ILE E 73 33.67 0.13 -46.47
CA ILE E 73 33.39 1.37 -45.76
C ILE E 73 31.88 1.56 -45.73
N GLU E 74 31.27 1.36 -44.57
CA GLU E 74 29.85 1.60 -44.39
C GLU E 74 29.63 3.06 -44.01
N ALA E 75 28.75 3.74 -44.74
CA ALA E 75 28.51 5.15 -44.56
C ALA E 75 27.02 5.41 -44.38
N SER E 76 26.71 6.51 -43.70
CA SER E 76 25.33 6.93 -43.47
C SER E 76 25.08 8.26 -44.16
N PRO E 77 24.16 8.32 -45.14
CA PRO E 77 23.93 9.60 -45.85
C PRO E 77 23.24 10.64 -44.98
N ILE E 78 23.96 11.71 -44.64
CA ILE E 78 23.39 12.78 -43.84
C ILE E 78 22.56 13.75 -44.68
N GLY E 79 22.66 13.68 -45.99
CA GLY E 79 21.93 14.58 -46.86
C GLY E 79 22.71 14.86 -48.13
N LEU E 80 22.04 15.55 -49.04
CA LEU E 80 22.59 15.85 -50.36
C LEU E 80 22.79 17.35 -50.51
N VAL E 81 23.80 17.72 -51.30
CA VAL E 81 24.12 19.12 -51.57
C VAL E 81 23.85 19.42 -53.03
N LYS E 82 23.14 20.53 -53.27
CA LYS E 82 22.89 21.03 -54.61
C LYS E 82 23.30 22.49 -54.66
N ASN E 83 24.17 22.83 -55.63
CA ASN E 83 24.79 24.14 -55.86
C ASN E 83 25.22 24.84 -54.58
N GLY E 84 25.82 24.10 -53.65
CA GLY E 84 26.27 24.65 -52.39
C GLY E 84 25.24 24.67 -51.28
N LYS E 85 24.01 24.25 -51.54
CA LYS E 85 22.96 24.22 -50.53
C LYS E 85 22.73 22.78 -50.09
N PHE E 86 22.76 22.56 -48.78
CA PHE E 86 22.68 21.22 -48.21
C PHE E 86 21.22 20.89 -47.89
N TYR E 87 20.74 19.78 -48.43
CA TYR E 87 19.39 19.28 -48.18
C TYR E 87 19.47 17.89 -47.58
N ARG E 88 18.83 17.70 -46.44
CA ARG E 88 18.83 16.39 -45.78
C ARG E 88 17.97 15.40 -46.55
N GLY E 89 18.41 14.15 -46.58
CA GLY E 89 17.70 13.08 -47.25
C GLY E 89 18.58 12.34 -48.24
N GLY E 90 18.07 11.19 -48.68
CA GLY E 90 18.78 10.37 -49.64
C GLY E 90 18.00 10.18 -50.93
N ASP E 91 18.50 10.76 -52.01
CA ASP E 91 17.81 10.71 -53.28
C ASP E 91 18.05 9.37 -53.99
N SER E 92 17.22 9.10 -55.00
CA SER E 92 17.36 7.92 -55.83
C SER E 92 18.25 8.15 -57.03
N LEU E 93 18.91 9.31 -57.10
CA LEU E 93 19.86 9.59 -58.18
C LEU E 93 21.09 8.70 -58.11
N ALA E 94 21.40 8.14 -56.94
CA ALA E 94 22.51 7.21 -56.81
C ALA E 94 22.25 5.95 -57.62
N LEU E 95 23.28 5.47 -58.29
CA LEU E 95 23.21 4.37 -59.23
C LEU E 95 24.34 3.39 -58.93
N PRO E 96 24.27 2.17 -59.44
CA PRO E 96 25.42 1.26 -59.35
C PRO E 96 26.67 1.82 -59.99
N PRO E 97 26.58 2.58 -61.13
CA PRO E 97 27.82 3.32 -61.48
C PRO E 97 27.98 4.67 -60.76
N LYS E 98 28.51 4.62 -59.54
CA LYS E 98 28.87 5.80 -58.78
C LYS E 98 30.34 5.74 -58.40
N LYS E 99 30.87 6.89 -57.97
CA LYS E 99 32.24 7.00 -57.51
C LYS E 99 32.28 7.50 -56.07
N VAL E 100 33.38 7.20 -55.39
CA VAL E 100 33.57 7.57 -54.00
C VAL E 100 34.94 8.22 -53.84
N GLU E 101 34.99 9.32 -53.09
CA GLU E 101 36.23 9.97 -52.71
C GLU E 101 35.94 10.82 -51.50
N PRO E 102 36.95 11.10 -50.65
CA PRO E 102 36.71 11.93 -49.47
C PRO E 102 36.29 13.35 -49.83
N ALA E 103 35.40 13.90 -49.01
CA ALA E 103 34.89 15.25 -49.24
C ALA E 103 35.98 16.28 -48.98
N LYS E 104 36.00 17.32 -49.81
CA LYS E 104 36.97 18.39 -49.64
C LYS E 104 36.58 19.29 -48.47
N LEU E 105 37.55 20.11 -48.04
CA LEU E 105 37.33 21.00 -46.90
C LEU E 105 36.28 22.06 -47.22
N ASP E 106 36.27 22.56 -48.46
CA ASP E 106 35.31 23.59 -48.84
C ASP E 106 33.88 23.05 -48.89
N GLU E 107 33.71 21.78 -49.22
CA GLU E 107 32.38 21.19 -49.22
C GLU E 107 31.88 20.91 -47.80
N ILE E 108 32.79 20.55 -46.90
CA ILE E 108 32.42 20.39 -45.49
C ILE E 108 32.07 21.75 -44.89
N ILE E 109 32.79 22.80 -45.28
CA ILE E 109 32.52 24.15 -44.81
C ILE E 109 31.14 24.61 -45.27
N SER E 110 30.77 24.28 -46.51
CA SER E 110 29.48 24.70 -47.06
C SER E 110 28.29 24.05 -46.38
N ILE E 111 28.49 22.94 -45.66
CA ILE E 111 27.41 22.32 -44.90
C ILE E 111 26.98 23.24 -43.77
N TYR E 112 27.94 23.80 -43.05
CA TYR E 112 27.65 24.60 -41.86
C TYR E 112 27.61 26.09 -42.13
N SER E 113 28.43 26.60 -43.05
CA SER E 113 28.53 28.04 -43.24
C SER E 113 27.31 28.59 -43.97
N ASP E 114 26.85 27.90 -45.02
CA ASP E 114 25.80 28.44 -45.87
C ASP E 114 24.42 28.36 -45.24
N SER E 115 24.23 27.51 -44.23
CA SER E 115 22.91 27.30 -43.67
C SER E 115 22.45 28.46 -42.79
N ILE E 116 23.38 29.13 -42.10
CA ILE E 116 23.06 30.22 -41.19
C ILE E 116 23.74 31.49 -41.69
N ASP E 117 23.04 32.61 -41.59
CA ASP E 117 23.55 33.88 -42.08
C ASP E 117 24.72 34.37 -41.22
N ILE E 118 25.50 35.28 -41.80
CA ILE E 118 26.72 35.77 -41.16
C ILE E 118 26.41 36.49 -39.85
N ASN E 119 25.32 37.25 -39.82
CA ASN E 119 24.95 37.99 -38.61
C ASN E 119 24.51 37.06 -37.50
N ASP E 120 23.80 35.98 -37.84
CA ASP E 120 23.23 35.08 -36.85
C ASP E 120 24.11 33.88 -36.55
N ARG E 121 25.32 33.82 -37.11
CA ARG E 121 26.25 32.76 -36.77
C ARG E 121 26.77 32.94 -35.35
N PHE E 122 26.89 31.82 -34.63
CA PHE E 122 27.40 31.80 -33.26
C PHE E 122 28.34 30.60 -33.14
N THR E 123 29.62 30.83 -33.37
CA THR E 123 30.61 29.76 -33.36
C THR E 123 31.31 29.69 -32.01
N PHE E 124 31.40 28.48 -31.47
CA PHE E 124 32.15 28.26 -30.24
C PHE E 124 32.93 26.94 -30.29
N SER E 125 33.03 26.30 -31.44
CA SER E 125 33.66 24.98 -31.53
C SER E 125 34.17 24.78 -32.95
N SER E 126 34.69 23.58 -33.20
CA SER E 126 35.14 23.17 -34.52
C SER E 126 34.95 21.67 -34.63
N LEU E 127 34.97 21.17 -35.85
CA LEU E 127 34.76 19.75 -36.08
C LEU E 127 35.93 18.94 -35.54
N SER E 128 35.61 17.77 -34.96
CA SER E 128 36.65 16.91 -34.41
C SER E 128 37.51 16.30 -35.51
N LEU E 129 36.89 15.91 -36.62
CA LEU E 129 37.63 15.27 -37.71
C LEU E 129 38.59 16.24 -38.39
N ASN E 130 38.16 17.48 -38.57
CA ASN E 130 39.00 18.50 -39.19
C ASN E 130 38.92 19.77 -38.35
N THR E 131 40.06 20.18 -37.80
CA THR E 131 40.10 21.39 -36.98
C THR E 131 39.82 22.64 -37.79
N LYS E 132 40.26 22.64 -39.06
CA LYS E 132 40.20 23.85 -39.89
C LYS E 132 38.77 24.32 -40.13
N VAL E 133 37.84 23.39 -40.32
CA VAL E 133 36.44 23.76 -40.49
C VAL E 133 35.84 24.07 -39.12
N SER E 134 35.18 25.21 -39.03
CA SER E 134 34.50 25.63 -37.81
C SER E 134 32.99 25.49 -38.01
N VAL E 135 32.30 25.06 -36.96
CA VAL E 135 30.86 24.83 -37.02
C VAL E 135 30.16 25.96 -36.27
N PRO E 136 29.46 26.84 -36.97
CA PRO E 136 28.64 27.84 -36.28
C PRO E 136 27.21 27.37 -36.06
N VAL E 137 26.71 27.49 -34.85
CA VAL E 137 25.33 27.15 -34.57
C VAL E 137 24.49 28.41 -34.79
N ASN E 138 23.21 28.21 -35.10
CA ASN E 138 22.29 29.33 -35.26
C ASN E 138 22.01 29.94 -33.90
N GLY E 139 22.57 31.13 -33.66
CA GLY E 139 22.57 31.70 -32.32
C GLY E 139 21.19 32.06 -31.82
N ASN E 140 20.32 32.55 -32.70
CA ASN E 140 18.96 32.89 -32.29
C ASN E 140 18.17 31.64 -31.93
N ARG E 141 18.32 30.57 -32.71
CA ARG E 141 17.61 29.34 -32.41
C ARG E 141 18.25 28.55 -31.27
N PHE E 142 19.54 28.80 -31.00
CA PHE E 142 20.20 28.12 -29.89
C PHE E 142 19.79 28.68 -28.54
N PHE E 143 19.73 30.01 -28.41
CA PHE E 143 19.54 30.63 -27.10
C PHE E 143 18.08 30.83 -26.74
N ASN E 144 17.21 31.15 -27.71
CA ASN E 144 15.81 31.36 -27.39
C ASN E 144 15.13 30.06 -27.01
N LYS E 145 15.62 28.94 -27.52
CA LYS E 145 15.16 27.62 -27.12
C LYS E 145 16.03 27.08 -25.99
N HIS E 146 15.47 26.13 -25.24
CA HIS E 146 16.16 25.60 -24.07
C HIS E 146 17.31 24.68 -24.48
N ILE E 147 18.39 24.72 -23.71
CA ILE E 147 19.61 23.98 -23.97
C ILE E 147 19.80 22.94 -22.87
N ALA E 148 20.35 21.79 -23.23
CA ALA E 148 20.70 20.75 -22.26
C ALA E 148 22.12 20.28 -22.56
N ILE E 149 23.02 20.47 -21.59
CA ILE E 149 24.43 20.12 -21.75
C ILE E 149 24.73 19.00 -20.75
N VAL E 150 24.69 17.76 -21.22
CA VAL E 150 24.88 16.60 -20.35
C VAL E 150 26.15 15.87 -20.77
N GLY E 151 26.99 15.54 -19.80
CA GLY E 151 28.20 14.79 -20.05
C GLY E 151 28.79 14.27 -18.77
N SER E 152 29.36 13.06 -18.78
CA SER E 152 29.77 12.40 -17.56
C SER E 152 30.96 13.12 -16.92
N THR E 153 31.27 12.71 -15.69
CA THR E 153 32.31 13.38 -14.92
C THR E 153 33.69 13.09 -15.51
N GLY E 154 34.56 14.10 -15.45
CA GLY E 154 35.87 14.01 -16.04
C GLY E 154 35.92 14.35 -17.52
N SER E 155 34.79 14.65 -18.14
CA SER E 155 34.73 14.98 -19.55
C SER E 155 34.78 16.47 -19.82
N GLY E 156 34.96 17.29 -18.78
CA GLY E 156 34.97 18.73 -18.96
C GLY E 156 33.64 19.31 -19.38
N LYS E 157 32.54 18.83 -18.80
CA LYS E 157 31.22 19.38 -19.12
C LYS E 157 31.11 20.84 -18.71
N SER E 158 31.62 21.19 -17.53
CA SER E 158 31.56 22.57 -17.07
C SER E 158 32.44 23.50 -17.90
N HIS E 159 33.46 22.98 -18.58
CA HIS E 159 34.21 23.79 -19.52
C HIS E 159 33.34 24.23 -20.69
N THR E 160 32.51 23.33 -21.21
CA THR E 160 31.62 23.67 -22.31
C THR E 160 30.54 24.66 -21.87
N VAL E 161 29.96 24.45 -20.68
CA VAL E 161 28.99 25.39 -20.14
C VAL E 161 29.64 26.76 -19.92
N ALA E 162 30.93 26.76 -19.58
CA ALA E 162 31.66 28.02 -19.50
C ALA E 162 31.88 28.64 -20.87
N LYS E 163 32.48 27.86 -21.80
CA LYS E 163 32.92 28.40 -23.10
C LYS E 163 31.75 28.90 -23.93
N ILE E 164 30.58 28.30 -23.76
CA ILE E 164 29.38 28.85 -24.38
C ILE E 164 29.04 30.20 -23.77
N LEU E 165 29.12 30.31 -22.45
CA LEU E 165 28.72 31.56 -21.78
C LEU E 165 29.75 32.67 -21.97
N GLN E 166 31.04 32.34 -22.06
CA GLN E 166 32.02 33.37 -22.40
C GLN E 166 31.79 33.90 -23.81
N LYS E 167 31.37 33.03 -24.73
CA LYS E 167 30.99 33.48 -26.06
C LYS E 167 29.63 34.16 -26.07
N ALA E 168 28.80 33.93 -25.05
CA ALA E 168 27.51 34.62 -24.99
C ALA E 168 27.67 36.08 -24.60
N VAL E 169 28.52 36.36 -23.60
CA VAL E 169 28.80 37.76 -23.25
C VAL E 169 29.58 38.45 -24.35
N ASP E 170 30.52 37.74 -24.98
CA ASP E 170 31.34 38.37 -26.02
C ASP E 170 30.54 38.62 -27.30
N GLU E 171 29.45 37.89 -27.51
CA GLU E 171 28.56 38.17 -28.62
C GLU E 171 27.75 39.43 -28.32
N LYS E 172 28.08 40.53 -29.00
CA LYS E 172 27.45 41.81 -28.79
C LYS E 172 27.08 42.43 -30.14
N GLN E 173 26.16 43.39 -30.10
CA GLN E 173 25.85 44.17 -31.29
C GLN E 173 27.03 45.04 -31.67
N GLU E 174 27.19 45.27 -32.99
CA GLU E 174 28.29 46.11 -33.47
C GLU E 174 28.04 47.58 -33.19
N GLY E 175 26.80 47.99 -32.92
CA GLY E 175 26.51 49.39 -32.69
C GLY E 175 27.11 49.92 -31.41
N TYR E 176 27.06 49.15 -30.33
CA TYR E 176 27.57 49.58 -29.04
C TYR E 176 28.42 48.48 -28.42
N LYS E 177 29.49 48.87 -27.74
CA LYS E 177 30.38 47.95 -27.05
C LYS E 177 30.23 48.14 -25.54
N GLY E 178 30.01 47.06 -24.84
CA GLY E 178 29.81 47.09 -23.40
C GLY E 178 28.92 45.95 -22.95
N LEU E 179 28.18 46.20 -21.87
CA LEU E 179 27.27 45.21 -21.32
C LEU E 179 26.07 45.05 -22.25
N ASN E 180 25.88 43.84 -22.79
CA ASN E 180 24.87 43.63 -23.82
C ASN E 180 23.51 43.39 -23.16
N ASN E 181 22.54 42.95 -23.97
CA ASN E 181 21.15 42.90 -23.53
C ASN E 181 20.94 41.73 -22.55
N SER E 182 21.71 40.67 -22.69
CA SER E 182 21.45 39.40 -22.00
C SER E 182 21.61 39.53 -20.48
N HIS E 183 21.17 38.48 -19.79
CA HIS E 183 21.38 38.31 -18.36
C HIS E 183 21.63 36.83 -18.10
N ILE E 184 22.63 36.53 -17.27
CA ILE E 184 23.06 35.15 -17.05
C ILE E 184 22.94 34.87 -15.55
N ILE E 185 22.23 33.80 -15.21
CA ILE E 185 22.11 33.34 -13.82
C ILE E 185 22.51 31.88 -13.75
N ILE E 186 23.49 31.58 -12.89
CA ILE E 186 24.07 30.24 -12.80
C ILE E 186 23.83 29.70 -11.39
N PHE E 187 23.25 28.51 -11.31
CA PHE E 187 23.03 27.83 -10.04
C PHE E 187 24.09 26.75 -9.87
N ASP E 188 25.29 27.16 -9.49
CA ASP E 188 26.39 26.22 -9.32
C ASP E 188 26.48 25.74 -7.87
N ILE E 189 26.55 24.44 -7.69
CA ILE E 189 26.74 23.87 -6.37
C ILE E 189 28.22 23.65 -6.07
N HIS E 190 29.02 23.37 -7.09
CA HIS E 190 30.43 23.07 -6.90
C HIS E 190 31.30 24.32 -6.81
N SER E 191 30.71 25.50 -6.89
CA SER E 191 31.42 26.79 -6.93
C SER E 191 32.44 26.80 -8.06
N GLU E 192 32.01 26.30 -9.22
CA GLU E 192 32.90 26.04 -10.33
C GLU E 192 33.15 27.26 -11.20
N TYR E 193 32.17 28.13 -11.37
CA TYR E 193 32.24 29.21 -12.34
C TYR E 193 32.72 30.53 -11.74
N GLU E 194 33.22 30.51 -10.50
CA GLU E 194 33.82 31.70 -9.92
C GLU E 194 35.05 32.13 -10.72
N ASN E 195 35.96 31.19 -10.99
CA ASN E 195 37.16 31.50 -11.75
C ASN E 195 36.87 31.70 -13.23
N ALA E 196 35.81 31.10 -13.75
CA ALA E 196 35.51 31.21 -15.18
C ALA E 196 35.02 32.60 -15.55
N PHE E 197 34.33 33.28 -14.64
CA PHE E 197 33.82 34.64 -14.87
C PHE E 197 34.22 35.51 -13.68
N PRO E 198 35.45 36.04 -13.69
CA PRO E 198 35.92 36.80 -12.53
C PRO E 198 35.21 38.14 -12.36
N ASN E 199 34.71 38.74 -13.44
CA ASN E 199 34.02 40.02 -13.35
C ASN E 199 32.53 39.87 -13.06
N SER E 200 32.05 38.65 -12.86
CA SER E 200 30.66 38.41 -12.58
C SER E 200 30.32 38.80 -11.14
N ASN E 201 29.02 38.87 -10.86
CA ASN E 201 28.52 39.20 -9.53
C ASN E 201 28.15 37.86 -8.88
N VAL E 202 28.80 37.56 -7.77
CA VAL E 202 28.66 36.26 -7.10
C VAL E 202 27.91 36.45 -5.79
N LEU E 203 26.87 35.66 -5.59
CA LEU E 203 26.05 35.73 -4.40
C LEU E 203 25.97 34.36 -3.74
N ASN E 204 26.50 34.26 -2.53
CA ASN E 204 26.44 33.07 -1.72
C ASN E 204 25.55 33.34 -0.50
N VAL E 205 25.53 32.38 0.43
CA VAL E 205 24.63 32.45 1.58
C VAL E 205 24.96 33.66 2.46
N ASP E 206 26.25 33.96 2.63
CA ASP E 206 26.68 35.00 3.56
C ASP E 206 26.22 36.40 3.15
N THR E 207 25.96 36.63 1.87
CA THR E 207 25.53 37.94 1.38
C THR E 207 24.08 37.97 0.90
N LEU E 208 23.65 36.94 0.18
CA LEU E 208 22.29 36.90 -0.33
C LEU E 208 21.30 36.66 0.78
N THR E 209 20.20 37.42 0.77
CA THR E 209 19.16 37.36 1.81
C THR E 209 17.80 37.19 1.14
N LEU E 210 17.38 35.93 1.00
CA LEU E 210 16.06 35.66 0.43
C LEU E 210 14.98 35.97 1.45
N PRO E 211 13.80 36.43 0.99
CA PRO E 211 12.67 36.61 1.89
C PRO E 211 11.81 35.36 1.98
N TYR E 212 11.43 35.03 3.21
CA TYR E 212 10.61 33.85 3.44
C TYR E 212 9.17 34.05 2.95
N TRP E 213 8.71 35.30 2.87
CA TRP E 213 7.31 35.56 2.52
C TRP E 213 7.04 35.44 1.02
N LEU E 214 8.07 35.50 0.18
CA LEU E 214 7.87 35.36 -1.26
C LEU E 214 7.62 33.91 -1.66
N LEU E 215 7.81 32.96 -0.75
CA LEU E 215 7.55 31.56 -1.05
C LEU E 215 6.06 31.33 -1.22
N ASN E 216 5.69 30.48 -2.17
CA ASN E 216 4.29 30.17 -2.41
C ASN E 216 3.82 29.13 -1.39
N GLY E 217 2.63 28.58 -1.61
CA GLY E 217 2.08 27.62 -0.66
C GLY E 217 2.85 26.33 -0.60
N ASP E 218 3.28 25.82 -1.75
CA ASP E 218 4.08 24.59 -1.77
C ASP E 218 5.46 24.83 -1.16
N GLU E 219 6.08 25.96 -1.47
CA GLU E 219 7.45 26.21 -1.02
C GLU E 219 7.50 26.47 0.48
N LEU E 220 6.55 27.25 1.00
CA LEU E 220 6.62 27.69 2.39
C LEU E 220 6.28 26.58 3.36
N GLU E 221 5.56 25.54 2.91
CA GLU E 221 5.24 24.42 3.77
C GLU E 221 6.48 23.60 4.08
N GLU E 222 7.26 23.25 3.05
CA GLU E 222 8.41 22.39 3.25
C GLU E 222 9.60 23.12 3.86
N LEU E 223 9.66 24.45 3.78
CA LEU E 223 10.71 25.17 4.48
C LEU E 223 10.55 25.05 5.98
N PHE E 224 9.31 25.12 6.47
CA PHE E 224 9.04 25.11 7.90
C PHE E 224 8.58 23.77 8.43
N LEU E 225 7.97 22.93 7.61
CA LEU E 225 7.41 21.67 8.09
C LEU E 225 7.97 20.50 7.31
N ASP E 226 7.46 19.31 7.65
CA ASP E 226 7.70 18.10 6.88
C ASP E 226 6.38 17.35 6.75
N THR E 227 6.14 16.78 5.57
CA THR E 227 4.88 16.08 5.34
C THR E 227 4.80 14.75 6.07
N GLU E 228 5.94 14.20 6.51
CA GLU E 228 5.95 12.90 7.15
C GLU E 228 5.40 12.93 8.57
N ALA E 229 5.72 13.98 9.33
CA ALA E 229 5.39 14.04 10.76
C ALA E 229 4.34 15.08 11.07
N ASN E 230 3.61 15.58 10.07
CA ASN E 230 2.57 16.57 10.28
C ASN E 230 1.28 16.11 9.63
N ASP E 231 0.20 16.12 10.42
CA ASP E 231 -1.10 15.70 9.92
C ASP E 231 -1.82 16.90 9.29
N HIS E 232 -3.04 16.65 8.77
CA HIS E 232 -3.80 17.70 8.11
C HIS E 232 -4.26 18.76 9.11
N ASN E 233 -4.61 18.35 10.33
CA ASN E 233 -5.01 19.32 11.34
C ASN E 233 -3.82 20.14 11.80
N GLN E 234 -2.63 19.54 11.83
CA GLN E 234 -1.44 20.26 12.27
C GLN E 234 -1.06 21.38 11.30
N ARG E 235 -1.11 21.11 10.00
CA ARG E 235 -0.79 22.14 9.02
C ARG E 235 -1.91 23.17 8.87
N ASN E 236 -3.15 22.82 9.25
CA ASN E 236 -4.31 23.66 8.95
C ASN E 236 -4.22 25.01 9.66
N VAL E 237 -3.71 25.03 10.89
CA VAL E 237 -3.50 26.30 11.57
C VAL E 237 -2.35 27.07 10.92
N PHE E 238 -1.36 26.36 10.37
CA PHE E 238 -0.20 27.03 9.79
C PHE E 238 -0.56 27.81 8.53
N ARG E 239 -1.45 27.24 7.68
CA ARG E 239 -2.01 28.04 6.60
C ARG E 239 -2.90 29.16 7.13
N GLN E 240 -3.61 28.90 8.24
CA GLN E 240 -4.47 29.91 8.82
C GLN E 240 -3.67 31.04 9.45
N ALA E 241 -2.60 30.71 10.18
CA ALA E 241 -1.84 31.71 10.92
C ALA E 241 -1.14 32.71 10.01
N ILE E 242 -0.57 32.21 8.91
CA ILE E 242 0.10 33.10 7.96
C ILE E 242 -0.91 33.98 7.23
N THR E 243 -2.08 33.42 6.91
CA THR E 243 -3.06 34.11 6.07
C THR E 243 -3.57 35.38 6.75
N LEU E 244 -3.90 35.31 8.04
CA LEU E 244 -4.35 36.50 8.74
C LEU E 244 -3.21 37.48 8.98
N ASN E 245 -1.98 36.99 9.10
CA ASN E 245 -0.84 37.89 9.28
C ASN E 245 -0.53 38.65 7.99
N LYS E 246 -0.89 38.07 6.85
CA LYS E 246 -0.65 38.73 5.58
C LYS E 246 -1.53 39.97 5.41
N LYS E 247 -2.78 39.90 5.89
CA LYS E 247 -3.73 40.99 5.64
C LYS E 247 -3.43 42.21 6.49
N ILE E 248 -3.01 42.00 7.74
CA ILE E 248 -2.76 43.14 8.63
C ILE E 248 -1.53 43.91 8.19
N HIS E 249 -0.49 43.21 7.73
CA HIS E 249 0.71 43.86 7.23
C HIS E 249 0.54 44.37 5.81
N PHE E 250 -0.56 44.05 5.14
CA PHE E 250 -0.80 44.51 3.78
C PHE E 250 -1.21 45.97 3.84
N GLN E 251 -0.37 46.85 3.29
CA GLN E 251 -0.59 48.28 3.33
C GLN E 251 -1.29 48.82 2.08
N GLY E 252 -1.71 47.94 1.18
CA GLY E 252 -2.32 48.34 -0.07
C GLY E 252 -3.80 48.65 0.07
N ASP E 253 -4.47 48.65 -1.08
CA ASP E 253 -5.89 48.98 -1.13
C ASP E 253 -6.73 47.84 -0.55
N PRO E 254 -7.87 48.17 0.07
CA PRO E 254 -8.74 47.11 0.62
C PRO E 254 -9.44 46.29 -0.44
N ALA E 255 -9.48 46.74 -1.69
CA ALA E 255 -10.11 45.99 -2.77
C ALA E 255 -9.23 44.85 -3.30
N THR E 256 -8.00 44.74 -2.82
CA THR E 256 -7.10 43.67 -3.21
C THR E 256 -6.95 42.60 -2.13
N LYS E 257 -7.08 42.99 -0.86
CA LYS E 257 -6.74 42.13 0.27
C LYS E 257 -7.63 40.89 0.40
N GLU E 258 -8.80 40.84 -0.25
CA GLU E 258 -9.62 39.63 -0.15
C GLU E 258 -9.06 38.49 -0.98
N ILE E 259 -8.27 38.78 -2.01
CA ILE E 259 -7.63 37.72 -2.79
C ILE E 259 -6.39 37.16 -2.11
N ILE E 260 -5.93 37.80 -1.03
CA ILE E 260 -4.72 37.38 -0.33
C ILE E 260 -4.98 36.07 0.39
N SER E 261 -4.16 35.06 0.10
CA SER E 261 -4.28 33.76 0.74
C SER E 261 -2.91 33.26 1.16
N PHE E 262 -2.81 31.99 1.57
CA PHE E 262 -1.53 31.45 1.99
C PHE E 262 -0.59 31.25 0.81
N HIS E 263 -1.13 30.97 -0.38
CA HIS E 263 -0.33 30.85 -1.58
C HIS E 263 0.11 32.20 -2.13
N SER E 264 -0.50 33.29 -1.69
CA SER E 264 -0.25 34.60 -2.27
C SER E 264 1.04 35.20 -1.73
N PRO E 265 1.99 35.57 -2.58
CA PRO E 265 3.27 36.16 -2.10
C PRO E 265 3.17 37.61 -1.63
N TYR E 266 2.78 37.79 -0.37
CA TYR E 266 2.83 39.08 0.29
C TYR E 266 3.56 38.96 1.62
N TYR E 267 4.08 40.10 2.09
CA TYR E 267 4.93 40.13 3.27
C TYR E 267 4.14 39.78 4.53
N PHE E 268 4.77 39.01 5.41
CA PHE E 268 4.23 38.76 6.74
C PHE E 268 5.40 38.59 7.71
N ASP E 269 5.09 38.75 8.99
CA ASP E 269 6.06 38.57 10.06
C ASP E 269 5.95 37.16 10.59
N ILE E 270 7.04 36.38 10.48
CA ILE E 270 7.01 34.99 10.91
C ILE E 270 6.98 34.88 12.43
N ASN E 271 7.63 35.82 13.14
CA ASN E 271 7.71 35.72 14.60
C ASN E 271 6.35 35.88 15.27
N GLU E 272 5.47 36.72 14.70
CA GLU E 272 4.12 36.79 15.23
C GLU E 272 3.31 35.55 14.89
N VAL E 273 3.62 34.89 13.77
CA VAL E 273 2.99 33.62 13.46
C VAL E 273 3.43 32.55 14.45
N ILE E 274 4.69 32.60 14.88
CA ILE E 274 5.18 31.67 15.91
C ILE E 274 4.43 31.91 17.22
N ASN E 275 4.22 33.17 17.59
CA ASN E 275 3.45 33.48 18.78
C ASN E 275 1.99 33.06 18.65
N TYR E 276 1.43 33.16 17.44
CA TYR E 276 0.07 32.68 17.20
C TYR E 276 -0.03 31.18 17.43
N ILE E 277 0.95 30.43 16.92
CA ILE E 277 0.96 28.98 17.11
C ILE E 277 1.20 28.63 18.58
N ASN E 278 2.11 29.37 19.22
CA ASN E 278 2.41 29.14 20.64
C ASN E 278 1.21 29.47 21.52
N ASN E 279 0.49 30.54 21.19
CA ASN E 279 -0.72 30.89 21.95
C ASN E 279 -1.83 29.86 21.72
N ARG E 280 -1.99 29.40 20.48
CA ARG E 280 -2.93 28.34 20.19
C ARG E 280 -2.54 27.02 20.85
N ASN E 281 -1.24 26.83 21.13
CA ASN E 281 -0.78 25.69 21.92
C ASN E 281 -1.25 25.84 23.36
N ASN E 282 -1.46 27.07 23.83
CA ASN E 282 -1.92 27.33 25.19
C ASN E 282 -3.34 27.90 25.23
N GLU E 283 -4.20 27.48 24.31
CA GLU E 283 -5.57 27.99 24.28
C GLU E 283 -6.39 27.43 25.43
N ARG E 284 -7.34 28.22 25.93
CA ARG E 284 -8.15 27.83 27.07
C ARG E 284 -9.62 28.08 26.80
N LYS E 285 -10.46 27.20 27.33
CA LYS E 285 -11.90 27.32 27.26
C LYS E 285 -12.45 27.84 28.58
N ASN E 286 -13.43 28.74 28.50
CA ASN E 286 -14.07 29.30 29.67
C ASN E 286 -15.43 28.62 29.89
N LYS E 287 -16.21 29.16 30.83
CA LYS E 287 -17.55 28.63 31.08
C LYS E 287 -18.51 28.91 29.93
N ASP E 288 -18.17 29.84 29.04
CA ASP E 288 -18.95 30.10 27.83
C ASP E 288 -18.55 29.19 26.67
N ASN E 289 -17.57 28.31 26.88
CA ASN E 289 -17.02 27.42 25.85
C ASN E 289 -16.54 28.21 24.63
N GLU E 290 -15.68 29.19 24.89
CA GLU E 290 -15.14 30.06 23.85
C GLU E 290 -13.71 30.40 24.22
N HIS E 291 -12.82 30.46 23.22
CA HIS E 291 -11.40 30.75 23.46
C HIS E 291 -11.26 32.21 23.84
N ILE E 292 -11.50 32.49 25.12
CA ILE E 292 -11.29 33.83 25.65
C ILE E 292 -9.79 34.11 25.75
N TRP E 293 -9.43 35.39 25.70
CA TRP E 293 -8.03 35.78 25.67
C TRP E 293 -7.82 37.05 26.49
N SER E 294 -6.69 37.11 27.18
CA SER E 294 -6.39 38.21 28.09
C SER E 294 -5.06 38.86 27.71
N ASP E 295 -5.04 40.18 27.73
CA ASP E 295 -3.81 40.95 27.59
C ASP E 295 -4.00 42.26 28.35
N GLU E 296 -2.94 43.08 28.38
CA GLU E 296 -3.01 44.33 29.13
C GLU E 296 -3.87 45.38 28.44
N GLU E 297 -4.12 45.24 27.14
CA GLU E 297 -4.97 46.20 26.44
C GLU E 297 -6.45 45.95 26.73
N GLY E 298 -6.85 44.72 27.02
CA GLY E 298 -8.24 44.45 27.32
C GLY E 298 -8.51 42.96 27.40
N ASN E 299 -9.80 42.62 27.29
CA ASN E 299 -10.28 41.25 27.33
C ASN E 299 -11.11 40.98 26.08
N PHE E 300 -10.83 39.88 25.40
CA PHE E 300 -11.51 39.60 24.14
C PHE E 300 -11.51 38.09 23.88
N LYS E 301 -12.36 37.70 22.93
CA LYS E 301 -12.51 36.31 22.51
C LYS E 301 -11.84 36.10 21.15
N PHE E 302 -11.55 34.84 20.85
CA PHE E 302 -10.86 34.48 19.62
C PHE E 302 -11.85 34.54 18.47
N ASP E 303 -11.62 35.47 17.54
CA ASP E 303 -12.46 35.63 16.37
C ASP E 303 -11.61 36.18 15.23
N ASN E 304 -12.15 36.13 14.02
CA ASN E 304 -11.40 36.54 12.84
C ASN E 304 -11.13 38.04 12.83
N GLU E 305 -12.03 38.83 13.42
CA GLU E 305 -11.81 40.28 13.49
C GLU E 305 -10.71 40.61 14.49
N ASN E 306 -10.76 40.00 15.67
CA ASN E 306 -9.83 40.32 16.76
C ASN E 306 -8.68 39.33 16.84
N ALA E 307 -8.29 38.73 15.71
CA ALA E 307 -7.16 37.80 15.72
C ALA E 307 -5.81 38.49 15.60
N HIS E 308 -5.78 39.78 15.24
CA HIS E 308 -4.50 40.46 15.07
C HIS E 308 -3.81 40.73 16.41
N ARG E 309 -4.58 41.00 17.46
CA ARG E 309 -3.98 41.18 18.78
C ARG E 309 -3.55 39.87 19.43
N LEU E 310 -3.94 38.73 18.85
CA LEU E 310 -3.43 37.44 19.29
C LEU E 310 -1.99 37.23 18.83
N PHE E 311 -1.58 37.89 17.75
CA PHE E 311 -0.25 37.70 17.18
C PHE E 311 0.86 38.18 18.11
N LYS E 312 0.57 39.07 19.04
CA LYS E 312 1.59 39.60 19.94
C LYS E 312 2.00 38.54 20.96
N GLU E 313 3.22 38.72 21.50
CA GLU E 313 3.74 37.76 22.47
C GLU E 313 3.07 37.92 23.83
N ASN E 314 2.80 39.16 24.24
CA ASN E 314 2.30 39.45 25.59
C ASN E 314 0.79 39.20 25.67
N VAL E 315 0.43 37.92 25.55
CA VAL E 315 -0.94 37.47 25.67
C VAL E 315 -0.96 36.29 26.63
N THR E 316 -1.73 36.39 27.70
CA THR E 316 -1.82 35.33 28.68
C THR E 316 -3.17 34.63 28.60
N PRO E 317 -3.20 33.31 28.63
CA PRO E 317 -4.48 32.60 28.57
C PRO E 317 -5.21 32.66 29.90
N ASP E 318 -6.54 32.74 29.81
CA ASP E 318 -7.40 32.79 30.97
C ASP E 318 -8.51 31.74 30.84
N GLY E 319 -8.89 31.15 31.96
CA GLY E 319 -9.86 30.08 31.98
C GLY E 319 -9.31 28.90 32.75
N SER E 320 -10.21 28.08 33.27
CA SER E 320 -9.84 26.90 34.05
C SER E 320 -9.97 25.60 33.29
N SER E 321 -10.28 25.66 31.99
CA SER E 321 -10.41 24.46 31.17
C SER E 321 -9.65 24.65 29.86
N ALA E 322 -9.03 23.57 29.39
CA ALA E 322 -8.22 23.62 28.19
C ALA E 322 -9.08 23.73 26.94
N GLY E 323 -8.46 24.22 25.86
CA GLY E 323 -9.15 24.34 24.59
C GLY E 323 -9.23 23.03 23.84
N ALA E 324 -9.94 23.07 22.72
CA ALA E 324 -10.10 21.87 21.89
C ALA E 324 -8.81 21.51 21.18
N LEU E 325 -8.12 22.51 20.62
CA LEU E 325 -6.83 22.30 19.95
C LEU E 325 -5.64 22.53 20.88
N ASN E 326 -5.82 22.28 22.18
CA ASN E 326 -4.78 22.52 23.16
C ASN E 326 -3.81 21.36 23.23
N GLY E 327 -2.52 21.68 23.25
CA GLY E 327 -1.48 20.68 23.40
C GLY E 327 -1.12 19.93 22.12
N LYS E 328 -1.78 20.23 21.01
CA LYS E 328 -1.50 19.56 19.75
C LYS E 328 -0.51 20.33 18.89
N LEU E 329 0.02 21.44 19.39
CA LEU E 329 0.93 22.28 18.62
C LEU E 329 2.29 22.45 19.26
N LEU E 330 2.58 21.77 20.37
CA LEU E 330 3.88 21.91 21.02
C LEU E 330 4.97 21.27 20.17
N ASN E 331 4.67 20.14 19.55
CA ASN E 331 5.58 19.57 18.56
C ASN E 331 5.66 20.48 17.34
N PHE E 332 4.57 21.14 17.00
CA PHE E 332 4.55 22.02 15.84
C PHE E 332 5.44 23.25 16.06
N VAL E 333 5.26 23.93 17.20
CA VAL E 333 5.97 25.20 17.42
C VAL E 333 7.47 24.97 17.58
N ASP E 334 7.85 23.87 18.25
CA ASP E 334 9.27 23.57 18.43
C ASP E 334 9.95 23.22 17.11
N ARG E 335 9.19 22.69 16.16
CA ARG E 335 9.72 22.45 14.83
C ARG E 335 10.02 23.78 14.13
N LEU E 336 9.11 24.76 14.26
CA LEU E 336 9.38 26.09 13.74
C LEU E 336 10.37 26.86 14.61
N GLN E 337 10.43 26.55 15.91
CA GLN E 337 11.33 27.27 16.80
C GLN E 337 12.78 26.94 16.48
N SER E 338 13.05 25.69 16.09
CA SER E 338 14.40 25.29 15.73
C SER E 338 14.85 25.96 14.44
N LYS E 339 13.94 26.11 13.48
CA LYS E 339 14.30 26.69 12.20
C LYS E 339 14.45 28.21 12.24
N ILE E 340 13.69 28.88 13.11
CA ILE E 340 13.71 30.33 13.10
C ILE E 340 14.97 30.90 13.75
N PHE E 341 15.68 30.12 14.57
CA PHE E 341 17.04 30.49 14.99
C PHE E 341 18.07 29.48 14.51
N ASP E 342 17.78 28.75 13.45
CA ASP E 342 18.82 27.92 12.83
C ASP E 342 19.80 28.84 12.12
N LYS E 343 21.07 28.79 12.53
CA LYS E 343 22.07 29.71 12.01
C LYS E 343 22.38 29.46 10.54
N ARG E 344 22.15 28.24 10.05
CA ARG E 344 22.33 27.97 8.63
C ARG E 344 21.21 28.55 7.79
N LEU E 345 20.02 28.71 8.38
CA LEU E 345 18.88 29.30 7.70
C LEU E 345 18.77 30.80 7.95
N ASP E 346 19.86 31.45 8.34
CA ASP E 346 19.85 32.87 8.63
C ASP E 346 19.65 33.69 7.37
N PHE E 347 19.99 33.15 6.20
CA PHE E 347 19.85 33.90 4.95
C PHE E 347 18.39 34.03 4.51
N ILE E 348 17.50 33.17 5.00
CA ILE E 348 16.11 33.20 4.55
C ILE E 348 15.11 33.47 5.68
N LEU E 349 15.49 33.27 6.95
CA LEU E 349 14.62 33.57 8.08
C LEU E 349 15.24 34.59 9.02
N GLY E 350 16.28 35.29 8.57
CA GLY E 350 17.01 36.20 9.44
C GLY E 350 16.33 37.55 9.59
N GLU E 351 17.00 38.43 10.33
CA GLU E 351 16.48 39.77 10.56
C GLU E 351 16.45 40.59 9.28
N GLY E 352 17.46 40.44 8.43
CA GLY E 352 17.49 41.15 7.16
C GLY E 352 16.42 40.69 6.18
N SER E 353 15.93 39.46 6.33
CA SER E 353 14.86 38.98 5.47
C SER E 353 13.55 39.69 5.76
N LYS E 354 13.31 40.08 7.00
CA LYS E 354 12.14 40.90 7.32
C LYS E 354 12.29 42.32 6.79
N SER E 355 13.51 42.85 6.84
CA SER E 355 13.77 44.23 6.44
C SER E 355 13.94 44.40 4.93
N VAL E 356 14.14 43.32 4.19
CA VAL E 356 14.37 43.43 2.75
C VAL E 356 13.04 43.68 2.05
N THR E 357 13.11 44.30 0.88
CA THR E 357 11.94 44.58 0.05
C THR E 357 11.98 43.71 -1.20
N PHE E 358 10.86 43.70 -1.92
CA PHE E 358 10.79 42.98 -3.19
C PHE E 358 11.65 43.64 -4.25
N LYS E 359 11.79 44.97 -4.20
CA LYS E 359 12.65 45.66 -5.14
C LYS E 359 14.11 45.28 -4.93
N GLU E 360 14.55 45.22 -3.66
CA GLU E 360 15.92 44.82 -3.37
C GLU E 360 16.15 43.35 -3.65
N THR E 361 15.13 42.51 -3.45
CA THR E 361 15.24 41.08 -3.70
C THR E 361 15.52 40.80 -5.18
N LEU E 362 14.78 41.47 -6.07
CA LEU E 362 15.01 41.30 -7.50
C LEU E 362 16.19 42.13 -8.00
N GLU E 363 16.67 43.08 -7.21
CA GLU E 363 17.84 43.86 -7.61
C GLU E 363 19.13 43.08 -7.46
N THR E 364 19.14 42.02 -6.65
CA THR E 364 20.33 41.21 -6.43
C THR E 364 20.40 40.02 -7.39
N LEU E 365 19.28 39.31 -7.57
CA LEU E 365 19.26 38.15 -8.46
C LEU E 365 19.47 38.57 -9.91
N ILE E 366 18.80 39.63 -10.35
CA ILE E 366 19.02 40.17 -11.69
C ILE E 366 20.34 40.94 -11.76
N SER E 367 20.83 41.41 -10.62
CA SER E 367 22.10 42.13 -10.47
C SER E 367 22.08 43.45 -11.26
N TYR E 368 21.16 44.32 -10.86
CA TYR E 368 21.15 45.71 -11.30
C TYR E 368 21.66 46.66 -10.24
N GLY E 369 22.46 46.17 -9.29
CA GLY E 369 22.89 46.96 -8.17
C GLY E 369 24.05 47.90 -8.47
N LYS E 370 25.00 48.01 -7.52
CA LYS E 370 26.11 48.92 -7.67
C LYS E 370 27.08 48.49 -8.77
N ASP E 371 27.13 47.20 -9.10
CA ASP E 371 27.99 46.67 -10.16
C ASP E 371 27.11 45.82 -11.07
N LYS E 372 26.55 46.44 -12.11
CA LYS E 372 25.75 45.71 -13.08
C LYS E 372 26.65 44.80 -13.89
N SER E 373 26.35 43.51 -13.90
CA SER E 373 27.14 42.52 -14.61
C SER E 373 26.22 41.62 -15.41
N ASN E 374 26.77 41.08 -16.50
CA ASN E 374 26.00 40.18 -17.35
C ASN E 374 25.69 38.88 -16.62
N ILE E 375 26.64 38.39 -15.84
CA ILE E 375 26.60 37.05 -15.26
C ILE E 375 26.39 37.18 -13.76
N THR E 376 25.33 36.54 -13.26
CA THR E 376 25.08 36.45 -11.83
C THR E 376 25.27 35.01 -11.40
N ILE E 377 26.10 34.81 -10.37
CA ILE E 377 26.41 33.47 -9.87
C ILE E 377 25.76 33.32 -8.50
N LEU E 378 24.85 32.36 -8.38
CA LEU E 378 24.17 32.07 -7.13
C LEU E 378 24.79 30.80 -6.57
N ASP E 379 25.90 30.96 -5.84
CA ASP E 379 26.61 29.84 -5.26
C ASP E 379 25.76 29.23 -4.15
N VAL E 380 25.19 28.06 -4.43
CA VAL E 380 24.31 27.38 -3.48
C VAL E 380 25.04 26.25 -2.75
N SER E 381 26.38 26.34 -2.66
CA SER E 381 27.13 25.34 -1.92
C SER E 381 26.83 25.41 -0.42
N GLY E 382 26.72 26.62 0.13
CA GLY E 382 26.45 26.78 1.54
C GLY E 382 25.01 26.59 1.95
N VAL E 383 24.10 26.49 0.99
CA VAL E 383 22.68 26.26 1.30
C VAL E 383 22.52 24.85 1.87
N PRO E 384 21.77 24.66 2.96
CA PRO E 384 21.52 23.31 3.46
C PRO E 384 20.77 22.46 2.44
N PHE E 385 21.09 21.16 2.44
CA PHE E 385 20.55 20.27 1.42
C PHE E 385 19.05 20.07 1.55
N GLU E 386 18.51 20.20 2.76
CA GLU E 386 17.08 20.05 2.94
C GLU E 386 16.29 21.24 2.39
N VAL E 387 16.93 22.42 2.30
CA VAL E 387 16.29 23.61 1.77
C VAL E 387 16.92 24.05 0.46
N LEU E 388 17.83 23.24 -0.10
CA LEU E 388 18.46 23.59 -1.37
C LEU E 388 17.41 23.61 -2.49
N SER E 389 16.50 22.65 -2.47
CA SER E 389 15.45 22.54 -3.48
C SER E 389 14.35 23.59 -3.32
N ILE E 390 14.48 24.50 -2.37
CA ILE E 390 13.51 25.56 -2.15
C ILE E 390 14.07 26.92 -2.58
N CYS E 391 15.30 27.22 -2.20
CA CYS E 391 15.95 28.45 -2.67
C CYS E 391 16.19 28.41 -4.17
N VAL E 392 16.53 27.23 -4.71
CA VAL E 392 16.64 27.07 -6.15
C VAL E 392 15.27 27.12 -6.81
N SER E 393 14.20 26.94 -6.04
CA SER E 393 12.84 27.04 -6.56
C SER E 393 12.27 28.45 -6.41
N LEU E 394 12.61 29.14 -5.32
CA LEU E 394 12.12 30.50 -5.12
C LEU E 394 12.71 31.45 -6.14
N ILE E 395 14.02 31.36 -6.39
CA ILE E 395 14.66 32.23 -7.37
C ILE E 395 14.19 31.90 -8.79
N SER E 396 13.97 30.61 -9.07
CA SER E 396 13.49 30.21 -10.39
C SER E 396 12.12 30.79 -10.68
N ARG E 397 11.24 30.82 -9.66
CA ARG E 397 9.94 31.47 -9.84
C ARG E 397 10.10 32.98 -9.95
N LEU E 398 11.04 33.56 -9.20
CA LEU E 398 11.19 35.01 -9.16
C LEU E 398 11.67 35.57 -10.49
N ILE E 399 12.61 34.87 -11.15
CA ILE E 399 13.04 35.30 -12.47
C ILE E 399 11.94 35.09 -13.50
N PHE E 400 11.17 34.00 -13.34
CA PHE E 400 10.02 33.77 -14.21
C PHE E 400 8.95 34.84 -14.01
N GLU E 401 8.69 35.21 -12.75
CA GLU E 401 7.76 36.30 -12.48
C GLU E 401 8.32 37.63 -12.98
N PHE E 402 9.63 37.82 -12.88
CA PHE E 402 10.26 38.98 -13.49
C PHE E 402 10.13 38.94 -15.00
N GLY E 403 10.32 37.76 -15.60
CA GLY E 403 10.12 37.63 -17.03
C GLY E 403 8.67 37.77 -17.45
N TYR E 404 7.74 37.33 -16.60
CA TYR E 404 6.32 37.50 -16.88
C TYR E 404 5.95 38.98 -16.90
N HIS E 405 6.46 39.74 -15.92
CA HIS E 405 6.08 41.15 -15.78
C HIS E 405 7.00 42.10 -16.52
N SER E 406 8.09 41.61 -17.11
CA SER E 406 8.92 42.48 -17.94
C SER E 406 8.20 42.84 -19.24
N LYS E 407 7.48 41.87 -19.82
CA LYS E 407 6.71 42.15 -21.02
C LYS E 407 5.43 42.93 -20.74
N LYS E 408 4.94 42.91 -19.50
CA LYS E 408 3.73 43.67 -19.18
C LYS E 408 4.03 45.16 -19.07
N ILE E 409 5.21 45.52 -18.54
CA ILE E 409 5.61 46.93 -18.50
C ILE E 409 6.19 47.40 -19.81
N LYS E 410 6.48 46.48 -20.74
CA LYS E 410 7.00 46.84 -22.06
C LYS E 410 5.94 46.84 -23.15
N ARG E 411 4.80 46.21 -22.90
CA ARG E 411 3.71 46.19 -23.88
C ARG E 411 3.04 47.55 -23.97
N ILE E 419 14.38 41.29 -22.56
CA ILE E 419 15.66 40.88 -21.99
C ILE E 419 15.63 39.38 -21.71
N PRO E 420 16.24 38.60 -22.60
CA PRO E 420 16.37 37.16 -22.35
C PRO E 420 17.32 36.89 -21.19
N ILE E 421 16.90 35.98 -20.31
CA ILE E 421 17.71 35.56 -19.17
C ILE E 421 17.94 34.06 -19.29
N LEU E 422 19.19 33.65 -19.18
CA LEU E 422 19.56 32.23 -19.20
C LEU E 422 19.79 31.76 -17.77
N ILE E 423 18.93 30.88 -17.28
CA ILE E 423 19.07 30.29 -15.95
C ILE E 423 19.84 28.99 -16.12
N VAL E 424 21.16 29.05 -15.89
CA VAL E 424 21.99 27.86 -16.01
C VAL E 424 21.83 27.02 -14.75
N TYR E 425 21.45 25.77 -14.92
CA TYR E 425 21.21 24.84 -13.82
C TYR E 425 22.36 23.84 -13.77
N GLU E 426 23.43 24.20 -13.07
CA GLU E 426 24.53 23.27 -12.86
C GLU E 426 24.09 22.18 -11.91
N GLU E 427 24.38 20.92 -12.29
CA GLU E 427 23.86 19.72 -11.63
C GLU E 427 22.34 19.77 -11.55
N ALA E 428 21.72 19.81 -12.73
CA ALA E 428 20.28 20.04 -12.83
C ALA E 428 19.45 18.86 -12.35
N HIS E 429 20.06 17.67 -12.24
CA HIS E 429 19.31 16.53 -11.74
C HIS E 429 19.08 16.62 -10.24
N LYS E 430 19.87 17.41 -9.53
CA LYS E 430 19.66 17.60 -8.10
C LYS E 430 18.39 18.40 -7.82
N TYR E 431 18.06 19.34 -8.70
CA TYR E 431 16.85 20.14 -8.54
C TYR E 431 15.63 19.47 -9.15
N ALA E 432 15.78 18.86 -10.33
CA ALA E 432 14.66 18.33 -11.10
C ALA E 432 14.91 16.85 -11.40
N PRO E 433 14.64 15.97 -10.44
CA PRO E 433 14.93 14.55 -10.64
C PRO E 433 13.75 13.78 -11.21
N LYS E 434 14.03 12.57 -11.68
CA LYS E 434 12.96 11.67 -12.09
C LYS E 434 12.12 11.19 -10.91
N SER E 435 12.70 11.18 -9.70
CA SER E 435 11.97 10.72 -8.53
C SER E 435 10.87 11.71 -8.16
N ASP E 436 9.87 11.20 -7.44
CA ASP E 436 8.74 12.01 -7.01
C ASP E 436 8.74 12.04 -5.47
N LEU E 437 9.87 12.45 -4.91
CA LEU E 437 9.99 12.67 -3.48
C LEU E 437 9.64 14.12 -3.14
N SER E 438 9.05 14.31 -1.96
CA SER E 438 8.48 15.61 -1.60
C SER E 438 9.54 16.67 -1.31
N LYS E 439 10.78 16.26 -1.04
CA LYS E 439 11.82 17.26 -0.77
C LYS E 439 12.29 17.94 -2.05
N TYR E 440 12.20 17.26 -3.20
CA TYR E 440 12.46 17.84 -4.51
C TYR E 440 11.19 18.30 -5.21
N ARG E 441 10.06 18.35 -4.50
CA ARG E 441 8.78 18.67 -5.14
C ARG E 441 8.72 20.13 -5.58
N THR E 442 9.32 21.03 -4.79
CA THR E 442 9.18 22.45 -5.06
C THR E 442 9.96 22.87 -6.30
N SER E 443 11.19 22.38 -6.44
CA SER E 443 12.03 22.80 -7.56
C SER E 443 11.63 22.12 -8.86
N LYS E 444 11.04 20.93 -8.80
CA LYS E 444 10.71 20.21 -10.03
C LYS E 444 9.55 20.87 -10.77
N GLU E 445 8.52 21.30 -10.04
CA GLU E 445 7.38 21.91 -10.70
C GLU E 445 7.66 23.36 -11.11
N ALA E 446 8.59 24.03 -10.43
CA ALA E 446 8.94 25.39 -10.81
C ALA E 446 9.83 25.42 -12.04
N ILE E 447 10.75 24.45 -12.15
CA ILE E 447 11.64 24.37 -13.31
C ILE E 447 10.84 23.97 -14.55
N GLU E 448 9.80 23.15 -14.35
CA GLU E 448 8.86 22.84 -15.42
C GLU E 448 8.19 24.09 -15.97
N ARG E 449 7.87 25.04 -15.09
CA ARG E 449 7.27 26.30 -15.53
C ARG E 449 8.28 27.16 -16.28
N ILE E 450 9.57 27.01 -15.97
CA ILE E 450 10.61 27.65 -16.77
C ILE E 450 10.66 27.01 -18.15
N ALA E 451 10.57 25.68 -18.19
CA ALA E 451 10.74 24.94 -19.43
C ALA E 451 9.52 25.02 -20.33
N LYS E 452 8.34 24.64 -19.80
CA LYS E 452 7.16 24.51 -20.64
C LYS E 452 6.58 25.86 -21.04
N GLU E 453 6.68 26.87 -20.20
CA GLU E 453 5.97 28.12 -20.42
C GLU E 453 6.91 29.28 -20.70
N GLY E 454 8.04 29.37 -19.98
CA GLY E 454 8.89 30.54 -19.98
C GLY E 454 9.66 30.83 -21.26
N ARG E 455 9.51 30.00 -22.29
CA ARG E 455 10.18 30.27 -23.57
C ARG E 455 9.68 31.57 -24.18
N LYS E 456 8.38 31.83 -24.08
CA LYS E 456 7.80 33.04 -24.67
C LYS E 456 7.94 34.27 -23.77
N TYR E 457 8.30 34.10 -22.51
CA TYR E 457 8.62 35.24 -21.65
C TYR E 457 10.10 35.57 -21.64
N GLY E 458 10.91 34.86 -22.41
CA GLY E 458 12.34 35.12 -22.47
C GLY E 458 13.16 34.47 -21.38
N VAL E 459 12.53 33.74 -20.46
CA VAL E 459 13.25 33.09 -19.37
C VAL E 459 13.54 31.66 -19.86
N THR E 460 14.76 31.44 -20.29
CA THR E 460 15.18 30.13 -20.81
C THR E 460 16.23 29.54 -19.89
N LEU E 461 16.30 28.22 -19.87
CA LEU E 461 17.13 27.49 -18.93
C LEU E 461 18.27 26.77 -19.65
N LEU E 462 19.09 26.09 -18.85
CA LEU E 462 20.23 25.32 -19.36
C LEU E 462 20.49 24.19 -18.38
N LEU E 463 20.03 22.99 -18.72
CA LEU E 463 20.21 21.83 -17.87
C LEU E 463 21.62 21.28 -18.07
N ALA E 464 22.52 21.59 -17.14
CA ALA E 464 23.87 21.06 -17.14
C ALA E 464 23.98 20.03 -16.01
N SER E 465 24.24 18.78 -16.38
CA SER E 465 24.29 17.72 -15.37
C SER E 465 25.21 16.61 -15.86
N GLN E 466 25.92 15.99 -14.91
CA GLN E 466 26.77 14.85 -15.22
C GLN E 466 26.02 13.52 -15.11
N ARG E 467 24.78 13.55 -14.65
CA ARG E 467 23.92 12.36 -14.60
C ARG E 467 22.63 12.73 -15.29
N PRO E 468 22.59 12.64 -16.63
CA PRO E 468 21.37 13.00 -17.35
C PRO E 468 20.19 12.10 -17.04
N SER E 469 20.43 10.83 -16.72
CA SER E 469 19.32 9.89 -16.49
C SER E 469 18.56 10.18 -15.22
N GLU E 470 19.12 10.93 -14.28
CA GLU E 470 18.35 11.31 -13.10
C GLU E 470 17.37 12.44 -13.39
N ILE E 471 17.58 13.23 -14.44
CA ILE E 471 16.65 14.30 -14.77
C ILE E 471 15.34 13.72 -15.27
N SER E 472 14.23 14.35 -14.91
CA SER E 472 12.93 13.90 -15.36
C SER E 472 12.75 14.15 -16.85
N GLU E 473 12.01 13.24 -17.50
CA GLU E 473 11.92 13.24 -18.95
C GLU E 473 11.17 14.45 -19.49
N THR E 474 10.12 14.89 -18.77
CA THR E 474 9.31 16.01 -19.23
C THR E 474 10.15 17.29 -19.29
N ILE E 475 10.97 17.51 -18.27
CA ILE E 475 11.82 18.70 -18.25
C ILE E 475 12.91 18.60 -19.30
N PHE E 476 13.46 17.39 -19.48
CA PHE E 476 14.65 17.20 -20.31
C PHE E 476 14.29 17.28 -21.79
N SER E 477 13.13 16.74 -22.18
CA SER E 477 12.75 16.66 -23.59
C SER E 477 12.39 18.02 -24.17
N GLN E 478 11.92 18.95 -23.32
CA GLN E 478 11.50 20.28 -23.78
C GLN E 478 12.68 21.01 -24.41
N CYS E 479 13.85 20.93 -23.77
CA CYS E 479 15.09 21.38 -24.39
C CYS E 479 15.30 20.62 -25.69
N ASN E 480 15.58 21.36 -26.77
CA ASN E 480 15.65 20.74 -28.08
C ASN E 480 17.04 20.79 -28.72
N THR E 481 17.97 21.56 -28.17
CA THR E 481 19.35 21.56 -28.62
C THR E 481 20.18 20.81 -27.59
N PHE E 482 20.86 19.76 -28.02
CA PHE E 482 21.46 18.77 -27.13
C PHE E 482 22.96 18.76 -27.35
N ILE E 483 23.70 19.48 -26.52
CA ILE E 483 25.16 19.39 -26.54
C ILE E 483 25.56 18.33 -25.53
N SER E 484 26.26 17.31 -26.00
CA SER E 484 26.66 16.20 -25.14
C SER E 484 28.16 15.98 -25.23
N MET E 485 28.79 15.89 -24.07
CA MET E 485 30.18 15.48 -23.96
C MET E 485 30.23 13.96 -23.85
N ARG E 486 31.36 13.42 -23.43
CA ARG E 486 31.50 11.99 -23.26
C ARG E 486 30.50 11.48 -22.23
N LEU E 487 29.61 10.61 -22.67
CA LEU E 487 28.64 9.96 -21.80
C LEU E 487 28.94 8.47 -21.83
N THR E 488 29.30 7.92 -20.67
CA THR E 488 29.85 6.58 -20.61
C THR E 488 29.15 5.65 -19.64
N ASN E 489 28.28 6.16 -18.78
CA ASN E 489 27.42 5.30 -17.99
C ASN E 489 26.38 4.68 -18.92
N PRO E 490 26.26 3.34 -18.97
CA PRO E 490 25.29 2.71 -19.88
C PRO E 490 23.85 3.09 -19.62
N ASP E 491 23.49 3.40 -18.37
CA ASP E 491 22.13 3.81 -18.09
C ASP E 491 21.93 5.26 -18.54
N ASP E 492 22.96 6.09 -18.42
CA ASP E 492 22.89 7.46 -18.92
C ASP E 492 22.80 7.50 -20.44
N GLN E 493 23.55 6.62 -21.13
CA GLN E 493 23.53 6.61 -22.59
C GLN E 493 22.17 6.19 -23.12
N ASN E 494 21.56 5.17 -22.52
CA ASN E 494 20.25 4.71 -22.97
C ASN E 494 19.17 5.74 -22.71
N TYR E 495 19.34 6.56 -21.68
CA TYR E 495 18.35 7.61 -21.40
C TYR E 495 18.43 8.72 -22.44
N VAL E 496 19.65 9.16 -22.76
CA VAL E 496 19.81 10.27 -23.69
C VAL E 496 19.45 9.85 -25.11
N LYS E 497 19.95 8.69 -25.54
CA LYS E 497 19.69 8.24 -26.91
C LYS E 497 18.23 7.90 -27.16
N ARG E 498 17.47 7.59 -26.11
CA ARG E 498 16.04 7.41 -26.26
C ARG E 498 15.31 8.75 -26.37
N LEU E 499 15.85 9.79 -25.74
CA LEU E 499 15.21 11.09 -25.69
C LEU E 499 15.67 12.02 -26.80
N LEU E 500 16.19 11.49 -27.89
CA LEU E 500 16.77 12.35 -28.91
C LEU E 500 15.69 12.85 -29.88
N PRO E 501 15.74 14.13 -30.24
CA PRO E 501 14.81 14.62 -31.27
C PRO E 501 15.25 14.25 -32.67
N ASP E 502 16.55 14.09 -32.86
CA ASP E 502 17.13 13.73 -34.14
C ASP E 502 18.29 12.77 -33.91
N THR E 503 18.59 11.96 -34.93
CA THR E 503 19.67 10.99 -34.79
C THR E 503 20.29 10.71 -36.15
N VAL E 504 21.58 10.40 -36.12
CA VAL E 504 22.32 9.88 -37.26
C VAL E 504 22.96 8.58 -36.82
N GLY E 505 22.83 7.53 -37.64
CA GLY E 505 23.04 6.14 -37.29
C GLY E 505 24.15 5.73 -36.34
N ASP E 506 25.40 6.07 -36.65
CA ASP E 506 26.54 5.61 -35.87
C ASP E 506 27.29 6.75 -35.19
N ILE E 507 26.58 7.82 -34.83
CA ILE E 507 27.21 8.93 -34.12
C ILE E 507 26.71 9.08 -32.70
N THR E 508 25.56 8.49 -32.34
CA THR E 508 25.17 8.44 -30.94
C THR E 508 25.96 7.40 -30.17
N ASN E 509 26.40 6.34 -30.84
CA ASN E 509 27.25 5.33 -30.23
C ASN E 509 28.66 5.84 -29.96
N LEU E 510 29.02 7.01 -30.48
CA LEU E 510 30.33 7.59 -30.26
C LEU E 510 30.44 8.35 -28.94
N LEU E 511 29.36 8.39 -28.15
CA LEU E 511 29.37 9.17 -26.92
C LEU E 511 30.41 8.72 -25.89
N PRO E 512 30.55 7.43 -25.53
CA PRO E 512 31.60 7.08 -24.56
C PRO E 512 33.01 7.18 -25.13
N SER E 513 33.17 7.33 -26.44
CA SER E 513 34.49 7.45 -27.04
C SER E 513 34.85 8.90 -27.37
N LEU E 514 34.11 9.86 -26.83
CA LEU E 514 34.42 11.26 -27.08
C LEU E 514 35.66 11.69 -26.30
N LYS E 515 36.37 12.67 -26.86
CA LYS E 515 37.61 13.13 -26.27
C LYS E 515 37.33 14.09 -25.11
N GLU E 516 38.39 14.72 -24.61
CA GLU E 516 38.25 15.76 -23.60
C GLU E 516 37.89 17.07 -24.29
N GLY E 517 36.72 17.61 -23.95
CA GLY E 517 36.25 18.83 -24.58
C GLY E 517 35.61 18.62 -25.94
N GLU E 518 35.51 17.38 -26.40
CA GLU E 518 34.91 17.08 -27.69
C GLU E 518 33.46 16.71 -27.49
N ALA E 519 32.56 17.42 -28.14
CA ALA E 519 31.14 17.40 -27.82
C ALA E 519 30.31 16.94 -29.00
N LEU E 520 29.14 16.40 -28.69
CA LEU E 520 28.11 16.12 -29.67
C LEU E 520 26.99 17.12 -29.49
N ILE E 521 26.74 17.94 -30.51
CA ILE E 521 25.71 18.97 -30.45
C ILE E 521 24.70 18.72 -31.57
N MET E 522 23.43 18.54 -31.19
CA MET E 522 22.36 18.42 -32.17
C MET E 522 21.22 19.37 -31.83
N GLY E 523 20.15 19.31 -32.60
CA GLY E 523 19.02 20.20 -32.44
C GLY E 523 18.73 20.98 -33.71
N ASP E 524 17.59 21.68 -33.67
CA ASP E 524 17.15 22.46 -34.83
C ASP E 524 18.01 23.69 -35.06
N SER E 525 18.77 24.14 -34.06
CA SER E 525 19.67 25.27 -34.27
C SER E 525 20.83 24.88 -35.18
N ILE E 526 21.48 23.76 -34.91
CA ILE E 526 22.57 23.31 -35.76
C ILE E 526 21.99 22.70 -37.03
N SER E 527 22.77 22.76 -38.11
CA SER E 527 22.30 22.26 -39.40
C SER E 527 22.22 20.74 -39.40
N ILE E 528 23.28 20.09 -38.92
CA ILE E 528 23.34 18.63 -38.90
C ILE E 528 24.01 18.18 -37.61
N PRO E 529 23.54 17.06 -37.04
CA PRO E 529 24.27 16.44 -35.93
C PRO E 529 25.71 16.10 -36.31
N SER E 530 26.63 16.42 -35.40
CA SER E 530 28.04 16.24 -35.67
C SER E 530 28.79 16.13 -34.36
N ILE E 531 30.02 15.63 -34.45
CA ILE E 531 30.91 15.48 -33.30
C ILE E 531 31.90 16.63 -33.36
N VAL E 532 31.75 17.59 -32.45
CA VAL E 532 32.51 18.83 -32.50
C VAL E 532 33.53 18.84 -31.37
N LYS E 533 34.49 19.75 -31.48
CA LYS E 533 35.49 19.98 -30.43
C LYS E 533 35.32 21.40 -29.93
N ILE E 534 34.85 21.54 -28.69
CA ILE E 534 34.65 22.86 -28.10
C ILE E 534 36.01 23.54 -27.91
N GLU E 535 36.05 24.85 -28.11
CA GLU E 535 37.28 25.61 -27.99
C GLU E 535 37.81 25.56 -26.57
N LYS E 536 39.13 25.49 -26.44
CA LYS E 536 39.76 25.37 -25.13
C LYS E 536 39.59 26.66 -24.34
N CYS E 537 39.18 26.53 -23.07
CA CYS E 537 38.95 27.70 -22.24
C CYS E 537 40.28 28.30 -21.80
N THR E 538 40.47 29.60 -22.08
CA THR E 538 41.66 30.29 -21.60
C THR E 538 41.67 30.36 -20.07
N ILE E 539 40.52 30.67 -19.48
CA ILE E 539 40.34 30.65 -18.03
C ILE E 539 39.29 29.60 -17.69
N PRO E 540 39.70 28.42 -17.27
CA PRO E 540 38.75 27.30 -17.12
C PRO E 540 37.97 27.42 -15.83
N PRO E 541 36.76 26.86 -15.78
CA PRO E 541 36.00 26.88 -14.53
C PRO E 541 36.54 25.91 -13.50
N SER E 542 37.61 26.32 -12.81
CA SER E 542 38.22 25.50 -11.78
C SER E 542 37.66 25.89 -10.42
N SER E 543 37.23 24.89 -9.66
CA SER E 543 36.65 25.13 -8.34
C SER E 543 37.72 24.99 -7.27
N ILE E 544 37.82 25.98 -6.39
CA ILE E 544 38.77 25.95 -5.30
C ILE E 544 38.24 24.99 -4.22
N ASP E 545 39.04 23.98 -3.89
CA ASP E 545 38.63 22.94 -2.97
C ASP E 545 39.70 22.75 -1.91
N ILE E 546 39.37 21.94 -0.91
CA ILE E 546 40.31 21.58 0.14
C ILE E 546 41.21 20.48 -0.41
N LYS E 547 42.48 20.80 -0.65
CA LYS E 547 43.41 19.82 -1.17
C LYS E 547 43.81 18.85 -0.07
N TYR E 548 43.03 17.77 0.07
CA TYR E 548 43.17 16.82 1.17
C TYR E 548 44.57 16.27 1.33
N LEU E 549 45.16 15.74 0.25
CA LEU E 549 46.48 15.15 0.36
C LEU E 549 47.56 16.20 0.59
N ASP E 550 47.33 17.44 0.13
CA ASP E 550 48.25 18.51 0.47
C ASP E 550 48.18 18.87 1.96
N GLU E 551 46.96 18.92 2.52
CA GLU E 551 46.85 19.19 3.95
C GLU E 551 47.24 17.99 4.78
N TRP E 552 46.91 16.78 4.33
CA TRP E 552 47.22 15.58 5.12
C TRP E 552 48.71 15.27 5.12
N ARG E 553 49.46 15.76 4.13
CA ARG E 553 50.90 15.58 4.14
C ARG E 553 51.58 16.49 5.16
N LYS E 554 50.93 17.59 5.53
CA LYS E 554 51.52 18.54 6.46
C LYS E 554 51.50 17.98 7.88
N GLU E 555 52.12 18.71 8.79
CA GLU E 555 52.22 18.26 10.17
C GLU E 555 50.86 18.36 10.86
N TRP E 556 50.73 17.66 11.98
CA TRP E 556 49.53 17.68 12.79
C TRP E 556 49.26 19.08 13.33
N VAL E 557 48.21 19.73 12.85
CA VAL E 557 47.84 21.04 13.38
C VAL E 557 47.07 20.83 14.68
N ASP E 558 47.57 21.43 15.76
CA ASP E 558 47.02 21.24 17.08
C ASP E 558 46.46 22.51 17.70
N SER E 559 46.98 23.68 17.31
CA SER E 559 46.47 24.93 17.83
C SER E 559 45.11 25.28 17.24
N GLU E 560 44.79 24.71 16.07
CA GLU E 560 43.57 25.07 15.37
C GLU E 560 42.35 24.33 15.90
N PHE E 561 42.52 23.27 16.68
CA PHE E 561 41.36 22.59 17.26
C PHE E 561 40.72 23.45 18.35
N ASP E 562 41.53 24.11 19.17
CA ASP E 562 40.98 24.93 20.26
C ASP E 562 40.26 26.15 19.71
N LYS E 563 40.70 26.66 18.55
CA LYS E 563 40.07 27.84 17.97
C LYS E 563 38.69 27.53 17.41
N ILE E 564 38.46 26.30 16.95
CA ILE E 564 37.18 25.95 16.35
C ILE E 564 36.09 25.88 17.41
N ILE E 565 36.40 25.27 18.56
CA ILE E 565 35.41 25.02 19.61
C ILE E 565 34.92 26.34 20.21
N GLU E 566 35.81 27.33 20.33
CA GLU E 566 35.41 28.64 20.83
C GLU E 566 34.43 29.32 19.89
N GLN E 567 34.64 29.20 18.58
CA GLN E 567 33.68 29.70 17.61
C GLN E 567 32.36 28.93 17.70
N TRP E 568 32.45 27.61 17.87
CA TRP E 568 31.25 26.78 18.01
C TRP E 568 30.47 27.15 19.27
N SER E 569 31.17 27.39 20.38
CA SER E 569 30.51 27.76 21.62
C SER E 569 30.07 29.22 21.59
N ILE F 7 6.29 1.42 -45.37
CA ILE F 7 5.15 1.36 -44.48
C ILE F 7 4.66 2.77 -44.15
N ASN F 8 3.44 3.10 -44.58
CA ASN F 8 2.88 4.41 -44.29
C ASN F 8 2.29 4.46 -42.89
N ALA F 9 1.26 3.66 -42.64
CA ALA F 9 0.64 3.54 -41.31
C ALA F 9 -0.12 2.22 -41.27
N GLU F 10 0.25 1.33 -40.36
CA GLU F 10 -0.39 0.03 -40.24
C GLU F 10 -0.28 -0.46 -38.81
N VAL F 11 -1.38 -0.99 -38.30
CA VAL F 11 -1.39 -1.53 -36.94
C VAL F 11 -0.64 -2.86 -36.91
N VAL F 12 0.24 -3.02 -35.92
CA VAL F 12 1.04 -4.23 -35.80
C VAL F 12 0.62 -5.11 -34.63
N SER F 13 -0.20 -4.59 -33.71
CA SER F 13 -0.64 -5.37 -32.56
C SER F 13 -2.04 -4.94 -32.17
N VAL F 14 -2.93 -5.92 -32.01
CA VAL F 14 -4.32 -5.66 -31.64
C VAL F 14 -4.54 -6.32 -30.29
N SER F 15 -4.34 -5.56 -29.23
CA SER F 15 -4.66 -5.96 -27.87
C SER F 15 -6.18 -5.85 -27.68
N PRO F 16 -6.74 -6.47 -26.62
CA PRO F 16 -8.18 -6.28 -26.35
C PRO F 16 -8.60 -4.83 -26.18
N ASN F 17 -7.78 -4.01 -25.52
CA ASN F 17 -8.12 -2.61 -25.33
C ASN F 17 -7.13 -1.66 -25.98
N LYS F 18 -6.08 -2.17 -26.64
CA LYS F 18 -5.05 -1.32 -27.19
C LYS F 18 -4.79 -1.70 -28.65
N LEU F 19 -4.32 -0.72 -29.41
CA LEU F 19 -3.87 -0.90 -30.78
C LEU F 19 -2.48 -0.29 -30.90
N LYS F 20 -1.50 -1.11 -31.22
CA LYS F 20 -0.13 -0.64 -31.38
C LYS F 20 0.14 -0.45 -32.87
N ILE F 21 0.40 0.79 -33.28
CA ILE F 21 0.67 1.13 -34.67
C ILE F 21 2.08 1.67 -34.76
N SER F 22 2.88 1.07 -35.63
CA SER F 22 4.27 1.48 -35.83
C SER F 22 4.33 2.37 -37.06
N VAL F 23 4.88 3.58 -36.89
CA VAL F 23 5.03 4.53 -37.97
C VAL F 23 6.50 4.93 -38.05
N ASP F 24 6.96 5.24 -39.27
CA ASP F 24 8.38 5.48 -39.50
C ASP F 24 8.82 6.80 -38.88
N ASP F 25 8.05 7.86 -39.10
CA ASP F 25 8.39 9.16 -38.54
C ASP F 25 7.11 9.95 -38.27
N LEU F 26 7.22 10.92 -37.37
CA LEU F 26 6.06 11.73 -37.02
C LEU F 26 5.67 12.66 -38.16
N GLU F 27 6.65 13.15 -38.92
CA GLU F 27 6.34 13.94 -40.11
C GLU F 27 5.73 13.09 -41.21
N GLU F 28 6.08 11.81 -41.26
CA GLU F 28 5.54 10.90 -42.26
C GLU F 28 4.12 10.46 -41.90
N LEU F 36 -1.40 16.81 -33.69
CA LEU F 36 -1.48 15.50 -33.07
C LEU F 36 -0.82 15.49 -31.70
N GLY F 37 -1.15 14.50 -30.90
CA GLY F 37 -0.57 14.37 -29.58
C GLY F 37 -1.27 13.28 -28.80
N VAL F 38 -0.99 13.25 -27.50
CA VAL F 38 -1.65 12.30 -26.61
C VAL F 38 -3.11 12.73 -26.46
N GLY F 39 -4.03 11.86 -26.82
CA GLY F 39 -5.44 12.17 -26.83
C GLY F 39 -6.00 12.55 -28.18
N SER F 40 -5.19 12.55 -29.23
CA SER F 40 -5.68 12.85 -30.56
C SER F 40 -6.37 11.63 -31.16
N TYR F 41 -7.23 11.89 -32.12
CA TYR F 41 -8.05 10.85 -32.74
C TYR F 41 -7.35 10.36 -34.00
N LEU F 42 -7.16 9.05 -34.10
CA LEU F 42 -6.47 8.46 -35.25
C LEU F 42 -7.48 8.24 -36.36
N ARG F 43 -7.59 9.22 -37.26
CA ARG F 43 -8.47 9.13 -38.41
C ARG F 43 -7.62 9.25 -39.68
N VAL F 44 -7.29 8.11 -40.27
CA VAL F 44 -6.83 8.04 -41.66
C VAL F 44 -7.73 7.03 -42.36
N SER F 45 -8.84 7.53 -42.91
CA SER F 45 -9.92 6.67 -43.39
C SER F 45 -10.49 7.23 -44.68
N ASP F 46 -10.52 6.38 -45.72
CA ASP F 46 -11.17 6.71 -46.99
C ASP F 46 -12.20 5.67 -47.38
N ASN F 47 -12.66 4.87 -46.41
CA ASN F 47 -13.57 3.77 -46.67
C ASN F 47 -14.98 4.15 -46.22
N GLN F 48 -15.96 3.90 -47.08
CA GLN F 48 -17.36 4.16 -46.74
C GLN F 48 -17.96 2.97 -46.01
N ASP F 49 -18.82 3.28 -45.03
CA ASP F 49 -19.63 2.38 -44.23
C ASP F 49 -18.83 1.51 -43.27
N VAL F 50 -17.50 1.56 -43.30
CA VAL F 50 -16.65 0.82 -42.37
C VAL F 50 -15.46 1.71 -42.05
N ALA F 51 -15.24 1.97 -40.77
CA ALA F 51 -14.08 2.73 -40.33
C ALA F 51 -13.82 2.42 -38.87
N LEU F 52 -12.61 2.76 -38.41
CA LEU F 52 -12.19 2.55 -37.04
C LEU F 52 -11.74 3.88 -36.46
N LEU F 53 -12.23 4.20 -35.25
CA LEU F 53 -11.86 5.41 -34.56
C LEU F 53 -11.08 5.05 -33.31
N ALA F 54 -9.89 5.62 -33.17
CA ALA F 54 -9.01 5.30 -32.05
C ALA F 54 -8.39 6.58 -31.51
N ILE F 55 -8.31 6.67 -30.19
CA ILE F 55 -7.64 7.77 -29.52
C ILE F 55 -6.23 7.32 -29.19
N ILE F 56 -5.33 8.28 -28.97
CA ILE F 56 -3.93 7.96 -28.72
C ILE F 56 -3.70 7.90 -27.22
N ASP F 57 -3.19 6.76 -26.74
CA ASP F 57 -2.85 6.63 -25.32
C ASP F 57 -1.52 7.31 -25.01
N ASN F 58 -0.46 6.92 -25.71
CA ASN F 58 0.84 7.55 -25.53
C ASN F 58 1.67 7.37 -26.79
N PHE F 59 2.69 8.22 -26.93
CA PHE F 59 3.67 8.11 -28.00
C PHE F 59 4.90 7.42 -27.43
N SER F 60 5.32 6.34 -28.08
CA SER F 60 6.43 5.53 -27.58
C SER F 60 7.45 5.33 -28.70
N ILE F 61 8.72 5.31 -28.31
CA ILE F 61 9.82 5.07 -29.23
C ILE F 61 10.49 3.75 -28.84
N GLU F 62 10.75 2.92 -29.84
CA GLU F 62 11.29 1.59 -29.61
C GLU F 62 12.79 1.57 -29.88
N VAL F 63 13.45 0.57 -29.31
CA VAL F 63 14.88 0.33 -29.54
C VAL F 63 15.01 -0.98 -30.30
N LYS F 64 15.53 -0.91 -31.52
CA LYS F 64 15.66 -2.07 -32.39
C LYS F 64 17.10 -2.54 -32.55
N GLU F 65 18.07 -1.63 -32.55
CA GLU F 65 19.51 -1.86 -32.70
C GLU F 65 19.89 -2.42 -34.06
N SER F 66 18.96 -2.54 -35.00
CA SER F 66 19.26 -3.00 -36.35
C SER F 66 18.56 -2.22 -37.45
N GLN F 67 17.56 -1.39 -37.12
CA GLN F 67 16.80 -0.64 -38.11
C GLN F 67 16.69 0.81 -37.65
N LYS F 68 16.09 1.63 -38.52
CA LYS F 68 15.77 3.01 -38.15
C LYS F 68 14.71 3.00 -37.06
N GLN F 69 14.80 3.97 -36.15
CA GLN F 69 13.82 4.08 -35.08
C GLN F 69 12.44 4.42 -35.65
N LYS F 70 11.42 3.73 -35.14
CA LYS F 70 10.05 3.93 -35.58
C LYS F 70 9.20 4.29 -34.37
N TYR F 71 8.29 5.24 -34.56
CA TYR F 71 7.37 5.63 -33.50
C TYR F 71 6.27 4.59 -33.38
N MET F 72 6.03 4.14 -32.15
CA MET F 72 4.94 3.22 -31.85
C MET F 72 3.91 3.97 -31.00
N ILE F 73 2.68 4.00 -31.46
CA ILE F 73 1.60 4.69 -30.77
C ILE F 73 0.65 3.64 -30.19
N GLU F 74 0.32 3.81 -28.91
CA GLU F 74 -0.70 2.98 -28.27
C GLU F 74 -2.05 3.63 -28.52
N ALA F 75 -2.92 2.93 -29.23
CA ALA F 75 -4.21 3.46 -29.62
C ALA F 75 -5.30 2.68 -28.90
N SER F 76 -6.14 3.38 -28.16
CA SER F 76 -7.32 2.77 -27.57
C SER F 76 -8.48 2.92 -28.53
N PRO F 77 -9.12 1.84 -28.98
CA PRO F 77 -10.26 1.97 -29.89
C PRO F 77 -11.46 2.55 -29.17
N ILE F 78 -12.02 3.62 -29.73
CA ILE F 78 -13.08 4.37 -29.08
C ILE F 78 -14.43 4.22 -29.77
N GLY F 79 -14.47 3.66 -30.97
CA GLY F 79 -15.75 3.53 -31.63
C GLY F 79 -15.60 3.02 -33.05
N LEU F 80 -16.73 2.96 -33.73
CA LEU F 80 -16.84 2.42 -35.08
C LEU F 80 -17.99 3.14 -35.76
N VAL F 81 -17.74 3.71 -36.93
CA VAL F 81 -18.77 4.43 -37.67
C VAL F 81 -19.19 3.60 -38.86
N LYS F 82 -20.49 3.67 -39.19
CA LYS F 82 -21.04 3.03 -40.37
C LYS F 82 -21.99 4.02 -41.02
N ASN F 83 -21.71 4.38 -42.28
CA ASN F 83 -22.44 5.34 -43.11
C ASN F 83 -22.90 6.58 -42.35
N GLY F 84 -22.02 7.13 -41.51
CA GLY F 84 -22.33 8.33 -40.76
C GLY F 84 -22.97 8.11 -39.40
N LYS F 85 -23.08 6.87 -38.94
CA LYS F 85 -23.64 6.57 -37.63
C LYS F 85 -22.56 5.98 -36.74
N PHE F 86 -22.36 6.59 -35.59
CA PHE F 86 -21.26 6.24 -34.68
C PHE F 86 -21.76 5.33 -33.57
N TYR F 87 -21.07 4.21 -33.37
CA TYR F 87 -21.34 3.30 -32.27
C TYR F 87 -20.09 3.20 -31.41
N ARG F 88 -20.24 3.39 -30.10
CA ARG F 88 -19.10 3.32 -29.20
C ARG F 88 -18.59 1.89 -29.08
N GLY F 89 -17.45 1.75 -28.43
CA GLY F 89 -16.86 0.45 -28.22
C GLY F 89 -15.94 0.04 -29.34
N GLY F 90 -14.84 -0.62 -29.00
CA GLY F 90 -13.84 -0.98 -29.98
C GLY F 90 -14.15 -2.29 -30.66
N ASP F 91 -14.05 -2.28 -31.99
CA ASP F 91 -14.16 -3.49 -32.80
C ASP F 91 -12.90 -3.60 -33.66
N SER F 92 -12.33 -4.80 -33.70
CA SER F 92 -11.08 -5.00 -34.42
C SER F 92 -11.28 -5.28 -35.91
N LEU F 93 -12.53 -5.43 -36.36
CA LEU F 93 -12.79 -5.82 -37.73
C LEU F 93 -12.54 -4.69 -38.72
N ALA F 94 -12.73 -3.44 -38.30
CA ALA F 94 -12.99 -2.35 -39.25
C ALA F 94 -11.72 -1.65 -39.73
N LEU F 95 -10.72 -2.40 -40.21
CA LEU F 95 -9.67 -1.85 -41.05
C LEU F 95 -9.09 -2.92 -41.98
N PRO F 96 -9.85 -3.36 -42.99
CA PRO F 96 -9.20 -4.09 -44.11
C PRO F 96 -8.39 -3.19 -45.04
N PRO F 97 -8.88 -2.04 -45.53
CA PRO F 97 -8.09 -1.32 -46.53
C PRO F 97 -7.10 -0.34 -45.92
N LYS F 98 -6.13 0.04 -46.75
CA LYS F 98 -5.17 1.08 -46.41
C LYS F 98 -4.63 1.65 -47.71
N LYS F 99 -4.98 2.90 -48.02
CA LYS F 99 -4.58 3.52 -49.28
C LYS F 99 -4.29 4.99 -49.04
N VAL F 100 -3.40 5.55 -49.86
CA VAL F 100 -2.95 6.93 -49.72
C VAL F 100 -3.61 7.76 -50.82
N GLU F 101 -4.58 8.58 -50.42
CA GLU F 101 -5.26 9.51 -51.31
C GLU F 101 -5.88 10.61 -50.48
N PRO F 102 -6.14 11.79 -51.06
CA PRO F 102 -6.78 12.88 -50.30
C PRO F 102 -8.19 12.50 -49.86
N ALA F 103 -8.40 12.50 -48.55
CA ALA F 103 -9.66 12.10 -47.95
C ALA F 103 -10.27 13.25 -47.18
N LYS F 104 -11.56 13.11 -46.87
CA LYS F 104 -12.30 14.14 -46.15
C LYS F 104 -11.89 14.15 -44.67
N LEU F 105 -12.36 15.17 -43.96
CA LEU F 105 -12.04 15.36 -42.55
C LEU F 105 -13.25 15.48 -41.64
N ASP F 106 -14.43 15.78 -42.19
CA ASP F 106 -15.61 16.05 -41.38
C ASP F 106 -16.36 14.79 -40.93
N GLU F 107 -15.72 13.62 -40.96
CA GLU F 107 -16.34 12.42 -40.41
C GLU F 107 -16.06 12.24 -38.92
N ILE F 108 -15.27 13.12 -38.32
CA ILE F 108 -15.19 13.21 -36.87
C ILE F 108 -16.36 13.99 -36.29
N ILE F 109 -17.10 14.71 -37.13
CA ILE F 109 -18.33 15.38 -36.71
C ILE F 109 -19.36 14.35 -36.27
N SER F 110 -19.44 13.24 -37.01
CA SER F 110 -20.43 12.19 -36.77
C SER F 110 -20.22 11.45 -35.45
N ILE F 111 -19.08 11.63 -34.80
CA ILE F 111 -18.90 11.05 -33.47
C ILE F 111 -19.85 11.70 -32.46
N TYR F 112 -19.96 13.04 -32.51
CA TYR F 112 -20.75 13.78 -31.53
C TYR F 112 -22.10 14.23 -32.07
N SER F 113 -22.20 14.52 -33.37
CA SER F 113 -23.41 15.12 -33.92
C SER F 113 -24.55 14.12 -34.09
N ASP F 114 -24.25 12.85 -34.38
CA ASP F 114 -25.30 11.92 -34.76
C ASP F 114 -26.15 11.46 -33.57
N SER F 115 -25.54 11.33 -32.38
CA SER F 115 -26.24 10.78 -31.23
C SER F 115 -27.21 11.76 -30.60
N ILE F 116 -27.17 13.03 -30.99
CA ILE F 116 -27.99 14.07 -30.40
C ILE F 116 -28.87 14.66 -31.50
N ASP F 117 -30.16 14.82 -31.20
CA ASP F 117 -31.08 15.40 -32.16
C ASP F 117 -30.79 16.88 -32.36
N ILE F 118 -31.31 17.41 -33.48
CA ILE F 118 -31.01 18.78 -33.89
C ILE F 118 -31.56 19.78 -32.88
N ASN F 119 -32.78 19.56 -32.42
CA ASN F 119 -33.35 20.41 -31.38
C ASN F 119 -32.76 20.13 -30.00
N ASP F 120 -31.98 19.06 -29.86
CA ASP F 120 -31.42 18.66 -28.57
C ASP F 120 -29.97 19.09 -28.39
N ARG F 121 -29.27 19.39 -29.49
CA ARG F 121 -27.86 19.75 -29.43
C ARG F 121 -27.64 21.03 -28.65
N PHE F 122 -26.63 21.02 -27.79
CA PHE F 122 -26.27 22.18 -26.95
C PHE F 122 -24.75 22.28 -26.98
N THR F 123 -24.22 23.04 -27.92
CA THR F 123 -22.78 23.18 -28.09
C THR F 123 -22.28 24.44 -27.38
N PHE F 124 -21.27 24.26 -26.54
CA PHE F 124 -20.66 25.39 -25.85
C PHE F 124 -19.14 25.31 -25.88
N SER F 125 -18.57 24.41 -26.67
CA SER F 125 -17.14 24.18 -26.70
C SER F 125 -16.77 23.57 -28.04
N SER F 126 -15.47 23.37 -28.23
CA SER F 126 -14.95 22.68 -29.41
C SER F 126 -13.78 21.81 -28.97
N LEU F 127 -13.51 20.78 -29.76
CA LEU F 127 -12.42 19.85 -29.44
C LEU F 127 -11.08 20.57 -29.43
N SER F 128 -10.27 20.29 -28.41
CA SER F 128 -9.00 20.98 -28.28
C SER F 128 -7.99 20.50 -29.32
N LEU F 129 -8.02 19.22 -29.66
CA LEU F 129 -7.12 18.68 -30.67
C LEU F 129 -7.57 19.00 -32.08
N ASN F 130 -8.84 19.38 -32.27
CA ASN F 130 -9.33 19.80 -33.59
C ASN F 130 -10.41 20.85 -33.34
N THR F 131 -10.05 22.12 -33.49
CA THR F 131 -10.97 23.21 -33.22
C THR F 131 -12.03 23.38 -34.31
N LYS F 132 -11.88 22.70 -35.45
CA LYS F 132 -12.87 22.81 -36.51
C LYS F 132 -14.17 22.11 -36.14
N VAL F 133 -14.07 20.96 -35.48
CA VAL F 133 -15.26 20.19 -35.12
C VAL F 133 -15.88 20.77 -33.84
N SER F 134 -17.20 20.91 -33.85
CA SER F 134 -17.95 21.33 -32.68
C SER F 134 -18.44 20.11 -31.92
N VAL F 135 -18.50 20.23 -30.60
CA VAL F 135 -18.89 19.10 -29.77
C VAL F 135 -20.17 19.44 -29.00
N PRO F 136 -21.33 19.07 -29.54
CA PRO F 136 -22.58 19.27 -28.80
C PRO F 136 -22.73 18.22 -27.72
N VAL F 137 -23.54 18.57 -26.72
CA VAL F 137 -23.91 17.65 -25.66
C VAL F 137 -25.42 17.48 -25.68
N ASN F 138 -25.88 16.38 -25.10
CA ASN F 138 -27.32 16.18 -24.96
C ASN F 138 -27.83 17.11 -23.88
N GLY F 139 -28.25 18.31 -24.28
CA GLY F 139 -28.63 19.33 -23.32
C GLY F 139 -29.85 18.96 -22.50
N ASN F 140 -30.71 18.10 -23.04
CA ASN F 140 -31.80 17.55 -22.24
C ASN F 140 -31.27 16.69 -21.11
N ARG F 141 -30.23 15.90 -21.39
CA ARG F 141 -29.57 15.07 -20.39
C ARG F 141 -28.41 15.77 -19.71
N PHE F 142 -28.09 17.00 -20.11
CA PHE F 142 -26.97 17.72 -19.50
C PHE F 142 -27.39 18.42 -18.22
N PHE F 143 -28.48 19.17 -18.25
CA PHE F 143 -28.89 19.94 -17.10
C PHE F 143 -29.82 19.19 -16.17
N ASN F 144 -30.61 18.24 -16.67
CA ASN F 144 -31.57 17.55 -15.82
C ASN F 144 -30.88 16.63 -14.82
N LYS F 145 -29.71 16.11 -15.17
CA LYS F 145 -28.85 15.41 -14.23
C LYS F 145 -27.76 16.38 -13.79
N HIS F 146 -27.27 16.17 -12.57
CA HIS F 146 -26.42 17.16 -11.92
C HIS F 146 -25.04 17.23 -12.59
N ILE F 147 -24.47 18.43 -12.57
CA ILE F 147 -23.23 18.75 -13.28
C ILE F 147 -22.15 19.06 -12.27
N ALA F 148 -20.91 18.67 -12.57
CA ALA F 148 -19.77 18.97 -11.72
C ALA F 148 -18.69 19.62 -12.57
N ILE F 149 -18.38 20.88 -12.27
CA ILE F 149 -17.25 21.58 -12.88
C ILE F 149 -16.14 21.62 -11.86
N VAL F 150 -14.96 21.13 -12.22
CA VAL F 150 -13.88 20.93 -11.27
C VAL F 150 -12.60 21.50 -11.85
N GLY F 151 -11.90 22.32 -11.07
CA GLY F 151 -10.63 22.88 -11.50
C GLY F 151 -10.08 23.89 -10.52
N SER F 152 -8.76 23.94 -10.40
CA SER F 152 -8.12 24.82 -9.43
C SER F 152 -8.23 26.28 -9.83
N THR F 153 -7.79 27.16 -8.93
CA THR F 153 -7.82 28.59 -9.21
C THR F 153 -6.81 28.94 -10.29
N GLY F 154 -7.15 29.95 -11.09
CA GLY F 154 -6.33 30.34 -12.21
C GLY F 154 -6.53 29.51 -13.46
N SER F 155 -7.41 28.52 -13.43
CA SER F 155 -7.65 27.66 -14.58
C SER F 155 -8.75 28.19 -15.49
N GLY F 156 -9.32 29.35 -15.19
CA GLY F 156 -10.43 29.84 -15.97
C GLY F 156 -11.72 29.08 -15.78
N LYS F 157 -11.86 28.40 -14.63
CA LYS F 157 -13.06 27.61 -14.37
C LYS F 157 -14.29 28.49 -14.24
N SER F 158 -14.13 29.70 -13.69
CA SER F 158 -15.24 30.64 -13.61
C SER F 158 -15.71 31.08 -14.99
N HIS F 159 -14.77 31.20 -15.94
CA HIS F 159 -15.15 31.50 -17.32
C HIS F 159 -15.92 30.34 -17.94
N THR F 160 -15.49 29.11 -17.68
CA THR F 160 -16.17 27.96 -18.25
C THR F 160 -17.52 27.70 -17.58
N VAL F 161 -17.62 27.99 -16.28
CA VAL F 161 -18.91 27.89 -15.59
C VAL F 161 -19.88 28.91 -16.16
N ALA F 162 -19.42 30.13 -16.38
CA ALA F 162 -20.29 31.19 -16.91
C ALA F 162 -20.72 30.89 -18.34
N LYS F 163 -19.82 30.32 -19.15
CA LYS F 163 -20.07 30.15 -20.58
C LYS F 163 -21.26 29.22 -20.85
N ILE F 164 -21.43 28.19 -20.02
CA ILE F 164 -22.62 27.35 -20.14
C ILE F 164 -23.87 28.15 -19.79
N LEU F 165 -23.77 29.03 -18.80
CA LEU F 165 -24.94 29.77 -18.33
C LEU F 165 -25.36 30.87 -19.30
N GLN F 166 -24.41 31.51 -20.00
CA GLN F 166 -24.80 32.42 -21.07
C GLN F 166 -25.49 31.66 -22.20
N LYS F 167 -24.94 30.51 -22.58
CA LYS F 167 -25.48 29.76 -23.71
C LYS F 167 -26.84 29.17 -23.38
N ALA F 168 -27.06 28.77 -22.14
CA ALA F 168 -28.39 28.33 -21.72
C ALA F 168 -29.38 29.49 -21.73
N VAL F 169 -28.91 30.69 -21.36
CA VAL F 169 -29.77 31.87 -21.41
C VAL F 169 -30.05 32.26 -22.85
N ASP F 170 -29.02 32.26 -23.70
CA ASP F 170 -29.20 32.58 -25.12
C ASP F 170 -29.92 31.49 -25.89
N GLU F 171 -30.06 30.29 -25.32
CA GLU F 171 -30.80 29.23 -26.00
C GLU F 171 -32.28 29.56 -25.99
N LYS F 172 -32.76 30.21 -27.05
CA LYS F 172 -34.14 30.65 -27.13
C LYS F 172 -34.76 30.12 -28.41
N GLN F 173 -36.06 29.85 -28.33
CA GLN F 173 -36.80 29.51 -29.53
C GLN F 173 -36.97 30.74 -30.40
N GLU F 174 -36.86 30.56 -31.72
CA GLU F 174 -36.86 31.68 -32.66
C GLU F 174 -38.23 32.34 -32.78
N GLY F 175 -39.30 31.71 -32.29
CA GLY F 175 -40.64 32.25 -32.43
C GLY F 175 -40.89 33.51 -31.63
N TYR F 176 -40.08 33.79 -30.62
CA TYR F 176 -40.27 34.97 -29.78
C TYR F 176 -38.94 35.70 -29.60
N LYS F 177 -39.03 36.99 -29.30
CA LYS F 177 -37.89 37.81 -28.94
C LYS F 177 -38.13 38.39 -27.55
N GLY F 178 -37.25 38.07 -26.62
CA GLY F 178 -37.38 38.50 -25.25
C GLY F 178 -36.75 37.50 -24.31
N LEU F 179 -37.27 37.46 -23.09
CA LEU F 179 -36.75 36.54 -22.08
C LEU F 179 -37.24 35.12 -22.34
N ASN F 180 -36.37 34.15 -22.13
CA ASN F 180 -36.73 32.75 -22.17
C ASN F 180 -36.92 32.27 -20.74
N ASN F 181 -37.12 30.96 -20.56
CA ASN F 181 -37.43 30.40 -19.25
C ASN F 181 -36.20 29.97 -18.47
N SER F 182 -35.06 30.62 -18.69
CA SER F 182 -33.85 30.28 -17.95
C SER F 182 -33.98 30.73 -16.49
N HIS F 183 -33.57 29.84 -15.58
CA HIS F 183 -33.58 30.10 -14.14
C HIS F 183 -32.30 29.48 -13.57
N ILE F 184 -31.27 30.29 -13.44
CA ILE F 184 -30.01 29.86 -12.84
C ILE F 184 -29.80 30.68 -11.58
N ILE F 185 -29.54 29.99 -10.47
CA ILE F 185 -29.32 30.64 -9.18
C ILE F 185 -27.92 30.31 -8.73
N ILE F 186 -27.12 31.35 -8.48
CA ILE F 186 -25.67 31.21 -8.32
C ILE F 186 -25.31 31.51 -6.88
N PHE F 187 -24.66 30.55 -6.22
CA PHE F 187 -24.12 30.76 -4.88
C PHE F 187 -22.62 31.01 -4.97
N ASP F 188 -22.28 32.22 -5.43
CA ASP F 188 -20.88 32.60 -5.59
C ASP F 188 -20.37 33.22 -4.29
N ILE F 189 -19.25 32.71 -3.80
CA ILE F 189 -18.65 33.21 -2.56
C ILE F 189 -17.50 34.16 -2.82
N HIS F 190 -16.98 34.22 -4.04
CA HIS F 190 -15.85 35.07 -4.36
C HIS F 190 -16.25 36.34 -5.11
N SER F 191 -17.55 36.53 -5.37
CA SER F 191 -18.09 37.67 -6.13
C SER F 191 -17.42 37.79 -7.49
N GLU F 192 -17.60 36.75 -8.31
CA GLU F 192 -16.84 36.59 -9.53
C GLU F 192 -17.67 36.67 -10.81
N TYR F 193 -18.99 36.58 -10.72
CA TYR F 193 -19.86 36.62 -11.90
C TYR F 193 -20.85 37.78 -11.84
N GLU F 194 -20.55 38.82 -11.04
CA GLU F 194 -21.40 40.00 -11.05
C GLU F 194 -21.29 40.74 -12.38
N ASN F 195 -20.08 40.79 -12.94
CA ASN F 195 -19.85 41.42 -14.25
C ASN F 195 -20.06 40.46 -15.41
N ALA F 196 -20.23 39.17 -15.13
CA ALA F 196 -20.33 38.19 -16.20
C ALA F 196 -21.66 38.31 -16.95
N PHE F 197 -22.76 38.51 -16.22
CA PHE F 197 -24.08 38.56 -16.82
C PHE F 197 -24.73 39.89 -16.45
N PRO F 198 -24.80 40.86 -17.38
CA PRO F 198 -25.35 42.17 -17.02
C PRO F 198 -26.85 42.17 -16.77
N ASN F 199 -27.59 41.29 -17.45
CA ASN F 199 -29.04 41.21 -17.27
C ASN F 199 -29.43 40.43 -16.02
N SER F 200 -28.48 39.80 -15.34
CA SER F 200 -28.77 39.03 -14.15
C SER F 200 -29.05 39.95 -12.97
N ASN F 201 -29.61 39.37 -11.91
CA ASN F 201 -29.87 40.06 -10.67
C ASN F 201 -28.87 39.62 -9.61
N VAL F 202 -28.19 40.58 -9.01
CA VAL F 202 -27.23 40.32 -7.94
C VAL F 202 -27.87 40.74 -6.63
N LEU F 203 -27.89 39.83 -5.66
CA LEU F 203 -28.48 40.09 -4.35
C LEU F 203 -27.41 39.90 -3.28
N ASN F 204 -26.71 40.99 -2.97
CA ASN F 204 -25.79 41.03 -1.85
C ASN F 204 -26.58 41.31 -0.57
N VAL F 205 -25.87 41.52 0.54
CA VAL F 205 -26.49 41.48 1.87
C VAL F 205 -27.45 42.63 2.11
N ASP F 206 -27.16 43.82 1.57
CA ASP F 206 -28.02 44.97 1.84
C ASP F 206 -29.27 44.99 0.97
N THR F 207 -29.34 44.17 -0.07
CA THR F 207 -30.51 44.07 -0.93
C THR F 207 -31.29 42.79 -0.71
N LEU F 208 -30.62 41.66 -0.50
CA LEU F 208 -31.29 40.40 -0.23
C LEU F 208 -31.89 40.41 1.16
N THR F 209 -33.08 39.80 1.28
CA THR F 209 -33.80 39.74 2.54
C THR F 209 -34.22 38.31 2.81
N LEU F 210 -33.68 37.73 3.88
CA LEU F 210 -33.97 36.34 4.24
C LEU F 210 -34.79 36.32 5.52
N PRO F 211 -36.04 35.85 5.47
CA PRO F 211 -36.83 35.77 6.71
C PRO F 211 -36.32 34.68 7.63
N TYR F 212 -36.35 34.98 8.94
CA TYR F 212 -35.92 34.01 9.93
C TYR F 212 -36.95 32.93 10.18
N TRP F 213 -38.23 33.24 9.99
CA TRP F 213 -39.29 32.30 10.31
C TRP F 213 -39.37 31.15 9.31
N LEU F 214 -38.77 31.31 8.13
CA LEU F 214 -38.71 30.22 7.17
C LEU F 214 -37.62 29.21 7.47
N LEU F 215 -36.69 29.53 8.37
CA LEU F 215 -35.74 28.54 8.85
C LEU F 215 -36.45 27.51 9.70
N ASN F 216 -36.04 26.24 9.56
CA ASN F 216 -36.58 25.20 10.41
C ASN F 216 -35.86 25.23 11.76
N GLY F 217 -36.28 24.35 12.67
CA GLY F 217 -35.68 24.32 14.00
C GLY F 217 -34.22 23.91 14.00
N ASP F 218 -33.80 23.12 13.01
CA ASP F 218 -32.39 22.75 12.91
C ASP F 218 -31.53 23.97 12.57
N GLU F 219 -31.99 24.80 11.64
CA GLU F 219 -31.27 26.04 11.34
C GLU F 219 -31.42 27.06 12.45
N LEU F 220 -32.60 27.11 13.09
CA LEU F 220 -32.87 28.16 14.06
C LEU F 220 -32.09 27.95 15.35
N GLU F 221 -31.79 26.69 15.70
CA GLU F 221 -30.95 26.41 16.86
C GLU F 221 -29.52 26.85 16.61
N GLU F 222 -29.02 26.67 15.39
CA GLU F 222 -27.63 27.02 15.10
C GLU F 222 -27.44 28.52 14.96
N LEU F 223 -28.42 29.22 14.38
CA LEU F 223 -28.28 30.64 14.15
C LEU F 223 -28.29 31.44 15.45
N PHE F 224 -29.15 31.05 16.39
CA PHE F 224 -29.40 31.87 17.56
C PHE F 224 -28.52 31.49 18.76
N LEU F 225 -28.50 30.20 19.11
CA LEU F 225 -27.88 29.76 20.35
C LEU F 225 -26.70 28.85 20.05
N ASP F 226 -26.01 28.45 21.12
CA ASP F 226 -24.99 27.42 21.08
C ASP F 226 -25.31 26.40 22.17
N THR F 227 -25.33 25.12 21.79
CA THR F 227 -25.71 24.08 22.74
C THR F 227 -24.63 23.84 23.80
N GLU F 228 -23.40 24.29 23.55
CA GLU F 228 -22.32 24.06 24.50
C GLU F 228 -22.49 24.92 25.76
N ALA F 229 -23.00 26.14 25.60
CA ALA F 229 -23.11 27.09 26.70
C ALA F 229 -24.56 27.44 27.02
N ASN F 230 -25.48 26.51 26.79
CA ASN F 230 -26.88 26.71 27.11
C ASN F 230 -27.38 25.59 28.02
N ASP F 231 -28.16 25.97 29.03
CA ASP F 231 -28.73 24.99 29.94
C ASP F 231 -29.74 24.11 29.20
N HIS F 232 -29.79 22.83 29.60
CA HIS F 232 -30.58 21.85 28.88
C HIS F 232 -32.08 22.13 28.96
N ASN F 233 -32.53 22.81 30.02
CA ASN F 233 -33.93 23.20 30.10
C ASN F 233 -34.18 24.66 29.71
N GLN F 234 -33.13 25.49 29.67
CA GLN F 234 -33.31 26.91 29.37
C GLN F 234 -33.64 27.13 27.89
N ARG F 235 -32.91 26.47 26.99
CA ARG F 235 -33.17 26.66 25.57
C ARG F 235 -34.46 25.98 25.12
N ASN F 236 -34.99 25.06 25.91
CA ASN F 236 -36.32 24.52 25.63
C ASN F 236 -37.40 25.57 25.86
N VAL F 237 -37.22 26.45 26.85
CA VAL F 237 -38.13 27.57 27.05
C VAL F 237 -38.08 28.50 25.84
N PHE F 238 -36.88 28.73 25.31
CA PHE F 238 -36.72 29.50 24.08
C PHE F 238 -37.42 28.83 22.90
N ARG F 239 -37.30 27.51 22.80
CA ARG F 239 -38.05 26.78 21.78
C ARG F 239 -39.55 26.83 22.06
N GLN F 240 -39.93 26.80 23.34
CA GLN F 240 -41.34 26.97 23.69
C GLN F 240 -41.82 28.38 23.38
N ALA F 241 -40.95 29.38 23.56
CA ALA F 241 -41.31 30.76 23.26
C ALA F 241 -41.57 30.95 21.77
N ILE F 242 -40.74 30.34 20.92
CA ILE F 242 -40.92 30.44 19.47
C ILE F 242 -42.15 29.65 19.05
N THR F 243 -42.35 28.45 19.62
CA THR F 243 -43.49 27.62 19.27
C THR F 243 -44.80 28.28 19.65
N LEU F 244 -44.87 28.90 20.83
CA LEU F 244 -46.10 29.56 21.24
C LEU F 244 -46.32 30.86 20.47
N ASN F 245 -45.24 31.53 20.04
CA ASN F 245 -45.41 32.70 19.19
C ASN F 245 -45.89 32.31 17.81
N LYS F 246 -45.44 31.15 17.31
CA LYS F 246 -45.87 30.66 16.01
C LYS F 246 -47.36 30.36 15.99
N LYS F 247 -47.94 29.97 17.13
CA LYS F 247 -49.37 29.65 17.17
C LYS F 247 -50.22 30.91 17.03
N ILE F 248 -49.92 31.94 17.83
CA ILE F 248 -50.77 33.14 17.82
C ILE F 248 -50.55 33.98 16.58
N HIS F 249 -49.44 33.78 15.87
CA HIS F 249 -49.16 34.52 14.64
C HIS F 249 -49.57 33.75 13.39
N PHE F 250 -50.25 32.62 13.55
CA PHE F 250 -50.70 31.78 12.44
C PHE F 250 -52.21 31.98 12.32
N GLN F 251 -52.64 32.43 11.14
CA GLN F 251 -54.02 32.82 10.89
C GLN F 251 -54.83 31.73 10.20
N GLY F 252 -54.27 30.53 10.04
CA GLY F 252 -54.94 29.47 9.32
C GLY F 252 -55.96 28.74 10.19
N ASP F 253 -56.38 27.58 9.67
CA ASP F 253 -57.43 26.82 10.33
C ASP F 253 -56.91 26.15 11.60
N PRO F 254 -57.78 25.95 12.59
CA PRO F 254 -57.36 25.25 13.82
C PRO F 254 -57.09 23.77 13.64
N ALA F 255 -57.44 23.17 12.50
CA ALA F 255 -57.11 21.78 12.26
C ALA F 255 -55.61 21.57 12.11
N THR F 256 -54.90 22.57 11.61
CA THR F 256 -53.45 22.54 11.49
C THR F 256 -52.74 23.14 12.69
N LYS F 257 -53.48 23.50 13.75
CA LYS F 257 -52.87 24.12 14.92
C LYS F 257 -51.99 23.15 15.69
N GLU F 258 -52.28 21.85 15.61
CA GLU F 258 -51.42 20.85 16.22
C GLU F 258 -50.27 20.44 15.31
N ILE F 259 -50.38 20.70 14.01
CA ILE F 259 -49.31 20.38 13.08
C ILE F 259 -48.12 21.32 13.28
N ILE F 260 -48.41 22.62 13.48
CA ILE F 260 -47.36 23.62 13.58
C ILE F 260 -46.61 23.47 14.88
N SER F 261 -45.27 23.40 14.79
CA SER F 261 -44.41 23.22 15.95
C SER F 261 -43.16 24.07 15.75
N PHE F 262 -42.14 23.79 16.56
CA PHE F 262 -40.88 24.51 16.44
C PHE F 262 -40.18 24.20 15.12
N HIS F 263 -40.28 22.97 14.64
CA HIS F 263 -39.64 22.57 13.39
C HIS F 263 -40.42 22.97 12.15
N SER F 264 -41.61 23.55 12.31
CA SER F 264 -42.45 23.92 11.18
C SER F 264 -42.22 25.38 10.82
N PRO F 265 -41.68 25.68 9.64
CA PRO F 265 -41.38 27.07 9.29
C PRO F 265 -42.61 27.91 8.98
N TYR F 266 -43.27 28.41 10.03
CA TYR F 266 -44.39 29.32 9.87
C TYR F 266 -44.01 30.71 10.39
N TYR F 267 -44.81 31.70 10.03
CA TYR F 267 -44.49 33.09 10.37
C TYR F 267 -44.66 33.33 11.87
N PHE F 268 -43.66 33.94 12.47
CA PHE F 268 -43.73 34.36 13.86
C PHE F 268 -42.86 35.60 14.03
N ASP F 269 -43.14 36.35 15.10
CA ASP F 269 -42.41 37.58 15.38
C ASP F 269 -41.25 37.31 16.33
N ILE F 270 -40.11 37.94 16.05
CA ILE F 270 -38.94 37.75 16.91
C ILE F 270 -38.87 38.77 18.04
N ASN F 271 -39.49 39.94 17.88
CA ASN F 271 -39.50 40.92 18.96
C ASN F 271 -40.40 40.47 20.10
N GLU F 272 -41.49 39.77 19.79
CA GLU F 272 -42.33 39.20 20.82
C GLU F 272 -41.71 37.96 21.47
N VAL F 273 -40.78 37.30 20.77
CA VAL F 273 -40.07 36.18 21.37
C VAL F 273 -39.14 36.67 22.47
N ILE F 274 -38.39 37.75 22.21
CA ILE F 274 -37.50 38.29 23.22
C ILE F 274 -38.27 38.96 24.34
N ASN F 275 -39.54 39.32 24.11
CA ASN F 275 -40.38 39.77 25.20
C ASN F 275 -40.84 38.61 26.08
N TYR F 276 -41.05 37.43 25.47
CA TYR F 276 -41.30 36.22 26.25
C TYR F 276 -40.10 35.84 27.11
N ILE F 277 -38.89 35.95 26.55
CA ILE F 277 -37.69 35.63 27.32
C ILE F 277 -37.48 36.66 28.42
N ASN F 278 -37.78 37.93 28.14
CA ASN F 278 -37.71 38.95 29.18
C ASN F 278 -38.83 38.79 30.21
N ASN F 279 -40.01 38.35 29.78
CA ASN F 279 -41.08 38.04 30.74
C ASN F 279 -40.71 36.85 31.60
N ARG F 280 -40.10 35.83 31.00
CA ARG F 280 -39.63 34.67 31.77
C ARG F 280 -38.50 35.08 32.71
N ASN F 281 -37.68 36.05 32.31
CA ASN F 281 -36.67 36.61 33.21
C ASN F 281 -37.28 37.51 34.27
N ASN F 282 -38.55 37.88 34.14
CA ASN F 282 -39.21 38.78 35.09
C ASN F 282 -40.28 38.09 35.93
N GLU F 283 -40.95 37.08 35.39
CA GLU F 283 -42.03 36.40 36.11
C GLU F 283 -41.49 35.67 37.34
N ARG F 284 -42.15 35.88 38.47
CA ARG F 284 -41.74 35.34 39.75
C ARG F 284 -42.67 34.22 40.20
N LYS F 285 -42.28 33.55 41.28
CA LYS F 285 -43.01 32.42 41.82
C LYS F 285 -43.40 32.72 43.26
N ASN F 286 -44.67 32.46 43.60
CA ASN F 286 -45.18 32.71 44.94
C ASN F 286 -44.96 31.47 45.81
N LYS F 287 -45.54 31.48 47.02
CA LYS F 287 -45.37 30.36 47.94
C LYS F 287 -46.19 29.15 47.55
N ASP F 288 -47.21 29.32 46.71
CA ASP F 288 -48.05 28.21 46.27
C ASP F 288 -47.54 27.57 44.98
N ASN F 289 -46.37 28.02 44.48
CA ASN F 289 -45.80 27.58 43.21
C ASN F 289 -46.77 27.80 42.05
N GLU F 290 -47.49 28.92 42.10
CA GLU F 290 -48.48 29.27 41.08
C GLU F 290 -47.99 30.48 40.30
N HIS F 291 -48.05 30.37 38.98
CA HIS F 291 -47.59 31.44 38.09
C HIS F 291 -48.65 32.53 38.05
N ILE F 292 -48.49 33.53 38.91
CA ILE F 292 -49.42 34.65 38.98
C ILE F 292 -49.06 35.65 37.89
N TRP F 293 -50.02 35.94 37.02
CA TRP F 293 -49.81 36.82 35.87
C TRP F 293 -50.71 38.04 36.03
N SER F 294 -50.11 39.22 36.05
CA SER F 294 -50.83 40.48 36.24
C SER F 294 -50.53 41.42 35.09
N ASP F 295 -51.58 41.92 34.44
CA ASP F 295 -51.45 42.82 33.30
C ASP F 295 -52.49 43.93 33.40
N GLU F 296 -52.36 44.90 32.49
CA GLU F 296 -53.32 46.00 32.44
C GLU F 296 -54.68 45.54 31.94
N GLU F 297 -54.70 44.48 31.11
CA GLU F 297 -55.96 43.96 30.60
C GLU F 297 -56.83 43.39 31.71
N GLY F 298 -56.22 42.71 32.66
CA GLY F 298 -56.95 42.15 33.78
C GLY F 298 -56.12 41.13 34.52
N ASN F 299 -56.75 40.52 35.52
CA ASN F 299 -56.15 39.47 36.33
C ASN F 299 -56.83 38.16 36.01
N PHE F 300 -56.06 37.16 35.59
CA PHE F 300 -56.61 35.87 35.20
C PHE F 300 -55.55 34.80 35.41
N LYS F 301 -56.02 33.56 35.57
CA LYS F 301 -55.13 32.44 35.79
C LYS F 301 -54.43 32.04 34.50
N PHE F 302 -53.31 31.34 34.64
CA PHE F 302 -52.50 30.94 33.50
C PHE F 302 -53.20 29.84 32.72
N ASP F 303 -53.27 29.99 31.40
CA ASP F 303 -53.85 28.97 30.54
C ASP F 303 -53.28 29.15 29.14
N ASN F 304 -53.20 28.04 28.39
CA ASN F 304 -52.69 28.09 27.03
C ASN F 304 -53.68 28.76 26.06
N GLU F 305 -54.95 28.88 26.44
CA GLU F 305 -55.91 29.60 25.61
C GLU F 305 -55.73 31.10 25.70
N ASN F 306 -55.03 31.59 26.72
CA ASN F 306 -54.70 33.00 26.87
C ASN F 306 -53.21 33.24 26.60
N ALA F 307 -52.67 32.49 25.64
CA ALA F 307 -51.24 32.58 25.34
C ALA F 307 -50.88 33.90 24.69
N HIS F 308 -51.81 34.51 23.94
CA HIS F 308 -51.51 35.76 23.24
C HIS F 308 -51.33 36.92 24.21
N ARG F 309 -51.97 36.87 25.37
CA ARG F 309 -51.86 37.95 26.36
C ARG F 309 -50.53 37.95 27.10
N LEU F 310 -49.73 36.89 26.98
CA LEU F 310 -48.49 36.76 27.73
C LEU F 310 -47.30 37.39 27.03
N PHE F 311 -47.49 37.97 25.84
CA PHE F 311 -46.35 38.41 25.04
C PHE F 311 -46.02 39.89 25.17
N LYS F 312 -46.97 40.73 25.55
CA LYS F 312 -46.71 42.16 25.63
C LYS F 312 -45.77 42.48 26.78
N GLU F 313 -44.90 43.47 26.57
CA GLU F 313 -43.84 43.76 27.52
C GLU F 313 -44.29 44.65 28.68
N ASN F 314 -45.50 45.19 28.64
CA ASN F 314 -46.01 46.02 29.74
C ASN F 314 -46.56 45.11 30.84
N VAL F 315 -45.62 44.47 31.55
CA VAL F 315 -45.95 43.50 32.59
C VAL F 315 -45.35 43.98 33.90
N THR F 316 -46.20 44.16 34.90
CA THR F 316 -45.75 44.49 36.25
C THR F 316 -45.37 43.21 37.00
N PRO F 317 -44.17 43.12 37.56
CA PRO F 317 -43.82 41.95 38.36
C PRO F 317 -44.68 41.83 39.61
N ASP F 318 -45.00 40.59 39.97
CA ASP F 318 -45.86 40.30 41.10
C ASP F 318 -45.21 39.26 42.00
N GLY F 319 -45.38 39.43 43.30
CA GLY F 319 -44.82 38.53 44.27
C GLY F 319 -43.57 39.09 44.94
N SER F 320 -43.41 38.77 46.21
CA SER F 320 -42.25 39.22 46.97
C SER F 320 -41.08 38.26 46.88
N SER F 321 -41.27 37.08 46.29
CA SER F 321 -40.22 36.09 46.14
C SER F 321 -39.96 35.86 44.65
N ALA F 322 -38.69 35.99 44.24
CA ALA F 322 -38.33 35.78 42.85
C ALA F 322 -38.36 34.29 42.50
N GLY F 323 -38.59 34.00 41.23
CA GLY F 323 -38.64 32.63 40.78
C GLY F 323 -37.27 31.98 40.76
N ALA F 324 -37.29 30.64 40.79
CA ALA F 324 -36.03 29.88 40.73
C ALA F 324 -35.36 29.99 39.37
N LEU F 325 -36.16 30.12 38.31
CA LEU F 325 -35.63 30.29 36.97
C LEU F 325 -35.34 31.75 36.63
N ASN F 326 -35.59 32.67 37.56
CA ASN F 326 -35.37 34.08 37.31
C ASN F 326 -33.90 34.44 37.44
N GLY F 327 -33.42 35.28 36.53
CA GLY F 327 -32.09 35.83 36.60
C GLY F 327 -31.00 35.03 35.91
N LYS F 328 -31.27 33.79 35.53
CA LYS F 328 -30.25 32.99 34.86
C LYS F 328 -30.13 33.29 33.37
N LEU F 329 -31.09 34.00 32.80
CA LEU F 329 -31.15 34.23 31.36
C LEU F 329 -30.48 35.53 30.94
N LEU F 330 -29.83 36.24 31.87
CA LEU F 330 -29.13 37.47 31.50
C LEU F 330 -27.93 37.18 30.60
N ASN F 331 -27.28 36.03 30.80
CA ASN F 331 -26.24 35.60 29.87
C ASN F 331 -26.85 35.11 28.54
N PHE F 332 -28.14 34.81 28.52
CA PHE F 332 -28.81 34.39 27.30
C PHE F 332 -29.47 35.55 26.57
N VAL F 333 -30.05 36.50 27.30
CA VAL F 333 -30.74 37.63 26.69
C VAL F 333 -29.76 38.50 25.92
N ASP F 334 -28.61 38.80 26.52
CA ASP F 334 -27.64 39.69 25.89
C ASP F 334 -26.98 39.07 24.66
N ARG F 335 -27.04 37.74 24.51
CA ARG F 335 -26.53 37.12 23.30
C ARG F 335 -27.39 37.49 22.09
N LEU F 336 -28.70 37.35 22.22
CA LEU F 336 -29.61 37.74 21.14
C LEU F 336 -29.79 39.25 21.07
N GLN F 337 -29.47 39.98 22.14
CA GLN F 337 -29.39 41.44 22.04
C GLN F 337 -28.29 41.84 21.08
N SER F 338 -27.14 41.17 21.16
CA SER F 338 -26.05 41.41 20.23
C SER F 338 -26.25 40.73 18.88
N LYS F 339 -27.11 39.72 18.81
CA LYS F 339 -27.28 38.96 17.57
C LYS F 339 -28.31 39.59 16.65
N ILE F 340 -29.54 39.79 17.13
CA ILE F 340 -30.61 40.24 16.24
C ILE F 340 -30.56 41.74 15.98
N PHE F 341 -29.73 42.48 16.71
CA PHE F 341 -29.44 43.87 16.38
C PHE F 341 -28.10 44.04 15.68
N ASP F 342 -27.42 42.95 15.36
CA ASP F 342 -26.14 43.03 14.65
C ASP F 342 -26.35 43.46 13.21
N LYS F 343 -25.46 44.33 12.72
CA LYS F 343 -25.52 44.77 11.34
C LYS F 343 -25.13 43.66 10.36
N ARG F 344 -24.40 42.65 10.83
CA ARG F 344 -24.04 41.54 9.96
C ARG F 344 -25.20 40.58 9.73
N LEU F 345 -26.23 40.62 10.59
CA LEU F 345 -27.41 39.78 10.44
C LEU F 345 -28.65 40.62 10.13
N ASP F 346 -28.47 41.76 9.45
CA ASP F 346 -29.60 42.59 9.09
C ASP F 346 -30.46 41.91 8.03
N PHE F 347 -29.84 41.17 7.12
CA PHE F 347 -30.60 40.49 6.07
C PHE F 347 -31.29 39.23 6.56
N ILE F 348 -31.05 38.81 7.80
CA ILE F 348 -31.74 37.67 8.39
C ILE F 348 -32.76 38.14 9.43
N LEU F 349 -32.35 39.04 10.32
CA LEU F 349 -33.12 39.41 11.50
C LEU F 349 -33.54 40.88 11.51
N GLY F 350 -33.54 41.52 10.34
CA GLY F 350 -33.89 42.93 10.26
C GLY F 350 -35.39 43.16 10.16
N GLU F 351 -35.74 44.43 9.95
CA GLU F 351 -37.14 44.80 9.81
C GLU F 351 -37.73 44.33 8.48
N GLY F 352 -36.88 44.18 7.46
CA GLY F 352 -37.36 43.69 6.19
C GLY F 352 -37.77 42.24 6.21
N SER F 353 -37.16 41.45 7.10
CA SER F 353 -37.52 40.04 7.23
C SER F 353 -38.93 39.88 7.78
N LYS F 354 -39.29 40.69 8.77
CA LYS F 354 -40.66 40.68 9.27
C LYS F 354 -41.63 41.27 8.27
N SER F 355 -41.19 42.27 7.50
CA SER F 355 -42.09 42.93 6.56
C SER F 355 -42.36 42.07 5.33
N VAL F 356 -41.46 41.15 5.01
CA VAL F 356 -41.64 40.33 3.83
C VAL F 356 -42.63 39.20 4.11
N THR F 357 -43.23 38.68 3.05
CA THR F 357 -44.14 37.55 3.13
C THR F 357 -43.49 36.32 2.50
N PHE F 358 -44.25 35.22 2.47
CA PHE F 358 -43.76 33.99 1.88
C PHE F 358 -43.56 34.17 0.37
N LYS F 359 -44.52 34.82 -0.30
CA LYS F 359 -44.48 34.95 -1.75
C LYS F 359 -43.32 35.81 -2.21
N GLU F 360 -43.14 36.99 -1.61
CA GLU F 360 -42.08 37.90 -2.03
C GLU F 360 -40.68 37.39 -1.70
N THR F 361 -40.56 36.38 -0.84
CA THR F 361 -39.27 35.73 -0.64
C THR F 361 -38.79 35.04 -1.91
N LEU F 362 -39.70 34.39 -2.62
CA LEU F 362 -39.33 33.62 -3.80
C LEU F 362 -39.33 34.44 -5.08
N GLU F 363 -40.11 35.52 -5.14
CA GLU F 363 -39.92 36.48 -6.23
C GLU F 363 -38.63 37.25 -6.09
N THR F 364 -38.01 37.22 -4.90
CA THR F 364 -36.63 37.68 -4.75
C THR F 364 -35.64 36.63 -5.24
N LEU F 365 -35.88 35.36 -4.89
CA LEU F 365 -34.91 34.30 -5.21
C LEU F 365 -35.04 33.82 -6.64
N ILE F 366 -36.25 33.41 -7.06
CA ILE F 366 -36.46 32.98 -8.43
C ILE F 366 -36.54 34.16 -9.39
N SER F 367 -36.70 35.38 -8.85
CA SER F 367 -36.76 36.63 -9.60
C SER F 367 -37.92 36.64 -10.60
N TYR F 368 -39.14 36.60 -10.05
CA TYR F 368 -40.34 36.73 -10.86
C TYR F 368 -41.06 38.06 -10.63
N GLY F 369 -40.44 38.99 -9.91
CA GLY F 369 -41.08 40.25 -9.56
C GLY F 369 -41.15 41.23 -10.72
N LYS F 370 -41.06 42.51 -10.39
CA LYS F 370 -41.04 43.53 -11.43
C LYS F 370 -39.69 43.63 -12.13
N ASP F 371 -38.67 42.95 -11.62
CA ASP F 371 -37.35 42.88 -12.24
C ASP F 371 -37.11 41.41 -12.60
N LYS F 372 -37.57 41.02 -13.80
CA LYS F 372 -37.45 39.64 -14.26
C LYS F 372 -36.09 39.43 -14.88
N SER F 373 -35.28 38.56 -14.28
CA SER F 373 -33.93 38.29 -14.73
C SER F 373 -33.73 36.78 -14.83
N ASN F 374 -33.10 36.36 -15.94
CA ASN F 374 -32.90 34.93 -16.19
C ASN F 374 -32.03 34.29 -15.11
N ILE F 375 -31.00 34.99 -14.66
CA ILE F 375 -30.10 34.50 -13.63
C ILE F 375 -30.21 35.38 -12.40
N THR F 376 -30.31 34.75 -11.24
CA THR F 376 -30.31 35.43 -9.95
C THR F 376 -29.06 35.00 -9.20
N ILE F 377 -28.13 35.93 -9.02
CA ILE F 377 -26.84 35.64 -8.44
C ILE F 377 -26.86 36.06 -6.98
N LEU F 378 -26.73 35.08 -6.08
CA LEU F 378 -26.82 35.32 -4.64
C LEU F 378 -25.41 35.54 -4.10
N ASP F 379 -25.05 36.80 -3.91
CA ASP F 379 -23.73 37.16 -3.40
C ASP F 379 -23.66 36.82 -1.92
N VAL F 380 -23.01 35.70 -1.60
CA VAL F 380 -22.81 35.29 -0.22
C VAL F 380 -21.42 35.70 0.29
N SER F 381 -20.74 36.58 -0.44
CA SER F 381 -19.45 37.09 0.03
C SER F 381 -19.62 37.94 1.29
N GLY F 382 -20.69 38.74 1.34
CA GLY F 382 -20.94 39.55 2.51
C GLY F 382 -21.52 38.80 3.70
N VAL F 383 -21.98 37.58 3.49
CA VAL F 383 -22.53 36.80 4.60
C VAL F 383 -21.38 36.32 5.49
N PRO F 384 -21.45 36.53 6.80
CA PRO F 384 -20.39 36.05 7.69
C PRO F 384 -20.36 34.52 7.75
N PHE F 385 -19.17 34.01 8.09
CA PHE F 385 -18.87 32.60 7.84
C PHE F 385 -19.59 31.66 8.81
N GLU F 386 -19.87 32.10 10.05
CA GLU F 386 -20.52 31.21 11.00
C GLU F 386 -21.99 31.00 10.70
N VAL F 387 -22.61 31.89 9.91
CA VAL F 387 -23.98 31.70 9.46
C VAL F 387 -24.06 31.63 7.94
N LEU F 388 -22.93 31.43 7.26
CA LEU F 388 -22.94 31.27 5.82
C LEU F 388 -23.68 30.01 5.40
N SER F 389 -23.43 28.89 6.08
CA SER F 389 -24.13 27.65 5.79
C SER F 389 -25.60 27.72 6.19
N ILE F 390 -25.95 28.60 7.14
CA ILE F 390 -27.33 28.74 7.56
C ILE F 390 -28.16 29.35 6.44
N CYS F 391 -27.64 30.40 5.78
CA CYS F 391 -28.37 31.07 4.72
C CYS F 391 -28.53 30.19 3.50
N VAL F 392 -27.47 29.45 3.14
CA VAL F 392 -27.50 28.57 1.98
C VAL F 392 -28.53 27.47 2.17
N SER F 393 -28.59 26.90 3.37
CA SER F 393 -29.58 25.87 3.67
C SER F 393 -31.00 26.41 3.64
N LEU F 394 -31.20 27.69 3.94
CA LEU F 394 -32.54 28.27 3.87
C LEU F 394 -33.00 28.43 2.43
N ILE F 395 -32.12 28.98 1.58
CA ILE F 395 -32.52 29.24 0.19
C ILE F 395 -32.68 27.93 -0.57
N SER F 396 -31.78 26.96 -0.32
CA SER F 396 -31.84 25.68 -1.01
C SER F 396 -33.12 24.92 -0.66
N ARG F 397 -33.52 24.96 0.60
CA ARG F 397 -34.75 24.29 1.01
C ARG F 397 -35.97 24.99 0.43
N LEU F 398 -35.95 26.32 0.39
CA LEU F 398 -37.03 27.07 -0.25
C LEU F 398 -37.10 26.86 -1.75
N ILE F 399 -35.99 26.45 -2.37
CA ILE F 399 -36.00 26.17 -3.79
C ILE F 399 -36.40 24.72 -4.07
N PHE F 400 -35.93 23.78 -3.23
CA PHE F 400 -36.26 22.38 -3.42
C PHE F 400 -37.75 22.12 -3.25
N GLU F 401 -38.33 22.65 -2.16
CA GLU F 401 -39.76 22.47 -1.95
C GLU F 401 -40.60 23.29 -2.91
N PHE F 402 -40.01 24.30 -3.55
CA PHE F 402 -40.68 24.95 -4.67
C PHE F 402 -40.80 24.01 -5.85
N GLY F 403 -39.72 23.31 -6.18
CA GLY F 403 -39.77 22.29 -7.21
C GLY F 403 -40.61 21.10 -6.82
N TYR F 404 -40.58 20.73 -5.53
CA TYR F 404 -41.40 19.62 -5.05
C TYR F 404 -42.89 19.95 -5.14
N HIS F 405 -43.26 21.19 -4.85
CA HIS F 405 -44.64 21.62 -4.98
C HIS F 405 -45.02 21.98 -6.40
N SER F 406 -44.04 22.12 -7.30
CA SER F 406 -44.35 22.36 -8.70
C SER F 406 -44.93 21.12 -9.36
N LYS F 407 -44.48 19.93 -8.97
CA LYS F 407 -45.03 18.70 -9.52
C LYS F 407 -46.41 18.39 -8.95
N LYS F 408 -46.68 18.81 -7.72
CA LYS F 408 -47.98 18.55 -7.11
C LYS F 408 -49.06 19.44 -7.69
N ILE F 409 -48.73 20.70 -7.97
CA ILE F 409 -49.70 21.65 -8.53
C ILE F 409 -49.95 21.42 -10.01
N LYS F 410 -49.12 20.60 -10.67
CA LYS F 410 -49.24 20.41 -12.11
C LYS F 410 -50.51 19.64 -12.48
N ARG F 411 -50.95 18.72 -11.61
CA ARG F 411 -52.11 17.91 -11.91
C ARG F 411 -53.41 18.69 -11.87
N LYS F 412 -53.47 19.80 -11.13
CA LYS F 412 -54.72 20.53 -10.98
C LYS F 412 -55.07 21.29 -12.26
N SER F 413 -54.09 21.85 -12.95
CA SER F 413 -54.34 22.53 -14.21
C SER F 413 -54.44 21.57 -15.38
N ASN F 414 -54.00 20.32 -15.22
CA ASN F 414 -54.00 19.27 -16.23
C ASN F 414 -53.15 19.63 -17.46
N GLU F 415 -52.25 20.60 -17.32
CA GLU F 415 -51.37 21.04 -18.38
C GLU F 415 -49.95 21.10 -17.86
N ASN F 416 -49.00 20.65 -18.68
CA ASN F 416 -47.60 20.55 -18.27
C ASN F 416 -46.89 21.86 -18.60
N GLN F 417 -46.66 22.67 -17.56
CA GLN F 417 -45.96 23.94 -17.68
C GLN F 417 -44.99 24.05 -16.51
N ASP F 418 -43.69 24.00 -16.80
CA ASP F 418 -42.68 23.75 -15.77
C ASP F 418 -41.76 24.95 -15.54
N ILE F 419 -41.27 25.04 -14.31
CA ILE F 419 -40.18 25.96 -13.96
C ILE F 419 -39.00 25.13 -13.48
N PRO F 420 -38.03 24.82 -14.32
CA PRO F 420 -36.80 24.17 -13.84
C PRO F 420 -35.76 25.19 -13.41
N ILE F 421 -35.17 24.99 -12.24
CA ILE F 421 -34.17 25.89 -11.70
C ILE F 421 -32.84 25.13 -11.64
N LEU F 422 -31.76 25.85 -11.94
CA LEU F 422 -30.42 25.29 -11.83
C LEU F 422 -29.68 26.06 -10.75
N ILE F 423 -29.15 25.35 -9.76
CA ILE F 423 -28.55 25.98 -8.59
C ILE F 423 -27.04 25.79 -8.65
N VAL F 424 -26.35 26.76 -9.24
CA VAL F 424 -24.90 26.65 -9.44
C VAL F 424 -24.23 26.94 -8.10
N TYR F 425 -23.64 25.91 -7.49
CA TYR F 425 -22.93 26.06 -6.24
C TYR F 425 -21.46 26.31 -6.53
N GLU F 426 -20.97 27.49 -6.15
CA GLU F 426 -19.56 27.83 -6.31
C GLU F 426 -18.84 27.57 -4.99
N GLU F 427 -17.70 26.89 -5.09
CA GLU F 427 -16.97 26.36 -3.93
C GLU F 427 -17.90 25.54 -3.05
N ALA F 428 -18.43 24.47 -3.64
CA ALA F 428 -19.39 23.60 -2.97
C ALA F 428 -18.78 22.83 -1.82
N HIS F 429 -17.46 22.77 -1.73
CA HIS F 429 -16.81 22.19 -0.56
C HIS F 429 -16.90 23.09 0.66
N LYS F 430 -17.25 24.37 0.48
CA LYS F 430 -17.46 25.24 1.63
C LYS F 430 -18.81 24.96 2.30
N TYR F 431 -19.87 24.90 1.51
CA TYR F 431 -21.18 24.60 2.08
C TYR F 431 -21.30 23.12 2.43
N ALA F 432 -20.80 22.23 1.58
CA ALA F 432 -20.94 20.79 1.74
C ALA F 432 -19.56 20.16 1.77
N PRO F 433 -18.90 20.14 2.92
CA PRO F 433 -17.55 19.58 3.01
C PRO F 433 -17.58 18.08 3.29
N LYS F 434 -16.44 17.45 3.03
CA LYS F 434 -16.28 16.03 3.36
C LYS F 434 -16.33 15.82 4.87
N SER F 435 -15.76 16.74 5.63
CA SER F 435 -15.85 16.69 7.07
C SER F 435 -17.27 17.02 7.53
N ASP F 436 -17.63 16.55 8.72
CA ASP F 436 -19.01 16.64 9.19
C ASP F 436 -19.15 17.43 10.48
N LEU F 437 -18.52 18.60 10.56
CA LEU F 437 -18.74 19.47 11.71
C LEU F 437 -20.15 20.07 11.65
N SER F 438 -20.62 20.50 12.81
CA SER F 438 -21.99 21.02 12.91
C SER F 438 -22.16 22.37 12.23
N LYS F 439 -21.07 23.12 12.02
CA LYS F 439 -21.17 24.43 11.39
C LYS F 439 -21.52 24.35 9.91
N TYR F 440 -21.35 23.17 9.30
CA TYR F 440 -21.67 22.97 7.89
C TYR F 440 -22.66 21.84 7.68
N ARG F 441 -23.28 21.35 8.75
CA ARG F 441 -24.15 20.18 8.62
C ARG F 441 -25.47 20.53 7.96
N THR F 442 -26.01 21.72 8.23
CA THR F 442 -27.33 22.06 7.72
C THR F 442 -27.29 22.40 6.22
N SER F 443 -26.19 22.92 5.73
CA SER F 443 -26.08 23.20 4.30
C SER F 443 -25.72 21.95 3.51
N LYS F 444 -24.96 21.04 4.11
CA LYS F 444 -24.59 19.80 3.43
C LYS F 444 -25.82 18.94 3.18
N GLU F 445 -26.72 18.85 4.16
CA GLU F 445 -27.96 18.10 3.98
C GLU F 445 -28.87 18.80 2.99
N ALA F 446 -28.84 20.13 2.92
CA ALA F 446 -29.67 20.85 1.97
C ALA F 446 -29.21 20.64 0.54
N ILE F 447 -27.89 20.63 0.32
CA ILE F 447 -27.35 20.31 -1.00
C ILE F 447 -27.60 18.84 -1.34
N GLU F 448 -27.47 17.96 -0.34
CA GLU F 448 -27.69 16.53 -0.56
C GLU F 448 -29.14 16.24 -0.91
N ARG F 449 -30.09 17.04 -0.41
CA ARG F 449 -31.46 16.89 -0.84
C ARG F 449 -31.66 17.32 -2.28
N ILE F 450 -30.90 18.31 -2.73
CA ILE F 450 -30.95 18.70 -4.14
C ILE F 450 -30.34 17.61 -5.01
N ALA F 451 -29.23 17.03 -4.56
CA ALA F 451 -28.51 16.07 -5.40
C ALA F 451 -29.24 14.73 -5.49
N LYS F 452 -29.79 14.25 -4.38
CA LYS F 452 -30.42 12.95 -4.35
C LYS F 452 -31.90 12.95 -4.73
N GLU F 453 -32.54 14.12 -4.76
CA GLU F 453 -33.98 14.18 -4.98
C GLU F 453 -34.42 15.20 -6.02
N GLY F 454 -33.62 16.22 -6.31
CA GLY F 454 -34.09 17.28 -7.18
C GLY F 454 -34.05 16.97 -8.65
N ARG F 455 -33.55 15.79 -9.04
CA ARG F 455 -33.53 15.41 -10.44
C ARG F 455 -34.93 15.30 -11.03
N LYS F 456 -35.86 14.74 -10.26
CA LYS F 456 -37.22 14.54 -10.74
C LYS F 456 -38.14 15.72 -10.46
N TYR F 457 -37.72 16.68 -9.62
CA TYR F 457 -38.53 17.84 -9.32
C TYR F 457 -38.11 19.08 -10.08
N GLY F 458 -37.13 18.96 -10.98
CA GLY F 458 -36.71 20.08 -11.78
C GLY F 458 -35.73 21.02 -11.13
N VAL F 459 -35.17 20.66 -9.98
CA VAL F 459 -34.18 21.48 -9.30
C VAL F 459 -32.87 20.72 -9.28
N THR F 460 -31.99 21.01 -10.23
CA THR F 460 -30.69 20.38 -10.31
C THR F 460 -29.60 21.38 -9.97
N LEU F 461 -28.47 20.87 -9.51
CA LEU F 461 -27.38 21.72 -9.07
C LEU F 461 -26.25 21.71 -10.10
N LEU F 462 -25.17 22.42 -9.77
CA LEU F 462 -23.99 22.49 -10.62
C LEU F 462 -22.79 22.71 -9.70
N LEU F 463 -22.13 21.63 -9.32
CA LEU F 463 -21.04 21.68 -8.34
C LEU F 463 -19.80 22.26 -9.01
N ALA F 464 -19.52 23.52 -8.74
CA ALA F 464 -18.29 24.17 -9.19
C ALA F 464 -17.42 24.44 -7.99
N SER F 465 -16.16 23.98 -8.05
CA SER F 465 -15.28 24.13 -6.90
C SER F 465 -13.83 24.13 -7.36
N GLN F 466 -12.97 24.69 -6.51
CA GLN F 466 -11.53 24.63 -6.70
C GLN F 466 -10.88 23.49 -5.95
N ARG F 467 -11.53 22.98 -4.91
CA ARG F 467 -11.04 21.84 -4.15
C ARG F 467 -12.15 20.80 -4.10
N PRO F 468 -12.28 19.97 -5.14
CA PRO F 468 -13.24 18.86 -5.07
C PRO F 468 -12.90 17.81 -4.03
N SER F 469 -11.64 17.74 -3.57
CA SER F 469 -11.27 16.73 -2.58
C SER F 469 -12.01 16.92 -1.27
N GLU F 470 -12.42 18.15 -0.96
CA GLU F 470 -13.21 18.39 0.23
C GLU F 470 -14.71 18.23 0.00
N ILE F 471 -15.15 18.06 -1.25
CA ILE F 471 -16.55 17.75 -1.50
C ILE F 471 -16.83 16.31 -1.11
N SER F 472 -17.92 16.10 -0.37
CA SER F 472 -18.30 14.77 0.05
C SER F 472 -18.67 13.90 -1.15
N GLU F 473 -18.34 12.61 -1.04
CA GLU F 473 -18.60 11.68 -2.13
C GLU F 473 -20.09 11.43 -2.33
N THR F 474 -20.90 11.60 -1.28
CA THR F 474 -22.33 11.35 -1.38
C THR F 474 -23.06 12.42 -2.18
N ILE F 475 -22.41 13.55 -2.47
CA ILE F 475 -22.98 14.56 -3.35
C ILE F 475 -22.25 14.60 -4.68
N PHE F 476 -20.94 14.37 -4.70
CA PHE F 476 -20.16 14.42 -5.93
C PHE F 476 -20.55 13.29 -6.88
N SER F 477 -20.86 12.11 -6.34
CA SER F 477 -21.26 10.99 -7.17
C SER F 477 -22.64 11.17 -7.79
N GLN F 478 -23.50 12.00 -7.19
CA GLN F 478 -24.82 12.24 -7.74
C GLN F 478 -24.76 13.04 -9.04
N CYS F 479 -23.69 13.78 -9.26
CA CYS F 479 -23.48 14.42 -10.55
C CYS F 479 -23.19 13.37 -11.62
N ASN F 480 -23.70 13.61 -12.82
CA ASN F 480 -23.48 12.67 -13.93
C ASN F 480 -22.40 13.19 -14.87
N THR F 481 -22.57 14.40 -15.40
CA THR F 481 -21.60 14.99 -16.30
C THR F 481 -20.54 15.75 -15.51
N PHE F 482 -19.28 15.49 -15.84
CA PHE F 482 -18.14 16.07 -15.16
C PHE F 482 -17.29 16.80 -16.17
N ILE F 483 -17.16 18.12 -16.00
CA ILE F 483 -16.34 18.94 -16.87
C ILE F 483 -15.15 19.42 -16.04
N SER F 484 -14.01 18.74 -16.19
CA SER F 484 -12.88 18.93 -15.31
C SER F 484 -11.84 19.83 -15.98
N MET F 485 -11.39 20.85 -15.24
CA MET F 485 -10.33 21.74 -15.68
C MET F 485 -8.98 21.15 -15.25
N ARG F 486 -7.93 21.96 -15.35
CA ARG F 486 -6.60 21.52 -14.92
C ARG F 486 -6.55 21.37 -13.40
N LEU F 487 -6.01 20.25 -12.93
CA LEU F 487 -5.90 19.96 -11.50
C LEU F 487 -4.43 19.80 -11.14
N THR F 488 -3.99 20.50 -10.11
CA THR F 488 -2.58 20.53 -9.73
C THR F 488 -2.26 19.69 -8.50
N ASN F 489 -3.13 19.71 -7.50
CA ASN F 489 -2.90 18.93 -6.29
C ASN F 489 -3.02 17.44 -6.61
N PRO F 490 -2.02 16.62 -6.28
CA PRO F 490 -2.10 15.19 -6.64
C PRO F 490 -3.23 14.45 -5.95
N ASP F 491 -3.62 14.85 -4.74
CA ASP F 491 -4.82 14.27 -4.14
C ASP F 491 -6.11 14.76 -4.81
N ASP F 492 -6.05 15.90 -5.48
CA ASP F 492 -7.23 16.44 -6.15
C ASP F 492 -7.50 15.73 -7.47
N GLN F 493 -6.45 15.27 -8.15
CA GLN F 493 -6.62 14.42 -9.32
C GLN F 493 -7.05 13.01 -8.94
N ASN F 494 -6.50 12.50 -7.84
CA ASN F 494 -6.82 11.13 -7.41
C ASN F 494 -8.26 11.03 -6.94
N TYR F 495 -8.77 12.08 -6.29
CA TYR F 495 -10.18 12.08 -5.90
C TYR F 495 -11.09 12.11 -7.13
N VAL F 496 -10.73 12.92 -8.12
CA VAL F 496 -11.59 13.06 -9.30
C VAL F 496 -11.57 11.78 -10.12
N LYS F 497 -10.37 11.22 -10.36
CA LYS F 497 -10.24 10.02 -11.18
C LYS F 497 -10.96 8.82 -10.58
N ARG F 498 -11.09 8.79 -9.25
CA ARG F 498 -11.88 7.74 -8.61
C ARG F 498 -13.37 7.92 -8.89
N LEU F 499 -13.83 9.16 -9.02
CA LEU F 499 -15.25 9.47 -9.10
C LEU F 499 -15.73 9.73 -10.53
N LEU F 500 -14.89 9.49 -11.53
CA LEU F 500 -15.28 9.79 -12.91
C LEU F 500 -16.27 8.75 -13.41
N PRO F 501 -17.42 9.18 -13.97
CA PRO F 501 -18.43 8.24 -14.50
C PRO F 501 -17.89 7.24 -15.51
N ASP F 502 -17.28 7.75 -16.58
CA ASP F 502 -16.67 6.87 -17.56
C ASP F 502 -15.56 7.63 -18.29
N THR F 503 -14.44 6.95 -18.51
CA THR F 503 -13.26 7.53 -19.15
C THR F 503 -12.88 6.66 -20.34
N VAL F 504 -12.76 7.28 -21.50
CA VAL F 504 -12.41 6.57 -22.73
C VAL F 504 -10.93 6.78 -23.01
N GLY F 505 -10.19 5.69 -23.18
CA GLY F 505 -8.76 5.82 -23.37
C GLY F 505 -8.07 6.22 -22.07
N ASP F 506 -6.94 6.89 -22.23
CA ASP F 506 -6.16 7.38 -21.09
C ASP F 506 -6.18 8.90 -20.98
N ILE F 507 -7.16 9.57 -21.58
CA ILE F 507 -7.33 11.02 -21.55
C ILE F 507 -7.33 11.59 -20.13
N THR F 508 -7.91 10.85 -19.18
CA THR F 508 -7.95 11.27 -17.78
C THR F 508 -6.57 11.52 -17.18
N ASN F 509 -5.53 10.88 -17.71
CA ASN F 509 -4.16 11.16 -17.28
C ASN F 509 -3.69 12.56 -17.65
N LEU F 510 -4.37 13.23 -18.58
CA LEU F 510 -4.00 14.59 -18.99
C LEU F 510 -4.52 15.65 -18.05
N LEU F 511 -5.24 15.28 -16.99
CA LEU F 511 -5.76 16.25 -16.04
C LEU F 511 -4.71 17.14 -15.37
N PRO F 512 -3.52 16.66 -14.94
CA PRO F 512 -2.53 17.63 -14.46
C PRO F 512 -1.97 18.52 -15.55
N SER F 513 -1.85 18.03 -16.78
CA SER F 513 -1.19 18.77 -17.85
C SER F 513 -2.16 19.56 -18.72
N LEU F 514 -3.43 19.68 -18.33
CA LEU F 514 -4.40 20.42 -19.12
C LEU F 514 -4.05 21.90 -19.17
N LYS F 515 -4.11 22.48 -20.37
CA LYS F 515 -3.86 23.91 -20.50
C LYS F 515 -5.13 24.69 -20.16
N GLU F 516 -4.97 26.00 -20.02
CA GLU F 516 -6.08 26.84 -19.60
C GLU F 516 -7.13 26.96 -20.70
N GLY F 517 -8.39 26.80 -20.32
CA GLY F 517 -9.49 26.84 -21.25
C GLY F 517 -9.81 25.52 -21.92
N GLU F 518 -9.04 24.47 -21.65
CA GLU F 518 -9.28 23.15 -22.22
C GLU F 518 -9.79 22.23 -21.11
N ALA F 519 -10.90 21.55 -21.38
CA ALA F 519 -11.63 20.80 -20.36
C ALA F 519 -11.73 19.33 -20.75
N LEU F 520 -12.04 18.51 -19.74
CA LEU F 520 -12.35 17.09 -19.90
C LEU F 520 -13.81 16.89 -19.51
N ILE F 521 -14.69 16.85 -20.50
CA ILE F 521 -16.12 16.71 -20.26
C ILE F 521 -16.53 15.27 -20.51
N MET F 522 -17.10 14.64 -19.50
CA MET F 522 -17.47 13.24 -19.54
C MET F 522 -18.92 13.12 -19.09
N GLY F 523 -19.42 11.89 -19.08
CA GLY F 523 -20.73 11.62 -18.55
C GLY F 523 -21.75 11.27 -19.62
N ASP F 524 -23.01 11.29 -19.22
CA ASP F 524 -24.10 10.80 -20.06
C ASP F 524 -24.45 11.80 -21.16
N SER F 525 -24.32 13.10 -20.86
CA SER F 525 -24.73 14.13 -21.82
C SER F 525 -23.89 14.09 -23.08
N ILE F 526 -22.59 13.96 -22.95
CA ILE F 526 -21.71 13.85 -24.11
C ILE F 526 -21.78 12.42 -24.64
N SER F 527 -21.60 12.27 -25.95
CA SER F 527 -21.56 10.94 -26.54
C SER F 527 -20.35 10.16 -26.07
N ILE F 528 -19.21 10.82 -25.95
CA ILE F 528 -17.96 10.17 -25.58
C ILE F 528 -17.04 11.22 -24.98
N PRO F 529 -16.34 10.93 -23.87
CA PRO F 529 -15.47 11.93 -23.25
C PRO F 529 -14.35 12.37 -24.17
N SER F 530 -13.97 13.64 -24.05
CA SER F 530 -12.95 14.20 -24.92
C SER F 530 -12.32 15.39 -24.22
N ILE F 531 -11.10 15.71 -24.65
CA ILE F 531 -10.40 16.91 -24.20
C ILE F 531 -10.84 18.04 -25.14
N VAL F 532 -11.76 18.86 -24.67
CA VAL F 532 -12.31 19.92 -25.50
C VAL F 532 -11.86 21.26 -24.93
N LYS F 533 -11.84 22.27 -25.79
CA LYS F 533 -11.53 23.63 -25.40
C LYS F 533 -12.84 24.39 -25.25
N ILE F 534 -13.07 24.95 -24.07
CA ILE F 534 -14.29 25.73 -23.83
C ILE F 534 -14.24 27.00 -24.66
N GLU F 535 -15.35 27.32 -25.32
CA GLU F 535 -15.43 28.48 -26.19
C GLU F 535 -15.16 29.77 -25.40
N LYS F 536 -14.33 30.63 -25.98
CA LYS F 536 -13.92 31.85 -25.31
C LYS F 536 -15.10 32.81 -25.17
N CYS F 537 -15.04 33.64 -24.14
CA CYS F 537 -16.14 34.51 -23.77
C CYS F 537 -15.96 35.89 -24.37
N THR F 538 -16.99 36.39 -25.05
CA THR F 538 -16.99 37.77 -25.51
C THR F 538 -16.97 38.74 -24.32
N ILE F 539 -17.79 38.46 -23.31
CA ILE F 539 -17.75 39.20 -22.05
C ILE F 539 -17.25 38.25 -20.97
N PRO F 540 -15.95 38.24 -20.68
CA PRO F 540 -15.41 37.28 -19.73
C PRO F 540 -15.55 37.78 -18.30
N PRO F 541 -15.79 36.87 -17.34
CA PRO F 541 -15.85 37.24 -15.92
C PRO F 541 -14.47 37.46 -15.32
#